data_3LPO
#
_entry.id   3LPO
#
_cell.length_a   76.344
_cell.length_b   172.586
_cell.length_c   343.874
_cell.angle_alpha   90.00
_cell.angle_beta   90.00
_cell.angle_gamma   90.00
#
_symmetry.space_group_name_H-M   'P 21 21 21'
#
loop_
_entity.id
_entity.type
_entity.pdbx_description
1 polymer Sucrase-isomaltase
2 branched 2-acetamido-2-deoxy-beta-D-glucopyranose-(1-4)-2-acetamido-2-deoxy-beta-D-glucopyranose
3 branched alpha-D-mannopyranose-(1-3)-[alpha-D-mannopyranose-(1-6)]beta-D-mannopyranose-(1-4)-2-acetamido-2-deoxy-beta-D-glucopyranose-(1-4)-2-acetamido-2-deoxy-beta-D-glucopyranose
4 non-polymer 2-acetamido-2-deoxy-beta-D-glucopyranose
#
_entity_poly.entity_id   1
_entity_poly.type   'polypeptide(L)'
_entity_poly.pdbx_seq_one_letter_code
;RSSHHHHHHGEFDIPTTENLYFQSGIRRKCPNVLNDPVNVRINCIPEQFPTEGICAQRGCCWRPWNDSLIPWCFFVDNHG
YNVQDMTTTSIGVEAKLNRIPSPTLFGNDINSVLFTTQNQTPNRFRFKITDPNNRRYEVPHQYVKEFTGPTVSDTLYDVK
VAQNPFSIQVIRKSNGKTLFDTSIGPLVYSDQYLQISARLPSDYIYGIGEQVHKRFRHDLSWKTWPIFTRDQLPGDNNNN
LYGHQTFFMCIEDTSGKSFGVFLMNSNAMEIFIQPTPIVTYRVTGGILDFYILLGDTPEQVVQQYQQLVGLPAMPAYWNL
GFQLSRWNYKSLDVVKEVVRRNREAGIPFDTQVTDIDYMEDKKDFTYDQVAFNGLPQFVQDLHDHGQKYVIILDPAISIG
RRANGTTYATYERGNTQHVWINESDGSTPIIGEVWPGLTVYPDFTNPNCIDWWANECSIFHQEVQYDGLWIDMNEVSSFI
QGSTKGCNVNKLNYPPFTPDILDKLMYSKTICMDAVQNWGKQYDVHSLYGYSMAIATEQAVQKVFPNKRSFILTRSTFAG
SGRHAAHWLGDNTASWEQMEWSITGMLEFSLFGIPLVGADICGFVAETTEELCRRWMQLGAFYPFSRNHNSDGYEHQDPA
FFGQNSLLVKSSRQYLTIRYTLLPFLYTLFYKAHVFGETVARPVLHEFYEDTNSWIEDTEFLWGPALLITPVLKQGADTV
SAYIPDAIWYDYESGAKRPWRKQRVDMYLPADKIGLHLRGGYIIPIQEPDVTTTASRKNPLGLIVALGENNTAKGDFFWD
DGETKDTIQNGNYILYTFSVSNNTLDIVCTHSSYQEGTTLAFQTVKILGLTDSVTEVRVAENNQPMNAHSNFTYDASNQV
LLIADLKLNLGRNFSVQW
;
_entity_poly.pdbx_strand_id   A,B,C,D
#
loop_
_chem_comp.id
_chem_comp.type
_chem_comp.name
_chem_comp.formula
BMA D-saccharide, beta linking beta-D-mannopyranose 'C6 H12 O6'
MAN D-saccharide, alpha linking alpha-D-mannopyranose 'C6 H12 O6'
NAG D-saccharide, beta linking 2-acetamido-2-deoxy-beta-D-glucopyranose 'C8 H15 N O6'
#
# COMPACT_ATOMS: atom_id res chain seq x y z
N LYS A 29 62.21 25.05 -34.39
CA LYS A 29 62.36 26.43 -33.75
C LYS A 29 62.69 26.52 -32.24
N CYS A 30 63.59 27.45 -31.91
CA CYS A 30 64.19 27.60 -30.57
C CYS A 30 63.93 28.98 -30.02
N PRO A 31 64.24 29.21 -28.72
CA PRO A 31 64.11 30.56 -28.15
C PRO A 31 65.03 31.57 -28.82
N ASN A 32 64.50 32.78 -29.07
CA ASN A 32 65.21 33.83 -29.82
C ASN A 32 66.56 34.14 -29.15
N VAL A 33 66.53 34.37 -27.84
CA VAL A 33 67.76 34.48 -27.06
C VAL A 33 68.63 33.18 -27.14
N LEU A 34 69.92 33.36 -27.46
CA LEU A 34 70.86 32.24 -27.58
C LEU A 34 71.09 31.57 -26.23
N ASN A 35 71.59 32.31 -25.24
CA ASN A 35 71.82 31.77 -23.88
C ASN A 35 70.54 31.80 -23.00
N ASP A 36 69.52 31.07 -23.45
CA ASP A 36 68.19 30.96 -22.78
C ASP A 36 68.24 30.40 -21.35
N PRO A 37 67.16 30.58 -20.55
CA PRO A 37 67.13 30.09 -19.14
C PRO A 37 66.75 28.59 -19.04
N VAL A 38 67.65 27.78 -18.46
CA VAL A 38 67.56 26.29 -18.56
C VAL A 38 66.51 25.60 -17.72
N ASN A 39 66.14 26.20 -16.61
CA ASN A 39 65.19 25.56 -15.71
C ASN A 39 63.75 25.56 -16.20
N VAL A 40 63.50 26.17 -17.35
CA VAL A 40 62.16 26.27 -17.94
C VAL A 40 62.03 25.35 -19.15
N ARG A 41 63.10 24.63 -19.47
CA ARG A 41 63.12 23.69 -20.58
C ARG A 41 62.27 22.46 -20.24
N ILE A 42 61.21 22.24 -21.01
CA ILE A 42 60.44 21.03 -20.81
C ILE A 42 60.95 19.94 -21.77
N ASN A 43 61.44 18.85 -21.20
CA ASN A 43 62.04 17.76 -21.95
C ASN A 43 61.12 17.16 -23.02
N CYS A 44 61.64 17.09 -24.25
CA CYS A 44 60.94 16.58 -25.42
C CYS A 44 61.31 15.13 -25.66
N ILE A 45 62.42 14.68 -25.09
CA ILE A 45 62.81 13.27 -25.15
C ILE A 45 62.95 12.71 -23.72
N PRO A 46 61.81 12.34 -23.09
CA PRO A 46 61.82 12.00 -21.69
C PRO A 46 62.07 10.51 -21.42
N GLU A 47 62.24 9.71 -22.44
CA GLU A 47 62.21 8.25 -22.26
C GLU A 47 63.46 7.55 -22.75
N GLN A 48 64.48 8.31 -23.12
CA GLN A 48 65.55 7.81 -23.95
C GLN A 48 66.67 8.83 -23.94
N PHE A 49 67.89 8.40 -24.18
CA PHE A 49 69.01 9.31 -24.32
C PHE A 49 68.84 10.22 -25.54
N PRO A 50 68.94 11.56 -25.33
CA PRO A 50 68.69 12.57 -26.35
C PRO A 50 69.65 12.45 -27.51
N THR A 51 69.10 12.52 -28.72
CA THR A 51 69.90 12.59 -29.93
C THR A 51 69.39 13.71 -30.82
N GLU A 52 70.29 14.31 -31.60
CA GLU A 52 69.93 15.39 -32.52
C GLU A 52 68.87 14.97 -33.55
N GLY A 53 68.94 13.73 -34.01
CA GLY A 53 68.03 13.23 -35.04
C GLY A 53 66.61 13.08 -34.58
N ILE A 54 66.43 12.46 -33.42
CA ILE A 54 65.11 12.25 -32.85
C ILE A 54 64.50 13.58 -32.38
N CYS A 55 65.34 14.46 -31.89
CA CYS A 55 64.92 15.83 -31.60
C CYS A 55 64.26 16.47 -32.80
N ALA A 56 64.98 16.50 -33.92
CA ALA A 56 64.51 17.07 -35.18
C ALA A 56 63.24 16.37 -35.63
N GLN A 57 63.22 15.04 -35.49
CA GLN A 57 62.12 14.22 -35.97
C GLN A 57 60.81 14.53 -35.27
N ARG A 58 60.93 15.02 -34.04
CA ARG A 58 59.79 15.42 -33.22
C ARG A 58 59.50 16.92 -33.29
N GLY A 59 60.34 17.66 -34.01
CA GLY A 59 60.13 19.09 -34.19
C GLY A 59 60.38 19.88 -32.93
N CYS A 60 61.37 19.45 -32.16
CA CYS A 60 61.76 20.15 -30.94
C CYS A 60 63.10 20.83 -31.11
N CYS A 61 63.50 21.57 -30.09
CA CYS A 61 64.67 22.40 -30.14
C CYS A 61 65.89 21.65 -29.61
N TRP A 62 66.96 21.65 -30.40
CA TRP A 62 68.16 20.92 -30.04
C TRP A 62 69.26 21.85 -29.59
N ARG A 63 69.62 21.75 -28.31
CA ARG A 63 70.63 22.64 -27.73
C ARG A 63 71.26 21.98 -26.48
N PRO A 64 72.31 21.15 -26.66
CA PRO A 64 72.93 20.34 -25.60
C PRO A 64 73.60 21.16 -24.51
N TRP A 65 74.01 20.52 -23.42
CA TRP A 65 74.40 21.23 -22.18
C TRP A 65 75.60 20.56 -21.45
N ASN A 66 76.20 21.23 -20.45
CA ASN A 66 77.42 20.72 -19.75
C ASN A 66 77.12 19.50 -18.92
N ASP A 67 75.88 19.36 -18.49
CA ASP A 67 75.48 18.17 -17.75
C ASP A 67 74.31 17.49 -18.40
N SER A 68 73.88 16.38 -17.82
CA SER A 68 72.77 15.62 -18.38
C SER A 68 71.56 15.61 -17.46
N LEU A 69 71.50 16.58 -16.56
CA LEU A 69 70.27 16.86 -15.82
C LEU A 69 69.36 17.75 -16.65
N ILE A 70 69.93 18.83 -17.19
CA ILE A 70 69.22 19.76 -18.05
C ILE A 70 68.91 19.09 -19.39
N PRO A 71 67.65 19.18 -19.85
CA PRO A 71 67.23 18.62 -21.15
C PRO A 71 68.00 19.20 -22.32
N TRP A 72 68.40 18.35 -23.26
CA TRP A 72 69.12 18.82 -24.46
C TRP A 72 68.16 19.04 -25.61
N CYS A 73 67.03 18.34 -25.56
CA CYS A 73 65.98 18.50 -26.54
C CYS A 73 64.69 18.84 -25.81
N PHE A 74 64.13 20.01 -26.10
CA PHE A 74 62.92 20.51 -25.39
C PHE A 74 61.90 21.16 -26.33
N PHE A 75 60.61 21.02 -26.06
CA PHE A 75 59.63 21.81 -26.82
C PHE A 75 59.77 23.23 -26.32
N VAL A 76 60.04 24.19 -27.20
CA VAL A 76 59.95 25.58 -26.76
C VAL A 76 58.45 25.83 -26.77
N ASP A 77 57.91 26.35 -27.87
CA ASP A 77 56.49 26.48 -28.05
C ASP A 77 56.13 25.80 -29.36
N ASN A 78 56.53 24.54 -29.56
CA ASN A 78 56.32 23.89 -30.87
C ASN A 78 55.16 22.91 -30.87
N HIS A 79 54.82 22.37 -29.68
CA HIS A 79 53.68 21.47 -29.50
C HIS A 79 52.64 22.17 -28.65
N GLY A 80 51.40 21.69 -28.70
CA GLY A 80 50.34 22.25 -27.89
C GLY A 80 49.00 22.25 -28.60
N TYR A 81 48.03 22.93 -27.98
CA TYR A 81 46.69 23.06 -28.53
C TYR A 81 46.28 24.51 -28.47
N ASN A 82 45.38 24.91 -29.37
CA ASN A 82 44.76 26.23 -29.35
C ASN A 82 43.28 26.08 -29.04
N VAL A 83 42.73 27.09 -28.37
CA VAL A 83 41.27 27.17 -28.21
C VAL A 83 40.68 27.80 -29.46
N GLN A 84 39.65 27.17 -29.99
CA GLN A 84 38.81 27.82 -30.98
C GLN A 84 37.37 27.64 -30.51
N ASP A 85 36.71 28.75 -30.17
CA ASP A 85 35.39 28.72 -29.49
C ASP A 85 35.51 28.25 -28.03
N MET A 86 35.21 29.17 -27.11
CA MET A 86 34.97 28.80 -25.72
C MET A 86 33.79 29.56 -25.17
N THR A 87 32.93 28.87 -24.42
CA THR A 87 31.71 29.47 -23.84
C THR A 87 31.71 29.42 -22.32
N THR A 88 30.72 30.07 -21.69
CA THR A 88 30.52 29.97 -20.24
C THR A 88 29.30 29.09 -19.94
N THR A 89 29.42 28.22 -18.95
CA THR A 89 28.28 27.50 -18.41
C THR A 89 28.02 28.04 -17.00
N SER A 90 26.97 27.53 -16.35
CA SER A 90 26.60 27.92 -15.00
C SER A 90 27.70 27.60 -13.98
N ILE A 91 28.38 26.48 -14.20
CA ILE A 91 29.34 25.91 -13.28
C ILE A 91 30.77 26.42 -13.57
N GLY A 92 31.09 26.65 -14.84
CA GLY A 92 32.43 27.09 -15.22
C GLY A 92 32.53 27.41 -16.70
N VAL A 93 33.42 26.73 -17.39
CA VAL A 93 33.79 27.07 -18.77
C VAL A 93 34.03 25.81 -19.60
N GLU A 94 33.41 25.74 -20.78
CA GLU A 94 33.73 24.71 -21.79
C GLU A 94 34.58 25.34 -22.90
N ALA A 95 35.51 24.57 -23.47
CA ALA A 95 36.37 25.08 -24.54
C ALA A 95 36.78 23.95 -25.48
N LYS A 96 36.63 24.19 -26.78
CA LYS A 96 37.07 23.21 -27.78
C LYS A 96 38.51 23.52 -28.14
N LEU A 97 39.36 22.49 -28.09
CA LEU A 97 40.80 22.65 -28.36
C LEU A 97 41.26 21.91 -29.62
N ASN A 98 42.19 22.50 -30.35
CA ASN A 98 42.75 21.86 -31.56
C ASN A 98 44.26 21.75 -31.57
N ARG A 99 44.74 20.58 -31.95
CA ARG A 99 46.16 20.31 -31.91
C ARG A 99 46.94 21.17 -32.89
N ILE A 100 47.86 22.00 -32.38
CA ILE A 100 48.85 22.66 -33.24
C ILE A 100 49.61 21.55 -33.97
N PRO A 101 49.65 21.60 -35.32
CA PRO A 101 49.95 20.38 -36.08
C PRO A 101 51.44 20.03 -36.21
N SER A 102 52.11 19.85 -35.07
CA SER A 102 53.51 19.42 -35.01
C SER A 102 53.61 17.91 -35.26
N PRO A 103 54.85 17.35 -35.35
CA PRO A 103 54.92 15.89 -35.49
C PRO A 103 54.47 15.17 -34.22
N THR A 104 54.13 13.89 -34.35
CA THR A 104 53.73 13.07 -33.20
C THR A 104 54.89 12.74 -32.26
N LEU A 105 54.54 12.42 -31.02
CA LEU A 105 55.50 11.90 -30.04
C LEU A 105 55.46 10.37 -29.99
N PHE A 106 54.36 9.81 -29.51
CA PHE A 106 54.20 8.36 -29.41
C PHE A 106 53.00 7.89 -30.21
N GLY A 107 52.57 8.71 -31.15
CA GLY A 107 51.52 8.34 -32.10
C GLY A 107 50.14 8.41 -31.52
N ASN A 108 49.15 8.32 -32.41
CA ASN A 108 47.73 8.37 -32.05
C ASN A 108 47.35 9.58 -31.24
N ASP A 109 47.73 10.76 -31.70
CA ASP A 109 47.29 11.99 -31.08
C ASP A 109 45.78 12.12 -31.25
N ILE A 110 45.19 13.01 -30.47
CA ILE A 110 43.77 13.31 -30.60
C ILE A 110 43.67 14.78 -30.95
N ASN A 111 43.24 15.08 -32.19
CA ASN A 111 43.34 16.43 -32.75
C ASN A 111 42.34 17.41 -32.16
N SER A 112 41.20 16.85 -31.76
CA SER A 112 40.06 17.62 -31.33
C SER A 112 39.73 17.22 -29.88
N VAL A 113 39.94 18.15 -28.96
CA VAL A 113 39.85 17.83 -27.52
C VAL A 113 38.99 18.86 -26.77
N LEU A 114 38.32 18.42 -25.69
CA LEU A 114 37.44 19.28 -24.91
C LEU A 114 37.87 19.54 -23.46
N PHE A 115 38.03 20.83 -23.14
CA PHE A 115 38.42 21.32 -21.81
C PHE A 115 37.19 21.79 -21.04
N THR A 116 37.06 21.36 -19.80
CA THR A 116 35.87 21.66 -19.01
C THR A 116 36.30 22.08 -17.62
N THR A 117 35.65 23.12 -17.11
CA THR A 117 35.97 23.74 -15.83
C THR A 117 34.74 23.58 -14.93
N GLN A 118 34.98 23.33 -13.66
CA GLN A 118 33.90 23.29 -12.67
C GLN A 118 34.35 24.01 -11.42
N ASN A 119 33.66 25.09 -11.09
CA ASN A 119 33.89 25.79 -9.83
C ASN A 119 33.07 25.11 -8.75
N GLN A 120 33.64 24.08 -8.15
CA GLN A 120 32.87 23.18 -7.29
C GLN A 120 32.49 23.79 -5.93
N THR A 121 33.49 24.32 -5.21
CA THR A 121 33.27 25.01 -3.94
C THR A 121 34.15 26.28 -3.87
N PRO A 122 33.93 27.14 -2.88
CA PRO A 122 34.77 28.34 -2.86
C PRO A 122 36.25 28.01 -2.71
N ASN A 123 36.51 26.76 -2.35
CA ASN A 123 37.85 26.27 -2.03
C ASN A 123 38.48 25.29 -3.01
N ARG A 124 37.66 24.57 -3.79
CA ARG A 124 38.22 23.69 -4.81
C ARG A 124 37.70 23.92 -6.21
N PHE A 125 38.66 24.02 -7.11
CA PHE A 125 38.42 24.16 -8.53
C PHE A 125 38.75 22.84 -9.21
N ARG A 126 38.04 22.52 -10.29
CA ARG A 126 38.32 21.30 -11.03
C ARG A 126 38.31 21.53 -12.52
N PHE A 127 39.34 21.07 -13.20
CA PHE A 127 39.33 21.06 -14.66
C PHE A 127 39.63 19.68 -15.21
N LYS A 128 39.09 19.38 -16.39
CA LYS A 128 39.36 18.11 -17.03
C LYS A 128 39.40 18.24 -18.55
N ILE A 129 40.16 17.37 -19.20
CA ILE A 129 40.36 17.43 -20.61
C ILE A 129 39.99 16.07 -21.20
N THR A 130 38.97 16.04 -22.06
CA THR A 130 38.44 14.79 -22.60
C THR A 130 38.37 14.70 -24.14
N ASP A 131 38.12 13.47 -24.61
CA ASP A 131 37.87 13.19 -26.03
C ASP A 131 36.36 13.25 -26.28
N PRO A 132 35.90 14.25 -27.07
CA PRO A 132 34.46 14.37 -27.33
C PRO A 132 33.93 13.21 -28.15
N ASN A 133 34.75 12.70 -29.08
CA ASN A 133 34.31 11.68 -30.02
C ASN A 133 34.61 10.24 -29.57
N ASN A 134 34.80 10.05 -28.28
CA ASN A 134 35.09 8.73 -27.71
C ASN A 134 35.11 8.78 -26.19
N ARG A 135 34.41 7.86 -25.53
CA ARG A 135 34.44 7.79 -24.06
C ARG A 135 35.74 7.10 -23.61
N ARG A 136 36.69 7.89 -23.15
CA ARG A 136 37.93 7.36 -22.61
C ARG A 136 37.71 6.88 -21.18
N TYR A 137 38.65 6.07 -20.66
CA TYR A 137 38.53 5.57 -19.28
C TYR A 137 38.57 6.72 -18.30
N GLU A 138 37.63 6.70 -17.35
CA GLU A 138 37.62 7.64 -16.24
C GLU A 138 37.53 6.83 -14.96
N VAL A 139 38.42 7.10 -14.02
CA VAL A 139 38.44 6.39 -12.75
C VAL A 139 37.03 6.33 -12.18
N PRO A 140 36.50 5.11 -11.93
CA PRO A 140 35.19 4.91 -11.35
C PRO A 140 35.27 4.93 -9.83
N HIS A 141 35.66 6.09 -9.28
CA HIS A 141 35.78 6.26 -7.85
C HIS A 141 34.50 5.91 -7.10
N GLN A 142 34.61 5.51 -5.85
CA GLN A 142 33.41 5.09 -5.16
C GLN A 142 32.83 6.15 -4.27
N TYR A 143 33.51 7.26 -4.16
CA TYR A 143 33.03 8.30 -3.29
C TYR A 143 32.87 9.60 -4.06
N VAL A 144 33.91 10.01 -4.77
CA VAL A 144 33.87 11.23 -5.57
C VAL A 144 32.59 11.28 -6.41
N LYS A 145 31.69 12.16 -6.01
CA LYS A 145 30.38 12.31 -6.65
C LYS A 145 30.47 13.22 -7.89
N GLU A 146 29.64 12.96 -8.92
CA GLU A 146 29.51 13.89 -10.04
C GLU A 146 28.92 15.22 -9.59
N PHE A 147 29.43 16.30 -10.14
CA PHE A 147 28.99 17.64 -9.78
C PHE A 147 28.21 18.28 -10.92
N THR A 148 27.10 18.94 -10.59
CA THR A 148 26.26 19.63 -11.58
C THR A 148 25.81 21.02 -11.13
N GLY A 149 25.82 21.26 -9.82
CA GLY A 149 25.42 22.53 -9.25
C GLY A 149 25.37 22.37 -7.74
N PRO A 150 24.96 23.44 -7.02
CA PRO A 150 24.62 24.73 -7.60
C PRO A 150 25.86 25.56 -7.89
N THR A 151 25.69 26.63 -8.65
CA THR A 151 26.79 27.52 -8.99
C THR A 151 27.28 28.24 -7.74
N VAL A 152 28.57 28.12 -7.45
CA VAL A 152 29.19 28.86 -6.35
C VAL A 152 29.67 30.21 -6.88
N SER A 153 29.27 31.28 -6.23
CA SER A 153 29.82 32.62 -6.56
C SER A 153 30.63 33.09 -5.36
N ASP A 154 31.59 33.97 -5.63
CA ASP A 154 32.59 34.39 -4.61
C ASP A 154 33.47 33.21 -4.19
N THR A 155 34.43 32.88 -5.05
CA THR A 155 35.39 31.80 -4.81
C THR A 155 36.75 32.41 -4.49
N LEU A 156 37.63 31.63 -3.86
CA LEU A 156 38.93 32.13 -3.43
C LEU A 156 39.95 32.13 -4.55
N TYR A 157 39.63 31.39 -5.61
CA TYR A 157 40.49 31.24 -6.77
C TYR A 157 39.98 32.04 -7.96
N ASP A 158 40.78 32.07 -9.03
CA ASP A 158 40.53 32.87 -10.20
C ASP A 158 41.18 32.22 -11.41
N VAL A 159 40.38 31.88 -12.42
CA VAL A 159 40.86 31.06 -13.55
C VAL A 159 40.96 31.80 -14.88
N LYS A 160 42.18 32.24 -15.22
CA LYS A 160 42.48 32.81 -16.54
C LYS A 160 42.91 31.69 -17.51
N VAL A 161 42.38 31.72 -18.74
CA VAL A 161 42.63 30.69 -19.75
C VAL A 161 43.18 31.30 -21.03
N ALA A 162 44.50 31.22 -21.23
CA ALA A 162 45.14 31.67 -22.46
C ALA A 162 44.61 30.97 -23.72
N GLN A 163 44.69 31.66 -24.85
CA GLN A 163 44.04 31.24 -26.10
C GLN A 163 44.95 30.56 -27.14
N ASN A 164 46.12 31.17 -27.39
CA ASN A 164 47.10 30.63 -28.32
C ASN A 164 48.51 30.80 -27.79
N PRO A 165 49.11 29.73 -27.28
CA PRO A 165 48.51 28.41 -27.20
C PRO A 165 47.70 28.26 -25.93
N PHE A 166 46.85 27.25 -25.89
CA PHE A 166 46.05 26.97 -24.71
C PHE A 166 46.89 26.81 -23.45
N SER A 167 46.43 27.41 -22.36
CA SER A 167 46.99 27.11 -21.05
C SER A 167 46.09 27.65 -19.95
N ILE A 168 45.97 26.87 -18.88
CA ILE A 168 45.18 27.30 -17.72
C ILE A 168 46.06 27.94 -16.66
N GLN A 169 45.47 28.83 -15.88
CA GLN A 169 46.20 29.59 -14.89
C GLN A 169 45.31 29.88 -13.70
N VAL A 170 45.62 29.28 -12.54
CA VAL A 170 44.78 29.40 -11.34
C VAL A 170 45.43 30.35 -10.34
N ILE A 171 44.67 31.36 -9.91
CA ILE A 171 45.21 32.45 -9.12
C ILE A 171 44.43 32.61 -7.83
N ARG A 172 45.13 32.80 -6.71
CA ARG A 172 44.50 33.16 -5.43
C ARG A 172 44.16 34.64 -5.43
N LYS A 173 42.87 35.00 -5.49
CA LYS A 173 42.54 36.41 -5.72
C LYS A 173 42.87 37.30 -4.54
N SER A 174 42.55 36.83 -3.33
CA SER A 174 43.06 37.44 -2.10
C SER A 174 44.32 38.30 -2.29
N ASN A 175 45.37 37.74 -2.88
CA ASN A 175 46.66 38.42 -3.01
C ASN A 175 47.24 38.36 -4.42
N GLY A 176 46.48 37.83 -5.38
CA GLY A 176 46.92 37.81 -6.78
C GLY A 176 48.04 36.85 -7.17
N LYS A 177 48.57 36.08 -6.20
CA LYS A 177 49.62 35.09 -6.47
C LYS A 177 49.12 33.94 -7.34
N THR A 178 49.84 33.66 -8.42
CA THR A 178 49.40 32.58 -9.32
C THR A 178 49.98 31.22 -8.90
N LEU A 179 49.08 30.26 -8.70
CA LEU A 179 49.40 28.97 -8.10
C LEU A 179 49.78 27.90 -9.10
N PHE A 180 49.05 27.79 -10.20
CA PHE A 180 49.15 26.68 -11.12
C PHE A 180 49.22 27.21 -12.54
N ASP A 181 50.39 27.15 -13.15
CA ASP A 181 50.61 27.82 -14.42
C ASP A 181 51.00 26.88 -15.59
N THR A 182 50.02 26.46 -16.37
CA THR A 182 50.22 25.53 -17.47
C THR A 182 50.96 26.10 -18.69
N SER A 183 51.01 27.44 -18.75
CA SER A 183 51.58 28.17 -19.89
C SER A 183 53.03 27.81 -20.21
N ILE A 184 53.68 27.08 -19.30
CA ILE A 184 55.11 26.83 -19.34
C ILE A 184 55.56 25.73 -20.33
N GLY A 185 54.61 24.94 -20.79
CA GLY A 185 54.87 23.86 -21.74
C GLY A 185 53.60 23.41 -22.48
N PRO A 186 53.71 22.34 -23.27
CA PRO A 186 52.59 21.96 -24.11
C PRO A 186 51.54 21.16 -23.37
N LEU A 187 50.39 20.97 -23.99
CA LEU A 187 49.50 19.91 -23.58
C LEU A 187 49.69 18.87 -24.66
N VAL A 188 49.93 17.62 -24.26
CA VAL A 188 50.02 16.54 -25.21
C VAL A 188 48.96 15.56 -24.83
N TYR A 189 48.02 15.32 -25.73
CA TYR A 189 46.94 14.40 -25.44
C TYR A 189 46.90 13.38 -26.57
N SER A 190 47.51 12.22 -26.32
CA SER A 190 47.46 11.12 -27.26
C SER A 190 46.95 9.91 -26.53
N ASP A 191 46.39 8.97 -27.28
CA ASP A 191 45.74 7.79 -26.78
C ASP A 191 46.50 7.06 -25.66
N GLN A 192 47.81 6.97 -25.78
CA GLN A 192 48.59 6.35 -24.69
C GLN A 192 49.68 7.24 -24.04
N TYR A 193 49.73 8.53 -24.36
CA TYR A 193 50.64 9.48 -23.71
C TYR A 193 49.91 10.79 -23.48
N LEU A 194 49.88 11.21 -22.21
CA LEU A 194 49.25 12.44 -21.76
C LEU A 194 50.29 13.26 -21.05
N GLN A 195 50.40 14.53 -21.39
CA GLN A 195 51.39 15.37 -20.75
C GLN A 195 50.88 16.77 -20.48
N ILE A 196 51.07 17.23 -19.25
CA ILE A 196 50.81 18.62 -18.90
C ILE A 196 51.79 19.03 -17.82
N SER A 197 52.24 20.29 -17.86
CA SER A 197 53.19 20.79 -16.87
C SER A 197 52.63 21.99 -16.14
N ALA A 198 53.13 22.27 -14.94
CA ALA A 198 52.65 23.41 -14.16
C ALA A 198 53.75 24.09 -13.38
N ARG A 199 53.88 25.41 -13.52
CA ARG A 199 54.78 26.19 -12.69
C ARG A 199 54.10 26.51 -11.35
N LEU A 200 54.86 26.33 -10.28
CA LEU A 200 54.36 26.54 -8.91
C LEU A 200 55.04 27.75 -8.27
N PRO A 201 54.36 28.40 -7.29
CA PRO A 201 54.80 29.66 -6.72
C PRO A 201 55.93 29.56 -5.70
N SER A 202 56.11 28.41 -5.05
CA SER A 202 57.24 28.25 -4.11
C SER A 202 58.03 26.95 -4.30
N ASP A 203 59.09 26.79 -3.51
CA ASP A 203 59.98 25.64 -3.67
C ASP A 203 59.66 24.52 -2.68
N TYR A 204 58.49 24.61 -2.06
CA TYR A 204 58.14 23.65 -1.01
C TYR A 204 56.95 22.78 -1.38
N ILE A 205 57.26 21.54 -1.77
CA ILE A 205 56.26 20.59 -2.24
C ILE A 205 56.33 19.35 -1.34
N TYR A 206 55.18 18.77 -1.03
CA TYR A 206 55.11 17.61 -0.16
C TYR A 206 54.11 16.60 -0.72
N GLY A 207 54.46 15.32 -0.71
CA GLY A 207 53.51 14.28 -1.10
C GLY A 207 53.95 13.45 -2.29
N ILE A 208 52.98 12.88 -3.01
CA ILE A 208 53.20 11.87 -4.06
C ILE A 208 53.62 10.53 -3.45
N GLY A 209 53.09 9.42 -3.96
CA GLY A 209 53.39 8.11 -3.39
C GLY A 209 52.91 7.00 -4.28
N GLU A 210 53.19 5.75 -3.94
CA GLU A 210 54.00 5.38 -2.78
C GLU A 210 55.44 5.14 -3.23
N GLN A 211 56.36 5.94 -2.73
CA GLN A 211 57.79 5.76 -2.99
C GLN A 211 58.56 5.98 -1.69
N VAL A 212 59.85 5.66 -1.69
CA VAL A 212 60.69 6.05 -0.60
C VAL A 212 61.29 7.41 -0.95
N HIS A 213 60.82 8.45 -0.26
CA HIS A 213 61.32 9.82 -0.46
C HIS A 213 62.55 10.17 0.37
N LYS A 214 62.66 9.56 1.55
CA LYS A 214 63.75 9.81 2.52
C LYS A 214 63.56 11.15 3.25
N ARG A 215 63.19 12.18 2.48
CA ARG A 215 62.99 13.50 2.99
C ARG A 215 61.58 13.92 2.67
N PHE A 216 60.96 14.61 3.63
CA PHE A 216 59.55 15.00 3.52
C PHE A 216 59.33 16.10 2.50
N ARG A 217 60.15 17.14 2.53
CA ARG A 217 60.06 18.16 1.49
C ARG A 217 60.91 17.77 0.28
N HIS A 218 60.30 17.84 -0.89
CA HIS A 218 60.89 17.30 -2.11
C HIS A 218 62.19 17.94 -2.57
N ASP A 219 63.10 17.09 -3.04
CA ASP A 219 64.25 17.55 -3.77
C ASP A 219 63.71 17.97 -5.11
N LEU A 220 64.08 19.17 -5.55
CA LEU A 220 63.56 19.73 -6.80
C LEU A 220 64.50 19.45 -7.97
N SER A 221 65.64 18.84 -7.66
CA SER A 221 66.73 18.75 -8.62
C SER A 221 66.56 17.64 -9.64
N TRP A 222 65.58 17.80 -10.55
CA TRP A 222 65.39 16.91 -11.71
C TRP A 222 65.11 15.44 -11.36
N LYS A 223 64.00 15.18 -10.70
CA LYS A 223 63.69 13.88 -10.14
C LYS A 223 62.40 13.29 -10.71
N THR A 224 62.44 12.02 -11.10
CA THR A 224 61.25 11.29 -11.56
C THR A 224 60.68 10.44 -10.45
N TRP A 225 59.36 10.38 -10.37
CA TRP A 225 58.66 9.55 -9.40
C TRP A 225 57.56 8.80 -10.13
N PRO A 226 57.79 7.50 -10.41
CA PRO A 226 56.83 6.66 -11.11
C PRO A 226 55.74 6.16 -10.20
N ILE A 227 54.49 6.21 -10.65
CA ILE A 227 53.38 5.78 -9.84
C ILE A 227 52.65 4.66 -10.56
N PHE A 228 52.59 3.51 -9.91
CA PHE A 228 51.91 2.35 -10.46
C PHE A 228 52.03 1.30 -9.40
N THR A 229 50.89 0.74 -9.04
CA THR A 229 50.76 -0.16 -7.91
C THR A 229 51.65 -1.40 -8.13
N ARG A 230 52.45 -1.77 -7.12
CA ARG A 230 53.52 -2.77 -7.31
C ARG A 230 54.06 -3.38 -6.03
N ASP A 231 54.28 -4.71 -6.03
CA ASP A 231 54.90 -5.45 -4.89
C ASP A 231 56.40 -5.38 -5.00
N GLN A 232 57.05 -4.81 -3.99
CA GLN A 232 58.48 -4.56 -4.07
C GLN A 232 58.99 -4.17 -2.69
N LEU A 233 60.15 -4.69 -2.29
CA LEU A 233 60.77 -4.20 -1.06
C LEU A 233 61.14 -2.73 -1.20
N PRO A 234 60.67 -1.87 -0.27
CA PRO A 234 61.11 -0.48 -0.24
C PRO A 234 62.61 -0.40 -0.01
N GLY A 235 63.30 0.42 -0.78
CA GLY A 235 64.74 0.59 -0.65
C GLY A 235 65.16 2.00 -1.02
N ASP A 236 66.46 2.22 -1.15
CA ASP A 236 66.96 3.54 -1.52
C ASP A 236 66.92 3.80 -3.02
N ASN A 237 65.72 4.05 -3.55
CA ASN A 237 65.54 4.30 -4.99
C ASN A 237 64.21 4.93 -5.25
N ASN A 238 63.90 5.17 -6.52
CA ASN A 238 62.63 5.76 -6.87
C ASN A 238 61.58 4.76 -7.35
N ASN A 239 61.71 3.50 -6.95
CA ASN A 239 60.72 2.52 -7.39
C ASN A 239 59.32 2.88 -6.95
N ASN A 240 58.37 2.63 -7.85
CA ASN A 240 56.95 2.66 -7.55
C ASN A 240 56.63 1.51 -6.60
N LEU A 241 55.96 1.81 -5.51
CA LEU A 241 55.63 0.77 -4.56
C LEU A 241 54.13 0.49 -4.45
N TYR A 242 53.70 0.10 -3.26
CA TYR A 242 52.43 -0.55 -3.07
C TYR A 242 51.21 0.28 -3.42
N GLY A 243 51.26 1.57 -3.09
CA GLY A 243 50.13 2.48 -3.28
C GLY A 243 50.24 3.44 -4.45
N HIS A 244 49.11 4.04 -4.80
CA HIS A 244 49.00 4.95 -5.94
C HIS A 244 48.34 6.25 -5.50
N GLN A 245 49.15 7.24 -5.14
CA GLN A 245 48.67 8.53 -4.64
C GLN A 245 49.30 9.68 -5.41
N THR A 246 48.49 10.46 -6.13
CA THR A 246 49.02 11.54 -6.95
C THR A 246 48.95 12.90 -6.25
N PHE A 247 48.37 12.93 -5.06
CA PHE A 247 48.18 14.18 -4.35
C PHE A 247 49.46 14.77 -3.84
N PHE A 248 49.67 16.04 -4.12
CA PHE A 248 50.74 16.77 -3.47
C PHE A 248 50.25 18.12 -3.03
N MET A 249 50.99 18.68 -2.10
CA MET A 249 50.59 19.87 -1.42
C MET A 249 51.76 20.82 -1.47
N CYS A 250 51.48 22.10 -1.27
CA CYS A 250 52.48 23.13 -1.49
C CYS A 250 52.16 24.38 -0.68
N ILE A 251 53.14 24.85 0.07
CA ILE A 251 52.96 26.03 0.93
C ILE A 251 53.54 27.30 0.30
N GLU A 252 52.69 28.33 0.16
CA GLU A 252 53.05 29.52 -0.64
C GLU A 252 53.97 30.49 0.08
N ASP A 253 53.64 30.77 1.34
CA ASP A 253 54.39 31.77 2.11
C ASP A 253 54.23 31.59 3.62
N THR A 254 54.84 32.51 4.34
CA THR A 254 54.93 32.48 5.79
C THR A 254 53.59 32.63 6.54
N SER A 255 52.57 33.16 5.86
CA SER A 255 51.25 33.30 6.45
C SER A 255 50.49 31.98 6.56
N GLY A 256 51.02 30.94 5.91
CA GLY A 256 50.42 29.62 5.99
C GLY A 256 49.59 29.27 4.78
N LYS A 257 49.41 30.25 3.89
CA LYS A 257 48.63 30.05 2.67
C LYS A 257 49.23 28.94 1.82
N SER A 258 48.39 27.96 1.49
CA SER A 258 48.83 26.76 0.78
C SER A 258 47.78 26.28 -0.23
N PHE A 259 48.21 25.37 -1.10
CA PHE A 259 47.30 24.69 -2.00
C PHE A 259 47.71 23.25 -2.24
N GLY A 260 46.82 22.50 -2.89
CA GLY A 260 47.09 21.11 -3.21
C GLY A 260 46.69 20.83 -4.63
N VAL A 261 47.32 19.83 -5.23
CA VAL A 261 46.98 19.42 -6.60
C VAL A 261 46.76 17.91 -6.65
N PHE A 262 45.55 17.50 -7.00
CA PHE A 262 45.24 16.08 -7.11
C PHE A 262 44.83 15.70 -8.53
N LEU A 263 45.51 14.71 -9.11
CA LEU A 263 45.16 14.17 -10.42
C LEU A 263 44.42 12.84 -10.29
N MET A 264 43.19 12.80 -10.78
CA MET A 264 42.35 11.62 -10.66
C MET A 264 42.54 10.75 -11.92
N ASN A 265 43.50 9.83 -11.85
CA ASN A 265 43.88 8.97 -12.97
C ASN A 265 44.64 7.77 -12.44
N SER A 266 44.23 6.58 -12.84
CA SER A 266 44.79 5.35 -12.27
C SER A 266 45.70 4.54 -13.21
N ASN A 267 46.10 5.15 -14.32
CA ASN A 267 47.06 4.53 -15.22
C ASN A 267 48.48 4.68 -14.71
N ALA A 268 49.41 3.91 -15.26
CA ALA A 268 50.82 4.09 -14.97
C ALA A 268 51.25 5.49 -15.37
N MET A 269 52.10 6.11 -14.56
CA MET A 269 52.54 7.48 -14.81
C MET A 269 53.87 7.85 -14.12
N GLU A 270 54.47 8.94 -14.59
CA GLU A 270 55.61 9.60 -13.96
C GLU A 270 55.20 11.00 -13.52
N ILE A 271 55.59 11.40 -12.33
CA ILE A 271 55.58 12.81 -11.99
C ILE A 271 57.03 13.28 -11.90
N PHE A 272 57.37 14.29 -12.70
CA PHE A 272 58.73 14.79 -12.79
C PHE A 272 58.81 16.18 -12.16
N ILE A 273 59.75 16.38 -11.26
CA ILE A 273 59.91 17.69 -10.62
C ILE A 273 61.24 18.33 -11.00
N GLN A 274 61.22 19.60 -11.38
CA GLN A 274 62.44 20.30 -11.79
C GLN A 274 62.42 21.70 -11.21
N PRO A 275 63.60 22.36 -11.13
CA PRO A 275 63.68 23.65 -10.47
C PRO A 275 62.85 24.76 -11.14
N THR A 276 62.34 25.65 -10.28
CA THR A 276 61.52 26.88 -10.53
C THR A 276 60.42 27.01 -9.48
N PRO A 277 59.69 25.91 -9.17
CA PRO A 277 59.64 24.56 -9.74
C PRO A 277 58.50 24.30 -10.75
N ILE A 278 58.77 23.42 -11.72
CA ILE A 278 57.79 23.00 -12.71
C ILE A 278 57.59 21.49 -12.58
N VAL A 279 56.37 21.09 -12.22
CA VAL A 279 56.00 19.68 -12.09
C VAL A 279 55.34 19.24 -13.39
N THR A 280 55.64 18.01 -13.84
CA THR A 280 55.20 17.51 -15.15
C THR A 280 54.59 16.13 -15.02
N TYR A 281 53.36 15.98 -15.51
CA TYR A 281 52.72 14.67 -15.51
C TYR A 281 52.86 13.99 -16.86
N ARG A 282 53.41 12.78 -16.87
CA ARG A 282 53.46 11.95 -18.06
C ARG A 282 52.68 10.68 -17.76
N VAL A 283 51.54 10.48 -18.42
CA VAL A 283 50.64 9.40 -18.03
C VAL A 283 50.24 8.57 -19.24
N THR A 284 50.05 7.27 -19.03
CA THR A 284 49.97 6.28 -20.10
C THR A 284 48.58 6.01 -20.64
N GLY A 285 47.57 6.62 -20.03
CA GLY A 285 46.19 6.47 -20.51
C GLY A 285 45.24 7.35 -19.73
N GLY A 286 43.94 7.07 -19.85
CA GLY A 286 42.87 7.81 -19.15
C GLY A 286 42.69 9.23 -19.68
N ILE A 287 42.17 10.09 -18.82
CA ILE A 287 42.03 11.52 -19.13
C ILE A 287 42.83 12.36 -18.14
N LEU A 288 42.85 13.67 -18.33
CA LEU A 288 43.44 14.56 -17.33
C LEU A 288 42.30 15.11 -16.49
N ASP A 289 42.29 14.82 -15.19
CA ASP A 289 41.22 15.24 -14.30
C ASP A 289 41.85 15.84 -13.06
N PHE A 290 42.01 17.15 -13.07
CA PHE A 290 42.71 17.84 -11.99
C PHE A 290 41.80 18.56 -11.04
N TYR A 291 42.08 18.43 -9.75
CA TYR A 291 41.42 19.25 -8.74
C TYR A 291 42.50 20.11 -8.11
N ILE A 292 42.20 21.38 -7.89
CA ILE A 292 43.14 22.30 -7.26
C ILE A 292 42.48 22.88 -6.02
N LEU A 293 43.14 22.73 -4.87
CA LEU A 293 42.51 22.93 -3.55
C LEU A 293 43.24 23.97 -2.72
N LEU A 294 42.58 25.10 -2.50
CA LEU A 294 43.13 26.20 -1.71
C LEU A 294 42.86 26.06 -0.22
N GLY A 295 43.77 26.56 0.62
CA GLY A 295 43.56 26.59 2.06
C GLY A 295 44.31 27.70 2.76
N ASP A 296 43.86 28.08 3.96
CA ASP A 296 44.53 29.11 4.75
C ASP A 296 45.77 28.60 5.49
N THR A 297 45.79 27.31 5.77
CA THR A 297 46.92 26.67 6.41
C THR A 297 47.19 25.35 5.68
N PRO A 298 48.36 24.74 5.86
CA PRO A 298 48.54 23.40 5.33
C PRO A 298 47.51 22.43 5.85
N GLU A 299 47.18 22.52 7.14
CA GLU A 299 46.16 21.66 7.74
C GLU A 299 44.84 21.75 6.98
N GLN A 300 44.51 22.95 6.51
CA GLN A 300 43.23 23.18 5.87
C GLN A 300 43.19 22.55 4.49
N VAL A 301 44.33 22.54 3.79
CA VAL A 301 44.45 21.92 2.46
C VAL A 301 44.24 20.41 2.50
N VAL A 302 44.90 19.76 3.45
CA VAL A 302 44.70 18.33 3.69
C VAL A 302 43.24 18.05 4.02
N GLN A 303 42.59 18.96 4.76
CA GLN A 303 41.17 18.80 5.08
C GLN A 303 40.35 18.87 3.82
N GLN A 304 40.70 19.82 2.97
CA GLN A 304 39.98 20.03 1.75
C GLN A 304 40.08 18.83 0.84
N TYR A 305 41.24 18.18 0.83
CA TYR A 305 41.46 17.01 0.00
C TYR A 305 40.60 15.85 0.46
N GLN A 306 40.51 15.65 1.77
CA GLN A 306 39.71 14.57 2.33
C GLN A 306 38.23 14.83 2.14
N GLN A 307 37.84 16.11 2.13
CA GLN A 307 36.44 16.47 1.86
C GLN A 307 36.08 15.90 0.50
N LEU A 308 36.90 16.19 -0.51
CA LEU A 308 36.72 15.70 -1.87
C LEU A 308 36.74 14.18 -2.02
N VAL A 309 37.74 13.54 -1.45
CA VAL A 309 38.01 12.13 -1.73
C VAL A 309 37.35 11.13 -0.77
N GLY A 310 37.06 11.58 0.46
CA GLY A 310 36.45 10.76 1.51
C GLY A 310 37.17 10.92 2.83
N LEU A 311 36.43 11.12 3.91
CA LEU A 311 37.05 11.25 5.23
C LEU A 311 37.40 9.86 5.78
N PRO A 312 38.47 9.76 6.56
CA PRO A 312 38.94 8.46 7.00
C PRO A 312 37.96 7.75 7.91
N ALA A 313 37.99 6.43 7.92
CA ALA A 313 37.14 5.68 8.82
C ALA A 313 37.61 5.95 10.25
N MET A 314 36.66 5.99 11.18
CA MET A 314 36.98 6.06 12.60
C MET A 314 37.38 4.62 13.01
N PRO A 315 38.57 4.46 13.62
CA PRO A 315 38.98 3.12 14.01
C PRO A 315 38.26 2.66 15.27
N ALA A 316 38.33 1.36 15.54
CA ALA A 316 37.92 0.81 16.83
C ALA A 316 39.01 1.18 17.81
N TYR A 317 38.65 1.46 19.05
CA TYR A 317 39.65 1.80 20.07
C TYR A 317 40.78 0.78 20.13
N TRP A 318 40.46 -0.50 20.06
CA TRP A 318 41.49 -1.55 20.13
C TRP A 318 42.46 -1.60 18.95
N ASN A 319 42.08 -1.01 17.82
CA ASN A 319 43.01 -0.81 16.71
C ASN A 319 44.28 -0.06 17.12
N LEU A 320 44.16 0.75 18.16
CA LEU A 320 45.25 1.60 18.60
C LEU A 320 46.19 0.90 19.59
N GLY A 321 45.76 -0.26 20.08
CA GLY A 321 46.62 -1.08 20.92
C GLY A 321 47.79 -1.65 20.14
N PHE A 322 48.84 -2.05 20.86
CA PHE A 322 50.04 -2.63 20.27
C PHE A 322 49.77 -4.02 19.74
N GLN A 323 50.38 -4.36 18.60
CA GLN A 323 50.22 -5.65 17.94
C GLN A 323 51.53 -6.39 17.78
N LEU A 324 51.51 -7.69 18.03
CA LEU A 324 52.67 -8.54 17.81
C LEU A 324 52.39 -9.46 16.66
N SER A 325 53.41 -9.76 15.88
CA SER A 325 53.26 -10.48 14.63
C SER A 325 54.61 -10.95 14.11
N ARG A 326 54.59 -11.99 13.28
CA ARG A 326 55.74 -12.36 12.47
C ARG A 326 55.31 -13.29 11.35
N TRP A 327 56.08 -13.28 10.28
CA TRP A 327 55.90 -14.24 9.22
C TRP A 327 56.59 -15.51 9.63
N ASN A 328 55.82 -16.59 9.63
CA ASN A 328 56.28 -17.93 9.96
C ASN A 328 56.72 -18.13 11.42
N TYR A 329 55.73 -18.38 12.28
CA TYR A 329 55.96 -18.80 13.65
C TYR A 329 56.21 -20.29 13.61
N LYS A 330 55.88 -20.89 12.46
CA LYS A 330 56.03 -22.33 12.18
C LYS A 330 54.92 -23.22 12.83
N SER A 331 54.60 -22.97 14.10
CA SER A 331 53.57 -23.74 14.80
C SER A 331 52.88 -22.97 15.92
N LEU A 332 51.66 -23.39 16.25
CA LEU A 332 50.87 -22.74 17.28
C LEU A 332 51.56 -22.76 18.64
N ASP A 333 52.46 -23.71 18.85
CA ASP A 333 53.19 -23.78 20.12
C ASP A 333 54.12 -22.61 20.27
N VAL A 334 54.76 -22.22 19.17
CA VAL A 334 55.66 -21.06 19.17
C VAL A 334 54.87 -19.76 19.34
N VAL A 335 53.75 -19.63 18.64
CA VAL A 335 52.83 -18.51 18.85
C VAL A 335 52.47 -18.38 20.33
N LYS A 336 52.05 -19.48 20.95
CA LYS A 336 51.69 -19.53 22.37
C LYS A 336 52.84 -19.05 23.27
N GLU A 337 54.06 -19.56 23.02
CA GLU A 337 55.25 -19.22 23.83
C GLU A 337 55.57 -17.74 23.73
N VAL A 338 55.36 -17.14 22.57
CA VAL A 338 55.54 -15.71 22.37
C VAL A 338 54.51 -14.89 23.16
N VAL A 339 53.25 -15.29 23.08
CA VAL A 339 52.20 -14.62 23.84
C VAL A 339 52.48 -14.63 25.34
N ARG A 340 52.78 -15.82 25.89
CA ARG A 340 52.91 -15.91 27.35
C ARG A 340 54.15 -15.23 27.90
N ARG A 341 55.25 -15.21 27.13
CA ARG A 341 56.47 -14.55 27.60
C ARG A 341 56.35 -13.04 27.61
N ASN A 342 55.47 -12.51 26.76
CA ASN A 342 55.21 -11.08 26.69
C ASN A 342 54.19 -10.60 27.69
N ARG A 343 53.14 -11.39 27.92
CA ARG A 343 52.21 -11.12 29.01
C ARG A 343 52.95 -11.03 30.33
N GLU A 344 53.89 -11.96 30.52
CA GLU A 344 54.72 -12.07 31.72
C GLU A 344 55.68 -10.90 31.90
N ALA A 345 56.18 -10.35 30.81
CA ALA A 345 57.07 -9.19 30.87
C ALA A 345 56.31 -7.86 31.04
N GLY A 346 54.98 -7.95 31.10
CA GLY A 346 54.15 -6.79 31.42
C GLY A 346 54.00 -5.83 30.27
N ILE A 347 54.30 -6.31 29.06
CA ILE A 347 54.18 -5.53 27.82
C ILE A 347 52.70 -5.34 27.48
N PRO A 348 52.26 -4.07 27.33
CA PRO A 348 50.92 -3.80 26.88
C PRO A 348 50.75 -4.17 25.40
N PHE A 349 49.89 -5.16 25.11
CA PHE A 349 49.54 -5.45 23.73
C PHE A 349 48.15 -6.03 23.57
N ASP A 350 47.39 -5.43 22.66
CA ASP A 350 45.99 -5.74 22.49
C ASP A 350 45.77 -6.91 21.57
N THR A 351 46.55 -6.99 20.50
CA THR A 351 46.23 -7.93 19.43
C THR A 351 47.40 -8.79 18.98
N GLN A 352 47.06 -10.01 18.56
CA GLN A 352 48.03 -10.97 18.05
C GLN A 352 47.73 -11.29 16.60
N VAL A 353 48.66 -10.94 15.71
CA VAL A 353 48.49 -11.20 14.28
C VAL A 353 49.15 -12.53 13.92
N THR A 354 48.70 -13.13 12.83
CA THR A 354 49.13 -14.48 12.48
C THR A 354 49.23 -14.55 10.95
N ASP A 355 50.43 -14.76 10.43
CA ASP A 355 50.68 -14.67 8.99
C ASP A 355 50.19 -15.92 8.26
N ILE A 356 50.58 -16.11 7.00
CA ILE A 356 50.10 -17.23 6.16
C ILE A 356 50.44 -18.64 6.67
N ASP A 357 51.33 -18.73 7.64
CA ASP A 357 51.65 -20.01 8.23
C ASP A 357 50.50 -20.63 9.03
N TYR A 358 49.52 -19.83 9.43
CA TYR A 358 48.34 -20.33 10.15
C TYR A 358 47.45 -21.18 9.25
N MET A 359 47.54 -20.95 7.93
CA MET A 359 46.66 -21.61 6.95
C MET A 359 47.17 -23.00 6.60
N GLU A 360 46.30 -23.81 5.99
CA GLU A 360 46.71 -25.10 5.46
C GLU A 360 47.27 -24.94 4.06
N ASP A 361 48.56 -25.25 3.91
CA ASP A 361 49.32 -25.06 2.66
C ASP A 361 49.11 -23.70 2.07
N LYS A 362 49.07 -22.68 2.94
CA LYS A 362 48.90 -21.27 2.55
C LYS A 362 47.64 -20.96 1.73
N LYS A 363 46.58 -21.73 1.95
CA LYS A 363 45.28 -21.52 1.27
C LYS A 363 44.34 -20.66 2.11
N ASP A 364 43.75 -19.64 1.51
CA ASP A 364 42.79 -18.77 2.19
C ASP A 364 41.65 -19.56 2.82
N PHE A 365 41.19 -19.10 3.98
CA PHE A 365 39.98 -19.65 4.61
C PHE A 365 40.08 -21.09 5.09
N THR A 366 41.28 -21.52 5.46
CA THR A 366 41.54 -22.83 6.03
C THR A 366 42.48 -22.60 7.22
N TYR A 367 42.71 -23.61 8.04
CA TYR A 367 43.86 -23.55 8.93
C TYR A 367 44.56 -24.89 9.04
N ASP A 368 45.86 -24.86 9.30
CA ASP A 368 46.66 -26.06 9.32
C ASP A 368 46.27 -26.87 10.53
N GLN A 369 45.48 -27.92 10.29
CA GLN A 369 44.96 -28.79 11.34
C GLN A 369 46.04 -29.56 12.12
N VAL A 370 47.26 -29.62 11.58
CA VAL A 370 48.37 -30.32 12.21
C VAL A 370 49.19 -29.37 13.10
N ALA A 371 50.02 -28.52 12.51
CA ALA A 371 50.92 -27.66 13.26
C ALA A 371 50.21 -26.53 14.01
N PHE A 372 49.02 -26.17 13.55
CA PHE A 372 48.18 -25.19 14.22
C PHE A 372 46.94 -25.85 14.82
N ASN A 373 47.14 -27.03 15.40
CA ASN A 373 46.07 -27.73 16.07
C ASN A 373 45.71 -27.04 17.37
N GLY A 374 44.43 -26.82 17.57
CA GLY A 374 43.94 -26.17 18.77
C GLY A 374 43.76 -24.67 18.65
N LEU A 375 43.66 -24.18 17.40
CA LEU A 375 43.57 -22.76 17.12
C LEU A 375 42.35 -22.11 17.78
N PRO A 376 41.14 -22.68 17.62
CA PRO A 376 39.97 -22.00 18.16
C PRO A 376 39.97 -21.91 19.67
N GLN A 377 40.65 -22.85 20.33
CA GLN A 377 40.82 -22.83 21.79
C GLN A 377 41.78 -21.72 22.18
N PHE A 378 42.84 -21.55 21.41
CA PHE A 378 43.82 -20.47 21.63
C PHE A 378 43.18 -19.09 21.41
N VAL A 379 42.45 -18.93 20.32
CA VAL A 379 41.66 -17.73 20.07
C VAL A 379 40.80 -17.41 21.31
N GLN A 380 40.14 -18.44 21.84
CA GLN A 380 39.37 -18.30 23.06
C GLN A 380 40.21 -17.78 24.21
N ASP A 381 41.45 -18.28 24.35
CA ASP A 381 42.35 -17.84 25.41
C ASP A 381 42.69 -16.35 25.23
N LEU A 382 42.86 -15.92 23.98
CA LEU A 382 43.13 -14.51 23.72
C LEU A 382 41.95 -13.67 24.22
N HIS A 383 40.73 -14.01 23.80
CA HIS A 383 39.53 -13.31 24.25
C HIS A 383 39.33 -13.30 25.77
N ASP A 384 39.71 -14.39 26.42
CA ASP A 384 39.64 -14.52 27.88
C ASP A 384 40.54 -13.51 28.60
N HIS A 385 41.61 -13.06 27.92
CA HIS A 385 42.51 -12.02 28.45
C HIS A 385 42.17 -10.63 27.92
N GLY A 386 41.07 -10.55 27.16
CA GLY A 386 40.62 -9.30 26.59
C GLY A 386 41.47 -8.86 25.42
N GLN A 387 42.04 -9.83 24.72
CA GLN A 387 42.87 -9.54 23.56
C GLN A 387 42.17 -9.89 22.26
N LYS A 388 42.82 -9.54 21.16
CA LYS A 388 42.18 -9.64 19.86
C LYS A 388 43.05 -10.44 18.94
N TYR A 389 42.45 -10.92 17.86
CA TYR A 389 43.12 -11.83 16.94
C TYR A 389 42.87 -11.42 15.49
N VAL A 390 43.95 -11.09 14.79
CA VAL A 390 43.89 -10.66 13.40
C VAL A 390 44.55 -11.69 12.50
N ILE A 391 43.88 -12.04 11.42
CA ILE A 391 44.42 -12.97 10.44
C ILE A 391 44.70 -12.25 9.12
N ILE A 392 45.66 -12.78 8.37
CA ILE A 392 45.98 -12.27 7.04
C ILE A 392 45.06 -12.94 6.02
N LEU A 393 44.67 -12.21 4.98
CA LEU A 393 43.92 -12.78 3.84
C LEU A 393 44.51 -12.30 2.54
N ASP A 394 44.84 -13.23 1.64
CA ASP A 394 45.34 -12.87 0.31
C ASP A 394 44.22 -12.97 -0.72
N PRO A 395 44.31 -12.19 -1.82
CA PRO A 395 43.23 -12.21 -2.79
C PRO A 395 43.25 -13.46 -3.61
N ALA A 396 44.44 -13.96 -3.92
CA ALA A 396 44.62 -15.11 -4.77
C ALA A 396 44.00 -16.37 -4.17
N ILE A 397 43.20 -17.07 -4.97
CA ILE A 397 42.56 -18.30 -4.53
C ILE A 397 43.13 -19.51 -5.26
N SER A 398 43.57 -20.52 -4.51
CA SER A 398 44.22 -21.70 -5.09
C SER A 398 43.30 -22.54 -5.98
N ILE A 399 43.77 -22.91 -7.17
CA ILE A 399 43.01 -23.85 -8.03
C ILE A 399 43.10 -25.29 -7.54
N GLY A 400 43.96 -25.55 -6.56
CA GLY A 400 44.23 -26.89 -6.06
C GLY A 400 43.15 -27.53 -5.20
N ARG A 401 43.50 -28.67 -4.64
CA ARG A 401 42.62 -29.45 -3.78
C ARG A 401 43.09 -29.26 -2.34
N ARG A 402 42.21 -29.42 -1.37
CA ARG A 402 42.61 -29.40 0.04
C ARG A 402 43.60 -30.55 0.38
N ALA A 403 44.07 -30.61 1.63
CA ALA A 403 45.04 -31.64 2.08
C ALA A 403 44.58 -33.09 1.85
N ASN A 404 43.59 -33.52 2.65
CA ASN A 404 42.96 -34.84 2.53
C ASN A 404 42.16 -35.06 1.22
N GLY A 405 42.65 -34.49 0.10
CA GLY A 405 42.08 -34.71 -1.25
C GLY A 405 40.71 -34.14 -1.58
N THR A 406 40.05 -33.53 -0.59
CA THR A 406 38.68 -33.01 -0.76
C THR A 406 38.64 -31.73 -1.60
N THR A 407 37.52 -31.51 -2.28
CA THR A 407 37.32 -30.26 -3.03
C THR A 407 37.52 -29.06 -2.08
N TYR A 408 38.18 -28.01 -2.58
CA TYR A 408 38.43 -26.81 -1.80
C TYR A 408 37.26 -25.87 -1.99
N ALA A 409 36.42 -25.78 -0.95
CA ALA A 409 35.08 -25.15 -1.04
C ALA A 409 35.08 -23.70 -1.55
N THR A 410 36.10 -22.92 -1.16
CA THR A 410 36.24 -21.53 -1.53
C THR A 410 36.37 -21.39 -3.03
N TYR A 411 37.22 -22.23 -3.62
CA TYR A 411 37.42 -22.24 -5.06
C TYR A 411 36.18 -22.69 -5.78
N GLU A 412 35.56 -23.75 -5.27
CA GLU A 412 34.36 -24.31 -5.88
C GLU A 412 33.25 -23.27 -5.96
N ARG A 413 32.94 -22.62 -4.84
CA ARG A 413 31.91 -21.57 -4.80
C ARG A 413 32.25 -20.40 -5.71
N GLY A 414 33.53 -20.06 -5.79
CA GLY A 414 34.01 -19.01 -6.67
C GLY A 414 33.71 -19.29 -8.12
N ASN A 415 33.94 -20.52 -8.55
CA ASN A 415 33.60 -20.94 -9.90
C ASN A 415 32.11 -20.78 -10.16
N THR A 416 31.30 -21.36 -9.27
CA THR A 416 29.84 -21.36 -9.39
C THR A 416 29.31 -19.95 -9.64
N GLN A 417 29.80 -18.98 -8.87
CA GLN A 417 29.31 -17.62 -8.97
C GLN A 417 30.05 -16.75 -9.97
N HIS A 418 31.02 -17.32 -10.67
CA HIS A 418 31.79 -16.65 -11.73
C HIS A 418 32.46 -15.36 -11.28
N VAL A 419 33.29 -15.50 -10.26
CA VAL A 419 33.82 -14.40 -9.47
C VAL A 419 35.16 -13.87 -10.00
N TRP A 420 35.80 -14.65 -10.88
CA TRP A 420 37.19 -14.45 -11.24
C TRP A 420 37.45 -13.37 -12.29
N ILE A 421 38.72 -12.96 -12.41
CA ILE A 421 39.20 -12.07 -13.46
C ILE A 421 39.57 -12.91 -14.67
N ASN A 422 39.02 -12.53 -15.83
CA ASN A 422 39.17 -13.28 -17.06
C ASN A 422 40.31 -12.74 -17.92
N GLU A 423 40.78 -13.56 -18.85
CA GLU A 423 41.74 -13.16 -19.90
C GLU A 423 41.06 -12.24 -20.90
N SER A 424 41.82 -11.78 -21.90
CA SER A 424 41.30 -10.84 -22.88
C SER A 424 40.05 -11.30 -23.67
N ASP A 425 39.86 -12.62 -23.77
CA ASP A 425 38.64 -13.18 -24.36
C ASP A 425 37.40 -12.86 -23.53
N GLY A 426 37.56 -12.72 -22.22
CA GLY A 426 36.44 -12.43 -21.33
C GLY A 426 35.65 -13.65 -20.88
N SER A 427 36.28 -14.83 -20.96
CA SER A 427 35.65 -16.09 -20.55
C SER A 427 36.58 -16.89 -19.65
N THR A 428 37.77 -17.21 -20.15
CA THR A 428 38.74 -18.02 -19.41
C THR A 428 39.32 -17.22 -18.25
N PRO A 429 39.22 -17.75 -17.02
CA PRO A 429 39.89 -17.13 -15.89
C PRO A 429 41.41 -17.16 -16.04
N ILE A 430 42.06 -16.05 -15.68
CA ILE A 430 43.52 -15.93 -15.75
C ILE A 430 44.15 -16.66 -14.58
N ILE A 431 45.31 -17.26 -14.81
CA ILE A 431 46.01 -18.02 -13.78
C ILE A 431 47.36 -17.36 -13.49
N GLY A 432 47.53 -16.88 -12.25
CA GLY A 432 48.80 -16.38 -11.78
C GLY A 432 49.40 -17.39 -10.82
N GLU A 433 50.28 -16.92 -9.95
CA GLU A 433 50.83 -17.78 -8.89
C GLU A 433 51.19 -16.93 -7.68
N VAL A 434 50.67 -17.29 -6.53
CA VAL A 434 51.08 -16.65 -5.30
C VAL A 434 51.51 -17.73 -4.30
N TRP A 435 51.14 -17.59 -3.04
CA TRP A 435 51.65 -18.45 -1.98
C TRP A 435 51.33 -19.95 -2.09
N PRO A 436 50.08 -20.30 -2.43
CA PRO A 436 49.79 -21.72 -2.53
C PRO A 436 49.98 -22.33 -3.94
N GLY A 437 50.92 -21.80 -4.74
CA GLY A 437 51.09 -22.24 -6.12
C GLY A 437 50.09 -21.56 -7.03
N LEU A 438 49.77 -22.17 -8.17
CA LEU A 438 48.81 -21.58 -9.14
C LEU A 438 47.49 -21.14 -8.51
N THR A 439 47.00 -19.98 -8.95
CA THR A 439 45.83 -19.31 -8.37
C THR A 439 45.02 -18.50 -9.39
N VAL A 440 43.76 -18.27 -9.07
CA VAL A 440 42.89 -17.34 -9.81
C VAL A 440 42.62 -16.08 -8.98
N TYR A 441 42.16 -15.02 -9.63
CA TYR A 441 42.03 -13.74 -8.96
C TYR A 441 40.59 -13.25 -8.91
N PRO A 442 40.09 -12.93 -7.70
CA PRO A 442 38.76 -12.41 -7.56
C PRO A 442 38.68 -11.00 -8.11
N ASP A 443 37.62 -10.71 -8.86
CA ASP A 443 37.36 -9.37 -9.40
C ASP A 443 36.47 -8.58 -8.43
N PHE A 444 37.09 -7.94 -7.44
CA PHE A 444 36.37 -7.29 -6.34
C PHE A 444 35.56 -6.06 -6.76
N THR A 445 35.50 -5.83 -8.07
CA THR A 445 34.71 -4.73 -8.64
C THR A 445 33.35 -5.25 -9.09
N ASN A 446 33.20 -6.57 -9.02
CA ASN A 446 31.97 -7.31 -9.31
C ASN A 446 31.09 -7.43 -8.07
N PRO A 447 29.85 -6.92 -8.13
CA PRO A 447 28.99 -7.01 -6.96
C PRO A 447 28.73 -8.44 -6.53
N ASN A 448 28.85 -9.41 -7.44
CA ASN A 448 28.77 -10.83 -7.10
C ASN A 448 29.96 -11.34 -6.30
N CYS A 449 31.10 -10.72 -6.59
CA CYS A 449 32.33 -11.06 -5.95
C CYS A 449 32.35 -10.58 -4.50
N ILE A 450 31.88 -9.36 -4.26
CA ILE A 450 31.80 -8.81 -2.91
C ILE A 450 30.91 -9.71 -2.05
N ASP A 451 29.84 -10.23 -2.65
CA ASP A 451 28.94 -11.18 -1.96
C ASP A 451 29.65 -12.48 -1.64
N TRP A 452 30.26 -13.09 -2.65
CA TRP A 452 31.06 -14.31 -2.46
C TRP A 452 32.11 -14.17 -1.35
N TRP A 453 32.80 -13.03 -1.34
CA TRP A 453 33.85 -12.71 -0.39
C TRP A 453 33.27 -12.61 1.01
N ALA A 454 32.27 -11.75 1.17
CA ALA A 454 31.55 -11.59 2.44
C ALA A 454 31.12 -12.94 2.99
N ASN A 455 30.58 -13.77 2.12
CA ASN A 455 30.16 -15.10 2.49
C ASN A 455 31.31 -15.95 3.01
N GLU A 456 32.45 -15.90 2.32
CA GLU A 456 33.60 -16.73 2.69
C GLU A 456 34.12 -16.43 4.08
N CYS A 457 34.10 -15.14 4.44
CA CYS A 457 34.60 -14.67 5.72
C CYS A 457 33.66 -15.03 6.83
N SER A 458 32.38 -15.14 6.47
CA SER A 458 31.32 -15.44 7.41
C SER A 458 31.35 -16.92 7.78
N ILE A 459 31.52 -17.76 6.76
CA ILE A 459 31.69 -19.20 6.92
C ILE A 459 32.95 -19.50 7.73
N PHE A 460 34.04 -18.82 7.40
CA PHE A 460 35.30 -19.05 8.09
C PHE A 460 35.25 -18.59 9.55
N HIS A 461 34.54 -17.49 9.82
CA HIS A 461 34.47 -16.95 11.17
C HIS A 461 33.82 -17.92 12.17
N GLN A 462 32.93 -18.77 11.66
CA GLN A 462 32.27 -19.79 12.47
C GLN A 462 33.23 -20.88 12.90
N GLU A 463 34.28 -21.07 12.12
CA GLU A 463 35.32 -22.06 12.44
C GLU A 463 36.45 -21.49 13.28
N VAL A 464 36.90 -20.28 12.92
CA VAL A 464 37.95 -19.53 13.63
C VAL A 464 37.43 -18.12 13.89
N GLN A 465 37.31 -17.76 15.17
CA GLN A 465 36.72 -16.46 15.53
C GLN A 465 37.66 -15.26 15.47
N TYR A 466 38.13 -14.92 14.28
CA TYR A 466 39.01 -13.77 14.06
C TYR A 466 38.32 -12.47 14.47
N ASP A 467 39.09 -11.44 14.80
CA ASP A 467 38.51 -10.15 15.19
C ASP A 467 38.65 -9.07 14.13
N GLY A 468 39.64 -9.24 13.25
CA GLY A 468 39.93 -8.26 12.22
C GLY A 468 40.74 -8.90 11.11
N LEU A 469 40.82 -8.22 9.97
CA LEU A 469 41.46 -8.79 8.81
C LEU A 469 42.59 -7.91 8.31
N TRP A 470 43.60 -8.54 7.72
CA TRP A 470 44.73 -7.85 7.15
C TRP A 470 44.87 -8.33 5.74
N ILE A 471 44.39 -7.53 4.79
CA ILE A 471 44.44 -7.90 3.37
C ILE A 471 45.79 -7.52 2.76
N ASP A 472 46.48 -8.54 2.25
CA ASP A 472 47.83 -8.38 1.72
C ASP A 472 47.83 -8.72 0.24
N MET A 473 48.99 -8.60 -0.41
CA MET A 473 49.16 -8.93 -1.83
C MET A 473 48.18 -8.18 -2.75
N ASN A 474 47.64 -7.10 -2.20
CA ASN A 474 46.67 -6.22 -2.82
C ASN A 474 46.98 -5.64 -4.15
N GLU A 475 48.25 -5.31 -4.39
CA GLU A 475 48.70 -4.65 -5.64
C GLU A 475 48.10 -5.36 -6.86
N VAL A 476 47.64 -6.59 -6.57
CA VAL A 476 47.63 -7.82 -7.41
C VAL A 476 49.03 -8.20 -7.77
N SER A 477 49.65 -8.93 -6.85
CA SER A 477 50.98 -9.48 -7.01
C SER A 477 50.83 -10.87 -7.61
N SER A 478 51.70 -11.19 -8.57
CA SER A 478 51.88 -12.57 -9.07
C SER A 478 53.37 -12.91 -9.01
N PHE A 479 53.69 -14.13 -8.57
CA PHE A 479 55.08 -14.59 -8.58
C PHE A 479 55.60 -14.81 -9.99
N ILE A 480 54.69 -15.06 -10.92
CA ILE A 480 55.07 -15.16 -12.34
C ILE A 480 54.68 -13.92 -13.15
N GLN A 481 55.48 -13.63 -14.19
CA GLN A 481 55.24 -12.47 -15.01
C GLN A 481 54.05 -12.68 -15.98
N GLY A 482 52.96 -11.98 -15.72
CA GLY A 482 51.83 -11.93 -16.62
C GLY A 482 50.78 -12.97 -16.30
N SER A 483 50.97 -14.17 -16.84
CA SER A 483 50.02 -15.26 -16.62
C SER A 483 50.73 -16.57 -16.77
N THR A 484 49.98 -17.63 -16.46
CA THR A 484 50.49 -18.99 -16.53
C THR A 484 50.97 -19.33 -17.94
N LYS A 485 50.40 -18.65 -18.93
CA LYS A 485 50.80 -18.82 -20.33
C LYS A 485 51.30 -17.53 -20.96
N GLY A 486 51.94 -16.68 -20.16
CA GLY A 486 52.58 -15.44 -20.64
C GLY A 486 51.61 -14.36 -21.08
N CYS A 487 52.08 -13.45 -21.92
CA CYS A 487 51.29 -12.30 -22.35
C CYS A 487 51.20 -12.19 -23.86
N ASN A 488 50.05 -11.77 -24.35
CA ASN A 488 49.96 -11.42 -25.76
C ASN A 488 50.81 -10.17 -26.04
N VAL A 489 51.47 -10.14 -27.20
CA VAL A 489 52.33 -9.02 -27.57
C VAL A 489 51.53 -7.91 -28.27
N ASN A 490 51.16 -6.87 -27.52
CA ASN A 490 50.34 -5.77 -28.04
C ASN A 490 50.61 -4.40 -27.38
N LYS A 491 49.97 -3.36 -27.92
CA LYS A 491 50.12 -2.00 -27.38
C LYS A 491 49.82 -1.87 -25.88
N LEU A 492 48.98 -2.76 -25.32
CA LEU A 492 48.64 -2.69 -23.90
C LEU A 492 49.71 -3.32 -23.01
N ASN A 493 50.35 -4.37 -23.48
CA ASN A 493 51.41 -5.01 -22.72
C ASN A 493 52.74 -4.36 -22.96
N TYR A 494 52.93 -3.84 -24.17
CA TYR A 494 54.16 -3.15 -24.52
C TYR A 494 53.86 -1.75 -25.06
N PRO A 495 53.50 -0.81 -24.16
CA PRO A 495 53.01 0.50 -24.55
C PRO A 495 54.07 1.40 -25.18
N PRO A 496 53.65 2.42 -25.97
CA PRO A 496 54.57 3.26 -26.73
C PRO A 496 55.51 4.03 -25.83
N PHE A 497 55.00 4.44 -24.65
CA PHE A 497 55.79 5.11 -23.63
C PHE A 497 55.58 4.41 -22.31
N THR A 498 56.68 3.92 -21.73
CA THR A 498 56.66 3.30 -20.42
C THR A 498 57.30 4.29 -19.47
N PRO A 499 56.62 4.64 -18.37
CA PRO A 499 57.30 5.47 -17.35
C PRO A 499 58.36 4.67 -16.58
N ASP A 500 59.10 5.34 -15.70
CA ASP A 500 60.24 4.74 -15.03
C ASP A 500 59.86 3.70 -13.99
N ILE A 501 58.84 2.90 -14.26
CA ILE A 501 58.42 1.84 -13.32
C ILE A 501 59.47 0.73 -13.32
N LEU A 502 59.68 0.09 -12.17
CA LEU A 502 60.67 -0.96 -12.01
C LEU A 502 60.55 -2.00 -13.11
N ASP A 503 61.69 -2.47 -13.62
CA ASP A 503 61.75 -3.47 -14.71
C ASP A 503 61.25 -2.94 -16.06
N LYS A 504 60.78 -1.71 -16.07
CA LYS A 504 60.21 -1.06 -17.26
C LYS A 504 59.29 -2.02 -18.05
N LEU A 505 58.47 -2.77 -17.32
CA LEU A 505 57.67 -3.82 -17.93
C LEU A 505 56.36 -3.93 -17.17
N MET A 506 55.30 -3.40 -17.77
CA MET A 506 53.98 -3.26 -17.12
C MET A 506 53.52 -4.47 -16.32
N TYR A 507 53.53 -5.65 -16.95
CA TYR A 507 53.04 -6.88 -16.32
C TYR A 507 54.00 -7.56 -15.33
N SER A 508 55.15 -6.95 -15.09
CA SER A 508 56.12 -7.49 -14.15
C SER A 508 55.51 -7.61 -12.77
N LYS A 509 55.62 -8.81 -12.20
CA LYS A 509 55.13 -9.17 -10.84
C LYS A 509 53.64 -8.88 -10.60
N THR A 510 52.85 -9.00 -11.69
CA THR A 510 51.40 -8.78 -11.69
C THR A 510 50.76 -9.52 -12.87
N ILE A 511 49.54 -9.17 -13.25
CA ILE A 511 48.85 -9.89 -14.31
C ILE A 511 48.79 -9.12 -15.64
N CYS A 512 48.45 -9.84 -16.71
CA CYS A 512 48.41 -9.29 -18.08
C CYS A 512 47.57 -8.05 -18.19
N MET A 513 48.04 -7.08 -18.96
CA MET A 513 47.44 -5.77 -19.00
C MET A 513 46.15 -5.78 -19.78
N ASP A 514 45.90 -6.86 -20.52
CA ASP A 514 44.67 -6.98 -21.28
C ASP A 514 43.58 -7.77 -20.55
N ALA A 515 43.84 -8.14 -19.30
CA ALA A 515 42.86 -8.87 -18.50
C ALA A 515 41.62 -8.02 -18.29
N VAL A 516 40.45 -8.66 -18.32
CA VAL A 516 39.16 -7.96 -18.19
C VAL A 516 38.56 -8.07 -16.78
N GLN A 517 38.20 -6.92 -16.21
CA GLN A 517 37.43 -6.83 -14.96
C GLN A 517 36.17 -6.03 -15.19
N ASN A 518 35.23 -6.08 -14.25
CA ASN A 518 34.01 -5.33 -14.41
C ASN A 518 34.21 -3.80 -14.62
N TRP A 519 35.15 -3.16 -13.89
CA TRP A 519 35.40 -1.72 -14.08
C TRP A 519 36.19 -1.41 -15.34
N GLY A 520 36.85 -2.41 -15.92
CA GLY A 520 37.63 -2.20 -17.15
C GLY A 520 38.82 -3.14 -17.38
N LYS A 521 39.66 -2.77 -18.34
CA LYS A 521 40.86 -3.52 -18.70
C LYS A 521 41.91 -3.30 -17.60
N GLN A 522 42.71 -4.32 -17.33
CA GLN A 522 43.81 -4.20 -16.39
C GLN A 522 44.69 -2.96 -16.64
N TYR A 523 45.06 -2.69 -17.89
CA TYR A 523 45.81 -1.49 -18.26
C TYR A 523 45.26 -0.21 -17.60
N ASP A 524 43.96 -0.20 -17.33
CA ASP A 524 43.31 0.98 -16.79
C ASP A 524 43.04 0.88 -15.29
N VAL A 525 42.52 -0.26 -14.85
CA VAL A 525 42.10 -0.40 -13.46
C VAL A 525 43.10 -1.12 -12.57
N HIS A 526 44.36 -1.18 -13.00
CA HIS A 526 45.34 -1.98 -12.27
C HIS A 526 45.56 -1.48 -10.86
N SER A 527 45.76 -0.17 -10.75
CA SER A 527 46.06 0.45 -9.47
C SER A 527 44.85 0.53 -8.55
N LEU A 528 43.72 0.02 -9.01
CA LEU A 528 42.46 0.13 -8.26
C LEU A 528 42.08 -1.16 -7.57
N TYR A 529 42.90 -2.19 -7.77
CA TYR A 529 42.58 -3.50 -7.22
C TYR A 529 42.60 -3.50 -5.70
N GLY A 530 43.68 -3.01 -5.09
CA GLY A 530 43.77 -2.96 -3.64
C GLY A 530 42.63 -2.14 -3.05
N TYR A 531 42.32 -1.03 -3.72
CA TYR A 531 41.24 -0.14 -3.34
C TYR A 531 39.91 -0.87 -3.28
N SER A 532 39.59 -1.60 -4.34
CA SER A 532 38.34 -2.33 -4.43
C SER A 532 38.25 -3.49 -3.43
N MET A 533 39.39 -4.04 -3.02
CA MET A 533 39.37 -5.13 -2.07
C MET A 533 39.12 -4.61 -0.66
N ALA A 534 39.58 -3.39 -0.40
CA ALA A 534 39.29 -2.73 0.88
C ALA A 534 37.80 -2.47 1.01
N ILE A 535 37.18 -2.02 -0.08
CA ILE A 535 35.74 -1.85 -0.15
C ILE A 535 35.01 -3.17 0.04
N ALA A 536 35.47 -4.21 -0.65
CA ALA A 536 34.88 -5.54 -0.52
C ALA A 536 34.99 -6.07 0.89
N THR A 537 36.14 -5.85 1.54
CA THR A 537 36.31 -6.30 2.92
C THR A 537 35.53 -5.45 3.94
N GLU A 538 35.33 -4.17 3.63
CA GLU A 538 34.46 -3.35 4.46
C GLU A 538 33.02 -3.89 4.47
N GLN A 539 32.51 -4.33 3.32
CA GLN A 539 31.24 -5.07 3.27
C GLN A 539 31.30 -6.38 4.03
N ALA A 540 32.34 -7.17 3.79
CA ALA A 540 32.51 -8.45 4.47
C ALA A 540 32.45 -8.27 5.98
N VAL A 541 33.02 -7.18 6.47
CA VAL A 541 33.01 -6.90 7.90
C VAL A 541 31.60 -6.69 8.43
N GLN A 542 30.76 -6.00 7.67
CA GLN A 542 29.36 -5.81 8.07
C GLN A 542 28.55 -7.10 8.16
N LYS A 543 28.80 -8.06 7.26
CA LYS A 543 28.19 -9.39 7.37
C LYS A 543 28.70 -10.12 8.59
N VAL A 544 30.02 -10.17 8.81
CA VAL A 544 30.61 -10.95 9.92
C VAL A 544 30.41 -10.33 11.31
N PHE A 545 30.71 -9.04 11.44
CA PHE A 545 30.54 -8.33 12.71
C PHE A 545 29.51 -7.24 12.45
N PRO A 546 28.21 -7.57 12.57
CA PRO A 546 27.19 -6.59 12.22
C PRO A 546 27.33 -5.35 13.06
N ASN A 547 27.34 -4.20 12.39
CA ASN A 547 27.45 -2.87 13.01
C ASN A 547 28.70 -2.59 13.86
N LYS A 548 29.69 -3.49 13.82
CA LYS A 548 31.01 -3.27 14.45
C LYS A 548 32.03 -2.69 13.47
N ARG A 549 33.13 -2.18 14.00
CA ARG A 549 34.16 -1.53 13.20
C ARG A 549 35.25 -2.50 12.77
N SER A 550 35.57 -3.45 13.66
CA SER A 550 36.62 -4.43 13.42
C SER A 550 37.94 -3.77 13.05
N PHE A 551 38.69 -4.41 12.15
CA PHE A 551 40.00 -3.93 11.72
C PHE A 551 40.24 -4.36 10.29
N ILE A 552 40.67 -3.44 9.43
CA ILE A 552 41.10 -3.81 8.09
C ILE A 552 42.40 -3.09 7.78
N LEU A 553 43.47 -3.86 7.63
CA LEU A 553 44.77 -3.33 7.27
C LEU A 553 45.09 -3.76 5.86
N THR A 554 45.35 -2.80 4.98
CA THR A 554 45.60 -3.05 3.54
C THR A 554 47.02 -2.67 3.11
N ARG A 555 47.55 -3.32 2.09
CA ARG A 555 48.84 -2.92 1.56
C ARG A 555 48.70 -1.93 0.43
N SER A 556 48.10 -2.36 -0.68
CA SER A 556 47.83 -1.44 -1.80
C SER A 556 46.74 -0.43 -1.45
N THR A 557 46.88 0.78 -1.97
CA THR A 557 46.04 1.90 -1.62
C THR A 557 45.87 2.76 -2.85
N PHE A 558 44.69 3.32 -3.02
CA PHE A 558 44.45 4.36 -4.02
C PHE A 558 43.91 5.56 -3.26
N ALA A 559 43.65 6.67 -3.97
CA ALA A 559 43.14 7.89 -3.37
C ALA A 559 41.90 7.61 -2.51
N GLY A 560 42.00 7.96 -1.23
CA GLY A 560 40.89 7.87 -0.30
C GLY A 560 40.52 6.49 0.13
N SER A 561 41.50 5.59 0.13
CA SER A 561 41.38 4.28 0.77
C SER A 561 41.38 4.45 2.27
N GLY A 562 41.72 5.65 2.74
CA GLY A 562 41.57 6.00 4.16
C GLY A 562 40.16 5.72 4.65
N ARG A 563 39.19 5.93 3.77
CA ARG A 563 37.82 5.71 4.11
C ARG A 563 37.51 4.27 4.48
N HIS A 564 38.34 3.34 4.03
CA HIS A 564 38.00 1.92 4.16
C HIS A 564 38.97 1.12 4.99
N ALA A 565 40.23 1.52 4.99
CA ALA A 565 41.26 0.71 5.64
C ALA A 565 42.40 1.46 6.29
N ALA A 566 43.21 0.72 7.06
CA ALA A 566 44.47 1.20 7.58
C ALA A 566 45.56 0.71 6.63
N HIS A 567 46.71 1.38 6.66
CA HIS A 567 47.82 1.02 5.80
C HIS A 567 49.07 0.95 6.65
N TRP A 568 49.96 0.02 6.32
CA TRP A 568 51.30 0.02 6.90
C TRP A 568 52.31 0.10 5.77
N LEU A 569 53.48 0.63 6.06
CA LEU A 569 54.42 1.01 5.01
C LEU A 569 55.13 -0.11 4.29
N GLY A 570 54.66 -1.34 4.45
CA GLY A 570 55.21 -2.48 3.73
C GLY A 570 56.44 -3.16 4.33
N ASP A 571 57.22 -3.80 3.47
CA ASP A 571 58.30 -4.68 3.89
C ASP A 571 59.63 -3.95 4.09
N ASN A 572 59.78 -3.30 5.24
CA ASN A 572 61.01 -2.58 5.52
C ASN A 572 62.13 -3.51 5.97
N THR A 573 63.25 -2.92 6.38
CA THR A 573 64.47 -3.68 6.68
C THR A 573 65.03 -3.21 8.01
N ALA A 574 65.52 -4.12 8.83
CA ALA A 574 66.20 -3.77 10.07
C ALA A 574 67.44 -2.96 9.75
N SER A 575 67.33 -1.64 9.86
CA SER A 575 68.30 -0.70 9.31
C SER A 575 67.97 0.70 9.83
N TRP A 576 68.98 1.44 10.27
CA TRP A 576 68.74 2.77 10.83
C TRP A 576 68.15 3.72 9.78
N GLU A 577 68.70 3.71 8.56
CA GLU A 577 68.11 4.43 7.42
C GLU A 577 66.61 4.25 7.36
N GLN A 578 66.19 2.99 7.27
CA GLN A 578 64.79 2.61 7.09
C GLN A 578 63.87 3.07 8.23
N MET A 579 64.46 3.17 9.43
CA MET A 579 63.73 3.67 10.59
C MET A 579 63.53 5.19 10.46
N GLU A 580 64.56 5.91 9.99
CA GLU A 580 64.47 7.34 9.72
C GLU A 580 63.43 7.63 8.65
N TRP A 581 63.49 6.88 7.56
CA TRP A 581 62.60 7.07 6.42
C TRP A 581 61.13 6.77 6.70
N SER A 582 60.86 6.02 7.77
CA SER A 582 59.49 5.67 8.08
C SER A 582 58.71 6.88 8.54
N ILE A 583 59.37 7.85 9.19
CA ILE A 583 58.69 9.06 9.65
C ILE A 583 58.14 9.83 8.45
N THR A 584 59.03 10.15 7.51
CA THR A 584 58.63 10.91 6.34
C THR A 584 57.64 10.14 5.45
N GLY A 585 57.66 8.82 5.51
CA GLY A 585 56.68 7.98 4.84
C GLY A 585 55.32 7.97 5.53
N MET A 586 55.34 7.96 6.86
CA MET A 586 54.14 8.03 7.68
C MET A 586 53.46 9.41 7.55
N LEU A 587 54.26 10.47 7.52
CA LEU A 587 53.72 11.83 7.40
C LEU A 587 53.04 12.06 6.07
N GLU A 588 53.58 11.45 5.01
CA GLU A 588 52.98 11.50 3.68
C GLU A 588 51.60 10.86 3.65
N PHE A 589 51.41 9.79 4.39
CA PHE A 589 50.15 9.14 4.38
C PHE A 589 49.16 9.87 5.21
N SER A 590 49.63 10.66 6.17
CA SER A 590 48.77 11.62 6.85
C SER A 590 48.18 12.62 5.85
N LEU A 591 49.02 13.14 4.95
CA LEU A 591 48.53 13.99 3.87
C LEU A 591 47.52 13.26 3.01
N PHE A 592 47.71 11.96 2.77
CA PHE A 592 46.79 11.22 1.90
C PHE A 592 45.49 10.78 2.60
N GLY A 593 45.27 11.26 3.82
CA GLY A 593 44.05 10.97 4.57
C GLY A 593 43.88 9.52 4.99
N ILE A 594 44.99 8.85 5.29
CA ILE A 594 44.96 7.51 5.85
C ILE A 594 45.66 7.59 7.20
N PRO A 595 44.97 8.09 8.24
CA PRO A 595 45.64 8.50 9.48
C PRO A 595 46.19 7.33 10.31
N LEU A 596 45.54 6.16 10.19
CA LEU A 596 45.96 4.96 10.91
C LEU A 596 47.02 4.28 10.08
N VAL A 597 48.25 4.73 10.27
CA VAL A 597 49.39 4.27 9.49
C VAL A 597 50.61 4.08 10.39
N GLY A 598 51.41 3.07 10.10
CA GLY A 598 52.68 2.85 10.80
C GLY A 598 53.63 2.01 9.95
N ALA A 599 54.87 1.88 10.41
CA ALA A 599 55.84 1.02 9.77
C ALA A 599 55.92 -0.28 10.58
N ASP A 600 56.76 -1.22 10.14
CA ASP A 600 57.01 -2.45 10.91
C ASP A 600 58.13 -2.27 11.92
N ILE A 601 57.78 -2.16 13.19
CA ILE A 601 58.73 -1.86 14.25
C ILE A 601 59.82 -2.93 14.34
N CYS A 602 61.07 -2.48 14.40
CA CYS A 602 62.30 -3.30 14.47
C CYS A 602 62.83 -3.87 13.17
N GLY A 603 62.02 -3.82 12.11
CA GLY A 603 62.48 -4.19 10.78
C GLY A 603 62.07 -5.58 10.35
N PHE A 604 61.33 -5.62 9.24
CA PHE A 604 60.87 -6.86 8.65
C PHE A 604 62.06 -7.70 8.18
N VAL A 605 62.61 -7.37 7.01
CA VAL A 605 63.76 -8.08 6.48
C VAL A 605 64.98 -7.87 7.38
N ALA A 606 65.81 -8.90 7.48
CA ALA A 606 67.07 -8.91 8.28
C ALA A 606 66.83 -9.09 9.79
N GLU A 607 67.88 -9.56 10.48
CA GLU A 607 67.84 -9.71 11.93
C GLU A 607 68.13 -8.36 12.52
N THR A 608 67.45 -8.03 13.60
CA THR A 608 67.55 -6.71 14.22
C THR A 608 68.62 -6.68 15.32
N THR A 609 69.10 -5.50 15.66
CA THR A 609 70.04 -5.30 16.77
C THR A 609 69.22 -5.10 18.05
N GLU A 610 69.84 -5.38 19.21
CA GLU A 610 69.31 -4.95 20.49
C GLU A 610 69.15 -3.44 20.49
N GLU A 611 70.20 -2.74 20.07
CA GLU A 611 70.19 -1.29 20.05
C GLU A 611 69.16 -0.71 19.09
N LEU A 612 69.15 -1.18 17.85
CA LEU A 612 68.22 -0.68 16.83
C LEU A 612 66.79 -0.91 17.27
N CYS A 613 66.49 -2.12 17.71
CA CYS A 613 65.14 -2.48 18.07
C CYS A 613 64.68 -1.79 19.36
N ARG A 614 65.60 -1.45 20.25
CA ARG A 614 65.24 -0.71 21.44
C ARG A 614 64.77 0.67 21.06
N ARG A 615 65.48 1.29 20.11
CA ARG A 615 65.13 2.63 19.64
C ARG A 615 63.84 2.61 18.84
N TRP A 616 63.71 1.65 17.94
CA TRP A 616 62.51 1.54 17.11
C TRP A 616 61.26 1.26 17.93
N MET A 617 61.41 0.59 19.06
CA MET A 617 60.29 0.32 19.94
C MET A 617 59.82 1.59 20.63
N GLN A 618 60.79 2.48 20.94
CA GLN A 618 60.50 3.81 21.48
C GLN A 618 59.75 4.65 20.46
N LEU A 619 60.31 4.80 19.26
CA LEU A 619 59.60 5.48 18.19
C LEU A 619 58.25 4.81 17.90
N GLY A 620 58.28 3.50 17.67
CA GLY A 620 57.10 2.74 17.30
C GLY A 620 55.93 2.88 18.26
N ALA A 621 56.22 3.12 19.54
CA ALA A 621 55.18 3.36 20.52
C ALA A 621 54.32 4.56 20.12
N PHE A 622 54.77 5.33 19.15
CA PHE A 622 54.12 6.57 18.79
C PHE A 622 53.73 6.65 17.33
N TYR A 623 53.81 5.53 16.63
CA TYR A 623 53.15 5.43 15.34
C TYR A 623 51.65 5.40 15.63
N PRO A 624 50.83 6.08 14.80
CA PRO A 624 49.40 5.90 14.95
C PRO A 624 48.99 4.41 14.94
N PHE A 625 49.53 3.63 14.01
CA PHE A 625 49.33 2.19 14.01
C PHE A 625 50.64 1.57 14.48
N SER A 626 50.59 0.84 15.59
CA SER A 626 51.82 0.40 16.25
C SER A 626 52.00 -1.12 16.33
N ARG A 627 52.81 -1.70 15.44
CA ARG A 627 52.97 -3.17 15.36
C ARG A 627 54.39 -3.66 15.06
N ASN A 628 54.87 -4.60 15.86
CA ASN A 628 56.16 -5.24 15.62
C ASN A 628 55.92 -6.46 14.76
N HIS A 629 56.64 -6.55 13.64
CA HIS A 629 56.46 -7.62 12.66
C HIS A 629 57.81 -8.01 12.06
N ASN A 630 57.95 -9.29 11.68
CA ASN A 630 59.23 -9.84 11.26
C ASN A 630 59.09 -10.78 10.10
N SER A 631 60.13 -10.86 9.26
CA SER A 631 60.15 -11.77 8.12
C SER A 631 60.57 -13.19 8.47
N ASP A 632 60.27 -14.13 7.57
CA ASP A 632 60.54 -15.56 7.73
C ASP A 632 62.01 -15.86 7.95
N GLY A 633 62.30 -16.72 8.92
CA GLY A 633 63.66 -17.22 9.12
C GLY A 633 64.58 -16.47 10.07
N TYR A 634 64.44 -15.15 10.16
CA TYR A 634 65.28 -14.34 11.04
C TYR A 634 64.86 -14.51 12.49
N GLU A 635 65.82 -14.39 13.40
CA GLU A 635 65.60 -14.59 14.83
C GLU A 635 64.43 -13.76 15.35
N HIS A 636 63.72 -14.26 16.36
CA HIS A 636 62.61 -13.52 16.97
C HIS A 636 63.02 -12.12 17.39
N GLN A 637 62.08 -11.19 17.30
CA GLN A 637 62.35 -9.79 17.65
C GLN A 637 61.24 -9.12 18.44
N ASP A 638 60.36 -9.90 19.06
CA ASP A 638 59.37 -9.35 19.96
C ASP A 638 60.08 -8.94 21.24
N PRO A 639 59.54 -7.93 21.96
CA PRO A 639 60.24 -7.35 23.10
C PRO A 639 60.75 -8.34 24.12
N ALA A 640 59.88 -9.25 24.55
CA ALA A 640 60.22 -10.16 25.65
C ALA A 640 61.26 -11.22 25.29
N PHE A 641 61.57 -11.36 24.01
CA PHE A 641 62.61 -12.26 23.59
C PHE A 641 64.00 -11.72 23.96
N PHE A 642 64.08 -10.43 24.27
CA PHE A 642 65.38 -9.81 24.56
C PHE A 642 65.75 -9.94 26.03
N GLY A 643 64.90 -10.61 26.82
CA GLY A 643 65.17 -10.87 28.22
C GLY A 643 64.18 -10.19 29.12
N GLN A 644 63.71 -10.89 30.15
CA GLN A 644 62.69 -10.36 31.06
C GLN A 644 63.13 -9.14 31.85
N ASN A 645 64.44 -9.03 32.11
CA ASN A 645 64.98 -7.89 32.85
C ASN A 645 65.90 -7.06 31.99
N SER A 646 65.69 -7.14 30.67
CA SER A 646 66.52 -6.42 29.71
C SER A 646 66.12 -4.95 29.68
N LEU A 647 67.08 -4.11 29.29
CA LEU A 647 66.84 -2.67 29.14
C LEU A 647 65.80 -2.39 28.04
N LEU A 648 65.77 -3.23 27.02
CA LEU A 648 64.78 -3.15 25.95
C LEU A 648 63.38 -3.33 26.50
N VAL A 649 63.18 -4.33 27.37
CA VAL A 649 61.86 -4.59 27.93
C VAL A 649 61.45 -3.48 28.86
N LYS A 650 62.37 -2.99 29.68
CA LYS A 650 62.09 -1.85 30.57
C LYS A 650 61.65 -0.61 29.78
N SER A 651 62.39 -0.27 28.73
CA SER A 651 62.10 0.86 27.87
C SER A 651 60.77 0.69 27.13
N SER A 652 60.62 -0.39 26.38
CA SER A 652 59.39 -0.71 25.64
C SER A 652 58.13 -0.66 26.50
N ARG A 653 58.22 -1.28 27.68
CA ARG A 653 57.10 -1.30 28.61
C ARG A 653 56.74 0.14 29.02
N GLN A 654 57.77 0.90 29.39
CA GLN A 654 57.59 2.28 29.82
C GLN A 654 56.87 3.16 28.79
N TYR A 655 57.29 3.04 27.53
CA TYR A 655 56.76 3.88 26.46
C TYR A 655 55.48 3.38 25.84
N LEU A 656 55.29 2.07 25.81
CA LEU A 656 53.98 1.51 25.43
C LEU A 656 52.96 1.89 26.50
N THR A 657 53.39 1.89 27.76
CA THR A 657 52.57 2.38 28.84
C THR A 657 52.22 3.89 28.67
N ILE A 658 53.20 4.71 28.31
CA ILE A 658 52.90 6.10 28.00
C ILE A 658 51.86 6.14 26.87
N ARG A 659 52.09 5.36 25.81
CA ARG A 659 51.13 5.30 24.72
C ARG A 659 49.74 5.05 25.27
N TYR A 660 49.55 3.92 25.96
CA TYR A 660 48.22 3.54 26.45
C TYR A 660 47.57 4.60 27.34
N THR A 661 48.38 5.29 28.15
CA THR A 661 47.89 6.40 28.97
C THR A 661 47.28 7.51 28.08
N LEU A 662 47.88 7.73 26.91
CA LEU A 662 47.48 8.82 26.02
C LEU A 662 46.38 8.43 25.03
N LEU A 663 45.91 7.19 25.09
CA LEU A 663 44.95 6.71 24.13
C LEU A 663 43.66 7.55 24.02
N PRO A 664 43.10 8.04 25.14
CA PRO A 664 41.94 8.96 24.99
C PRO A 664 42.22 10.18 24.10
N PHE A 665 43.41 10.75 24.24
CA PHE A 665 43.86 11.84 23.40
C PHE A 665 44.00 11.42 21.94
N LEU A 666 44.73 10.33 21.68
CA LEU A 666 44.90 9.80 20.33
C LEU A 666 43.56 9.55 19.65
N TYR A 667 42.69 8.83 20.34
CA TYR A 667 41.36 8.50 19.86
C TYR A 667 40.57 9.75 19.52
N THR A 668 40.72 10.79 20.32
CA THR A 668 40.04 12.06 20.06
C THR A 668 40.54 12.64 18.76
N LEU A 669 41.85 12.55 18.51
CA LEU A 669 42.39 13.07 17.25
C LEU A 669 41.83 12.29 16.07
N PHE A 670 41.64 10.99 16.25
CA PHE A 670 41.02 10.14 15.24
C PHE A 670 39.56 10.51 15.01
N TYR A 671 38.86 10.95 16.05
CA TYR A 671 37.52 11.49 15.89
C TYR A 671 37.54 12.76 15.05
N LYS A 672 38.50 13.61 15.34
CA LYS A 672 38.61 14.86 14.62
C LYS A 672 38.97 14.61 13.17
N ALA A 673 39.75 13.55 12.91
CA ALA A 673 40.13 13.14 11.55
C ALA A 673 38.90 12.69 10.77
N HIS A 674 38.15 11.78 11.36
CA HIS A 674 36.94 11.24 10.77
C HIS A 674 35.87 12.30 10.49
N VAL A 675 35.75 13.30 11.36
CA VAL A 675 34.72 14.34 11.22
C VAL A 675 35.12 15.54 10.35
N PHE A 676 36.28 16.15 10.67
CA PHE A 676 36.74 17.36 9.99
C PHE A 676 37.85 17.13 8.97
N GLY A 677 38.47 15.95 9.02
CA GLY A 677 39.60 15.63 8.12
C GLY A 677 40.98 16.09 8.57
N GLU A 678 41.12 16.40 9.86
CA GLU A 678 42.41 16.78 10.42
C GLU A 678 43.38 15.59 10.43
N THR A 679 44.66 15.89 10.62
CA THR A 679 45.71 14.88 10.62
C THR A 679 45.95 14.33 12.03
N VAL A 680 46.33 13.07 12.15
CA VAL A 680 46.61 12.52 13.47
C VAL A 680 48.08 12.68 13.80
N ALA A 681 48.95 11.93 13.13
CA ALA A 681 50.38 12.23 13.21
C ALA A 681 50.68 13.33 12.21
N ARG A 682 50.90 14.56 12.68
CA ARG A 682 51.12 15.64 11.73
C ARG A 682 52.55 16.13 11.74
N PRO A 683 53.03 16.66 10.58
CA PRO A 683 54.37 17.24 10.53
C PRO A 683 54.41 18.58 11.25
N VAL A 684 55.60 18.96 11.66
CA VAL A 684 55.80 20.20 12.43
C VAL A 684 55.35 21.48 11.67
N LEU A 685 55.42 21.49 10.34
CA LEU A 685 55.06 22.70 9.62
C LEU A 685 53.58 22.99 9.67
N HIS A 686 52.77 21.99 9.92
CA HIS A 686 51.33 22.20 10.00
C HIS A 686 50.91 23.14 11.15
N GLU A 687 51.66 23.09 12.24
CA GLU A 687 51.43 23.95 13.41
C GLU A 687 52.34 25.18 13.46
N PHE A 688 53.54 25.08 12.89
CA PHE A 688 54.53 26.12 13.04
C PHE A 688 55.06 26.67 11.72
N TYR A 689 54.14 26.89 10.77
CA TYR A 689 54.48 27.40 9.42
C TYR A 689 55.01 28.85 9.37
N GLU A 690 54.74 29.65 10.39
CA GLU A 690 55.24 31.03 10.47
C GLU A 690 56.76 31.06 10.53
N ASP A 691 57.37 29.91 10.83
CA ASP A 691 58.81 29.77 10.91
C ASP A 691 59.29 28.91 9.73
N THR A 692 60.09 29.46 8.83
CA THR A 692 60.53 28.65 7.69
C THR A 692 61.47 27.49 8.04
N ASN A 693 61.85 27.37 9.30
CA ASN A 693 62.70 26.25 9.72
C ASN A 693 61.89 24.99 9.88
N SER A 694 60.60 25.16 10.17
CA SER A 694 59.71 24.01 10.31
C SER A 694 59.41 23.35 8.96
N TRP A 695 59.58 24.10 7.87
CA TRP A 695 59.22 23.68 6.50
C TRP A 695 60.00 22.45 6.02
N ILE A 696 61.22 22.29 6.51
CA ILE A 696 62.07 21.21 6.07
C ILE A 696 62.16 20.10 7.12
N GLU A 697 61.70 20.35 8.34
CA GLU A 697 61.88 19.40 9.46
C GLU A 697 61.05 18.13 9.33
N ASP A 698 61.71 16.97 9.42
CA ASP A 698 61.03 15.67 9.26
C ASP A 698 61.72 14.53 10.00
N THR A 699 62.48 14.86 11.03
CA THR A 699 63.08 13.85 11.90
C THR A 699 62.37 13.87 13.26
N GLU A 700 61.27 14.62 13.35
CA GLU A 700 60.37 14.61 14.48
C GLU A 700 58.97 14.98 14.02
N PHE A 701 57.97 14.55 14.76
CA PHE A 701 56.58 14.85 14.42
C PHE A 701 55.74 15.12 15.64
N LEU A 702 54.46 15.38 15.41
CA LEU A 702 53.49 15.65 16.46
C LEU A 702 52.32 14.68 16.42
N TRP A 703 51.75 14.37 17.58
CA TRP A 703 50.39 13.86 17.66
C TRP A 703 49.53 15.10 17.80
N GLY A 704 48.73 15.37 16.76
CA GLY A 704 47.90 16.57 16.73
C GLY A 704 48.71 17.83 16.99
N PRO A 705 48.10 18.81 17.70
CA PRO A 705 48.79 20.06 17.94
C PRO A 705 49.69 20.04 19.18
N ALA A 706 49.51 19.06 20.07
CA ALA A 706 49.99 19.19 21.44
C ALA A 706 51.28 18.44 21.83
N LEU A 707 51.48 17.23 21.32
CA LEU A 707 52.61 16.38 21.73
C LEU A 707 53.75 16.33 20.69
N LEU A 708 54.98 16.63 21.10
CA LEU A 708 56.13 16.57 20.19
C LEU A 708 56.99 15.33 20.45
N ILE A 709 57.24 14.56 19.39
CA ILE A 709 57.98 13.30 19.51
C ILE A 709 59.29 13.42 18.77
N THR A 710 60.41 13.35 19.49
CA THR A 710 61.75 13.48 18.90
C THR A 710 62.57 12.22 19.17
N PRO A 711 62.67 11.33 18.15
CA PRO A 711 63.36 10.06 18.29
C PRO A 711 64.85 10.11 17.97
N VAL A 712 65.59 9.12 18.49
CA VAL A 712 66.99 8.88 18.11
C VAL A 712 67.00 8.03 16.84
N LEU A 713 67.77 8.47 15.85
CA LEU A 713 67.70 7.88 14.52
C LEU A 713 69.06 7.57 13.92
N LYS A 714 70.12 7.81 14.69
CA LYS A 714 71.48 7.45 14.23
C LYS A 714 72.04 6.39 15.17
N GLN A 715 72.81 5.47 14.60
CA GLN A 715 73.34 4.35 15.36
C GLN A 715 74.36 4.84 16.40
N GLY A 716 74.29 4.29 17.61
CA GLY A 716 75.23 4.66 18.67
C GLY A 716 74.98 5.98 19.37
N ALA A 717 74.09 6.81 18.81
CA ALA A 717 73.84 8.16 19.30
C ALA A 717 73.21 8.28 20.70
N ASP A 718 73.71 9.28 21.40
CA ASP A 718 73.43 9.56 22.79
C ASP A 718 72.65 10.89 22.87
N THR A 719 72.74 11.61 21.76
CA THR A 719 72.28 12.98 21.63
C THR A 719 71.69 13.15 20.23
N VAL A 720 70.75 14.08 20.08
CA VAL A 720 70.16 14.33 18.77
C VAL A 720 69.95 15.83 18.55
N SER A 721 70.34 16.32 17.38
CA SER A 721 70.09 17.71 17.02
C SER A 721 68.62 17.87 16.65
N ALA A 722 67.88 18.61 17.47
CA ALA A 722 66.45 18.76 17.30
C ALA A 722 66.06 20.21 17.17
N TYR A 723 65.14 20.50 16.25
CA TYR A 723 64.60 21.82 16.11
C TYR A 723 63.38 21.91 17.01
N ILE A 724 63.49 22.66 18.09
CA ILE A 724 62.31 22.85 18.92
C ILE A 724 61.62 24.19 18.57
N PRO A 725 60.34 24.13 18.18
CA PRO A 725 59.58 25.22 17.58
C PRO A 725 59.18 26.35 18.53
N ASP A 726 58.44 27.31 17.99
CA ASP A 726 58.09 28.55 18.69
C ASP A 726 56.85 28.43 19.60
N ALA A 727 57.03 27.74 20.72
CA ALA A 727 56.00 27.61 21.73
C ALA A 727 56.69 27.31 23.07
N ILE A 728 55.89 27.12 24.13
CA ILE A 728 56.40 26.70 25.42
C ILE A 728 56.34 25.17 25.45
N TRP A 729 57.43 24.54 25.83
CA TRP A 729 57.46 23.08 25.90
C TRP A 729 57.72 22.56 27.31
N TYR A 730 57.05 21.48 27.66
CA TYR A 730 57.27 20.78 28.92
C TYR A 730 57.75 19.37 28.67
N ASP A 731 58.71 18.89 29.45
CA ASP A 731 59.09 17.49 29.39
C ASP A 731 57.91 16.63 29.81
N TYR A 732 57.52 15.66 29.00
CA TYR A 732 56.36 14.85 29.33
C TYR A 732 56.58 14.09 30.64
N GLU A 733 57.72 13.40 30.77
CA GLU A 733 57.99 12.62 31.99
C GLU A 733 58.10 13.43 33.29
N SER A 734 58.96 14.46 33.33
CA SER A 734 59.15 15.28 34.53
C SER A 734 58.09 16.36 34.72
N GLY A 735 57.63 16.96 33.62
CA GLY A 735 56.69 18.08 33.72
C GLY A 735 57.37 19.43 33.74
N ALA A 736 58.70 19.45 33.71
CA ALA A 736 59.50 20.67 33.79
C ALA A 736 59.46 21.50 32.52
N LYS A 737 59.25 22.81 32.64
CA LYS A 737 59.27 23.75 31.50
C LYS A 737 60.66 23.82 30.89
N ARG A 738 60.80 23.40 29.64
CA ARG A 738 62.09 23.45 28.98
C ARG A 738 62.45 24.91 28.63
N PRO A 739 63.72 25.31 28.86
CA PRO A 739 64.18 26.66 28.54
C PRO A 739 64.48 26.82 27.05
N TRP A 740 63.72 26.13 26.22
CA TRP A 740 63.93 26.16 24.78
C TRP A 740 62.74 26.78 24.06
N ARG A 741 63.02 27.50 22.98
CA ARG A 741 61.98 28.13 22.17
C ARG A 741 62.54 28.65 20.85
N LYS A 742 61.91 28.23 19.75
CA LYS A 742 62.28 28.62 18.39
C LYS A 742 63.80 28.57 18.17
N GLN A 743 64.36 27.37 18.27
CA GLN A 743 65.80 27.18 18.13
C GLN A 743 66.17 25.71 17.96
N ARG A 744 67.39 25.47 17.50
CA ARG A 744 67.91 24.13 17.37
C ARG A 744 68.71 23.82 18.64
N VAL A 745 68.55 22.63 19.21
CA VAL A 745 69.29 22.24 20.43
C VAL A 745 69.88 20.84 20.34
N ASP A 746 70.86 20.54 21.19
CA ASP A 746 71.38 19.18 21.25
C ASP A 746 70.71 18.45 22.41
N MET A 747 69.58 17.83 22.11
CA MET A 747 68.77 17.14 23.10
C MET A 747 69.47 15.86 23.60
N TYR A 748 69.63 15.74 24.92
CA TYR A 748 70.28 14.55 25.49
C TYR A 748 69.28 13.42 25.71
N LEU A 749 69.43 12.34 24.95
CA LEU A 749 68.54 11.20 25.05
C LEU A 749 69.35 9.91 25.20
N PRO A 750 69.62 9.49 26.46
CA PRO A 750 70.33 8.23 26.72
C PRO A 750 69.57 6.97 26.24
N ALA A 751 70.16 5.80 26.46
CA ALA A 751 69.65 4.52 25.95
C ALA A 751 68.18 4.19 26.24
N ASP A 752 67.57 4.87 27.20
CA ASP A 752 66.24 4.51 27.68
C ASP A 752 65.20 5.62 27.48
N LYS A 753 65.62 6.77 26.95
CA LYS A 753 64.73 7.93 26.78
C LYS A 753 64.47 8.27 25.32
N ILE A 754 63.31 8.89 25.08
CA ILE A 754 62.97 9.45 23.77
C ILE A 754 62.27 10.78 24.03
N GLY A 755 62.60 11.78 23.23
CA GLY A 755 62.07 13.13 23.41
C GLY A 755 60.56 13.19 23.33
N LEU A 756 59.93 13.53 24.45
CA LEU A 756 58.50 13.75 24.50
C LEU A 756 58.25 15.09 25.15
N HIS A 757 57.57 15.97 24.44
CA HIS A 757 57.23 17.28 24.99
C HIS A 757 55.79 17.66 24.74
N LEU A 758 55.21 18.29 25.75
CA LEU A 758 53.89 18.85 25.65
C LEU A 758 53.96 20.35 25.38
N ARG A 759 53.10 20.81 24.48
CA ARG A 759 53.12 22.20 24.06
C ARG A 759 52.16 22.96 24.90
N GLY A 760 52.63 24.08 25.43
CA GLY A 760 51.81 24.96 26.25
C GLY A 760 50.58 25.48 25.51
N GLY A 761 49.47 25.60 26.22
CA GLY A 761 48.24 26.08 25.66
C GLY A 761 47.24 24.97 25.43
N TYR A 762 47.60 23.75 25.82
CA TYR A 762 46.79 22.56 25.52
C TYR A 762 46.43 21.69 26.69
N ILE A 763 45.22 21.16 26.66
CA ILE A 763 44.72 20.23 27.67
C ILE A 763 44.47 18.88 26.99
N ILE A 764 45.17 17.85 27.43
CA ILE A 764 45.01 16.54 26.81
C ILE A 764 44.43 15.55 27.79
N PRO A 765 43.43 14.75 27.35
CA PRO A 765 42.81 13.73 28.19
C PRO A 765 43.58 12.42 28.23
N ILE A 766 43.76 11.87 29.43
CA ILE A 766 44.47 10.61 29.61
C ILE A 766 43.64 9.62 30.43
N GLN A 767 44.10 8.37 30.52
CA GLN A 767 43.38 7.34 31.25
C GLN A 767 44.35 6.27 31.75
N GLU A 768 44.26 5.97 33.04
CA GLU A 768 45.20 5.06 33.70
C GLU A 768 45.36 3.77 32.91
N PRO A 769 46.61 3.47 32.53
CA PRO A 769 46.95 2.40 31.58
C PRO A 769 46.73 0.99 32.12
N ASP A 770 46.68 0.02 31.22
CA ASP A 770 46.70 -1.38 31.55
C ASP A 770 47.35 -2.09 30.38
N VAL A 771 47.28 -3.42 30.34
CA VAL A 771 47.94 -4.18 29.27
C VAL A 771 47.04 -4.51 28.08
N THR A 772 45.78 -4.12 28.16
CA THR A 772 44.86 -4.16 27.02
C THR A 772 43.99 -2.91 27.05
N THR A 773 43.43 -2.52 25.90
CA THR A 773 42.48 -1.41 25.89
C THR A 773 41.19 -1.82 26.56
N THR A 774 40.82 -3.09 26.43
CA THR A 774 39.66 -3.66 27.14
C THR A 774 39.73 -3.30 28.62
N ALA A 775 40.84 -3.66 29.27
CA ALA A 775 41.03 -3.39 30.69
C ALA A 775 41.21 -1.91 30.96
N SER A 776 42.00 -1.22 30.15
CA SER A 776 42.31 0.20 30.41
C SER A 776 41.09 1.12 30.38
N ARG A 777 40.14 0.79 29.50
CA ARG A 777 38.95 1.59 29.28
C ARG A 777 37.98 1.73 30.45
N LYS A 778 38.07 0.83 31.42
CA LYS A 778 37.26 0.95 32.63
C LYS A 778 37.98 1.58 33.81
N ASN A 779 39.25 1.94 33.60
CA ASN A 779 40.03 2.71 34.57
C ASN A 779 39.67 4.21 34.62
N PRO A 780 39.88 4.86 35.79
CA PRO A 780 39.73 6.32 35.96
C PRO A 780 40.50 7.17 34.94
N LEU A 781 39.89 8.27 34.54
CA LEU A 781 40.43 9.20 33.56
C LEU A 781 41.19 10.33 34.24
N GLY A 782 41.69 11.27 33.45
CA GLY A 782 42.50 12.35 33.95
C GLY A 782 42.79 13.40 32.90
N LEU A 783 43.25 14.57 33.32
CA LEU A 783 43.58 15.66 32.42
C LEU A 783 44.98 16.18 32.65
N ILE A 784 45.67 16.58 31.58
CA ILE A 784 46.94 17.28 31.72
C ILE A 784 46.80 18.66 31.13
N VAL A 785 47.13 19.67 31.92
CA VAL A 785 47.00 21.06 31.51
C VAL A 785 48.38 21.70 31.36
N ALA A 786 48.86 21.79 30.13
CA ALA A 786 50.10 22.51 29.85
C ALA A 786 49.80 23.99 29.64
N LEU A 787 50.06 24.81 30.65
CA LEU A 787 49.79 26.24 30.55
C LEU A 787 50.65 26.91 29.49
N GLY A 788 50.14 27.98 28.90
CA GLY A 788 50.86 28.64 27.82
C GLY A 788 50.86 30.14 27.87
N GLU A 789 52.06 30.71 28.02
CA GLU A 789 52.33 32.17 27.96
C GLU A 789 51.33 33.04 28.69
N ASN A 790 50.17 33.24 28.06
CA ASN A 790 49.09 34.04 28.60
C ASN A 790 48.29 33.32 29.69
N ASN A 791 48.84 32.25 30.26
CA ASN A 791 48.15 31.41 31.26
C ASN A 791 46.84 30.81 30.79
N THR A 792 46.79 30.40 29.52
CA THR A 792 45.61 29.81 28.91
C THR A 792 45.88 28.37 28.48
N ALA A 793 44.80 27.61 28.28
CA ALA A 793 44.85 26.30 27.66
C ALA A 793 43.47 25.88 27.17
N LYS A 794 43.45 25.18 26.05
CA LYS A 794 42.24 24.62 25.47
C LYS A 794 42.43 23.13 25.19
N GLY A 795 41.35 22.37 25.18
CA GLY A 795 41.41 20.96 24.81
C GLY A 795 40.03 20.38 24.57
N ASP A 796 40.01 19.19 23.96
CA ASP A 796 38.77 18.44 23.81
C ASP A 796 38.94 16.96 24.04
N PHE A 797 37.82 16.25 24.04
CA PHE A 797 37.76 14.85 24.46
C PHE A 797 36.48 14.25 23.89
N PHE A 798 36.64 13.10 23.25
CA PHE A 798 35.53 12.38 22.66
C PHE A 798 35.57 10.98 23.22
N TRP A 799 34.39 10.49 23.62
CA TRP A 799 34.26 9.16 24.22
C TRP A 799 32.98 8.47 23.78
N ASP A 800 33.12 7.22 23.32
CA ASP A 800 32.00 6.35 22.96
C ASP A 800 32.38 4.93 23.33
N ASP A 801 31.63 3.94 22.85
CA ASP A 801 31.97 2.53 23.14
C ASP A 801 33.12 1.98 22.29
N GLY A 802 33.68 2.80 21.41
CA GLY A 802 34.89 2.46 20.70
C GLY A 802 34.83 1.24 19.80
N GLU A 803 33.65 0.94 19.26
CA GLU A 803 33.51 -0.20 18.35
C GLU A 803 32.28 -0.20 17.47
N THR A 804 31.17 0.40 17.90
CA THR A 804 29.96 0.43 17.09
C THR A 804 30.15 1.40 15.94
N LYS A 805 29.76 0.97 14.74
CA LYS A 805 30.19 1.65 13.51
C LYS A 805 29.63 3.06 13.32
N ASP A 806 28.41 3.29 13.77
CA ASP A 806 27.72 4.52 13.45
C ASP A 806 27.43 5.43 14.66
N THR A 807 28.27 5.37 15.68
CA THR A 807 28.09 6.18 16.87
C THR A 807 28.07 7.69 16.61
N ILE A 808 29.02 8.20 15.82
CA ILE A 808 29.07 9.63 15.51
C ILE A 808 27.80 10.06 14.81
N GLN A 809 27.41 9.27 13.81
CA GLN A 809 26.28 9.55 12.94
C GLN A 809 24.93 9.53 13.68
N ASN A 810 24.84 8.82 14.80
CA ASN A 810 23.61 8.71 15.55
C ASN A 810 23.62 9.49 16.87
N GLY A 811 24.67 10.28 17.08
CA GLY A 811 24.83 11.05 18.30
C GLY A 811 24.95 10.23 19.58
N ASN A 812 25.63 9.09 19.50
CA ASN A 812 25.78 8.21 20.66
C ASN A 812 27.16 8.23 21.27
N TYR A 813 27.52 9.38 21.81
CA TYR A 813 28.84 9.60 22.37
C TYR A 813 28.79 10.68 23.47
N ILE A 814 29.94 10.92 24.09
CA ILE A 814 30.14 12.05 24.98
C ILE A 814 31.20 12.98 24.34
N LEU A 815 30.95 14.28 24.37
CA LEU A 815 31.90 15.25 23.86
C LEU A 815 32.16 16.36 24.87
N TYR A 816 33.43 16.63 25.14
CA TYR A 816 33.84 17.59 26.14
C TYR A 816 34.70 18.70 25.57
N THR A 817 34.66 19.86 26.24
CA THR A 817 35.51 21.01 25.96
C THR A 817 36.23 21.36 27.25
N PHE A 818 37.54 21.58 27.16
CA PHE A 818 38.27 22.07 28.33
C PHE A 818 38.81 23.48 28.09
N SER A 819 38.87 24.25 29.17
CA SER A 819 39.28 25.65 29.10
C SER A 819 39.90 26.10 30.41
N VAL A 820 41.10 26.66 30.34
CA VAL A 820 41.76 27.18 31.53
C VAL A 820 42.10 28.64 31.26
N SER A 821 41.77 29.49 32.24
CA SER A 821 42.25 30.87 32.35
C SER A 821 41.93 31.31 33.77
N ASN A 822 42.64 32.34 34.23
CA ASN A 822 42.44 32.88 35.57
C ASN A 822 42.64 31.85 36.68
N ASN A 823 43.54 30.91 36.44
CA ASN A 823 43.73 29.76 37.33
C ASN A 823 42.48 28.96 37.66
N THR A 824 41.61 28.81 36.66
CA THR A 824 40.42 28.00 36.82
C THR A 824 40.05 27.21 35.54
N LEU A 825 39.87 25.90 35.73
CA LEU A 825 39.60 24.96 34.65
C LEU A 825 38.10 24.69 34.54
N ASP A 826 37.58 24.79 33.32
CA ASP A 826 36.17 24.52 33.01
C ASP A 826 36.02 23.25 32.21
N ILE A 827 35.20 22.34 32.73
CA ILE A 827 34.94 21.07 32.08
C ILE A 827 33.50 21.11 31.63
N VAL A 828 33.30 21.27 30.32
CA VAL A 828 31.99 21.51 29.73
C VAL A 828 31.57 20.39 28.80
N CYS A 829 30.51 19.69 29.17
CA CYS A 829 29.98 18.61 28.36
C CYS A 829 29.06 19.17 27.31
N THR A 830 29.47 19.08 26.04
CA THR A 830 28.70 19.70 24.97
C THR A 830 27.72 18.71 24.33
N HIS A 831 27.81 17.44 24.71
CA HIS A 831 26.89 16.41 24.19
C HIS A 831 27.07 15.14 25.00
N SER A 832 25.96 14.48 25.36
CA SER A 832 26.01 13.33 26.24
C SER A 832 24.86 12.37 25.98
N SER A 833 25.16 11.30 25.24
CA SER A 833 24.20 10.26 24.93
C SER A 833 24.85 8.84 24.86
N TYR A 834 25.55 8.48 25.93
CA TYR A 834 26.23 7.19 26.05
C TYR A 834 26.29 6.76 27.54
N GLN A 835 25.31 5.96 27.96
CA GLN A 835 25.11 5.63 29.38
C GLN A 835 26.31 4.97 30.05
N GLU A 836 26.87 3.90 29.47
CA GLU A 836 28.02 3.20 30.09
C GLU A 836 29.24 4.12 30.30
N GLY A 837 29.30 5.22 29.56
CA GLY A 837 30.35 6.21 29.74
C GLY A 837 30.20 7.06 30.99
N THR A 838 28.99 7.13 31.52
CA THR A 838 28.68 7.91 32.73
C THR A 838 29.34 7.32 33.97
N THR A 839 29.58 6.01 33.95
CA THR A 839 30.26 5.35 35.06
C THR A 839 31.73 5.75 35.24
N LEU A 840 32.37 6.22 34.18
CA LEU A 840 33.76 6.71 34.25
C LEU A 840 33.83 8.15 34.76
N ALA A 841 34.99 8.52 35.32
CA ALA A 841 35.18 9.89 35.80
C ALA A 841 36.62 10.33 35.71
N PHE A 842 36.85 11.63 35.51
CA PHE A 842 38.17 12.22 35.68
C PHE A 842 38.46 12.23 37.18
N GLN A 843 39.59 11.68 37.60
CA GLN A 843 39.85 11.58 39.02
C GLN A 843 41.16 12.19 39.36
N THR A 844 41.77 12.84 38.37
CA THR A 844 43.14 13.32 38.49
C THR A 844 43.45 14.42 37.47
N VAL A 845 43.93 15.56 37.94
CA VAL A 845 44.21 16.71 37.08
C VAL A 845 45.61 17.23 37.39
N LYS A 846 46.52 17.12 36.42
CA LYS A 846 47.91 17.56 36.57
C LYS A 846 48.11 18.85 35.78
N ILE A 847 48.65 19.88 36.44
CA ILE A 847 48.81 21.19 35.81
C ILE A 847 50.29 21.58 35.75
N LEU A 848 50.79 21.78 34.55
CA LEU A 848 52.21 22.07 34.34
C LEU A 848 52.43 23.55 34.09
N GLY A 849 53.58 24.03 34.56
CA GLY A 849 54.00 25.42 34.34
C GLY A 849 53.20 26.45 35.11
N LEU A 850 53.19 26.32 36.44
CA LEU A 850 52.51 27.27 37.30
C LEU A 850 53.39 28.47 37.57
N THR A 851 52.79 29.64 37.44
CA THR A 851 53.48 30.89 37.64
C THR A 851 53.57 31.28 39.15
N ASP A 852 52.59 30.85 39.94
CA ASP A 852 52.53 31.18 41.38
C ASP A 852 52.07 29.99 42.21
N SER A 853 52.54 29.92 43.45
CA SER A 853 52.30 28.76 44.32
C SER A 853 50.86 28.65 44.81
N VAL A 854 50.45 27.44 45.23
CA VAL A 854 49.04 27.12 45.46
C VAL A 854 48.78 26.82 46.93
N THR A 855 47.69 27.37 47.44
CA THR A 855 47.31 27.25 48.84
C THR A 855 46.07 26.39 49.02
N GLU A 856 45.09 26.68 48.18
CA GLU A 856 43.75 26.15 48.30
C GLU A 856 43.33 25.62 46.93
N VAL A 857 42.61 24.51 46.92
CA VAL A 857 41.98 24.01 45.70
C VAL A 857 40.48 23.91 45.95
N ARG A 858 39.69 24.45 45.04
CA ARG A 858 38.24 24.34 45.14
C ARG A 858 37.60 23.75 43.89
N VAL A 859 36.52 22.98 44.10
CA VAL A 859 35.84 22.24 43.04
C VAL A 859 34.34 22.44 43.13
N ALA A 860 33.73 22.81 42.00
CA ALA A 860 32.30 23.01 41.92
C ALA A 860 31.70 22.21 40.79
N GLU A 861 30.56 21.58 41.03
CA GLU A 861 29.80 20.95 39.95
C GLU A 861 28.77 21.92 39.42
N ASN A 862 28.57 21.88 38.10
CA ASN A 862 27.59 22.72 37.42
C ASN A 862 27.80 24.19 37.71
N ASN A 863 26.89 24.77 38.47
CA ASN A 863 27.07 26.15 38.93
C ASN A 863 26.85 26.30 40.46
N GLN A 864 26.64 25.17 41.14
CA GLN A 864 26.69 25.09 42.61
C GLN A 864 27.99 25.77 43.14
N PRO A 865 27.96 26.27 44.40
CA PRO A 865 29.17 26.90 44.95
C PRO A 865 30.29 25.89 45.20
N MET A 866 31.52 26.39 45.21
CA MET A 866 32.74 25.60 45.28
C MET A 866 33.10 25.14 46.70
N ASN A 867 33.33 23.83 46.87
CA ASN A 867 33.85 23.29 48.13
C ASN A 867 35.35 23.09 48.05
N ALA A 868 36.00 23.03 49.21
CA ALA A 868 37.43 22.78 49.29
C ALA A 868 37.79 21.34 48.87
N HIS A 869 39.01 21.17 48.33
CA HIS A 869 39.56 19.87 48.00
C HIS A 869 40.90 19.67 48.71
N SER A 870 41.00 18.58 49.47
CA SER A 870 42.20 18.34 50.31
C SER A 870 43.35 17.68 49.55
N ASN A 871 43.05 16.53 48.93
CA ASN A 871 44.02 15.71 48.24
C ASN A 871 44.64 16.48 47.05
N PHE A 872 45.79 17.11 47.27
CA PHE A 872 46.59 17.72 46.18
C PHE A 872 48.04 17.95 46.60
N THR A 873 48.91 18.13 45.62
CA THR A 873 50.35 18.30 45.86
C THR A 873 50.85 19.45 45.00
N TYR A 874 51.65 20.32 45.59
CA TYR A 874 52.29 21.38 44.82
C TYR A 874 53.79 21.24 44.88
N ASP A 875 54.43 21.20 43.72
CA ASP A 875 55.88 21.06 43.63
C ASP A 875 56.52 22.34 43.07
N ALA A 876 57.07 23.18 43.95
CA ALA A 876 57.65 24.45 43.56
C ALA A 876 58.93 24.36 42.71
N SER A 877 59.58 23.20 42.67
CA SER A 877 60.77 23.03 41.84
C SER A 877 60.38 22.99 40.38
N ASN A 878 59.37 22.19 40.07
CA ASN A 878 58.92 22.00 38.70
C ASN A 878 57.73 22.85 38.34
N GLN A 879 57.25 23.64 39.31
CA GLN A 879 55.99 24.37 39.17
C GLN A 879 54.85 23.46 38.65
N VAL A 880 54.69 22.28 39.23
CA VAL A 880 53.65 21.33 38.85
C VAL A 880 52.66 21.17 39.98
N LEU A 881 51.37 21.17 39.66
CA LEU A 881 50.33 20.87 40.62
C LEU A 881 49.61 19.62 40.22
N LEU A 882 49.52 18.62 41.08
CA LEU A 882 48.63 17.50 40.77
C LEU A 882 47.52 17.30 41.77
N ILE A 883 46.30 17.40 41.28
CA ILE A 883 45.10 17.27 42.07
C ILE A 883 44.60 15.83 42.01
N ALA A 884 44.65 15.13 43.13
CA ALA A 884 44.29 13.72 43.17
C ALA A 884 42.88 13.49 43.68
N ASP A 885 42.36 12.29 43.41
CA ASP A 885 41.12 11.80 44.01
C ASP A 885 39.91 12.75 43.82
N LEU A 886 39.58 13.08 42.57
CA LEU A 886 38.33 13.80 42.27
C LEU A 886 37.25 12.84 41.80
N LYS A 887 36.05 13.35 41.57
CA LYS A 887 34.95 12.52 41.06
C LYS A 887 34.13 13.28 40.02
N LEU A 888 34.82 13.81 39.03
CA LEU A 888 34.19 14.54 37.94
C LEU A 888 33.64 13.53 36.95
N ASN A 889 32.37 13.20 37.10
CA ASN A 889 31.75 12.14 36.29
C ASN A 889 31.40 12.58 34.87
N LEU A 890 31.78 11.77 33.89
CA LEU A 890 31.40 12.01 32.50
C LEU A 890 29.88 12.18 32.35
N GLY A 891 29.49 13.27 31.71
CA GLY A 891 28.08 13.59 31.56
C GLY A 891 27.78 14.98 32.11
N ARG A 892 28.52 15.39 33.15
CA ARG A 892 28.22 16.61 33.88
C ARG A 892 29.33 17.64 33.82
N ASN A 893 29.01 18.88 34.20
CA ASN A 893 29.94 20.00 34.12
C ASN A 893 30.62 20.30 35.44
N PHE A 894 31.89 20.73 35.38
CA PHE A 894 32.70 20.99 36.58
C PHE A 894 33.64 22.19 36.42
N SER A 895 34.01 22.77 37.57
CA SER A 895 35.04 23.78 37.64
C SER A 895 36.09 23.43 38.69
N VAL A 896 37.35 23.69 38.38
CA VAL A 896 38.44 23.45 39.33
C VAL A 896 39.28 24.72 39.44
N GLN A 897 39.49 25.18 40.67
CA GLN A 897 40.25 26.40 40.92
C GLN A 897 41.45 26.09 41.78
N TRP A 898 42.54 26.81 41.56
CA TRP A 898 43.70 26.65 42.44
C TRP A 898 44.22 27.93 43.05
N LYS B 29 12.82 -21.43 -7.99
CA LYS B 29 12.30 -22.61 -8.78
C LYS B 29 11.11 -23.35 -8.11
N CYS B 30 10.18 -23.83 -8.93
CA CYS B 30 8.93 -24.41 -8.47
C CYS B 30 8.72 -25.82 -9.00
N PRO B 31 7.70 -26.54 -8.49
CA PRO B 31 7.42 -27.88 -9.05
C PRO B 31 7.08 -27.84 -10.56
N ASN B 32 7.61 -28.80 -11.31
CA ASN B 32 7.43 -28.80 -12.76
C ASN B 32 5.94 -28.82 -13.13
N VAL B 33 5.16 -29.66 -12.46
CA VAL B 33 3.70 -29.68 -12.63
C VAL B 33 3.08 -28.35 -12.12
N LEU B 34 2.24 -27.74 -12.96
CA LEU B 34 1.62 -26.44 -12.62
C LEU B 34 0.59 -26.59 -11.48
N ASN B 35 -0.37 -27.51 -11.62
CA ASN B 35 -1.33 -27.73 -10.55
C ASN B 35 -0.84 -28.76 -9.52
N ASP B 36 0.26 -28.43 -8.83
CA ASP B 36 0.94 -29.29 -7.82
C ASP B 36 0.07 -29.63 -6.59
N PRO B 37 0.45 -30.68 -5.82
CA PRO B 37 -0.37 -31.10 -4.65
C PRO B 37 -0.12 -30.25 -3.39
N VAL B 38 -1.17 -29.62 -2.87
CA VAL B 38 -0.97 -28.54 -1.88
C VAL B 38 -0.62 -28.96 -0.46
N ASN B 39 -0.98 -30.18 -0.08
CA ASN B 39 -0.77 -30.61 1.29
C ASN B 39 0.69 -30.96 1.63
N VAL B 40 1.55 -30.91 0.63
CA VAL B 40 2.97 -31.23 0.77
C VAL B 40 3.84 -29.96 0.76
N ARG B 41 3.20 -28.81 0.65
CA ARG B 41 3.90 -27.53 0.63
C ARG B 41 4.40 -27.25 2.04
N ILE B 42 5.71 -27.08 2.18
CA ILE B 42 6.24 -26.67 3.47
C ILE B 42 6.48 -25.15 3.45
N ASN B 43 5.77 -24.45 4.32
CA ASN B 43 5.75 -23.00 4.34
C ASN B 43 7.14 -22.38 4.50
N CYS B 44 7.47 -21.46 3.62
CA CYS B 44 8.76 -20.76 3.60
C CYS B 44 8.71 -19.42 4.35
N ILE B 45 7.50 -18.89 4.54
CA ILE B 45 7.27 -17.67 5.31
C ILE B 45 6.30 -17.99 6.45
N PRO B 46 6.84 -18.55 7.53
CA PRO B 46 6.01 -19.06 8.63
C PRO B 46 5.72 -18.05 9.75
N GLU B 47 6.23 -16.83 9.63
CA GLU B 47 6.16 -15.91 10.75
C GLU B 47 5.47 -14.59 10.44
N GLN B 48 4.88 -14.50 9.25
CA GLN B 48 4.53 -13.22 8.66
C GLN B 48 3.59 -13.48 7.50
N PHE B 49 2.78 -12.49 7.16
CA PHE B 49 1.93 -12.58 5.98
C PHE B 49 2.77 -12.66 4.70
N PRO B 50 2.52 -13.69 3.87
CA PRO B 50 3.30 -13.97 2.68
C PRO B 50 3.24 -12.83 1.67
N THR B 51 4.40 -12.46 1.14
CA THR B 51 4.47 -11.49 0.04
C THR B 51 5.41 -12.00 -1.03
N GLU B 52 5.15 -11.59 -2.27
CA GLU B 52 5.93 -12.08 -3.40
C GLU B 52 7.41 -11.69 -3.33
N GLY B 53 7.68 -10.52 -2.76
CA GLY B 53 9.03 -10.00 -2.64
C GLY B 53 9.90 -10.76 -1.67
N ILE B 54 9.36 -11.00 -0.48
CA ILE B 54 10.06 -11.77 0.54
C ILE B 54 10.21 -13.23 0.14
N CYS B 55 9.23 -13.76 -0.58
CA CYS B 55 9.34 -15.10 -1.15
C CYS B 55 10.57 -15.21 -2.01
N ALA B 56 10.68 -14.30 -2.98
CA ALA B 56 11.80 -14.24 -3.92
C ALA B 56 13.11 -14.02 -3.19
N GLN B 57 13.10 -13.13 -2.19
CA GLN B 57 14.29 -12.80 -1.45
C GLN B 57 14.88 -13.99 -0.70
N ARG B 58 14.02 -14.95 -0.35
CA ARG B 58 14.42 -16.18 0.33
C ARG B 58 14.65 -17.34 -0.62
N GLY B 59 14.38 -17.12 -1.92
CA GLY B 59 14.60 -18.13 -2.95
C GLY B 59 13.62 -19.28 -2.83
N CYS B 60 12.39 -18.96 -2.47
CA CYS B 60 11.34 -19.95 -2.47
C CYS B 60 10.35 -19.74 -3.62
N CYS B 61 9.40 -20.64 -3.71
CA CYS B 61 8.47 -20.72 -4.80
C CYS B 61 7.21 -19.94 -4.46
N TRP B 62 6.84 -19.01 -5.33
CA TRP B 62 5.67 -18.19 -5.10
C TRP B 62 4.48 -18.65 -5.94
N ARG B 63 3.40 -19.07 -5.27
CA ARG B 63 2.23 -19.57 -5.97
C ARG B 63 1.02 -19.52 -5.03
N PRO B 64 0.31 -18.38 -4.99
CA PRO B 64 -0.79 -18.10 -4.04
C PRO B 64 -2.04 -19.00 -4.22
N TRP B 65 -2.99 -18.93 -3.30
CA TRP B 65 -4.07 -19.91 -3.25
C TRP B 65 -5.46 -19.30 -2.90
N ASN B 66 -6.55 -20.08 -3.07
CA ASN B 66 -7.94 -19.73 -2.68
C ASN B 66 -8.09 -19.28 -1.24
N ASP B 67 -7.43 -20.01 -0.35
CA ASP B 67 -7.51 -19.75 1.07
C ASP B 67 -6.15 -19.39 1.60
N SER B 68 -6.10 -19.06 2.88
CA SER B 68 -4.85 -18.68 3.52
C SER B 68 -4.39 -19.70 4.55
N LEU B 69 -4.93 -20.91 4.45
CA LEU B 69 -4.42 -22.05 5.20
C LEU B 69 -3.21 -22.63 4.48
N ILE B 70 -3.39 -22.89 3.18
CA ILE B 70 -2.34 -23.38 2.32
C ILE B 70 -1.27 -22.30 2.15
N PRO B 71 0.02 -22.66 2.29
CA PRO B 71 1.13 -21.74 2.09
C PRO B 71 1.16 -21.20 0.68
N TRP B 72 1.44 -19.90 0.54
CA TRP B 72 1.60 -19.29 -0.77
C TRP B 72 3.05 -19.22 -1.20
N CYS B 73 3.94 -19.26 -0.22
CA CYS B 73 5.36 -19.32 -0.47
C CYS B 73 5.95 -20.53 0.24
N PHE B 74 6.53 -21.44 -0.52
CA PHE B 74 7.03 -22.68 0.05
C PHE B 74 8.38 -23.09 -0.52
N PHE B 75 9.23 -23.72 0.29
CA PHE B 75 10.45 -24.31 -0.28
C PHE B 75 9.99 -25.51 -1.06
N VAL B 76 10.31 -25.59 -2.35
CA VAL B 76 10.10 -26.87 -3.00
C VAL B 76 11.31 -27.70 -2.58
N ASP B 77 12.34 -27.73 -3.41
CA ASP B 77 13.59 -28.37 -3.00
C ASP B 77 14.70 -27.32 -3.13
N ASN B 78 14.54 -26.16 -2.51
CA ASN B 78 15.50 -25.07 -2.74
C ASN B 78 16.46 -24.86 -1.58
N HIS B 79 16.02 -25.29 -0.39
CA HIS B 79 16.86 -25.25 0.80
C HIS B 79 17.16 -26.67 1.24
N GLY B 80 18.21 -26.82 2.05
CA GLY B 80 18.56 -28.11 2.60
C GLY B 80 20.06 -28.31 2.76
N TYR B 81 20.45 -29.55 3.01
CA TYR B 81 21.85 -29.92 3.15
C TYR B 81 22.08 -31.17 2.34
N ASN B 82 23.34 -31.37 1.94
CA ASN B 82 23.76 -32.62 1.31
C ASN B 82 24.76 -33.34 2.19
N VAL B 83 24.76 -34.67 2.10
CA VAL B 83 25.81 -35.47 2.75
C VAL B 83 27.00 -35.50 1.80
N GLN B 84 28.17 -35.20 2.34
CA GLN B 84 29.44 -35.46 1.66
C GLN B 84 30.28 -36.23 2.67
N ASP B 85 30.54 -37.51 2.37
CA ASP B 85 31.16 -38.46 3.32
C ASP B 85 30.22 -38.84 4.47
N MET B 86 29.87 -40.12 4.51
CA MET B 86 29.25 -40.71 5.70
C MET B 86 29.83 -42.08 6.00
N THR B 87 30.08 -42.34 7.29
CA THR B 87 30.68 -43.61 7.71
C THR B 87 29.76 -44.39 8.66
N THR B 88 30.13 -45.63 8.95
CA THR B 88 29.45 -46.44 9.97
C THR B 88 30.29 -46.51 11.25
N THR B 89 29.63 -46.35 12.38
CA THR B 89 30.26 -46.66 13.66
C THR B 89 29.62 -47.94 14.21
N SER B 90 30.09 -48.38 15.37
CA SER B 90 29.54 -49.57 16.04
C SER B 90 28.06 -49.38 16.43
N ILE B 91 27.70 -48.14 16.79
CA ILE B 91 26.40 -47.81 17.33
C ILE B 91 25.43 -47.37 16.22
N GLY B 92 25.96 -46.74 15.18
CA GLY B 92 25.11 -46.29 14.10
C GLY B 92 25.87 -45.68 12.94
N VAL B 93 25.57 -44.42 12.64
CA VAL B 93 26.08 -43.76 11.44
C VAL B 93 26.41 -42.30 11.75
N GLU B 94 27.62 -41.87 11.33
CA GLU B 94 28.02 -40.45 11.36
C GLU B 94 28.05 -39.93 9.92
N ALA B 95 27.62 -38.67 9.74
CA ALA B 95 27.55 -38.04 8.42
C ALA B 95 27.81 -36.54 8.50
N LYS B 96 28.72 -36.06 7.66
CA LYS B 96 28.99 -34.63 7.54
C LYS B 96 28.05 -34.02 6.48
N LEU B 97 27.38 -32.95 6.89
CA LEU B 97 26.40 -32.31 6.04
C LEU B 97 26.83 -30.90 5.64
N ASN B 98 26.54 -30.52 4.39
CA ASN B 98 26.82 -29.17 3.89
C ASN B 98 25.60 -28.45 3.34
N ARG B 99 25.44 -27.18 3.73
CA ARG B 99 24.29 -26.37 3.33
C ARG B 99 24.25 -26.10 1.82
N ILE B 100 23.19 -26.55 1.16
CA ILE B 100 22.94 -26.17 -0.24
C ILE B 100 22.81 -24.65 -0.20
N PRO B 101 23.61 -23.94 -1.03
CA PRO B 101 23.84 -22.51 -0.77
C PRO B 101 22.71 -21.56 -1.23
N SER B 102 21.49 -21.78 -0.73
CA SER B 102 20.37 -20.86 -0.92
C SER B 102 20.49 -19.60 -0.03
N PRO B 103 19.60 -18.60 -0.21
CA PRO B 103 19.69 -17.44 0.68
C PRO B 103 19.34 -17.82 2.11
N THR B 104 19.67 -16.96 3.07
CA THR B 104 19.34 -17.18 4.48
C THR B 104 17.85 -16.97 4.79
N LEU B 105 17.39 -17.57 5.88
CA LEU B 105 16.07 -17.27 6.40
C LEU B 105 16.14 -16.24 7.52
N PHE B 106 16.74 -16.60 8.65
CA PHE B 106 16.83 -15.67 9.77
C PHE B 106 18.28 -15.40 10.11
N GLY B 107 19.16 -15.66 9.15
CA GLY B 107 20.57 -15.33 9.28
C GLY B 107 21.33 -16.30 10.18
N ASN B 108 22.66 -16.21 10.11
CA ASN B 108 23.54 -17.06 10.90
C ASN B 108 23.30 -18.54 10.69
N ASP B 109 23.26 -18.94 9.42
CA ASP B 109 23.22 -20.36 9.14
C ASP B 109 24.51 -21.04 9.56
N ILE B 110 24.50 -22.36 9.64
CA ILE B 110 25.69 -23.12 9.94
C ILE B 110 25.93 -24.02 8.75
N ASN B 111 26.99 -23.75 8.00
CA ASN B 111 27.23 -24.40 6.70
C ASN B 111 27.63 -25.86 6.80
N SER B 112 28.31 -26.16 7.91
CA SER B 112 28.96 -27.44 8.12
C SER B 112 28.36 -28.04 9.37
N VAL B 113 27.61 -29.12 9.19
CA VAL B 113 26.82 -29.72 10.27
C VAL B 113 27.03 -31.24 10.33
N LEU B 114 26.92 -31.82 11.53
CA LEU B 114 27.15 -33.26 11.75
C LEU B 114 25.93 -34.04 12.26
N PHE B 115 25.58 -35.07 11.48
CA PHE B 115 24.43 -35.94 11.75
C PHE B 115 24.91 -37.24 12.38
N THR B 116 24.30 -37.61 13.50
CA THR B 116 24.73 -38.79 14.28
C THR B 116 23.54 -39.70 14.61
N THR B 117 23.74 -41.00 14.39
CA THR B 117 22.72 -42.03 14.59
C THR B 117 23.16 -42.94 15.71
N GLN B 118 22.21 -43.34 16.55
CA GLN B 118 22.47 -44.32 17.62
C GLN B 118 21.32 -45.31 17.67
N ASN B 119 21.62 -46.56 17.37
CA ASN B 119 20.68 -47.66 17.57
C ASN B 119 20.72 -48.10 19.04
N GLN B 120 19.94 -47.42 19.87
CA GLN B 120 20.05 -47.57 21.32
C GLN B 120 19.50 -48.91 21.86
N THR B 121 18.27 -49.27 21.46
CA THR B 121 17.68 -50.56 21.83
C THR B 121 16.86 -51.09 20.64
N PRO B 122 16.37 -52.35 20.70
CA PRO B 122 15.67 -52.87 19.52
C PRO B 122 14.41 -52.06 19.26
N ASN B 123 14.06 -51.22 20.23
CA ASN B 123 12.82 -50.46 20.18
C ASN B 123 12.94 -48.96 20.05
N ARG B 124 14.09 -48.40 20.42
CA ARG B 124 14.29 -46.98 20.20
C ARG B 124 15.53 -46.62 19.42
N PHE B 125 15.29 -45.78 18.40
CA PHE B 125 16.31 -45.18 17.56
C PHE B 125 16.48 -43.70 17.93
N ARG B 126 17.71 -43.20 17.78
CA ARG B 126 18.01 -41.82 18.10
C ARG B 126 18.93 -41.21 17.07
N PHE B 127 18.54 -40.04 16.59
CA PHE B 127 19.43 -39.24 15.75
C PHE B 127 19.54 -37.81 16.28
N LYS B 128 20.70 -37.20 16.01
CA LYS B 128 20.91 -35.82 16.40
C LYS B 128 21.81 -35.10 15.41
N ILE B 129 21.62 -33.79 15.33
CA ILE B 129 22.30 -32.94 14.36
C ILE B 129 22.95 -31.79 15.12
N THR B 130 24.28 -31.74 15.05
CA THR B 130 25.08 -30.79 15.84
C THR B 130 26.07 -29.96 15.02
N ASP B 131 26.58 -28.90 15.68
CA ASP B 131 27.67 -28.04 15.17
C ASP B 131 29.03 -28.61 15.60
N PRO B 132 29.84 -29.10 14.64
CA PRO B 132 31.12 -29.69 15.00
C PRO B 132 32.09 -28.62 15.54
N ASN B 133 32.01 -27.42 14.97
CA ASN B 133 32.94 -26.33 15.31
C ASN B 133 32.45 -25.42 16.44
N ASN B 134 31.60 -25.95 17.32
CA ASN B 134 31.07 -25.19 18.45
C ASN B 134 30.14 -26.08 19.29
N ARG B 135 30.32 -26.06 20.61
CA ARG B 135 29.41 -26.77 21.52
C ARG B 135 28.12 -25.95 21.73
N ARG B 136 27.06 -26.34 21.03
CA ARG B 136 25.76 -25.71 21.20
C ARG B 136 25.07 -26.24 22.48
N TYR B 137 24.07 -25.52 22.99
CA TYR B 137 23.34 -25.94 24.19
C TYR B 137 22.65 -27.28 23.95
N GLU B 138 22.84 -28.20 24.89
CA GLU B 138 22.14 -29.50 24.87
C GLU B 138 21.47 -29.63 26.22
N VAL B 139 20.21 -30.03 26.22
CA VAL B 139 19.42 -30.15 27.46
C VAL B 139 20.20 -31.02 28.44
N PRO B 140 20.56 -30.47 29.62
CA PRO B 140 21.28 -31.24 30.63
C PRO B 140 20.26 -32.02 31.48
N HIS B 141 19.63 -33.02 30.85
CA HIS B 141 18.65 -33.88 31.52
C HIS B 141 19.25 -34.57 32.75
N GLN B 142 18.40 -34.90 33.71
CA GLN B 142 18.91 -35.49 34.94
C GLN B 142 18.82 -36.98 34.99
N TYR B 143 18.20 -37.57 33.98
CA TYR B 143 18.02 -39.01 33.95
C TYR B 143 18.59 -39.56 32.67
N VAL B 144 18.16 -39.01 31.53
CA VAL B 144 18.60 -39.49 30.23
C VAL B 144 20.13 -39.65 30.22
N LYS B 145 20.58 -40.90 30.22
CA LYS B 145 22.02 -41.22 30.28
C LYS B 145 22.68 -41.15 28.89
N GLU B 146 23.97 -40.78 28.83
CA GLU B 146 24.73 -40.85 27.57
C GLU B 146 24.87 -42.31 27.13
N PHE B 147 24.75 -42.56 25.83
CA PHE B 147 24.83 -43.91 25.30
C PHE B 147 26.14 -44.11 24.52
N THR B 148 26.78 -45.27 24.71
CA THR B 148 28.04 -45.59 24.00
C THR B 148 28.09 -47.04 23.48
N GLY B 149 27.26 -47.90 24.07
CA GLY B 149 27.19 -49.31 23.70
C GLY B 149 26.31 -50.04 24.70
N PRO B 150 26.19 -51.38 24.55
CA PRO B 150 26.80 -52.14 23.44
C PRO B 150 25.93 -52.06 22.19
N THR B 151 26.50 -52.44 21.06
CA THR B 151 25.80 -52.41 19.78
C THR B 151 24.65 -53.40 19.80
N VAL B 152 23.45 -52.90 19.53
CA VAL B 152 22.27 -53.77 19.40
C VAL B 152 22.16 -54.23 17.96
N SER B 153 22.07 -55.54 17.77
CA SER B 153 21.78 -56.08 16.45
C SER B 153 20.39 -56.74 16.46
N ASP B 154 19.73 -56.78 15.28
CA ASP B 154 18.32 -57.18 15.15
C ASP B 154 17.38 -56.19 15.85
N THR B 155 17.13 -55.07 15.18
CA THR B 155 16.25 -54.01 15.68
C THR B 155 14.93 -54.05 14.90
N LEU B 156 13.88 -53.47 15.47
CA LEU B 156 12.57 -53.48 14.81
C LEU B 156 12.45 -52.40 13.71
N TYR B 157 13.34 -51.42 13.78
CA TYR B 157 13.38 -50.31 12.84
C TYR B 157 14.49 -50.45 11.82
N ASP B 158 14.51 -49.51 10.88
CA ASP B 158 15.36 -49.59 9.70
C ASP B 158 15.61 -48.17 9.16
N VAL B 159 16.86 -47.75 9.12
CA VAL B 159 17.18 -46.35 8.84
C VAL B 159 17.85 -46.14 7.48
N LYS B 160 17.08 -45.72 6.47
CA LYS B 160 17.63 -45.30 5.18
C LYS B 160 17.94 -43.77 5.25
N VAL B 161 19.09 -43.37 4.69
CA VAL B 161 19.53 -41.97 4.71
C VAL B 161 19.86 -41.46 3.30
N ALA B 162 18.94 -40.71 2.69
CA ALA B 162 19.12 -40.12 1.36
C ALA B 162 20.29 -39.13 1.34
N GLN B 163 20.88 -38.97 0.16
CA GLN B 163 22.18 -38.29 -0.02
C GLN B 163 22.10 -36.83 -0.54
N ASN B 164 21.28 -36.63 -1.58
CA ASN B 164 21.10 -35.30 -2.18
C ASN B 164 19.64 -35.09 -2.56
N PRO B 165 18.89 -34.33 -1.75
CA PRO B 165 19.36 -33.72 -0.51
C PRO B 165 19.27 -34.68 0.67
N PHE B 166 19.98 -34.34 1.76
CA PHE B 166 19.90 -35.13 2.98
C PHE B 166 18.47 -35.29 3.48
N SER B 167 18.14 -36.52 3.87
CA SER B 167 16.92 -36.77 4.62
C SER B 167 16.95 -38.14 5.28
N ILE B 168 16.41 -38.20 6.49
CA ILE B 168 16.33 -39.46 7.21
C ILE B 168 14.96 -40.10 7.03
N GLN B 169 14.94 -41.43 7.12
CA GLN B 169 13.76 -42.23 6.85
C GLN B 169 13.76 -43.49 7.72
N VAL B 170 12.82 -43.57 8.66
CA VAL B 170 12.78 -44.65 9.63
C VAL B 170 11.63 -45.59 9.27
N ILE B 171 11.94 -46.87 9.14
CA ILE B 171 10.99 -47.86 8.65
C ILE B 171 10.85 -49.02 9.62
N ARG B 172 9.61 -49.47 9.83
CA ARG B 172 9.33 -50.66 10.65
C ARG B 172 9.53 -51.84 9.73
N LYS B 173 10.59 -52.63 9.98
CA LYS B 173 10.94 -53.69 9.00
C LYS B 173 9.91 -54.81 8.95
N SER B 174 9.47 -55.24 10.13
CA SER B 174 8.31 -56.13 10.24
C SER B 174 7.41 -56.12 8.97
N ASN B 175 6.92 -54.94 8.59
CA ASN B 175 5.94 -54.79 7.49
C ASN B 175 6.32 -53.74 6.43
N GLY B 176 7.50 -53.16 6.57
CA GLY B 176 8.03 -52.20 5.61
C GLY B 176 7.40 -50.80 5.61
N LYS B 177 6.44 -50.58 6.49
CA LYS B 177 5.78 -49.26 6.56
C LYS B 177 6.74 -48.18 7.05
N THR B 178 6.82 -47.06 6.32
CA THR B 178 7.74 -46.01 6.71
C THR B 178 7.09 -45.01 7.66
N LEU B 179 7.76 -44.80 8.79
CA LEU B 179 7.22 -44.07 9.93
C LEU B 179 7.55 -42.58 9.94
N PHE B 180 8.80 -42.25 9.69
CA PHE B 180 9.29 -40.89 9.90
C PHE B 180 10.06 -40.46 8.66
N ASP B 181 9.48 -39.59 7.86
CA ASP B 181 10.04 -39.29 6.53
C ASP B 181 10.41 -37.81 6.37
N THR B 182 11.70 -37.51 6.57
CA THR B 182 12.26 -36.16 6.49
C THR B 182 12.35 -35.63 5.04
N SER B 183 12.33 -36.53 4.07
CA SER B 183 12.52 -36.15 2.66
C SER B 183 11.56 -35.08 2.14
N ILE B 184 10.55 -34.77 2.94
CA ILE B 184 9.43 -33.94 2.50
C ILE B 184 9.72 -32.43 2.46
N GLY B 185 10.81 -32.02 3.09
CA GLY B 185 11.16 -30.62 3.22
C GLY B 185 12.62 -30.45 3.60
N PRO B 186 13.05 -29.22 3.84
CA PRO B 186 14.47 -28.98 4.06
C PRO B 186 14.90 -29.29 5.50
N LEU B 187 16.20 -29.32 5.73
CA LEU B 187 16.71 -29.15 7.08
C LEU B 187 17.21 -27.72 7.13
N VAL B 188 16.83 -26.97 8.15
CA VAL B 188 17.34 -25.62 8.30
C VAL B 188 18.01 -25.58 9.66
N TYR B 189 19.31 -25.32 9.67
CA TYR B 189 20.08 -25.28 10.90
C TYR B 189 20.84 -23.96 10.96
N SER B 190 20.23 -23.00 11.64
CA SER B 190 20.85 -21.71 11.88
C SER B 190 20.87 -21.47 13.38
N ASP B 191 21.79 -20.63 13.81
CA ASP B 191 22.02 -20.36 15.21
C ASP B 191 20.75 -20.14 16.06
N GLN B 192 19.75 -19.46 15.52
CA GLN B 192 18.50 -19.25 16.29
C GLN B 192 17.21 -19.70 15.56
N TYR B 193 17.35 -20.44 14.47
CA TYR B 193 16.21 -21.09 13.84
C TYR B 193 16.58 -22.49 13.37
N LEU B 194 15.82 -23.48 13.86
CA LEU B 194 16.04 -24.88 13.50
C LEU B 194 14.76 -25.40 12.89
N GLN B 195 14.84 -26.07 11.76
CA GLN B 195 13.64 -26.58 11.13
C GLN B 195 13.84 -27.95 10.49
N ILE B 196 12.91 -28.84 10.79
CA ILE B 196 12.85 -30.16 10.18
C ILE B 196 11.40 -30.61 10.14
N SER B 197 11.03 -31.30 9.07
CA SER B 197 9.66 -31.80 8.88
C SER B 197 9.64 -33.31 8.67
N ALA B 198 8.53 -33.95 9.04
CA ALA B 198 8.41 -35.41 8.91
C ALA B 198 7.02 -35.83 8.43
N ARG B 199 6.99 -36.68 7.40
CA ARG B 199 5.74 -37.27 6.94
C ARG B 199 5.41 -38.50 7.76
N LEU B 200 4.16 -38.56 8.26
CA LEU B 200 3.69 -39.67 9.10
C LEU B 200 2.76 -40.62 8.34
N PRO B 201 2.74 -41.91 8.74
CA PRO B 201 1.98 -42.92 8.01
C PRO B 201 0.48 -42.88 8.23
N SER B 202 -0.01 -42.36 9.36
CA SER B 202 -1.46 -42.27 9.55
C SER B 202 -1.95 -40.90 10.04
N ASP B 203 -3.28 -40.74 10.16
CA ASP B 203 -3.86 -39.46 10.50
C ASP B 203 -4.14 -39.32 12.00
N TYR B 204 -3.60 -40.22 12.79
CA TYR B 204 -3.91 -40.26 14.21
C TYR B 204 -2.72 -39.95 15.11
N ILE B 205 -2.68 -38.70 15.58
CA ILE B 205 -1.58 -38.16 16.38
C ILE B 205 -2.10 -37.71 17.74
N TYR B 206 -1.37 -38.03 18.80
CA TYR B 206 -1.78 -37.72 20.19
C TYR B 206 -0.62 -37.11 20.96
N GLY B 207 -0.88 -36.04 21.70
CA GLY B 207 0.16 -35.49 22.58
C GLY B 207 0.54 -34.07 22.29
N ILE B 208 1.76 -33.69 22.68
CA ILE B 208 2.23 -32.30 22.66
C ILE B 208 1.56 -31.49 23.80
N GLY B 209 2.33 -30.63 24.46
CA GLY B 209 1.81 -29.88 25.60
C GLY B 209 2.81 -28.83 26.05
N GLU B 210 2.41 -28.00 27.01
CA GLU B 210 1.08 -28.00 27.58
C GLU B 210 0.22 -26.96 26.89
N GLN B 211 -0.87 -27.41 26.26
CA GLN B 211 -1.84 -26.52 25.62
C GLN B 211 -3.24 -27.03 25.89
N VAL B 212 -4.26 -26.23 25.59
CA VAL B 212 -5.63 -26.73 25.62
C VAL B 212 -5.96 -27.27 24.21
N HIS B 213 -5.99 -28.60 24.09
CA HIS B 213 -6.31 -29.22 22.80
C HIS B 213 -7.79 -29.44 22.56
N LYS B 214 -8.57 -29.53 23.64
CA LYS B 214 -10.03 -29.79 23.61
C LYS B 214 -10.36 -31.23 23.17
N ARG B 215 -9.64 -31.71 22.16
CA ARG B 215 -9.88 -33.02 21.62
C ARG B 215 -8.57 -33.76 21.75
N PHE B 216 -8.65 -35.06 22.06
CA PHE B 216 -7.48 -35.87 22.32
C PHE B 216 -6.72 -36.18 21.04
N ARG B 217 -7.43 -36.57 19.99
CA ARG B 217 -6.76 -36.81 18.71
C ARG B 217 -6.71 -35.50 17.94
N HIS B 218 -5.54 -35.20 17.39
CA HIS B 218 -5.25 -33.90 16.81
C HIS B 218 -6.03 -33.56 15.55
N ASP B 219 -6.49 -32.31 15.51
CA ASP B 219 -6.97 -31.74 14.27
C ASP B 219 -5.71 -31.55 13.42
N LEU B 220 -5.76 -32.02 12.18
CA LEU B 220 -4.62 -31.95 11.27
C LEU B 220 -4.69 -30.72 10.37
N SER B 221 -5.74 -29.93 10.52
CA SER B 221 -6.02 -28.88 9.56
C SER B 221 -5.23 -27.58 9.78
N TRP B 222 -3.92 -27.63 9.52
CA TRP B 222 -3.01 -26.47 9.58
C TRP B 222 -2.98 -25.75 10.93
N LYS B 223 -2.48 -26.43 11.96
CA LYS B 223 -2.51 -25.93 13.34
C LYS B 223 -1.11 -25.73 13.92
N THR B 224 -0.87 -24.57 14.54
CA THR B 224 0.36 -24.30 15.30
C THR B 224 0.15 -24.55 16.79
N TRP B 225 1.16 -25.17 17.41
CA TRP B 225 1.22 -25.40 18.87
C TRP B 225 2.57 -24.90 19.42
N PRO B 226 2.55 -23.73 20.06
CA PRO B 226 3.79 -23.18 20.62
C PRO B 226 4.15 -23.83 21.96
N ILE B 227 5.41 -24.19 22.11
CA ILE B 227 5.86 -24.77 23.38
C ILE B 227 6.91 -23.88 24.04
N PHE B 228 6.57 -23.43 25.26
CA PHE B 228 7.44 -22.56 26.05
C PHE B 228 6.75 -22.33 27.36
N THR B 229 7.44 -22.68 28.43
CA THR B 229 6.90 -22.67 29.77
C THR B 229 6.35 -21.29 30.13
N ARG B 230 5.11 -21.24 30.61
CA ARG B 230 4.41 -19.95 30.79
C ARG B 230 3.24 -19.94 31.77
N ASP B 231 3.15 -18.88 32.59
CA ASP B 231 2.03 -18.66 33.49
C ASP B 231 0.88 -17.99 32.72
N GLN B 232 -0.26 -18.68 32.66
CA GLN B 232 -1.39 -18.22 31.85
C GLN B 232 -2.65 -19.03 32.17
N LEU B 233 -3.79 -18.36 32.36
CA LEU B 233 -5.05 -19.10 32.50
C LEU B 233 -5.31 -19.93 31.23
N PRO B 234 -5.54 -21.25 31.38
CA PRO B 234 -5.95 -22.06 30.23
C PRO B 234 -7.30 -21.60 29.70
N GLY B 235 -7.40 -21.45 28.37
CA GLY B 235 -8.63 -21.00 27.74
C GLY B 235 -8.78 -21.62 26.37
N ASP B 236 -9.76 -21.16 25.60
CA ASP B 236 -9.99 -21.69 24.25
C ASP B 236 -9.06 -21.08 23.21
N ASN B 237 -7.79 -21.51 23.22
CA ASN B 237 -6.80 -20.99 22.27
C ASN B 237 -5.60 -21.89 22.25
N ASN B 238 -4.58 -21.50 21.47
CA ASN B 238 -3.37 -22.29 21.36
C ASN B 238 -2.22 -21.69 22.17
N ASN B 239 -2.52 -20.95 23.23
CA ASN B 239 -1.44 -20.48 24.09
C ASN B 239 -0.58 -21.61 24.66
N ASN B 240 0.72 -21.37 24.66
CA ASN B 240 1.68 -22.16 25.43
C ASN B 240 1.37 -22.00 26.91
N LEU B 241 1.24 -23.12 27.61
CA LEU B 241 0.97 -23.06 29.05
C LEU B 241 2.12 -23.59 29.92
N TYR B 242 1.75 -24.11 31.08
CA TYR B 242 2.67 -24.30 32.19
C TYR B 242 3.84 -25.23 31.88
N GLY B 243 3.57 -26.33 31.18
CA GLY B 243 4.59 -27.33 30.93
C GLY B 243 5.16 -27.33 29.54
N HIS B 244 6.25 -28.05 29.37
CA HIS B 244 6.98 -28.14 28.11
C HIS B 244 7.21 -29.61 27.72
N GLN B 245 6.29 -30.15 26.90
CA GLN B 245 6.29 -31.58 26.49
C GLN B 245 6.21 -31.76 24.96
N THR B 246 7.29 -32.22 24.35
CA THR B 246 7.34 -32.33 22.89
C THR B 246 6.96 -33.72 22.40
N PHE B 247 6.66 -34.61 23.33
CA PHE B 247 6.35 -35.99 22.97
C PHE B 247 4.98 -36.13 22.32
N PHE B 248 4.96 -36.73 21.14
CA PHE B 248 3.69 -37.18 20.59
C PHE B 248 3.79 -38.63 20.15
N MET B 249 2.62 -39.23 20.01
CA MET B 249 2.48 -40.62 19.72
C MET B 249 1.53 -40.75 18.56
N CYS B 250 1.63 -41.87 17.86
CA CYS B 250 0.88 -42.06 16.63
C CYS B 250 0.61 -43.55 16.35
N ILE B 251 -0.64 -43.87 16.03
CA ILE B 251 -1.04 -45.26 15.83
C ILE B 251 -1.17 -45.59 14.35
N GLU B 252 -0.42 -46.60 13.89
CA GLU B 252 -0.27 -46.88 12.45
C GLU B 252 -1.48 -47.57 11.84
N ASP B 253 -1.97 -48.61 12.51
CA ASP B 253 -3.07 -49.41 11.97
C ASP B 253 -3.86 -50.16 13.05
N THR B 254 -4.84 -50.94 12.58
CA THR B 254 -5.76 -51.67 13.41
C THR B 254 -5.12 -52.77 14.30
N SER B 255 -3.94 -53.27 13.92
CA SER B 255 -3.23 -54.28 14.72
C SER B 255 -2.63 -53.69 16.02
N GLY B 256 -2.61 -52.37 16.12
CA GLY B 256 -2.16 -51.71 17.33
C GLY B 256 -0.76 -51.17 17.22
N LYS B 257 -0.12 -51.45 16.09
CA LYS B 257 1.26 -51.02 15.85
C LYS B 257 1.33 -49.50 15.90
N SER B 258 2.22 -48.99 16.74
CA SER B 258 2.34 -47.55 16.95
C SER B 258 3.79 -47.12 17.13
N PHE B 259 4.02 -45.80 17.04
CA PHE B 259 5.32 -45.22 17.37
C PHE B 259 5.18 -43.86 18.05
N GLY B 260 6.30 -43.38 18.59
CA GLY B 260 6.35 -42.10 19.28
C GLY B 260 7.52 -41.30 18.76
N VAL B 261 7.43 -39.98 18.86
CA VAL B 261 8.51 -39.07 18.47
C VAL B 261 8.77 -38.05 19.58
N PHE B 262 9.98 -38.12 20.14
CA PHE B 262 10.36 -37.18 21.18
C PHE B 262 11.57 -36.34 20.79
N LEU B 263 11.40 -35.02 20.92
CA LEU B 263 12.46 -34.06 20.63
C LEU B 263 12.99 -33.49 21.93
N MET B 264 14.27 -33.74 22.19
CA MET B 264 14.90 -33.30 23.43
C MET B 264 15.52 -31.92 23.20
N ASN B 265 14.75 -30.87 23.51
CA ASN B 265 15.17 -29.49 23.29
C ASN B 265 14.29 -28.58 24.15
N SER B 266 14.92 -27.66 24.88
CA SER B 266 14.14 -26.86 25.84
C SER B 266 13.99 -25.38 25.48
N ASN B 267 14.31 -25.05 24.22
CA ASN B 267 14.12 -23.69 23.69
C ASN B 267 12.68 -23.47 23.30
N ALA B 268 12.27 -22.19 23.20
CA ALA B 268 10.96 -21.86 22.63
C ALA B 268 10.83 -22.48 21.25
N MET B 269 9.64 -22.99 20.94
CA MET B 269 9.39 -23.65 19.66
C MET B 269 7.91 -23.72 19.25
N GLU B 270 7.70 -23.98 17.96
CA GLU B 270 6.39 -24.27 17.40
C GLU B 270 6.40 -25.69 16.85
N ILE B 271 5.35 -26.45 17.15
CA ILE B 271 5.09 -27.66 16.38
C ILE B 271 3.86 -27.39 15.50
N PHE B 272 4.05 -27.59 14.20
CA PHE B 272 3.02 -27.29 13.23
C PHE B 272 2.57 -28.60 12.59
N ILE B 273 1.25 -28.83 12.58
CA ILE B 273 0.66 -30.03 12.00
C ILE B 273 -0.19 -29.66 10.77
N GLN B 274 0.01 -30.37 9.66
CA GLN B 274 -0.74 -30.13 8.43
C GLN B 274 -1.11 -31.45 7.77
N PRO B 275 -2.13 -31.44 6.89
CA PRO B 275 -2.65 -32.68 6.36
C PRO B 275 -1.65 -33.50 5.55
N THR B 276 -1.81 -34.83 5.60
CA THR B 276 -1.00 -35.88 4.94
C THR B 276 -0.71 -37.05 5.91
N PRO B 277 -0.30 -36.77 7.17
CA PRO B 277 0.10 -35.52 7.79
C PRO B 277 1.63 -35.30 7.81
N ILE B 278 2.03 -34.03 7.82
CA ILE B 278 3.42 -33.64 7.94
C ILE B 278 3.57 -32.72 9.17
N VAL B 279 4.37 -33.15 10.12
CA VAL B 279 4.63 -32.37 11.31
C VAL B 279 5.97 -31.63 11.14
N THR B 280 6.01 -30.37 11.56
CA THR B 280 7.16 -29.51 11.35
C THR B 280 7.59 -28.87 12.67
N TYR B 281 8.88 -28.96 12.97
CA TYR B 281 9.44 -28.33 14.17
C TYR B 281 10.18 -27.06 13.77
N ARG B 282 9.81 -25.95 14.42
CA ARG B 282 10.48 -24.68 14.27
C ARG B 282 10.95 -24.29 15.66
N VAL B 283 12.25 -24.26 15.86
CA VAL B 283 12.80 -24.09 17.20
C VAL B 283 13.91 -23.01 17.24
N THR B 284 13.95 -22.26 18.36
CA THR B 284 14.70 -21.01 18.47
C THR B 284 16.17 -21.12 18.93
N GLY B 285 16.60 -22.34 19.23
CA GLY B 285 17.98 -22.60 19.67
C GLY B 285 18.22 -24.08 19.93
N GLY B 286 19.30 -24.38 20.64
CA GLY B 286 19.69 -25.76 20.91
C GLY B 286 20.12 -26.56 19.68
N ILE B 287 19.97 -27.88 19.79
CA ILE B 287 20.23 -28.79 18.66
C ILE B 287 18.98 -29.57 18.33
N LEU B 288 19.07 -30.43 17.32
CA LEU B 288 17.97 -31.33 17.04
C LEU B 288 18.34 -32.69 17.62
N ASP B 289 17.58 -33.12 18.63
CA ASP B 289 17.86 -34.38 19.32
C ASP B 289 16.60 -35.23 19.35
N PHE B 290 16.44 -36.11 18.37
CA PHE B 290 15.20 -36.89 18.20
C PHE B 290 15.33 -38.33 18.66
N TYR B 291 14.33 -38.80 19.38
CA TYR B 291 14.21 -40.22 19.64
C TYR B 291 12.93 -40.69 18.97
N ILE B 292 13.01 -41.85 18.33
CA ILE B 292 11.85 -42.47 17.69
C ILE B 292 11.62 -43.85 18.32
N LEU B 293 10.40 -44.05 18.82
CA LEU B 293 10.09 -45.18 19.69
C LEU B 293 8.99 -46.07 19.12
N LEU B 294 9.35 -47.29 18.72
CA LEU B 294 8.39 -48.26 18.19
C LEU B 294 7.76 -49.11 19.27
N GLY B 295 6.53 -49.54 19.02
CA GLY B 295 5.81 -50.44 19.93
C GLY B 295 4.72 -51.28 19.27
N ASP B 296 4.37 -52.39 19.92
CA ASP B 296 3.30 -53.26 19.42
C ASP B 296 1.88 -52.76 19.69
N THR B 297 1.73 -52.01 20.79
CA THR B 297 0.47 -51.38 21.13
C THR B 297 0.75 -49.93 21.54
N PRO B 298 -0.28 -49.07 21.54
CA PRO B 298 -0.02 -47.74 22.07
C PRO B 298 0.50 -47.79 23.49
N GLU B 299 -0.02 -48.71 24.30
CA GLU B 299 0.44 -48.84 25.68
C GLU B 299 1.96 -49.02 25.73
N GLN B 300 2.47 -49.77 24.75
CA GLN B 300 3.87 -50.15 24.72
C GLN B 300 4.79 -48.97 24.39
N VAL B 301 4.30 -48.08 23.51
CA VAL B 301 5.03 -46.87 23.10
C VAL B 301 5.19 -45.93 24.29
N VAL B 302 4.10 -45.68 25.00
CA VAL B 302 4.15 -44.88 26.22
C VAL B 302 5.14 -45.47 27.21
N GLN B 303 5.19 -46.80 27.29
CA GLN B 303 6.13 -47.50 28.17
C GLN B 303 7.56 -47.21 27.73
N GLN B 304 7.77 -47.32 26.43
CA GLN B 304 9.08 -47.09 25.85
C GLN B 304 9.57 -45.67 26.11
N TYR B 305 8.64 -44.72 26.09
CA TYR B 305 9.00 -43.33 26.31
C TYR B 305 9.46 -43.17 27.74
N GLN B 306 8.70 -43.72 28.68
CA GLN B 306 9.06 -43.63 30.10
C GLN B 306 10.36 -44.34 30.45
N GLN B 307 10.64 -45.42 29.71
CA GLN B 307 11.91 -46.16 29.85
C GLN B 307 13.03 -45.15 29.61
N LEU B 308 12.99 -44.47 28.46
CA LEU B 308 13.99 -43.47 28.09
C LEU B 308 14.11 -42.30 29.07
N VAL B 309 12.97 -41.74 29.44
CA VAL B 309 12.96 -40.46 30.12
C VAL B 309 12.97 -40.57 31.65
N GLY B 310 12.43 -41.68 32.16
CA GLY B 310 12.31 -41.91 33.61
C GLY B 310 10.92 -42.40 33.98
N LEU B 311 10.86 -43.43 34.82
CA LEU B 311 9.58 -43.98 35.24
C LEU B 311 9.04 -43.13 36.37
N PRO B 312 7.70 -42.99 36.45
CA PRO B 312 7.11 -42.07 37.44
C PRO B 312 7.38 -42.50 38.87
N ALA B 313 7.41 -41.55 39.78
CA ALA B 313 7.56 -41.87 41.20
C ALA B 313 6.31 -42.63 41.66
N MET B 314 6.52 -43.57 42.59
CA MET B 314 5.39 -44.26 43.22
C MET B 314 4.86 -43.30 44.29
N PRO B 315 3.57 -42.98 44.25
CA PRO B 315 3.06 -42.02 45.23
C PRO B 315 2.92 -42.65 46.61
N ALA B 316 2.73 -41.84 47.63
CA ALA B 316 2.29 -42.37 48.92
C ALA B 316 0.79 -42.66 48.78
N TYR B 317 0.32 -43.73 49.44
CA TYR B 317 -1.09 -44.11 49.40
C TYR B 317 -1.99 -42.90 49.70
N TRP B 318 -1.66 -42.10 50.73
CA TRP B 318 -2.48 -40.91 51.08
C TRP B 318 -2.54 -39.82 49.98
N ASN B 319 -1.58 -39.82 49.05
CA ASN B 319 -1.67 -38.93 47.90
C ASN B 319 -2.97 -39.12 47.10
N LEU B 320 -3.51 -40.34 47.17
CA LEU B 320 -4.65 -40.70 46.37
C LEU B 320 -5.96 -40.29 47.04
N GLY B 321 -5.88 -39.91 48.31
CA GLY B 321 -7.05 -39.43 49.05
C GLY B 321 -7.50 -38.06 48.58
N PHE B 322 -8.78 -37.74 48.81
CA PHE B 322 -9.37 -36.47 48.37
C PHE B 322 -8.80 -35.28 49.12
N GLN B 323 -8.62 -34.16 48.42
CA GLN B 323 -8.04 -32.95 49.02
C GLN B 323 -8.97 -31.79 48.89
N LEU B 324 -9.03 -30.99 49.96
CA LEU B 324 -9.78 -29.74 49.96
C LEU B 324 -8.80 -28.57 50.02
N SER B 325 -9.18 -27.49 49.35
CA SER B 325 -8.29 -26.35 49.15
C SER B 325 -9.05 -25.14 48.59
N ARG B 326 -8.48 -23.96 48.81
CA ARG B 326 -8.91 -22.74 48.15
C ARG B 326 -7.85 -21.68 48.31
N TRP B 327 -7.78 -20.79 47.33
CA TRP B 327 -7.00 -19.59 47.46
C TRP B 327 -7.78 -18.61 48.32
N ASN B 328 -7.10 -18.14 49.37
CA ASN B 328 -7.62 -17.16 50.31
C ASN B 328 -8.85 -17.65 51.11
N TYR B 329 -8.56 -18.37 52.20
CA TYR B 329 -9.55 -18.67 53.24
C TYR B 329 -9.69 -17.44 54.15
N LYS B 330 -8.72 -16.53 54.02
CA LYS B 330 -8.62 -15.27 54.80
C LYS B 330 -8.10 -15.49 56.25
N SER B 331 -8.60 -16.52 56.93
CA SER B 331 -8.20 -16.80 58.33
C SER B 331 -8.35 -18.28 58.73
N LEU B 332 -7.54 -18.67 59.72
CA LEU B 332 -7.55 -20.04 60.26
C LEU B 332 -8.92 -20.49 60.76
N ASP B 333 -9.73 -19.53 61.19
CA ASP B 333 -11.09 -19.82 61.67
C ASP B 333 -11.98 -20.36 60.55
N VAL B 334 -11.87 -19.74 59.37
CA VAL B 334 -12.62 -20.16 58.21
C VAL B 334 -12.10 -21.54 57.74
N VAL B 335 -10.78 -21.71 57.67
CA VAL B 335 -10.20 -23.03 57.40
C VAL B 335 -10.87 -24.09 58.31
N LYS B 336 -10.84 -23.82 59.62
CA LYS B 336 -11.41 -24.69 60.64
C LYS B 336 -12.88 -25.03 60.37
N GLU B 337 -13.68 -23.99 60.11
CA GLU B 337 -15.11 -24.16 59.86
C GLU B 337 -15.34 -25.10 58.66
N VAL B 338 -14.50 -24.95 57.63
CA VAL B 338 -14.61 -25.77 56.42
C VAL B 338 -14.31 -27.23 56.74
N VAL B 339 -13.22 -27.44 57.49
CA VAL B 339 -12.83 -28.78 57.91
C VAL B 339 -13.95 -29.49 58.68
N ARG B 340 -14.48 -28.83 59.73
CA ARG B 340 -15.46 -29.49 60.57
C ARG B 340 -16.82 -29.72 59.90
N ARG B 341 -17.22 -28.84 58.98
CA ARG B 341 -18.52 -29.02 58.31
C ARG B 341 -18.48 -30.18 57.30
N ASN B 342 -17.29 -30.47 56.80
CA ASN B 342 -17.09 -31.57 55.86
C ASN B 342 -16.93 -32.94 56.54
N ARG B 343 -16.19 -32.97 57.65
CA ARG B 343 -16.07 -34.15 58.50
C ARG B 343 -17.47 -34.60 58.91
N GLU B 344 -18.29 -33.62 59.30
CA GLU B 344 -19.68 -33.83 59.72
C GLU B 344 -20.58 -34.39 58.61
N ALA B 345 -20.33 -33.97 57.37
CA ALA B 345 -21.12 -34.43 56.23
C ALA B 345 -20.67 -35.81 55.75
N GLY B 346 -19.62 -36.34 56.40
CA GLY B 346 -19.14 -37.71 56.14
C GLY B 346 -18.37 -37.86 54.84
N ILE B 347 -17.89 -36.72 54.32
CA ILE B 347 -17.10 -36.67 53.10
C ILE B 347 -15.70 -37.26 53.35
N PRO B 348 -15.32 -38.28 52.55
CA PRO B 348 -13.96 -38.83 52.68
C PRO B 348 -12.95 -37.85 52.15
N PHE B 349 -12.06 -37.37 53.01
CA PHE B 349 -10.95 -36.55 52.54
C PHE B 349 -9.73 -36.65 53.42
N ASP B 350 -8.59 -36.92 52.79
CA ASP B 350 -7.35 -37.19 53.50
C ASP B 350 -6.60 -35.94 53.86
N THR B 351 -6.58 -34.97 52.97
CA THR B 351 -5.65 -33.86 53.12
C THR B 351 -6.31 -32.50 52.98
N GLN B 352 -5.74 -31.53 53.68
CA GLN B 352 -6.19 -30.16 53.65
C GLN B 352 -5.02 -29.33 53.12
N VAL B 353 -5.25 -28.66 51.98
CA VAL B 353 -4.24 -27.77 51.40
C VAL B 353 -4.50 -26.33 51.87
N THR B 354 -3.46 -25.51 51.83
CA THR B 354 -3.55 -24.14 52.37
C THR B 354 -2.73 -23.20 51.48
N ASP B 355 -3.41 -22.24 50.85
CA ASP B 355 -2.78 -21.37 49.85
C ASP B 355 -1.89 -20.32 50.50
N ILE B 356 -1.37 -19.37 49.69
CA ILE B 356 -0.44 -18.32 50.16
C ILE B 356 -0.96 -17.41 51.30
N ASP B 357 -2.28 -17.44 51.53
CA ASP B 357 -2.86 -16.71 52.65
C ASP B 357 -2.39 -17.21 54.05
N TYR B 358 -1.92 -18.46 54.15
CA TYR B 358 -1.38 -19.00 55.41
C TYR B 358 -0.11 -18.25 55.83
N MET B 359 0.64 -17.74 54.86
CA MET B 359 1.95 -17.12 55.13
C MET B 359 1.81 -15.70 55.68
N GLU B 360 2.91 -15.17 56.20
CA GLU B 360 2.96 -13.77 56.66
C GLU B 360 3.32 -12.87 55.48
N ASP B 361 2.37 -12.01 55.09
CA ASP B 361 2.50 -11.13 53.92
C ASP B 361 3.03 -11.91 52.68
N LYS B 362 2.47 -13.12 52.50
CA LYS B 362 2.80 -14.01 51.35
C LYS B 362 4.31 -14.31 51.18
N LYS B 363 5.06 -14.32 52.29
CA LYS B 363 6.48 -14.68 52.28
C LYS B 363 6.69 -16.19 52.54
N ASP B 364 7.47 -16.84 51.68
CA ASP B 364 7.82 -18.25 51.87
C ASP B 364 8.40 -18.52 53.27
N PHE B 365 8.05 -19.68 53.84
CA PHE B 365 8.64 -20.16 55.12
C PHE B 365 8.31 -19.32 56.39
N THR B 366 7.16 -18.67 56.37
CA THR B 366 6.65 -17.96 57.52
C THR B 366 5.19 -18.36 57.65
N TYR B 367 4.52 -17.92 58.71
CA TYR B 367 3.07 -18.00 58.74
C TYR B 367 2.50 -16.77 59.42
N ASP B 368 1.29 -16.39 59.04
CA ASP B 368 0.66 -15.20 59.59
C ASP B 368 0.28 -15.40 61.06
N GLN B 369 1.11 -14.83 61.94
CA GLN B 369 0.97 -15.01 63.39
C GLN B 369 -0.35 -14.39 63.94
N VAL B 370 -0.99 -13.53 63.15
CA VAL B 370 -2.26 -12.90 63.55
C VAL B 370 -3.50 -13.73 63.10
N ALA B 371 -3.84 -13.65 61.80
CA ALA B 371 -5.04 -14.30 61.25
C ALA B 371 -4.94 -15.83 61.20
N PHE B 372 -3.70 -16.35 61.14
CA PHE B 372 -3.51 -17.79 61.21
C PHE B 372 -2.87 -18.19 62.56
N ASN B 373 -3.30 -17.52 63.64
CA ASN B 373 -2.86 -17.87 65.03
C ASN B 373 -3.38 -19.25 65.45
N GLY B 374 -2.47 -20.07 65.95
CA GLY B 374 -2.82 -21.43 66.40
C GLY B 374 -2.65 -22.50 65.34
N LEU B 375 -1.87 -22.20 64.30
CA LEU B 375 -1.65 -23.13 63.17
C LEU B 375 -1.09 -24.51 63.62
N PRO B 376 0.01 -24.53 64.40
CA PRO B 376 0.59 -25.85 64.71
C PRO B 376 -0.33 -26.72 65.56
N GLN B 377 -1.22 -26.09 66.32
CA GLN B 377 -2.24 -26.82 67.10
C GLN B 377 -3.27 -27.44 66.15
N PHE B 378 -3.69 -26.66 65.16
CA PHE B 378 -4.62 -27.13 64.12
C PHE B 378 -4.03 -28.27 63.28
N VAL B 379 -2.78 -28.12 62.83
CA VAL B 379 -2.05 -29.20 62.17
C VAL B 379 -2.11 -30.45 63.04
N GLN B 380 -1.86 -30.29 64.34
CA GLN B 380 -1.99 -31.40 65.30
C GLN B 380 -3.40 -32.02 65.28
N ASP B 381 -4.45 -31.19 65.21
CA ASP B 381 -5.83 -31.69 65.12
C ASP B 381 -6.08 -32.49 63.85
N LEU B 382 -5.43 -32.08 62.76
CA LEU B 382 -5.54 -32.82 61.49
C LEU B 382 -4.91 -34.22 61.65
N HIS B 383 -3.66 -34.27 62.14
CA HIS B 383 -3.00 -35.55 62.43
C HIS B 383 -3.77 -36.46 63.39
N ASP B 384 -4.42 -35.84 64.40
CA ASP B 384 -5.24 -36.56 65.38
C ASP B 384 -6.42 -37.29 64.72
N HIS B 385 -6.87 -36.78 63.58
CA HIS B 385 -7.94 -37.43 62.82
C HIS B 385 -7.39 -38.29 61.68
N GLY B 386 -6.07 -38.44 61.65
CA GLY B 386 -5.40 -39.22 60.59
C GLY B 386 -5.41 -38.53 59.23
N GLN B 387 -5.43 -37.21 59.27
CA GLN B 387 -5.41 -36.40 58.05
C GLN B 387 -4.06 -35.76 57.84
N LYS B 388 -3.90 -35.19 56.65
CA LYS B 388 -2.61 -34.65 56.24
C LYS B 388 -2.70 -33.16 55.90
N TYR B 389 -1.55 -32.50 55.86
CA TYR B 389 -1.51 -31.08 55.65
C TYR B 389 -0.47 -30.70 54.59
N VAL B 390 -0.97 -30.08 53.52
CA VAL B 390 -0.10 -29.65 52.42
C VAL B 390 -0.04 -28.12 52.35
N ILE B 391 1.19 -27.61 52.24
CA ILE B 391 1.39 -26.18 52.08
C ILE B 391 1.96 -25.86 50.69
N ILE B 392 1.61 -24.66 50.20
CA ILE B 392 2.17 -24.15 48.95
C ILE B 392 3.56 -23.55 49.22
N LEU B 393 4.45 -23.65 48.24
CA LEU B 393 5.73 -22.95 48.27
C LEU B 393 6.02 -22.31 46.90
N ASP B 394 6.33 -21.02 46.90
CA ASP B 394 6.75 -20.36 45.66
C ASP B 394 8.27 -20.24 45.60
N PRO B 395 8.83 -20.20 44.38
CA PRO B 395 10.28 -20.12 44.28
C PRO B 395 10.80 -18.74 44.66
N ALA B 396 10.01 -17.70 44.37
CA ALA B 396 10.42 -16.31 44.58
C ALA B 396 10.59 -15.99 46.05
N ILE B 397 11.73 -15.40 46.40
CA ILE B 397 12.04 -15.05 47.78
C ILE B 397 12.09 -13.53 47.94
N SER B 398 11.28 -13.02 48.87
CA SER B 398 11.15 -11.57 49.09
C SER B 398 12.45 -10.87 49.52
N ILE B 399 12.80 -9.76 48.87
CA ILE B 399 13.96 -8.97 49.35
C ILE B 399 13.64 -8.16 50.63
N GLY B 400 12.36 -8.07 50.99
CA GLY B 400 11.93 -7.27 52.13
C GLY B 400 12.29 -7.78 53.53
N ARG B 401 11.75 -7.08 54.53
CA ARG B 401 11.91 -7.40 55.95
C ARG B 401 10.64 -8.11 56.46
N ARG B 402 10.78 -8.94 57.50
CA ARG B 402 9.62 -9.53 58.19
C ARG B 402 8.71 -8.44 58.81
N ALA B 403 7.53 -8.86 59.32
CA ALA B 403 6.50 -7.96 59.86
C ALA B 403 7.05 -6.98 60.94
N ASN B 404 7.34 -7.50 62.14
CA ASN B 404 7.99 -6.74 63.23
C ASN B 404 9.48 -6.31 62.93
N GLY B 405 9.74 -5.86 61.69
CA GLY B 405 11.02 -5.22 61.32
C GLY B 405 12.28 -6.08 61.28
N THR B 406 12.18 -7.34 61.75
CA THR B 406 13.35 -8.24 61.83
C THR B 406 13.87 -8.67 60.46
N THR B 407 15.17 -8.95 60.36
CA THR B 407 15.74 -9.57 59.15
C THR B 407 14.97 -10.87 58.80
N TYR B 408 14.65 -11.02 57.50
CA TYR B 408 13.98 -12.23 56.99
C TYR B 408 15.05 -13.31 56.71
N ALA B 409 15.07 -14.31 57.60
CA ALA B 409 16.15 -15.29 57.67
C ALA B 409 16.42 -16.06 56.34
N THR B 410 15.32 -16.38 55.64
CA THR B 410 15.37 -17.14 54.38
C THR B 410 16.17 -16.38 53.33
N TYR B 411 15.88 -15.08 53.23
CA TYR B 411 16.57 -14.16 52.32
C TYR B 411 18.03 -14.00 52.70
N GLU B 412 18.27 -13.78 54.00
CA GLU B 412 19.61 -13.57 54.53
C GLU B 412 20.53 -14.77 54.23
N ARG B 413 20.08 -15.97 54.58
CA ARG B 413 20.83 -17.19 54.29
C ARG B 413 21.06 -17.40 52.79
N GLY B 414 20.04 -17.03 51.98
CA GLY B 414 20.12 -17.10 50.52
C GLY B 414 21.31 -16.29 50.01
N ASN B 415 21.40 -15.05 50.50
CA ASN B 415 22.52 -14.16 50.17
C ASN B 415 23.86 -14.78 50.50
N THR B 416 23.98 -15.21 51.77
CA THR B 416 25.23 -15.77 52.29
C THR B 416 25.76 -16.88 51.36
N GLN B 417 24.87 -17.78 50.97
CA GLN B 417 25.28 -18.94 50.17
C GLN B 417 25.32 -18.68 48.66
N HIS B 418 24.89 -17.48 48.25
CA HIS B 418 24.90 -17.04 46.85
C HIS B 418 24.03 -17.95 45.97
N VAL B 419 22.76 -18.03 46.35
CA VAL B 419 21.82 -19.01 45.80
C VAL B 419 21.03 -18.48 44.58
N TRP B 420 21.13 -17.17 44.33
CA TRP B 420 20.23 -16.50 43.39
C TRP B 420 20.59 -16.61 41.92
N ILE B 421 19.63 -16.24 41.06
CA ILE B 421 19.85 -16.13 39.62
C ILE B 421 20.35 -14.72 39.33
N ASN B 422 21.47 -14.65 38.61
CA ASN B 422 22.13 -13.37 38.29
C ASN B 422 21.70 -12.78 36.93
N GLU B 423 21.89 -11.47 36.78
CA GLU B 423 21.76 -10.77 35.50
C GLU B 423 22.88 -11.19 34.56
N SER B 424 22.90 -10.62 33.37
CA SER B 424 23.86 -11.00 32.32
C SER B 424 25.33 -10.80 32.69
N ASP B 425 25.60 -9.87 33.61
CA ASP B 425 26.96 -9.70 34.18
C ASP B 425 27.44 -10.90 34.99
N GLY B 426 26.50 -11.64 35.58
CA GLY B 426 26.85 -12.85 36.33
C GLY B 426 27.20 -12.57 37.79
N SER B 427 26.74 -11.42 38.30
CA SER B 427 27.09 -10.98 39.65
C SER B 427 25.84 -10.47 40.37
N THR B 428 25.20 -9.47 39.77
CA THR B 428 24.03 -8.87 40.37
C THR B 428 22.86 -9.84 40.28
N PRO B 429 22.22 -10.14 41.42
CA PRO B 429 20.97 -10.91 41.38
C PRO B 429 19.82 -10.15 40.69
N ILE B 430 19.08 -10.87 39.85
CA ILE B 430 17.94 -10.29 39.12
C ILE B 430 16.74 -10.10 40.07
N ILE B 431 15.99 -9.04 39.85
CA ILE B 431 14.85 -8.73 40.71
C ILE B 431 13.55 -8.74 39.89
N GLY B 432 12.67 -9.69 40.22
CA GLY B 432 11.35 -9.78 39.62
C GLY B 432 10.35 -9.33 40.65
N GLU B 433 9.11 -9.77 40.47
CA GLU B 433 8.06 -9.48 41.42
C GLU B 433 7.02 -10.59 41.33
N VAL B 434 6.69 -11.16 42.49
CA VAL B 434 5.60 -12.11 42.59
C VAL B 434 4.71 -11.66 43.76
N TRP B 435 4.23 -12.62 44.55
CA TRP B 435 3.21 -12.34 45.58
C TRP B 435 3.58 -11.36 46.72
N PRO B 436 4.80 -11.47 47.28
CA PRO B 436 5.14 -10.50 48.34
C PRO B 436 5.84 -9.20 47.86
N GLY B 437 5.55 -8.77 46.63
CA GLY B 437 6.30 -7.65 46.01
C GLY B 437 7.64 -8.11 45.44
N LEU B 438 8.61 -7.19 45.37
CA LEU B 438 9.91 -7.49 44.75
C LEU B 438 10.56 -8.72 45.36
N THR B 439 11.20 -9.52 44.49
CA THR B 439 11.77 -10.83 44.85
C THR B 439 13.00 -11.20 44.04
N VAL B 440 13.80 -12.12 44.58
CA VAL B 440 14.91 -12.73 43.84
C VAL B 440 14.59 -14.20 43.53
N TYR B 441 15.33 -14.80 42.62
CA TYR B 441 14.99 -16.16 42.19
C TYR B 441 16.10 -17.16 42.47
N PRO B 442 15.75 -18.27 43.18
CA PRO B 442 16.69 -19.33 43.46
C PRO B 442 17.05 -20.10 42.19
N ASP B 443 18.35 -20.31 41.97
CA ASP B 443 18.85 -21.10 40.84
C ASP B 443 18.92 -22.59 41.22
N PHE B 444 17.80 -23.29 41.14
CA PHE B 444 17.71 -24.68 41.61
C PHE B 444 18.56 -25.68 40.83
N THR B 445 19.40 -25.17 39.93
CA THR B 445 20.30 -26.00 39.16
C THR B 445 21.68 -25.99 39.85
N ASN B 446 21.77 -25.15 40.87
CA ASN B 446 22.97 -25.00 41.70
C ASN B 446 22.93 -25.97 42.88
N PRO B 447 23.97 -26.84 42.99
CA PRO B 447 23.98 -27.79 44.11
C PRO B 447 23.93 -27.11 45.49
N ASN B 448 24.45 -25.89 45.58
CA ASN B 448 24.34 -25.07 46.81
C ASN B 448 22.92 -24.62 47.11
N CYS B 449 22.18 -24.38 46.02
CA CYS B 449 20.80 -23.94 46.12
C CYS B 449 19.90 -25.07 46.66
N ILE B 450 20.07 -26.29 46.12
CA ILE B 450 19.31 -27.46 46.59
C ILE B 450 19.53 -27.66 48.09
N ASP B 451 20.77 -27.48 48.54
CA ASP B 451 21.11 -27.52 49.96
C ASP B 451 20.39 -26.43 50.77
N TRP B 452 20.56 -25.18 50.34
CA TRP B 452 19.86 -24.04 50.94
C TRP B 452 18.34 -24.29 51.06
N TRP B 453 17.76 -24.85 49.99
CA TRP B 453 16.32 -25.13 49.90
C TRP B 453 15.90 -26.21 50.90
N ALA B 454 16.61 -27.35 50.81
CA ALA B 454 16.41 -28.48 51.72
C ALA B 454 16.45 -27.99 53.15
N ASN B 455 17.46 -27.18 53.46
CA ASN B 455 17.62 -26.60 54.77
C ASN B 455 16.41 -25.76 55.22
N GLU B 456 15.93 -24.90 54.32
CA GLU B 456 14.80 -24.00 54.61
C GLU B 456 13.52 -24.73 54.99
N CYS B 457 13.28 -25.87 54.33
CA CYS B 457 12.09 -26.70 54.55
C CYS B 457 12.17 -27.43 55.88
N SER B 458 13.42 -27.74 56.26
CA SER B 458 13.71 -28.48 57.48
C SER B 458 13.47 -27.60 58.69
N ILE B 459 14.02 -26.38 58.61
CA ILE B 459 13.84 -25.35 59.63
C ILE B 459 12.37 -25.02 59.78
N PHE B 460 11.67 -24.86 58.66
CA PHE B 460 10.27 -24.53 58.72
C PHE B 460 9.41 -25.68 59.28
N HIS B 461 9.79 -26.92 58.99
CA HIS B 461 8.96 -28.06 59.40
C HIS B 461 8.91 -28.20 60.92
N GLN B 462 9.98 -27.76 61.59
CA GLN B 462 10.05 -27.75 63.06
C GLN B 462 9.05 -26.76 63.66
N GLU B 463 8.70 -25.73 62.91
CA GLU B 463 7.76 -24.73 63.37
C GLU B 463 6.33 -25.13 63.00
N VAL B 464 6.17 -25.60 61.75
CA VAL B 464 4.88 -26.05 61.19
C VAL B 464 5.07 -27.43 60.57
N GLN B 465 4.35 -28.41 61.08
CA GLN B 465 4.57 -29.80 60.66
C GLN B 465 3.78 -30.23 59.40
N TYR B 466 4.12 -29.60 58.28
CA TYR B 466 3.55 -29.95 56.97
C TYR B 466 3.84 -31.40 56.60
N ASP B 467 2.97 -32.00 55.79
CA ASP B 467 3.14 -33.40 55.34
C ASP B 467 3.64 -33.53 53.90
N GLY B 468 3.38 -32.48 53.12
CA GLY B 468 3.68 -32.47 51.69
C GLY B 468 3.70 -31.06 51.14
N LEU B 469 4.37 -30.90 50.02
CA LEU B 469 4.59 -29.60 49.41
C LEU B 469 3.92 -29.47 48.04
N TRP B 470 3.53 -28.23 47.74
CA TRP B 470 2.94 -27.91 46.45
C TRP B 470 3.74 -26.74 45.91
N ILE B 471 4.64 -27.03 44.99
CA ILE B 471 5.47 -25.98 44.40
C ILE B 471 4.75 -25.32 43.22
N ASP B 472 4.47 -24.02 43.36
CA ASP B 472 3.73 -23.25 42.37
C ASP B 472 4.65 -22.22 41.69
N MET B 473 4.08 -21.40 40.78
CA MET B 473 4.84 -20.33 40.08
C MET B 473 6.16 -20.82 39.43
N ASN B 474 6.17 -22.13 39.19
CA ASN B 474 7.30 -22.86 38.65
C ASN B 474 7.86 -22.44 37.34
N GLU B 475 6.98 -22.00 36.43
CA GLU B 475 7.36 -21.53 35.09
C GLU B 475 8.58 -20.58 35.15
N VAL B 476 8.77 -20.05 36.37
CA VAL B 476 9.46 -18.80 36.73
C VAL B 476 8.55 -17.69 36.18
N SER B 477 7.46 -17.47 36.92
CA SER B 477 6.53 -16.37 36.66
C SER B 477 7.01 -15.09 37.37
N SER B 478 6.89 -13.96 36.68
CA SER B 478 7.10 -12.64 37.26
C SER B 478 5.89 -11.78 36.90
N PHE B 479 5.44 -10.97 37.86
CA PHE B 479 4.34 -10.04 37.62
C PHE B 479 4.78 -8.90 36.73
N ILE B 480 6.08 -8.60 36.73
CA ILE B 480 6.61 -7.59 35.82
C ILE B 480 7.38 -8.20 34.64
N GLN B 481 7.39 -7.49 33.51
CA GLN B 481 8.03 -8.01 32.29
C GLN B 481 9.55 -7.87 32.39
N GLY B 482 10.23 -9.00 32.45
CA GLY B 482 11.69 -9.05 32.37
C GLY B 482 12.38 -8.94 33.73
N SER B 483 12.61 -7.70 34.14
CA SER B 483 13.25 -7.43 35.42
C SER B 483 12.78 -6.09 35.98
N THR B 484 13.18 -5.84 37.22
CA THR B 484 12.92 -4.58 37.91
C THR B 484 13.39 -3.35 37.08
N LYS B 485 14.44 -3.55 36.28
CA LYS B 485 14.95 -2.49 35.44
C LYS B 485 14.88 -2.87 33.95
N GLY B 486 13.88 -3.67 33.59
CA GLY B 486 13.62 -4.05 32.18
C GLY B 486 14.68 -4.94 31.55
N CYS B 487 14.74 -4.94 30.22
CA CYS B 487 15.60 -5.87 29.47
C CYS B 487 16.56 -5.16 28.56
N ASN B 488 17.76 -5.73 28.43
CA ASN B 488 18.71 -5.29 27.41
C ASN B 488 18.16 -5.66 26.02
N VAL B 489 18.36 -4.79 25.04
CA VAL B 489 17.80 -4.98 23.70
C VAL B 489 18.79 -5.73 22.81
N ASN B 490 18.63 -7.05 22.75
CA ASN B 490 19.56 -7.93 22.00
C ASN B 490 18.88 -9.14 21.34
N LYS B 491 19.67 -9.90 20.58
CA LYS B 491 19.20 -11.11 19.90
C LYS B 491 18.53 -12.14 20.83
N LEU B 492 18.93 -12.18 22.08
CA LEU B 492 18.35 -13.12 23.02
C LEU B 492 16.98 -12.69 23.52
N ASN B 493 16.80 -11.38 23.73
CA ASN B 493 15.50 -10.90 24.16
C ASN B 493 14.52 -10.66 23.01
N TYR B 494 15.05 -10.29 21.84
CA TYR B 494 14.25 -10.04 20.66
C TYR B 494 14.78 -10.87 19.48
N PRO B 495 14.50 -12.19 19.52
CA PRO B 495 15.12 -13.15 18.60
C PRO B 495 14.62 -12.97 17.17
N PRO B 496 15.39 -13.46 16.17
CA PRO B 496 15.08 -13.24 14.75
C PRO B 496 13.75 -13.87 14.36
N PHE B 497 13.46 -15.02 14.96
CA PHE B 497 12.19 -15.73 14.78
C PHE B 497 11.55 -16.00 16.15
N THR B 498 10.34 -15.49 16.35
CA THR B 498 9.61 -15.78 17.55
C THR B 498 8.50 -16.74 17.13
N PRO B 499 8.37 -17.87 17.84
CA PRO B 499 7.20 -18.72 17.56
C PRO B 499 5.91 -18.11 18.17
N ASP B 500 4.78 -18.77 17.91
CA ASP B 500 3.47 -18.22 18.26
C ASP B 500 3.17 -18.20 19.76
N ILE B 501 4.18 -17.92 20.59
CA ILE B 501 3.97 -17.82 22.05
C ILE B 501 3.19 -16.58 22.37
N LEU B 502 2.33 -16.66 23.38
CA LEU B 502 1.50 -15.53 23.83
C LEU B 502 2.28 -14.22 23.96
N ASP B 503 1.67 -13.11 23.54
CA ASP B 503 2.33 -11.78 23.55
C ASP B 503 3.52 -11.66 22.59
N LYS B 504 3.89 -12.76 21.93
CA LYS B 504 5.02 -12.82 21.00
C LYS B 504 6.28 -12.10 21.56
N LEU B 505 6.48 -12.27 22.86
CA LEU B 505 7.52 -11.55 23.58
C LEU B 505 8.14 -12.46 24.64
N MET B 506 9.32 -12.99 24.34
CA MET B 506 9.98 -14.03 25.15
C MET B 506 9.91 -13.82 26.66
N TYR B 507 10.30 -12.63 27.12
CA TYR B 507 10.37 -12.31 28.55
C TYR B 507 9.01 -11.95 29.18
N SER B 508 7.94 -12.04 28.40
CA SER B 508 6.62 -11.70 28.95
C SER B 508 6.28 -12.62 30.12
N LYS B 509 5.89 -12.01 31.24
CA LYS B 509 5.48 -12.71 32.48
C LYS B 509 6.54 -13.70 33.01
N THR B 510 7.80 -13.33 32.81
CA THR B 510 8.95 -14.12 33.27
C THR B 510 10.21 -13.22 33.39
N ILE B 511 11.40 -13.80 33.33
CA ILE B 511 12.61 -13.01 33.56
C ILE B 511 13.42 -12.87 32.29
N CYS B 512 14.36 -11.92 32.30
CA CYS B 512 15.17 -11.61 31.13
C CYS B 512 15.88 -12.82 30.57
N MET B 513 15.92 -12.91 29.24
CA MET B 513 16.44 -14.09 28.55
C MET B 513 17.94 -14.21 28.60
N ASP B 514 18.62 -13.14 29.02
CA ASP B 514 20.09 -13.17 29.15
C ASP B 514 20.56 -13.44 30.59
N ALA B 515 19.60 -13.69 31.49
CA ALA B 515 19.91 -14.11 32.87
C ALA B 515 20.74 -15.41 32.91
N VAL B 516 21.71 -15.43 33.83
CA VAL B 516 22.63 -16.57 33.95
C VAL B 516 22.23 -17.50 35.09
N GLN B 517 22.22 -18.80 34.79
CA GLN B 517 22.03 -19.87 35.77
C GLN B 517 23.14 -20.88 35.57
N ASN B 518 23.31 -21.76 36.55
CA ASN B 518 24.37 -22.77 36.46
C ASN B 518 24.31 -23.70 35.20
N TRP B 519 23.10 -24.10 34.80
CA TRP B 519 22.94 -24.92 33.58
C TRP B 519 23.07 -24.11 32.29
N GLY B 520 22.92 -22.79 32.38
CA GLY B 520 23.06 -21.93 31.21
C GLY B 520 22.24 -20.65 31.23
N LYS B 521 22.16 -20.02 30.05
CA LYS B 521 21.41 -18.78 29.86
C LYS B 521 19.92 -19.08 29.93
N GLN B 522 19.15 -18.12 30.44
CA GLN B 522 17.68 -18.21 30.45
C GLN B 522 17.06 -18.60 29.09
N TYR B 523 17.50 -17.94 28.03
CA TYR B 523 17.10 -18.26 26.66
C TYR B 523 17.11 -19.77 26.41
N ASP B 524 18.02 -20.49 27.09
CA ASP B 524 18.18 -21.93 26.85
C ASP B 524 17.51 -22.78 27.91
N VAL B 525 17.71 -22.42 29.17
CA VAL B 525 17.20 -23.25 30.27
C VAL B 525 15.89 -22.76 30.91
N HIS B 526 15.15 -21.92 30.18
CA HIS B 526 13.92 -21.32 30.73
C HIS B 526 12.86 -22.38 31.09
N SER B 527 12.61 -23.30 30.17
CA SER B 527 11.57 -24.28 30.37
C SER B 527 11.95 -25.36 31.39
N LEU B 528 13.20 -25.29 31.89
CA LEU B 528 13.75 -26.31 32.79
C LEU B 528 13.66 -25.93 34.25
N TYR B 529 13.24 -24.70 34.52
CA TYR B 529 13.17 -24.22 35.89
C TYR B 529 12.23 -25.05 36.78
N GLY B 530 10.97 -25.22 36.35
CA GLY B 530 9.98 -26.00 37.11
C GLY B 530 10.47 -27.42 37.36
N TYR B 531 11.12 -27.99 36.34
CA TYR B 531 11.75 -29.31 36.40
C TYR B 531 12.77 -29.34 37.52
N SER B 532 13.72 -28.40 37.50
CA SER B 532 14.81 -28.40 38.47
C SER B 532 14.32 -28.16 39.88
N MET B 533 13.22 -27.44 40.03
CA MET B 533 12.67 -27.21 41.36
C MET B 533 11.98 -28.47 41.93
N ALA B 534 11.44 -29.31 41.04
CA ALA B 534 10.85 -30.58 41.47
C ALA B 534 11.97 -31.47 42.01
N ILE B 535 13.11 -31.47 41.33
CA ILE B 535 14.29 -32.22 41.72
C ILE B 535 14.85 -31.69 43.06
N ALA B 536 14.91 -30.38 43.17
CA ALA B 536 15.31 -29.74 44.43
C ALA B 536 14.36 -30.10 45.57
N THR B 537 13.06 -30.12 45.31
CA THR B 537 12.11 -30.45 46.35
C THR B 537 12.12 -31.93 46.69
N GLU B 538 12.48 -32.76 45.70
CA GLU B 538 12.62 -34.19 45.99
C GLU B 538 13.79 -34.45 46.97
N GLN B 539 14.89 -33.71 46.82
CA GLN B 539 15.94 -33.72 47.84
C GLN B 539 15.48 -33.16 49.19
N ALA B 540 14.82 -32.00 49.16
CA ALA B 540 14.30 -31.38 50.39
C ALA B 540 13.45 -32.38 51.19
N VAL B 541 12.67 -33.18 50.47
CA VAL B 541 11.79 -34.15 51.10
C VAL B 541 12.61 -35.23 51.84
N GLN B 542 13.72 -35.66 51.24
CA GLN B 542 14.61 -36.62 51.91
C GLN B 542 15.24 -36.09 53.22
N LYS B 543 15.59 -34.80 53.26
CA LYS B 543 16.06 -34.20 54.51
C LYS B 543 14.90 -34.10 55.51
N VAL B 544 13.74 -33.60 55.10
CA VAL B 544 12.64 -33.38 56.05
C VAL B 544 11.94 -34.65 56.52
N PHE B 545 11.56 -35.52 55.57
CA PHE B 545 10.93 -36.79 55.91
C PHE B 545 11.88 -37.87 55.42
N PRO B 546 12.85 -38.28 56.27
CA PRO B 546 13.86 -39.24 55.81
C PRO B 546 13.20 -40.54 55.36
N ASN B 547 13.57 -41.00 54.18
CA ASN B 547 13.04 -42.23 53.60
C ASN B 547 11.49 -42.33 53.40
N LYS B 548 10.79 -41.22 53.58
CA LYS B 548 9.35 -41.14 53.26
C LYS B 548 9.11 -40.65 51.82
N ARG B 549 7.87 -40.84 51.32
CA ARG B 549 7.47 -40.37 49.98
C ARG B 549 6.91 -38.96 49.95
N SER B 550 6.19 -38.61 51.01
CA SER B 550 5.54 -37.31 51.13
C SER B 550 4.65 -37.02 49.89
N PHE B 551 4.65 -35.76 49.46
CA PHE B 551 3.84 -35.29 48.35
C PHE B 551 4.51 -34.08 47.73
N ILE B 552 4.65 -34.10 46.41
CA ILE B 552 5.13 -32.92 45.68
C ILE B 552 4.26 -32.67 44.45
N LEU B 553 3.47 -31.60 44.52
CA LEU B 553 2.64 -31.18 43.38
C LEU B 553 3.24 -29.95 42.70
N THR B 554 3.59 -30.10 41.43
CA THR B 554 4.24 -29.05 40.64
C THR B 554 3.33 -28.48 39.52
N ARG B 555 3.55 -27.22 39.15
CA ARG B 555 2.83 -26.63 38.02
C ARG B 555 3.63 -26.79 36.73
N SER B 556 4.77 -26.11 36.64
CA SER B 556 5.63 -26.29 35.48
C SER B 556 6.24 -27.71 35.45
N THR B 557 6.48 -28.20 34.24
CA THR B 557 6.87 -29.58 34.00
C THR B 557 7.69 -29.62 32.72
N PHE B 558 8.71 -30.45 32.71
CA PHE B 558 9.45 -30.78 31.49
C PHE B 558 9.40 -32.30 31.31
N ALA B 559 9.98 -32.80 30.23
CA ALA B 559 10.03 -34.25 29.97
C ALA B 559 10.51 -35.08 31.16
N GLY B 560 9.62 -35.96 31.64
CA GLY B 560 9.95 -36.90 32.72
C GLY B 560 10.00 -36.29 34.11
N SER B 561 9.30 -35.17 34.32
CA SER B 561 9.03 -34.65 35.66
C SER B 561 8.13 -35.64 36.44
N GLY B 562 7.56 -36.61 35.72
CA GLY B 562 6.79 -37.67 36.34
C GLY B 562 7.59 -38.35 37.42
N ARG B 563 8.90 -38.42 37.19
CA ARG B 563 9.84 -39.04 38.12
C ARG B 563 9.92 -38.35 39.50
N HIS B 564 9.55 -37.08 39.54
CA HIS B 564 9.80 -36.27 40.72
C HIS B 564 8.55 -35.69 41.37
N ALA B 565 7.49 -35.48 40.59
CA ALA B 565 6.32 -34.78 41.10
C ALA B 565 5.00 -35.15 40.47
N ALA B 566 3.95 -34.68 41.11
CA ALA B 566 2.60 -34.76 40.57
C ALA B 566 2.29 -33.43 39.87
N HIS B 567 1.36 -33.45 38.92
CA HIS B 567 0.97 -32.25 38.22
C HIS B 567 -0.53 -32.09 38.27
N TRP B 568 -0.99 -30.85 38.33
CA TRP B 568 -2.41 -30.57 38.12
C TRP B 568 -2.51 -29.60 36.97
N LEU B 569 -3.65 -29.60 36.30
CA LEU B 569 -3.81 -28.90 35.02
C LEU B 569 -3.92 -27.36 35.11
N GLY B 570 -3.65 -26.81 36.28
CA GLY B 570 -3.54 -25.36 36.42
C GLY B 570 -4.87 -24.69 36.68
N ASP B 571 -4.95 -23.42 36.29
CA ASP B 571 -6.05 -22.52 36.70
C ASP B 571 -7.25 -22.54 35.78
N ASN B 572 -8.06 -23.59 35.89
CA ASN B 572 -9.23 -23.72 35.06
C ASN B 572 -10.38 -22.81 35.51
N THR B 573 -11.53 -22.95 34.86
CA THR B 573 -12.66 -22.06 35.08
C THR B 573 -13.94 -22.85 35.29
N ALA B 574 -14.78 -22.41 36.23
CA ALA B 574 -16.09 -23.03 36.45
C ALA B 574 -16.94 -22.92 35.19
N SER B 575 -16.93 -23.96 34.37
CA SER B 575 -17.44 -23.91 32.98
C SER B 575 -17.53 -25.33 32.45
N TRP B 576 -18.63 -25.66 31.76
CA TRP B 576 -18.80 -27.03 31.27
C TRP B 576 -17.78 -27.44 30.21
N GLU B 577 -17.49 -26.53 29.28
CA GLU B 577 -16.34 -26.66 28.38
C GLU B 577 -15.08 -27.16 29.12
N GLN B 578 -14.61 -26.37 30.09
CA GLN B 578 -13.37 -26.64 30.83
C GLN B 578 -13.36 -27.98 31.59
N MET B 579 -14.55 -28.47 31.94
CA MET B 579 -14.68 -29.77 32.57
C MET B 579 -14.46 -30.89 31.52
N GLU B 580 -15.07 -30.73 30.34
CA GLU B 580 -14.87 -31.65 29.21
C GLU B 580 -13.40 -31.70 28.79
N TRP B 581 -12.78 -30.53 28.63
CA TRP B 581 -11.37 -30.43 28.22
C TRP B 581 -10.36 -31.01 29.21
N SER B 582 -10.77 -31.18 30.46
CA SER B 582 -9.86 -31.69 31.49
C SER B 582 -9.53 -33.17 31.25
N ILE B 583 -10.47 -33.90 30.66
CA ILE B 583 -10.27 -35.32 30.37
C ILE B 583 -9.15 -35.46 29.36
N THR B 584 -9.31 -34.80 28.23
CA THR B 584 -8.31 -34.89 27.18
C THR B 584 -6.95 -34.31 27.64
N GLY B 585 -6.96 -33.38 28.59
CA GLY B 585 -5.71 -32.88 29.14
C GLY B 585 -5.04 -33.87 30.07
N MET B 586 -5.87 -34.53 30.88
CA MET B 586 -5.43 -35.54 31.84
C MET B 586 -4.86 -36.74 31.08
N LEU B 587 -5.56 -37.17 30.04
CA LEU B 587 -5.09 -38.26 29.20
C LEU B 587 -3.74 -37.99 28.53
N GLU B 588 -3.51 -36.73 28.14
CA GLU B 588 -2.23 -36.34 27.54
C GLU B 588 -1.10 -36.46 28.53
N PHE B 589 -1.38 -36.12 29.79
CA PHE B 589 -0.33 -36.22 30.77
C PHE B 589 -0.02 -37.64 31.15
N SER B 590 -1.00 -38.54 30.94
CA SER B 590 -0.77 -39.98 31.05
C SER B 590 0.27 -40.41 30.05
N LEU B 591 0.15 -39.94 28.80
CA LEU B 591 1.18 -40.19 27.78
C LEU B 591 2.54 -39.63 28.19
N PHE B 592 2.55 -38.48 28.85
CA PHE B 592 3.82 -37.86 29.25
C PHE B 592 4.50 -38.53 30.47
N GLY B 593 3.92 -39.62 30.96
CA GLY B 593 4.43 -40.34 32.12
C GLY B 593 4.35 -39.59 33.44
N ILE B 594 3.27 -38.83 33.63
CA ILE B 594 3.02 -38.16 34.91
C ILE B 594 1.66 -38.62 35.38
N PRO B 595 1.57 -39.84 35.91
CA PRO B 595 0.27 -40.52 36.08
C PRO B 595 -0.59 -39.88 37.19
N LEU B 596 0.04 -39.27 38.19
CA LEU B 596 -0.71 -38.63 39.26
C LEU B 596 -1.09 -37.24 38.81
N VAL B 597 -2.19 -37.15 38.06
CA VAL B 597 -2.61 -35.89 37.48
C VAL B 597 -4.11 -35.67 37.62
N GLY B 598 -4.52 -34.43 37.77
CA GLY B 598 -5.94 -34.09 37.87
C GLY B 598 -6.18 -32.63 37.58
N ALA B 599 -7.45 -32.26 37.46
CA ALA B 599 -7.83 -30.87 37.28
C ALA B 599 -8.33 -30.32 38.62
N ASP B 600 -8.69 -29.03 38.65
CA ASP B 600 -9.32 -28.45 39.87
C ASP B 600 -10.85 -28.64 39.89
N ILE B 601 -11.31 -29.58 40.70
CA ILE B 601 -12.71 -29.96 40.69
C ILE B 601 -13.59 -28.75 40.99
N CYS B 602 -14.62 -28.58 40.17
CA CYS B 602 -15.64 -27.51 40.31
C CYS B 602 -15.23 -26.14 39.73
N GLY B 603 -13.94 -25.97 39.43
CA GLY B 603 -13.51 -24.77 38.70
C GLY B 603 -12.90 -23.68 39.55
N PHE B 604 -11.64 -23.39 39.25
CA PHE B 604 -10.87 -22.40 39.96
C PHE B 604 -11.51 -21.01 39.80
N VAL B 605 -11.28 -20.39 38.63
CA VAL B 605 -11.86 -19.08 38.31
C VAL B 605 -13.38 -19.18 38.16
N ALA B 606 -14.06 -18.13 38.62
CA ALA B 606 -15.53 -17.99 38.63
C ALA B 606 -16.24 -18.76 39.76
N GLU B 607 -17.45 -18.32 40.07
CA GLU B 607 -18.32 -19.06 41.00
C GLU B 607 -18.95 -20.25 40.29
N THR B 608 -19.03 -21.38 40.97
CA THR B 608 -19.51 -22.60 40.35
C THR B 608 -21.04 -22.74 40.50
N THR B 609 -21.68 -23.59 39.70
CA THR B 609 -23.13 -23.88 39.86
C THR B 609 -23.27 -25.05 40.81
N GLU B 610 -24.45 -25.19 41.43
CA GLU B 610 -24.79 -26.44 42.12
C GLU B 610 -24.70 -27.61 41.13
N GLU B 611 -25.30 -27.43 39.96
CA GLU B 611 -25.35 -28.47 38.93
C GLU B 611 -23.96 -28.84 38.40
N LEU B 612 -23.21 -27.82 37.98
CA LEU B 612 -21.88 -28.01 37.45
C LEU B 612 -21.02 -28.74 38.46
N CYS B 613 -21.00 -28.24 39.69
CA CYS B 613 -20.11 -28.77 40.71
C CYS B 613 -20.50 -30.15 41.17
N ARG B 614 -21.79 -30.46 41.13
CA ARG B 614 -22.25 -31.82 41.44
C ARG B 614 -21.69 -32.83 40.44
N ARG B 615 -21.75 -32.48 39.15
CA ARG B 615 -21.22 -33.33 38.08
C ARG B 615 -19.69 -33.44 38.15
N TRP B 616 -19.01 -32.30 38.28
CA TRP B 616 -17.56 -32.28 38.39
C TRP B 616 -17.06 -33.09 39.60
N MET B 617 -17.82 -33.08 40.70
CA MET B 617 -17.49 -33.91 41.86
C MET B 617 -17.59 -35.38 41.53
N GLN B 618 -18.55 -35.75 40.70
CA GLN B 618 -18.68 -37.14 40.25
C GLN B 618 -17.49 -37.54 39.41
N LEU B 619 -17.18 -36.72 38.40
CA LEU B 619 -16.01 -36.97 37.55
C LEU B 619 -14.74 -36.93 38.38
N GLY B 620 -14.57 -35.84 39.13
CA GLY B 620 -13.38 -35.60 39.96
C GLY B 620 -13.00 -36.74 40.89
N ALA B 621 -14.01 -37.48 41.35
CA ALA B 621 -13.79 -38.65 42.20
C ALA B 621 -12.91 -39.66 41.47
N PHE B 622 -12.78 -39.50 40.15
CA PHE B 622 -12.07 -40.47 39.35
C PHE B 622 -10.85 -39.93 38.62
N TYR B 623 -10.46 -38.70 38.94
CA TYR B 623 -9.15 -38.21 38.55
C TYR B 623 -8.10 -38.99 39.36
N PRO B 624 -6.98 -39.36 38.75
CA PRO B 624 -5.92 -39.95 39.57
C PRO B 624 -5.58 -39.07 40.77
N PHE B 625 -5.40 -37.77 40.53
CA PHE B 625 -5.20 -36.82 41.62
C PHE B 625 -6.48 -36.04 41.79
N SER B 626 -7.08 -36.13 42.97
CA SER B 626 -8.45 -35.66 43.15
C SER B 626 -8.59 -34.53 44.18
N ARG B 627 -8.73 -33.30 43.70
CA ARG B 627 -8.73 -32.14 44.61
C ARG B 627 -9.68 -31.01 44.18
N ASN B 628 -10.51 -30.56 45.12
CA ASN B 628 -11.38 -29.40 44.93
C ASN B 628 -10.65 -28.14 45.36
N HIS B 629 -10.56 -27.15 44.46
CA HIS B 629 -9.76 -25.95 44.69
C HIS B 629 -10.45 -24.74 44.08
N ASN B 630 -10.26 -23.56 44.65
CA ASN B 630 -11.04 -22.38 44.26
C ASN B 630 -10.18 -21.13 44.28
N SER B 631 -10.49 -20.16 43.42
CA SER B 631 -9.77 -18.91 43.39
C SER B 631 -10.29 -17.88 44.40
N ASP B 632 -9.44 -16.89 44.67
CA ASP B 632 -9.74 -15.82 45.61
C ASP B 632 -11.07 -15.10 45.33
N GLY B 633 -11.86 -14.87 46.38
CA GLY B 633 -13.02 -14.00 46.28
C GLY B 633 -14.36 -14.64 45.95
N TYR B 634 -14.34 -15.70 45.14
CA TYR B 634 -15.58 -16.38 44.73
C TYR B 634 -16.10 -17.21 45.88
N GLU B 635 -17.42 -17.34 45.96
CA GLU B 635 -18.12 -18.11 47.02
C GLU B 635 -17.49 -19.51 47.22
N HIS B 636 -17.53 -20.00 48.47
CA HIS B 636 -17.04 -21.34 48.77
C HIS B 636 -17.67 -22.39 47.87
N GLN B 637 -16.88 -23.42 47.55
CA GLN B 637 -17.38 -24.49 46.68
C GLN B 637 -16.97 -25.90 47.11
N ASP B 638 -16.57 -26.04 48.37
CA ASP B 638 -16.36 -27.37 48.96
C ASP B 638 -17.74 -28.05 49.13
N PRO B 639 -17.79 -29.41 49.07
CA PRO B 639 -19.07 -30.14 49.02
C PRO B 639 -20.06 -29.76 50.12
N ALA B 640 -19.60 -29.71 51.38
CA ALA B 640 -20.46 -29.49 52.54
C ALA B 640 -21.06 -28.06 52.64
N PHE B 641 -20.48 -27.12 51.91
CA PHE B 641 -21.06 -25.80 51.82
C PHE B 641 -22.40 -25.80 51.07
N PHE B 642 -22.68 -26.85 50.30
CA PHE B 642 -23.92 -26.89 49.51
C PHE B 642 -25.14 -27.40 50.32
N GLY B 643 -24.90 -27.71 51.60
CA GLY B 643 -25.97 -28.22 52.48
C GLY B 643 -25.73 -29.66 52.94
N GLN B 644 -25.94 -29.90 54.23
CA GLN B 644 -25.70 -31.21 54.84
C GLN B 644 -26.58 -32.31 54.24
N ASN B 645 -27.79 -31.93 53.83
CA ASN B 645 -28.71 -32.88 53.21
C ASN B 645 -28.94 -32.60 51.73
N SER B 646 -27.97 -31.93 51.11
CA SER B 646 -28.04 -31.60 49.70
C SER B 646 -27.76 -32.83 48.84
N LEU B 647 -28.34 -32.84 47.64
CA LEU B 647 -28.11 -33.89 46.64
C LEU B 647 -26.63 -33.96 46.22
N LEU B 648 -25.97 -32.80 46.19
CA LEU B 648 -24.54 -32.72 45.90
C LEU B 648 -23.74 -33.51 46.94
N VAL B 649 -24.05 -33.31 48.21
CA VAL B 649 -23.34 -34.00 49.29
C VAL B 649 -23.59 -35.51 49.23
N LYS B 650 -24.85 -35.90 49.00
CA LYS B 650 -25.20 -37.32 48.90
C LYS B 650 -24.39 -37.98 47.77
N SER B 651 -24.39 -37.34 46.60
CA SER B 651 -23.68 -37.82 45.40
C SER B 651 -22.15 -37.88 45.60
N SER B 652 -21.57 -36.74 45.96
CA SER B 652 -20.14 -36.66 46.26
C SER B 652 -19.68 -37.72 47.25
N ARG B 653 -20.43 -37.88 48.34
CA ARG B 653 -20.07 -38.84 49.38
C ARG B 653 -20.08 -40.24 48.76
N GLN B 654 -21.13 -40.53 48.00
CA GLN B 654 -21.31 -41.84 47.40
C GLN B 654 -20.14 -42.21 46.49
N TYR B 655 -19.72 -41.25 45.68
CA TYR B 655 -18.68 -41.50 44.69
C TYR B 655 -17.27 -41.34 45.19
N LEU B 656 -17.06 -40.49 46.19
CA LEU B 656 -15.78 -40.47 46.87
C LEU B 656 -15.63 -41.78 47.65
N THR B 657 -16.75 -42.30 48.14
CA THR B 657 -16.74 -43.58 48.83
C THR B 657 -16.37 -44.71 47.86
N ILE B 658 -16.95 -44.67 46.66
CA ILE B 658 -16.57 -45.65 45.64
C ILE B 658 -15.08 -45.52 45.36
N ARG B 659 -14.60 -44.29 45.20
CA ARG B 659 -13.18 -44.09 44.99
C ARG B 659 -12.37 -44.82 46.05
N TYR B 660 -12.60 -44.45 47.33
CA TYR B 660 -11.83 -45.02 48.44
C TYR B 660 -11.87 -46.56 48.45
N THR B 661 -13.03 -47.13 48.17
CA THR B 661 -13.18 -48.58 48.06
C THR B 661 -12.22 -49.18 47.03
N LEU B 662 -11.99 -48.43 45.95
CA LEU B 662 -11.16 -48.90 44.83
C LEU B 662 -9.67 -48.58 44.98
N LEU B 663 -9.30 -47.90 46.06
CA LEU B 663 -7.91 -47.47 46.25
C LEU B 663 -6.82 -48.56 46.17
N PRO B 664 -7.05 -49.78 46.70
CA PRO B 664 -6.08 -50.88 46.43
C PRO B 664 -5.81 -51.14 44.95
N PHE B 665 -6.88 -51.10 44.13
CA PHE B 665 -6.80 -51.22 42.68
C PHE B 665 -6.00 -50.08 42.05
N LEU B 666 -6.39 -48.84 42.36
CA LEU B 666 -5.70 -47.64 41.85
C LEU B 666 -4.22 -47.68 42.19
N TYR B 667 -3.93 -47.92 43.47
CA TYR B 667 -2.57 -48.06 43.97
C TYR B 667 -1.77 -49.14 43.23
N THR B 668 -2.40 -50.26 42.93
CA THR B 668 -1.72 -51.29 42.16
C THR B 668 -1.37 -50.80 40.76
N LEU B 669 -2.25 -50.02 40.13
CA LEU B 669 -1.95 -49.45 38.79
C LEU B 669 -0.75 -48.51 38.85
N PHE B 670 -0.68 -47.75 39.95
CA PHE B 670 0.45 -46.84 40.19
C PHE B 670 1.73 -47.64 40.38
N TYR B 671 1.62 -48.81 41.01
CA TYR B 671 2.76 -49.70 41.12
C TYR B 671 3.22 -50.14 39.74
N LYS B 672 2.25 -50.52 38.90
CA LYS B 672 2.57 -50.97 37.57
C LYS B 672 3.17 -49.84 36.74
N ALA B 673 2.72 -48.61 37.01
CA ALA B 673 3.25 -47.40 36.36
C ALA B 673 4.72 -47.21 36.70
N HIS B 674 5.00 -47.20 38.00
CA HIS B 674 6.33 -47.02 38.54
C HIS B 674 7.33 -48.09 38.06
N VAL B 675 6.85 -49.33 37.88
CA VAL B 675 7.73 -50.45 37.53
C VAL B 675 7.88 -50.67 36.03
N PHE B 676 6.75 -50.77 35.32
CA PHE B 676 6.74 -51.08 33.87
C PHE B 676 6.46 -49.89 32.98
N GLY B 677 5.96 -48.80 33.57
CA GLY B 677 5.64 -47.57 32.82
C GLY B 677 4.28 -47.55 32.17
N GLU B 678 3.37 -48.39 32.66
CA GLU B 678 2.00 -48.40 32.17
C GLU B 678 1.27 -47.15 32.60
N THR B 679 0.13 -46.90 31.97
CA THR B 679 -0.70 -45.71 32.26
C THR B 679 -1.73 -45.98 33.37
N VAL B 680 -2.02 -44.97 34.20
CA VAL B 680 -3.04 -45.14 35.26
C VAL B 680 -4.44 -44.80 34.71
N ALA B 681 -4.71 -43.52 34.48
CA ALA B 681 -5.90 -43.13 33.71
C ALA B 681 -5.54 -43.29 32.24
N ARG B 682 -6.04 -44.34 31.60
CA ARG B 682 -5.71 -44.49 30.18
C ARG B 682 -6.88 -44.21 29.23
N PRO B 683 -6.56 -43.75 28.00
CA PRO B 683 -7.60 -43.56 27.02
C PRO B 683 -8.11 -44.89 26.47
N VAL B 684 -9.33 -44.86 25.94
CA VAL B 684 -9.99 -46.07 25.47
C VAL B 684 -9.23 -46.76 24.32
N LEU B 685 -8.51 -46.02 23.49
CA LEU B 685 -7.83 -46.68 22.37
C LEU B 685 -6.68 -47.58 22.80
N HIS B 686 -6.15 -47.33 24.00
CA HIS B 686 -5.05 -48.14 24.52
C HIS B 686 -5.42 -49.61 24.70
N GLU B 687 -6.69 -49.84 25.05
CA GLU B 687 -7.23 -51.18 25.24
C GLU B 687 -7.99 -51.68 24.02
N PHE B 688 -8.63 -50.77 23.29
CA PHE B 688 -9.56 -51.21 22.25
C PHE B 688 -9.21 -50.67 20.87
N TYR B 689 -7.93 -50.73 20.54
CA TYR B 689 -7.41 -50.19 19.27
C TYR B 689 -7.84 -50.95 18.01
N GLU B 690 -8.24 -52.22 18.15
CA GLU B 690 -8.72 -53.03 17.02
C GLU B 690 -9.98 -52.42 16.40
N ASP B 691 -10.64 -51.52 17.13
CA ASP B 691 -11.83 -50.81 16.66
C ASP B 691 -11.48 -49.35 16.40
N THR B 692 -11.62 -48.91 15.15
CA THR B 692 -11.26 -47.52 14.83
C THR B 692 -12.18 -46.46 15.45
N ASN B 693 -13.26 -46.87 16.10
CA ASN B 693 -14.10 -45.92 16.79
C ASN B 693 -13.49 -45.48 18.09
N SER B 694 -12.61 -46.31 18.65
CA SER B 694 -11.95 -45.96 19.90
C SER B 694 -10.88 -44.90 19.70
N TRP B 695 -10.38 -44.81 18.48
CA TRP B 695 -9.29 -43.89 18.14
C TRP B 695 -9.60 -42.42 18.42
N ILE B 696 -10.88 -42.05 18.32
CA ILE B 696 -11.28 -40.65 18.46
C ILE B 696 -11.96 -40.36 19.78
N GLU B 697 -12.27 -41.41 20.53
CA GLU B 697 -13.06 -41.26 21.77
C GLU B 697 -12.28 -40.61 22.92
N ASP B 698 -12.83 -39.54 23.48
CA ASP B 698 -12.14 -38.83 24.55
C ASP B 698 -13.08 -38.10 25.52
N THR B 699 -14.32 -38.58 25.60
CA THR B 699 -15.27 -38.06 26.57
C THR B 699 -15.53 -39.09 27.67
N GLU B 700 -14.73 -40.15 27.67
CA GLU B 700 -14.71 -41.16 28.71
C GLU B 700 -13.34 -41.79 28.76
N PHE B 701 -12.97 -42.33 29.92
CA PHE B 701 -11.67 -42.98 30.05
C PHE B 701 -11.72 -44.22 30.93
N LEU B 702 -10.56 -44.84 31.13
CA LEU B 702 -10.44 -46.01 31.98
C LEU B 702 -9.45 -45.78 33.11
N TRP B 703 -9.68 -46.47 34.21
CA TRP B 703 -8.63 -46.76 35.18
C TRP B 703 -8.04 -48.10 34.78
N GLY B 704 -6.78 -48.08 34.33
CA GLY B 704 -6.12 -49.27 33.80
C GLY B 704 -6.98 -49.95 32.75
N PRO B 705 -6.97 -51.30 32.73
CA PRO B 705 -7.73 -52.05 31.73
C PRO B 705 -9.18 -52.34 32.12
N ALA B 706 -9.56 -52.10 33.36
CA ALA B 706 -10.75 -52.74 33.90
C ALA B 706 -11.98 -51.88 34.13
N LEU B 707 -11.79 -50.62 34.54
CA LEU B 707 -12.92 -49.74 34.89
C LEU B 707 -13.19 -48.67 33.84
N LEU B 708 -14.44 -48.57 33.38
CA LEU B 708 -14.82 -47.54 32.42
C LEU B 708 -15.60 -46.41 33.10
N ILE B 709 -15.17 -45.17 32.88
CA ILE B 709 -15.79 -44.02 33.53
C ILE B 709 -16.38 -43.08 32.48
N THR B 710 -17.70 -42.95 32.48
CA THR B 710 -18.43 -42.15 31.47
C THR B 710 -19.18 -41.02 32.16
N PRO B 711 -18.60 -39.81 32.17
CA PRO B 711 -19.19 -38.66 32.87
C PRO B 711 -20.21 -37.87 32.04
N VAL B 712 -21.05 -37.10 32.73
CA VAL B 712 -21.95 -36.15 32.07
C VAL B 712 -21.15 -34.87 31.88
N LEU B 713 -21.19 -34.32 30.66
CA LEU B 713 -20.35 -33.17 30.32
C LEU B 713 -21.08 -32.01 29.66
N LYS B 714 -22.39 -32.16 29.46
CA LYS B 714 -23.20 -31.07 28.90
C LYS B 714 -24.18 -30.56 29.95
N GLN B 715 -24.38 -29.24 29.98
CA GLN B 715 -25.24 -28.61 30.99
C GLN B 715 -26.69 -29.06 30.83
N GLY B 716 -27.33 -29.39 31.94
CA GLY B 716 -28.75 -29.78 31.94
C GLY B 716 -29.01 -31.21 31.53
N ALA B 717 -27.98 -31.90 31.04
CA ALA B 717 -28.11 -33.24 30.47
C ALA B 717 -28.45 -34.37 31.47
N ASP B 718 -29.31 -35.26 30.98
CA ASP B 718 -29.93 -36.35 31.72
C ASP B 718 -29.40 -37.67 31.15
N THR B 719 -28.84 -37.55 29.95
CA THR B 719 -28.46 -38.67 29.12
C THR B 719 -27.14 -38.31 28.43
N VAL B 720 -26.37 -39.32 28.05
CA VAL B 720 -25.11 -39.06 27.34
C VAL B 720 -24.86 -40.10 26.25
N SER B 721 -24.50 -39.62 25.06
CA SER B 721 -24.10 -40.53 23.99
C SER B 721 -22.70 -41.07 24.27
N ALA B 722 -22.63 -42.37 24.56
CA ALA B 722 -21.39 -43.01 24.94
C ALA B 722 -21.04 -44.16 24.01
N TYR B 723 -19.77 -44.26 23.66
CA TYR B 723 -19.29 -45.38 22.88
C TYR B 723 -18.85 -46.48 23.83
N ILE B 724 -19.60 -47.56 23.88
CA ILE B 724 -19.20 -48.65 24.75
C ILE B 724 -18.49 -49.72 23.90
N PRO B 725 -17.22 -50.02 24.27
CA PRO B 725 -16.30 -50.84 23.48
C PRO B 725 -16.60 -52.34 23.41
N ASP B 726 -15.72 -53.06 22.72
CA ASP B 726 -15.92 -54.47 22.37
C ASP B 726 -15.49 -55.41 23.49
N ALA B 727 -16.24 -55.37 24.59
CA ALA B 727 -16.02 -56.26 25.73
C ALA B 727 -17.37 -56.54 26.41
N ILE B 728 -17.34 -57.32 27.48
CA ILE B 728 -18.51 -57.50 28.33
C ILE B 728 -18.43 -56.44 29.43
N TRP B 729 -19.51 -55.69 29.64
CA TRP B 729 -19.53 -54.68 30.71
C TRP B 729 -20.58 -54.93 31.79
N TYR B 730 -20.22 -54.64 33.04
CA TYR B 730 -21.11 -54.78 34.16
C TYR B 730 -21.27 -53.42 34.80
N ASP B 731 -22.50 -53.08 35.16
CA ASP B 731 -22.72 -51.85 35.93
C ASP B 731 -22.01 -51.98 37.26
N TYR B 732 -21.23 -50.97 37.65
CA TYR B 732 -20.48 -51.10 38.90
C TYR B 732 -21.41 -51.19 40.09
N GLU B 733 -22.39 -50.29 40.14
CA GLU B 733 -23.31 -50.26 41.29
C GLU B 733 -24.20 -51.52 41.45
N SER B 734 -24.93 -51.89 40.39
CA SER B 734 -25.81 -53.04 40.46
C SER B 734 -25.09 -54.37 40.27
N GLY B 735 -24.13 -54.41 39.37
CA GLY B 735 -23.44 -55.66 39.06
C GLY B 735 -24.06 -56.38 37.89
N ALA B 736 -25.09 -55.77 37.29
CA ALA B 736 -25.80 -56.36 36.16
C ALA B 736 -25.02 -56.27 34.83
N LYS B 737 -24.93 -57.39 34.10
CA LYS B 737 -24.30 -57.42 32.78
C LYS B 737 -25.10 -56.55 31.83
N ARG B 738 -24.49 -55.47 31.34
CA ARG B 738 -25.14 -54.59 30.37
C ARG B 738 -25.25 -55.29 29.01
N PRO B 739 -26.41 -55.14 28.32
CA PRO B 739 -26.62 -55.77 27.01
C PRO B 739 -25.95 -54.96 25.89
N TRP B 740 -24.86 -54.28 26.20
CA TRP B 740 -24.15 -53.47 25.24
C TRP B 740 -22.79 -54.05 24.88
N ARG B 741 -22.41 -53.91 23.61
CA ARG B 741 -21.10 -54.36 23.13
C ARG B 741 -20.75 -53.77 21.76
N LYS B 742 -19.57 -53.14 21.67
CA LYS B 742 -19.07 -52.53 20.42
C LYS B 742 -20.14 -51.70 19.69
N GLN B 743 -20.63 -50.67 20.38
CA GLN B 743 -21.67 -49.82 19.84
C GLN B 743 -21.81 -48.51 20.62
N ARG B 744 -22.49 -47.55 19.98
CA ARG B 744 -22.81 -46.29 20.60
C ARG B 744 -24.21 -46.39 21.25
N VAL B 745 -24.36 -45.92 22.48
CA VAL B 745 -25.66 -45.97 23.16
C VAL B 745 -26.02 -44.64 23.81
N ASP B 746 -27.30 -44.45 24.12
CA ASP B 746 -27.72 -43.29 24.92
C ASP B 746 -27.84 -43.69 26.38
N MET B 747 -26.75 -43.58 27.10
CA MET B 747 -26.69 -43.98 28.51
C MET B 747 -27.50 -43.02 29.39
N TYR B 748 -28.42 -43.58 30.18
CA TYR B 748 -29.25 -42.77 31.08
C TYR B 748 -28.53 -42.50 32.41
N LEU B 749 -28.16 -41.24 32.66
CA LEU B 749 -27.48 -40.89 33.90
C LEU B 749 -28.15 -39.68 34.56
N PRO B 750 -29.12 -39.95 35.49
CA PRO B 750 -29.82 -38.87 36.23
C PRO B 750 -28.89 -38.05 37.14
N ALA B 751 -29.46 -37.09 37.85
CA ALA B 751 -28.70 -36.10 38.63
C ALA B 751 -27.69 -36.62 39.65
N ASP B 752 -27.77 -37.91 39.97
CA ASP B 752 -26.97 -38.48 41.05
C ASP B 752 -26.04 -39.60 40.59
N LYS B 753 -26.13 -39.98 39.32
CA LYS B 753 -25.37 -41.12 38.77
C LYS B 753 -24.25 -40.68 37.80
N ILE B 754 -23.22 -41.52 37.69
CA ILE B 754 -22.19 -41.38 36.66
C ILE B 754 -21.85 -42.78 36.15
N GLY B 755 -21.62 -42.90 34.84
CA GLY B 755 -21.37 -44.19 34.21
C GLY B 755 -20.12 -44.88 34.72
N LEU B 756 -20.31 -45.95 35.49
CA LEU B 756 -19.19 -46.78 35.94
C LEU B 756 -19.43 -48.21 35.50
N HIS B 757 -18.49 -48.77 34.74
CA HIS B 757 -18.62 -50.15 34.31
C HIS B 757 -17.33 -50.94 34.50
N LEU B 758 -17.48 -52.19 34.89
CA LEU B 758 -16.34 -53.10 35.00
C LEU B 758 -16.29 -54.01 33.80
N ARG B 759 -15.07 -54.23 33.31
CA ARG B 759 -14.90 -54.98 32.09
C ARG B 759 -14.67 -56.44 32.43
N GLY B 760 -15.49 -57.31 31.84
CA GLY B 760 -15.35 -58.75 31.97
C GLY B 760 -13.94 -59.23 31.66
N GLY B 761 -13.48 -60.22 32.43
CA GLY B 761 -12.12 -60.76 32.29
C GLY B 761 -11.16 -60.26 33.35
N TYR B 762 -11.66 -59.45 34.30
CA TYR B 762 -10.79 -58.79 35.27
C TYR B 762 -11.18 -58.97 36.72
N ILE B 763 -10.16 -59.07 37.57
CA ILE B 763 -10.35 -59.17 39.02
C ILE B 763 -9.67 -57.97 39.63
N ILE B 764 -10.46 -57.15 40.32
CA ILE B 764 -9.92 -55.95 40.95
C ILE B 764 -10.01 -56.03 42.47
N PRO B 765 -8.93 -55.68 43.16
CA PRO B 765 -8.91 -55.68 44.61
C PRO B 765 -9.49 -54.39 45.22
N ILE B 766 -10.34 -54.55 46.23
CA ILE B 766 -10.96 -53.41 46.92
C ILE B 766 -10.77 -53.54 48.42
N GLN B 767 -11.13 -52.49 49.17
CA GLN B 767 -10.96 -52.50 50.62
C GLN B 767 -11.98 -51.60 51.27
N GLU B 768 -12.69 -52.13 52.28
CA GLU B 768 -13.76 -51.38 52.93
C GLU B 768 -13.39 -49.91 53.27
N PRO B 769 -14.18 -48.95 52.74
CA PRO B 769 -13.86 -47.54 52.78
C PRO B 769 -13.98 -46.90 54.17
N ASP B 770 -13.37 -45.74 54.33
CA ASP B 770 -13.53 -44.92 55.51
C ASP B 770 -13.32 -43.49 55.04
N VAL B 771 -13.21 -42.54 55.97
CA VAL B 771 -13.06 -41.12 55.59
C VAL B 771 -11.60 -40.64 55.45
N THR B 772 -10.66 -41.51 55.81
CA THR B 772 -9.24 -41.28 55.53
C THR B 772 -8.62 -42.57 55.01
N THR B 773 -7.47 -42.47 54.35
CA THR B 773 -6.77 -43.67 53.91
C THR B 773 -6.15 -44.33 55.13
N THR B 774 -5.68 -43.51 56.08
CA THR B 774 -5.17 -43.98 57.36
C THR B 774 -6.13 -45.02 57.96
N ALA B 775 -7.39 -44.62 58.14
CA ALA B 775 -8.43 -45.50 58.69
C ALA B 775 -8.77 -46.66 57.75
N SER B 776 -8.98 -46.35 56.47
CA SER B 776 -9.42 -47.36 55.52
C SER B 776 -8.43 -48.55 55.39
N ARG B 777 -7.14 -48.23 55.49
CA ARG B 777 -6.06 -49.21 55.29
C ARG B 777 -6.02 -50.39 56.27
N LYS B 778 -6.63 -50.22 57.44
CA LYS B 778 -6.69 -51.32 58.39
C LYS B 778 -8.01 -52.09 58.35
N ASN B 779 -8.93 -51.66 57.46
CA ASN B 779 -10.17 -52.41 57.19
C ASN B 779 -9.95 -53.66 56.33
N PRO B 780 -10.84 -54.67 56.46
CA PRO B 780 -10.85 -55.88 55.62
C PRO B 780 -10.88 -55.60 54.12
N LEU B 781 -10.19 -56.46 53.36
CA LEU B 781 -10.07 -56.33 51.91
C LEU B 781 -11.12 -57.19 51.23
N GLY B 782 -11.13 -57.14 49.90
CA GLY B 782 -12.08 -57.90 49.10
C GLY B 782 -11.71 -57.95 47.64
N LEU B 783 -12.36 -58.83 46.89
CA LEU B 783 -12.12 -58.97 45.46
C LEU B 783 -13.40 -58.84 44.66
N ILE B 784 -13.31 -58.28 43.46
CA ILE B 784 -14.43 -58.29 42.51
C ILE B 784 -14.01 -59.03 41.26
N VAL B 785 -14.78 -60.06 40.92
CA VAL B 785 -14.50 -60.89 39.76
C VAL B 785 -15.53 -60.61 38.67
N ALA B 786 -15.17 -59.83 37.66
CA ALA B 786 -16.03 -59.67 36.49
C ALA B 786 -15.70 -60.75 35.48
N LEU B 787 -16.56 -61.76 35.38
CA LEU B 787 -16.33 -62.85 34.44
C LEU B 787 -16.39 -62.38 32.98
N GLY B 788 -15.64 -63.02 32.11
CA GLY B 788 -15.61 -62.62 30.71
C GLY B 788 -15.69 -63.73 29.70
N GLU B 789 -16.77 -63.70 28.90
CA GLU B 789 -16.98 -64.58 27.72
C GLU B 789 -16.65 -66.05 27.94
N ASN B 790 -15.35 -66.35 27.93
CA ASN B 790 -14.84 -67.72 28.13
C ASN B 790 -14.83 -68.15 29.61
N ASN B 791 -15.55 -67.40 30.45
CA ASN B 791 -15.59 -67.62 31.93
C ASN B 791 -14.25 -67.49 32.65
N THR B 792 -13.43 -66.56 32.18
CA THR B 792 -12.10 -66.37 32.73
C THR B 792 -12.02 -64.98 33.36
N ALA B 793 -11.00 -64.80 34.19
CA ALA B 793 -10.62 -63.51 34.71
C ALA B 793 -9.20 -63.55 35.29
N LYS B 794 -8.51 -62.42 35.18
CA LYS B 794 -7.15 -62.24 35.69
C LYS B 794 -7.13 -60.94 36.48
N GLY B 795 -6.23 -60.85 37.46
CA GLY B 795 -6.01 -59.60 38.18
C GLY B 795 -4.75 -59.66 39.02
N ASP B 796 -4.32 -58.52 39.52
CA ASP B 796 -3.20 -58.47 40.46
C ASP B 796 -3.38 -57.41 41.53
N PHE B 797 -2.52 -57.44 42.53
CA PHE B 797 -2.68 -56.66 43.74
C PHE B 797 -1.31 -56.48 44.36
N PHE B 798 -0.99 -55.22 44.68
CA PHE B 798 0.28 -54.88 45.29
C PHE B 798 -0.03 -54.15 46.60
N TRP B 799 0.68 -54.54 47.66
CA TRP B 799 0.48 -53.98 48.99
C TRP B 799 1.79 -53.81 49.77
N ASP B 800 2.00 -52.61 50.29
CA ASP B 800 3.14 -52.28 51.15
C ASP B 800 2.65 -51.28 52.19
N ASP B 801 3.58 -50.61 52.88
CA ASP B 801 3.18 -49.62 53.89
C ASP B 801 2.77 -48.27 53.31
N GLY B 802 2.90 -48.12 52.00
CA GLY B 802 2.33 -46.96 51.29
C GLY B 802 2.91 -45.61 51.68
N GLU B 803 4.21 -45.60 52.01
CA GLU B 803 4.90 -44.37 52.36
C GLU B 803 6.44 -44.42 52.38
N THR B 804 7.00 -45.59 52.67
CA THR B 804 8.47 -45.72 52.67
C THR B 804 8.96 -45.70 51.22
N LYS B 805 9.97 -44.86 50.97
CA LYS B 805 10.39 -44.53 49.61
C LYS B 805 10.90 -45.71 48.74
N ASP B 806 11.58 -46.67 49.35
CA ASP B 806 12.33 -47.68 48.59
C ASP B 806 11.80 -49.12 48.74
N THR B 807 10.52 -49.24 49.09
CA THR B 807 9.92 -50.55 49.31
C THR B 807 10.05 -51.49 48.11
N ILE B 808 9.76 -51.01 46.90
CA ILE B 808 9.85 -51.86 45.69
C ILE B 808 11.27 -52.36 45.50
N GLN B 809 12.20 -51.43 45.63
CA GLN B 809 13.63 -51.64 45.39
C GLN B 809 14.29 -52.61 46.40
N ASN B 810 13.68 -52.73 47.58
CA ASN B 810 14.19 -53.60 48.64
C ASN B 810 13.37 -54.87 48.85
N GLY B 811 12.38 -55.08 47.99
CA GLY B 811 11.48 -56.24 48.10
C GLY B 811 10.67 -56.28 49.38
N ASN B 812 10.20 -55.12 49.84
CA ASN B 812 9.41 -55.06 51.07
C ASN B 812 7.93 -54.80 50.83
N TYR B 813 7.28 -55.76 50.20
CA TYR B 813 5.87 -55.64 49.83
C TYR B 813 5.21 -57.02 49.70
N ILE B 814 3.89 -57.00 49.49
CA ILE B 814 3.17 -58.22 49.13
C ILE B 814 2.68 -58.11 47.69
N LEU B 815 2.83 -59.18 46.92
CA LEU B 815 2.39 -59.20 45.52
C LEU B 815 1.53 -60.44 45.25
N TYR B 816 0.35 -60.20 44.67
CA TYR B 816 -0.62 -61.26 44.42
C TYR B 816 -1.00 -61.37 42.96
N THR B 817 -1.41 -62.58 42.58
CA THR B 817 -1.96 -62.89 41.28
C THR B 817 -3.31 -63.56 41.49
N PHE B 818 -4.31 -63.09 40.77
CA PHE B 818 -5.62 -63.73 40.79
C PHE B 818 -5.95 -64.40 39.45
N SER B 819 -6.68 -65.52 39.52
CA SER B 819 -7.03 -66.26 38.32
C SER B 819 -8.32 -67.03 38.53
N VAL B 820 -9.27 -66.83 37.62
CA VAL B 820 -10.52 -67.57 37.67
C VAL B 820 -10.72 -68.33 36.37
N SER B 821 -11.04 -69.61 36.52
CA SER B 821 -11.53 -70.45 35.43
C SER B 821 -12.14 -71.68 36.07
N ASN B 822 -13.00 -72.38 35.34
CA ASN B 822 -13.68 -73.57 35.86
C ASN B 822 -14.46 -73.32 37.15
N ASN B 823 -14.97 -72.10 37.29
CA ASN B 823 -15.69 -71.66 38.49
C ASN B 823 -14.86 -71.83 39.76
N THR B 824 -13.56 -71.56 39.63
CA THR B 824 -12.67 -71.59 40.76
C THR B 824 -11.61 -70.48 40.71
N LEU B 825 -11.51 -69.74 41.81
CA LEU B 825 -10.61 -68.60 41.94
C LEU B 825 -9.33 -68.99 42.68
N ASP B 826 -8.18 -68.65 42.09
CA ASP B 826 -6.86 -68.92 42.71
C ASP B 826 -6.22 -67.65 43.21
N ILE B 827 -5.85 -67.64 44.48
CA ILE B 827 -5.20 -66.49 45.08
C ILE B 827 -3.77 -66.89 45.39
N VAL B 828 -2.85 -66.40 44.55
CA VAL B 828 -1.44 -66.83 44.58
C VAL B 828 -0.50 -65.70 45.00
N CYS B 829 0.15 -65.88 46.14
CA CYS B 829 1.06 -64.86 46.64
C CYS B 829 2.41 -65.10 46.04
N THR B 830 2.86 -64.17 45.19
CA THR B 830 4.11 -64.35 44.43
C THR B 830 5.32 -63.75 45.15
N HIS B 831 5.08 -63.01 46.23
CA HIS B 831 6.15 -62.38 47.01
C HIS B 831 5.58 -61.81 48.30
N SER B 832 6.27 -62.05 49.41
CA SER B 832 5.72 -61.66 50.70
C SER B 832 6.82 -61.34 51.72
N SER B 833 7.05 -60.05 51.93
CA SER B 833 8.04 -59.59 52.89
C SER B 833 7.62 -58.26 53.50
N TYR B 834 6.40 -58.24 54.06
CA TYR B 834 5.85 -57.06 54.76
C TYR B 834 4.91 -57.48 55.92
N GLN B 835 5.48 -57.59 57.13
CA GLN B 835 4.78 -58.21 58.27
C GLN B 835 3.43 -57.56 58.60
N GLU B 836 3.40 -56.23 58.76
CA GLU B 836 2.13 -55.56 59.15
C GLU B 836 0.99 -55.82 58.15
N GLY B 837 1.34 -56.19 56.91
CA GLY B 837 0.33 -56.54 55.93
C GLY B 837 -0.34 -57.87 56.19
N THR B 838 0.33 -58.74 56.93
CA THR B 838 -0.17 -60.10 57.18
C THR B 838 -1.41 -60.05 58.04
N THR B 839 -1.55 -58.99 58.83
CA THR B 839 -2.72 -58.81 59.67
C THR B 839 -4.00 -58.58 58.88
N LEU B 840 -3.88 -58.07 57.65
CA LEU B 840 -5.06 -57.86 56.78
C LEU B 840 -5.46 -59.13 56.04
N ALA B 841 -6.73 -59.20 55.63
CA ALA B 841 -7.23 -60.34 54.89
C ALA B 841 -8.37 -59.98 53.95
N PHE B 842 -8.45 -60.71 52.84
CA PHE B 842 -9.65 -60.67 52.01
C PHE B 842 -10.76 -61.38 52.76
N GLN B 843 -11.89 -60.70 52.95
CA GLN B 843 -12.98 -61.29 53.74
C GLN B 843 -14.27 -61.31 52.94
N THR B 844 -14.17 -60.96 51.66
CA THR B 844 -15.34 -60.78 50.83
C THR B 844 -15.00 -60.88 49.34
N VAL B 845 -15.70 -61.76 48.62
CA VAL B 845 -15.48 -61.97 47.20
C VAL B 845 -16.80 -61.89 46.45
N LYS B 846 -16.93 -60.90 45.56
CA LYS B 846 -18.14 -60.70 44.78
C LYS B 846 -17.85 -61.12 43.34
N ILE B 847 -18.71 -61.98 42.79
CA ILE B 847 -18.51 -62.49 41.44
C ILE B 847 -19.66 -62.08 40.54
N LEU B 848 -19.36 -61.36 39.47
CA LEU B 848 -20.37 -60.86 38.55
C LEU B 848 -20.48 -61.72 37.30
N GLY B 849 -21.69 -61.79 36.76
CA GLY B 849 -21.96 -62.48 35.51
C GLY B 849 -21.83 -63.99 35.58
N LEU B 850 -22.62 -64.61 36.43
CA LEU B 850 -22.59 -66.06 36.57
C LEU B 850 -23.47 -66.69 35.52
N THR B 851 -22.93 -67.71 34.86
CA THR B 851 -23.67 -68.43 33.81
C THR B 851 -24.70 -69.45 34.41
N ASP B 852 -24.40 -69.96 35.61
CA ASP B 852 -25.14 -71.06 36.24
C ASP B 852 -25.29 -70.80 37.75
N SER B 853 -26.41 -71.23 38.33
CA SER B 853 -26.70 -70.98 39.75
C SER B 853 -25.84 -71.80 40.72
N VAL B 854 -25.74 -71.34 41.96
CA VAL B 854 -24.75 -71.85 42.91
C VAL B 854 -25.40 -72.55 44.09
N THR B 855 -24.87 -73.73 44.43
CA THR B 855 -25.38 -74.57 45.50
C THR B 855 -24.45 -74.56 46.72
N GLU B 856 -23.17 -74.77 46.45
CA GLU B 856 -22.18 -75.04 47.46
C GLU B 856 -20.99 -74.12 47.21
N VAL B 857 -20.39 -73.60 48.27
CA VAL B 857 -19.14 -72.88 48.14
C VAL B 857 -18.07 -73.59 48.98
N ARG B 858 -16.90 -73.80 48.39
CA ARG B 858 -15.80 -74.44 49.10
C ARG B 858 -14.51 -73.61 49.04
N VAL B 859 -13.76 -73.64 50.13
CA VAL B 859 -12.55 -72.84 50.31
C VAL B 859 -11.43 -73.72 50.84
N ALA B 860 -10.28 -73.64 50.17
CA ALA B 860 -9.07 -74.34 50.60
C ALA B 860 -7.90 -73.39 50.76
N GLU B 861 -7.11 -73.59 51.81
CA GLU B 861 -5.82 -72.90 51.90
C GLU B 861 -4.72 -73.77 51.31
N ASN B 862 -3.79 -73.09 50.66
CA ASN B 862 -2.62 -73.72 50.06
C ASN B 862 -3.00 -74.86 49.12
N ASN B 863 -2.75 -76.11 49.56
CA ASN B 863 -3.21 -77.27 48.80
C ASN B 863 -3.95 -78.31 49.65
N GLN B 864 -4.18 -77.95 50.92
CA GLN B 864 -5.08 -78.69 51.81
C GLN B 864 -6.46 -78.86 51.15
N PRO B 865 -7.20 -79.93 51.54
CA PRO B 865 -8.54 -80.16 50.92
C PRO B 865 -9.56 -79.05 51.30
N MET B 866 -10.56 -78.87 50.44
CA MET B 866 -11.53 -77.81 50.56
C MET B 866 -12.66 -78.10 51.56
N ASN B 867 -12.89 -77.17 52.50
CA ASN B 867 -14.06 -77.24 53.40
C ASN B 867 -15.18 -76.36 52.91
N ALA B 868 -16.40 -76.66 53.36
CA ALA B 868 -17.58 -75.88 52.97
C ALA B 868 -17.56 -74.48 53.55
N HIS B 869 -18.20 -73.56 52.85
CA HIS B 869 -18.40 -72.21 53.35
C HIS B 869 -19.91 -71.88 53.38
N SER B 870 -20.41 -71.46 54.53
CA SER B 870 -21.85 -71.22 54.69
C SER B 870 -22.25 -69.83 54.22
N ASN B 871 -21.58 -68.80 54.75
CA ASN B 871 -21.94 -67.40 54.52
C ASN B 871 -21.76 -66.96 53.06
N PHE B 872 -22.84 -67.03 52.28
CA PHE B 872 -22.85 -66.57 50.87
C PHE B 872 -24.26 -66.28 50.36
N THR B 873 -24.36 -65.48 49.31
CA THR B 873 -25.65 -65.11 48.71
C THR B 873 -25.61 -65.25 47.19
N TYR B 874 -26.62 -65.87 46.61
CA TYR B 874 -26.73 -65.96 45.16
C TYR B 874 -27.98 -65.25 44.68
N ASP B 875 -27.80 -64.30 43.78
CA ASP B 875 -28.91 -63.55 43.22
C ASP B 875 -29.11 -63.88 41.74
N ALA B 876 -30.12 -64.70 41.44
CA ALA B 876 -30.37 -65.15 40.08
C ALA B 876 -30.85 -64.08 39.10
N SER B 877 -31.32 -62.94 39.61
CA SER B 877 -31.76 -61.84 38.75
C SER B 877 -30.56 -61.20 38.09
N ASN B 878 -29.57 -60.88 38.92
CA ASN B 878 -28.35 -60.23 38.46
C ASN B 878 -27.20 -61.17 38.14
N GLN B 879 -27.43 -62.46 38.32
CA GLN B 879 -26.37 -63.47 38.23
C GLN B 879 -25.13 -63.07 39.03
N VAL B 880 -25.34 -62.55 40.24
CA VAL B 880 -24.25 -62.13 41.13
C VAL B 880 -24.14 -63.07 42.31
N LEU B 881 -22.91 -63.46 42.65
CA LEU B 881 -22.62 -64.21 43.87
C LEU B 881 -21.75 -63.36 44.78
N LEU B 882 -22.14 -63.18 46.03
CA LEU B 882 -21.21 -62.57 46.98
C LEU B 882 -20.91 -63.43 48.20
N ILE B 883 -19.63 -63.75 48.34
CA ILE B 883 -19.16 -64.64 49.37
C ILE B 883 -18.69 -63.78 50.53
N ALA B 884 -19.38 -63.89 51.67
CA ALA B 884 -19.07 -63.05 52.81
C ALA B 884 -18.24 -63.80 53.84
N ASP B 885 -17.64 -63.04 54.75
CA ASP B 885 -16.99 -63.58 55.94
C ASP B 885 -15.97 -64.66 55.65
N LEU B 886 -14.95 -64.34 54.85
CA LEU B 886 -13.80 -65.24 54.70
C LEU B 886 -12.63 -64.75 55.54
N LYS B 887 -11.55 -65.55 55.58
CA LYS B 887 -10.33 -65.17 56.28
C LYS B 887 -9.10 -65.53 55.45
N LEU B 888 -9.07 -65.04 54.22
CA LEU B 888 -7.92 -65.25 53.34
C LEU B 888 -6.86 -64.20 53.69
N ASN B 889 -5.90 -64.61 54.51
CA ASN B 889 -4.88 -63.70 55.04
C ASN B 889 -3.73 -63.44 54.08
N LEU B 890 -3.43 -62.15 53.89
CA LEU B 890 -2.31 -61.72 53.05
C LEU B 890 -1.02 -62.38 53.48
N GLY B 891 -0.37 -63.05 52.52
CA GLY B 891 0.84 -63.79 52.78
C GLY B 891 0.73 -65.21 52.28
N ARG B 892 -0.50 -65.75 52.29
CA ARG B 892 -0.74 -67.17 51.98
C ARG B 892 -1.63 -67.41 50.73
N ASN B 893 -1.63 -68.65 50.23
CA ASN B 893 -2.40 -69.02 49.04
C ASN B 893 -3.76 -69.63 49.36
N PHE B 894 -4.74 -69.37 48.49
CA PHE B 894 -6.12 -69.83 48.69
C PHE B 894 -6.81 -70.17 47.37
N SER B 895 -7.81 -71.05 47.47
CA SER B 895 -8.72 -71.38 46.37
C SER B 895 -10.18 -71.21 46.81
N VAL B 896 -11.01 -70.63 45.94
CA VAL B 896 -12.44 -70.52 46.21
C VAL B 896 -13.23 -71.14 45.06
N GLN B 897 -14.14 -72.05 45.38
CA GLN B 897 -14.94 -72.74 44.36
C GLN B 897 -16.40 -72.44 44.56
N TRP B 898 -17.17 -72.37 43.48
CA TRP B 898 -18.61 -72.23 43.63
C TRP B 898 -19.45 -73.28 42.89
N LYS C 29 16.83 7.38 12.53
CA LYS C 29 16.88 8.37 13.65
C LYS C 29 15.66 8.30 14.60
N CYS C 30 15.94 8.50 15.89
CA CYS C 30 14.96 8.36 16.96
C CYS C 30 14.75 9.63 17.79
N PRO C 31 13.71 9.68 18.65
CA PRO C 31 13.56 10.88 19.48
C PRO C 31 14.80 11.12 20.37
N ASN C 32 15.20 12.38 20.52
CA ASN C 32 16.40 12.75 21.31
C ASN C 32 16.30 12.23 22.76
N VAL C 33 15.15 12.46 23.41
CA VAL C 33 14.91 11.84 24.70
C VAL C 33 14.92 10.28 24.60
N LEU C 34 15.67 9.62 25.50
CA LEU C 34 15.74 8.15 25.54
C LEU C 34 14.40 7.54 25.97
N ASN C 35 13.89 7.92 27.15
CA ASN C 35 12.60 7.40 27.63
C ASN C 35 11.39 8.21 27.08
N ASP C 36 11.25 8.22 25.75
CA ASP C 36 10.17 8.95 25.03
C ASP C 36 8.74 8.48 25.35
N PRO C 37 7.72 9.31 25.02
CA PRO C 37 6.30 8.98 25.37
C PRO C 37 5.65 8.03 24.35
N VAL C 38 5.14 6.89 24.85
CA VAL C 38 4.83 5.76 23.94
C VAL C 38 3.54 5.90 23.16
N ASN C 39 2.57 6.62 23.73
CA ASN C 39 1.25 6.72 23.11
C ASN C 39 1.19 7.53 21.81
N VAL C 40 2.32 8.14 21.44
CA VAL C 40 2.41 9.00 20.28
C VAL C 40 3.23 8.30 19.18
N ARG C 41 3.65 7.06 19.44
CA ARG C 41 4.42 6.29 18.45
C ARG C 41 3.48 5.82 17.34
N ILE C 42 3.78 6.22 16.11
CA ILE C 42 2.99 5.76 14.99
C ILE C 42 3.69 4.54 14.37
N ASN C 43 3.00 3.42 14.39
CA ASN C 43 3.56 2.16 13.94
C ASN C 43 4.05 2.21 12.50
N CYS C 44 5.30 1.82 12.30
CA CYS C 44 5.94 1.79 11.00
C CYS C 44 5.87 0.39 10.39
N ILE C 45 5.59 -0.63 11.20
CA ILE C 45 5.40 -1.98 10.70
C ILE C 45 4.02 -2.47 11.14
N PRO C 46 2.98 -2.07 10.40
CA PRO C 46 1.61 -2.30 10.84
C PRO C 46 0.98 -3.61 10.34
N GLU C 47 1.71 -4.40 9.56
CA GLU C 47 1.12 -5.54 8.87
C GLU C 47 1.79 -6.86 9.17
N GLN C 48 2.68 -6.85 10.14
CA GLN C 48 3.66 -7.93 10.30
C GLN C 48 4.32 -7.78 11.67
N PHE C 49 4.81 -8.90 12.21
CA PHE C 49 5.57 -8.84 13.45
C PHE C 49 6.87 -8.03 13.26
N PRO C 50 7.06 -7.02 14.12
CA PRO C 50 8.21 -6.12 14.05
C PRO C 50 9.54 -6.84 14.17
N THR C 51 10.47 -6.51 13.28
CA THR C 51 11.84 -6.99 13.38
C THR C 51 12.82 -5.84 13.19
N GLU C 52 13.97 -5.92 13.84
CA GLU C 52 14.98 -4.87 13.75
C GLU C 52 15.48 -4.62 12.33
N GLY C 53 15.57 -5.67 11.52
CA GLY C 53 16.06 -5.55 10.15
C GLY C 53 15.11 -4.81 9.21
N ILE C 54 13.82 -5.14 9.28
CA ILE C 54 12.81 -4.47 8.45
C ILE C 54 12.58 -3.04 8.93
N CYS C 55 12.67 -2.82 10.24
CA CYS C 55 12.64 -1.46 10.77
C CYS C 55 13.69 -0.58 10.12
N ALA C 56 14.95 -1.02 10.20
CA ALA C 56 16.08 -0.33 9.59
C ALA C 56 15.88 -0.17 8.09
N GLN C 57 15.41 -1.21 7.42
CA GLN C 57 15.20 -1.20 5.97
C GLN C 57 14.20 -0.13 5.51
N ARG C 58 13.29 0.23 6.41
CA ARG C 58 12.29 1.26 6.13
C ARG C 58 12.71 2.62 6.68
N GLY C 59 13.85 2.65 7.36
CA GLY C 59 14.37 3.91 7.90
C GLY C 59 13.50 4.44 9.03
N CYS C 60 13.01 3.53 9.87
CA CYS C 60 12.28 3.93 11.06
C CYS C 60 13.08 3.65 12.32
N CYS C 61 12.51 4.02 13.46
CA CYS C 61 13.18 3.99 14.72
C CYS C 61 12.87 2.68 15.43
N TRP C 62 13.92 1.96 15.81
CA TRP C 62 13.79 0.69 16.47
C TRP C 62 14.00 0.83 17.99
N ARG C 63 12.96 0.52 18.77
CA ARG C 63 13.02 0.65 20.23
C ARG C 63 11.92 -0.19 20.91
N PRO C 64 12.19 -1.50 21.15
CA PRO C 64 11.19 -2.47 21.62
C PRO C 64 10.64 -2.19 23.01
N TRP C 65 9.60 -2.90 23.42
CA TRP C 65 8.85 -2.54 24.62
C TRP C 65 8.39 -3.73 25.53
N ASN C 66 8.08 -3.36 26.78
CA ASN C 66 7.36 -4.17 27.78
C ASN C 66 6.33 -5.14 27.22
N ASP C 67 5.42 -4.63 26.39
CA ASP C 67 4.32 -5.40 25.78
C ASP C 67 4.35 -5.28 24.25
N SER C 68 3.38 -5.91 23.60
CA SER C 68 3.35 -5.87 22.13
C SER C 68 2.12 -5.10 21.64
N LEU C 69 1.53 -4.29 22.52
CA LEU C 69 0.52 -3.32 22.10
C LEU C 69 1.23 -2.11 21.54
N ILE C 70 2.23 -1.61 22.28
CA ILE C 70 2.99 -0.44 21.88
C ILE C 70 3.88 -0.86 20.70
N PRO C 71 3.93 -0.02 19.65
CA PRO C 71 4.80 -0.26 18.49
C PRO C 71 6.29 -0.31 18.85
N TRP C 72 7.03 -1.25 18.27
CA TRP C 72 8.46 -1.33 18.53
C TRP C 72 9.23 -0.61 17.45
N CYS C 73 8.61 -0.48 16.29
CA CYS C 73 9.21 0.22 15.18
C CYS C 73 8.25 1.31 14.71
N PHE C 74 8.67 2.56 14.77
CA PHE C 74 7.78 3.68 14.51
C PHE C 74 8.49 4.76 13.74
N PHE C 75 7.76 5.44 12.82
CA PHE C 75 8.32 6.64 12.20
C PHE C 75 8.31 7.71 13.29
N VAL C 76 9.48 8.29 13.61
CA VAL C 76 9.49 9.46 14.47
C VAL C 76 9.06 10.56 13.51
N ASP C 77 10.04 11.23 12.90
CA ASP C 77 9.76 12.23 11.86
C ASP C 77 10.61 11.87 10.64
N ASN C 78 10.53 10.63 10.17
CA ASN C 78 11.45 10.16 9.12
C ASN C 78 10.80 10.05 7.77
N HIS C 79 9.48 9.93 7.77
CA HIS C 79 8.69 9.92 6.53
C HIS C 79 7.79 11.12 6.54
N GLY C 80 7.34 11.51 5.35
CA GLY C 80 6.39 12.61 5.23
C GLY C 80 6.57 13.37 3.94
N TYR C 81 5.92 14.51 3.88
CA TYR C 81 5.99 15.40 2.72
C TYR C 81 6.23 16.83 3.23
N ASN C 82 6.85 17.64 2.40
CA ASN C 82 6.99 19.08 2.65
C ASN C 82 6.19 19.86 1.65
N VAL C 83 5.67 21.00 2.08
CA VAL C 83 5.06 21.95 1.13
C VAL C 83 6.17 22.75 0.47
N GLN C 84 6.09 22.86 -0.85
CA GLN C 84 6.92 23.81 -1.57
C GLN C 84 5.98 24.58 -2.53
N ASP C 85 5.76 25.86 -2.24
CA ASP C 85 4.71 26.65 -2.89
C ASP C 85 3.31 26.26 -2.40
N MET C 86 2.64 27.21 -1.74
CA MET C 86 1.21 27.11 -1.51
C MET C 86 0.53 28.45 -1.73
N THR C 87 -0.65 28.44 -2.35
CA THR C 87 -1.36 29.67 -2.68
C THR C 87 -2.74 29.69 -2.04
N THR C 88 -3.44 30.82 -2.13
CA THR C 88 -4.85 30.91 -1.74
C THR C 88 -5.76 30.95 -2.97
N THR C 89 -6.87 30.22 -2.89
CA THR C 89 -7.95 30.37 -3.87
C THR C 89 -9.14 30.97 -3.15
N SER C 90 -10.21 31.21 -3.90
CA SER C 90 -11.43 31.81 -3.37
C SER C 90 -12.05 30.92 -2.31
N ILE C 91 -11.91 29.62 -2.52
CA ILE C 91 -12.60 28.61 -1.74
C ILE C 91 -11.73 28.12 -0.57
N GLY C 92 -10.42 28.04 -0.79
CA GLY C 92 -9.53 27.62 0.27
C GLY C 92 -8.09 27.82 -0.12
N VAL C 93 -7.37 26.71 -0.15
CA VAL C 93 -5.91 26.72 -0.28
C VAL C 93 -5.45 25.55 -1.13
N GLU C 94 -4.62 25.82 -2.13
CA GLU C 94 -3.91 24.75 -2.85
C GLU C 94 -2.46 24.69 -2.35
N ALA C 95 -1.88 23.49 -2.28
CA ALA C 95 -0.48 23.32 -1.88
C ALA C 95 0.17 22.13 -2.60
N LYS C 96 1.33 22.37 -3.22
CA LYS C 96 2.08 21.30 -3.86
C LYS C 96 2.99 20.68 -2.79
N LEU C 97 2.97 19.35 -2.70
CA LEU C 97 3.73 18.62 -1.68
C LEU C 97 4.78 17.70 -2.30
N ASN C 98 5.95 17.63 -1.67
CA ASN C 98 7.03 16.73 -2.10
C ASN C 98 7.48 15.74 -1.04
N ARG C 99 7.63 14.48 -1.46
CA ARG C 99 7.98 13.41 -0.56
C ARG C 99 9.39 13.58 0.03
N ILE C 100 9.48 13.69 1.35
CA ILE C 100 10.77 13.59 2.03
C ILE C 100 11.38 12.23 1.66
N PRO C 101 12.62 12.22 1.12
CA PRO C 101 13.06 11.03 0.38
C PRO C 101 13.58 9.83 1.23
N SER C 102 12.74 9.36 2.15
CA SER C 102 13.00 8.14 2.92
C SER C 102 12.84 6.88 2.05
N PRO C 103 13.13 5.68 2.59
CA PRO C 103 12.88 4.48 1.78
C PRO C 103 11.37 4.23 1.66
N THR C 104 11.00 3.39 0.70
CA THR C 104 9.57 3.04 0.47
C THR C 104 8.99 2.13 1.56
N LEU C 105 7.67 2.17 1.71
CA LEU C 105 7.00 1.17 2.54
C LEU C 105 6.52 -0.02 1.70
N PHE C 106 5.54 0.23 0.84
CA PHE C 106 4.96 -0.83 0.01
C PHE C 106 5.19 -0.58 -1.48
N GLY C 107 6.15 0.29 -1.80
CA GLY C 107 6.53 0.58 -3.18
C GLY C 107 5.58 1.54 -3.86
N ASN C 108 6.00 2.02 -5.03
CA ASN C 108 5.21 2.92 -5.86
C ASN C 108 4.69 4.12 -5.11
N ASP C 109 5.59 4.83 -4.42
CA ASP C 109 5.25 6.11 -3.84
C ASP C 109 4.91 7.11 -4.95
N ILE C 110 4.28 8.21 -4.55
CA ILE C 110 4.03 9.32 -5.47
C ILE C 110 4.75 10.55 -4.92
N ASN C 111 5.80 10.97 -5.62
CA ASN C 111 6.73 11.97 -5.10
C ASN C 111 6.14 13.35 -5.04
N SER C 112 5.25 13.62 -5.99
CA SER C 112 4.68 14.93 -6.25
C SER C 112 3.16 14.85 -6.04
N VAL C 113 2.67 15.51 -4.98
CA VAL C 113 1.28 15.37 -4.58
C VAL C 113 0.62 16.72 -4.32
N LEU C 114 -0.69 16.83 -4.54
CA LEU C 114 -1.41 18.10 -4.41
C LEU C 114 -2.49 18.12 -3.32
N PHE C 115 -2.34 19.06 -2.40
CA PHE C 115 -3.28 19.26 -1.28
C PHE C 115 -4.26 20.41 -1.58
N THR C 116 -5.55 20.18 -1.36
CA THR C 116 -6.60 21.13 -1.71
C THR C 116 -7.59 21.26 -0.57
N THR C 117 -7.96 22.49 -0.27
CA THR C 117 -8.83 22.81 0.84
C THR C 117 -10.06 23.47 0.28
N GLN C 118 -11.21 23.19 0.90
CA GLN C 118 -12.46 23.86 0.52
C GLN C 118 -13.21 24.19 1.77
N ASN C 119 -13.45 25.48 1.97
CA ASN C 119 -14.31 25.94 3.05
C ASN C 119 -15.76 25.94 2.59
N GLN C 120 -16.41 24.77 2.73
CA GLN C 120 -17.69 24.53 2.07
C GLN C 120 -18.86 25.25 2.72
N THR C 121 -18.98 25.15 4.03
CA THR C 121 -20.01 25.90 4.76
C THR C 121 -19.41 26.38 6.09
N PRO C 122 -20.15 27.21 6.86
CA PRO C 122 -19.57 27.66 8.12
C PRO C 122 -19.33 26.50 9.09
N ASN C 123 -19.86 25.33 8.73
CA ASN C 123 -19.85 24.17 9.58
C ASN C 123 -19.11 22.97 9.08
N ARG C 124 -18.83 22.91 7.77
CA ARG C 124 -17.99 21.82 7.30
C ARG C 124 -16.84 22.24 6.44
N PHE C 125 -15.67 21.74 6.82
CA PHE C 125 -14.43 21.94 6.10
C PHE C 125 -14.08 20.66 5.31
N ARG C 126 -13.45 20.81 4.14
CA ARG C 126 -13.06 19.64 3.38
C ARG C 126 -11.66 19.79 2.80
N PHE C 127 -10.83 18.75 2.97
CA PHE C 127 -9.54 18.74 2.32
C PHE C 127 -9.34 17.44 1.60
N LYS C 128 -8.53 17.47 0.56
CA LYS C 128 -8.22 16.26 -0.17
C LYS C 128 -6.82 16.31 -0.74
N ILE C 129 -6.24 15.12 -0.93
CA ILE C 129 -4.88 14.98 -1.40
C ILE C 129 -4.87 14.10 -2.63
N THR C 130 -4.45 14.66 -3.76
CA THR C 130 -4.50 13.96 -5.05
C THR C 130 -3.17 13.90 -5.81
N ASP C 131 -3.14 13.07 -6.86
CA ASP C 131 -2.02 12.94 -7.77
C ASP C 131 -2.31 13.87 -8.94
N PRO C 132 -1.46 14.91 -9.13
CA PRO C 132 -1.70 15.85 -10.22
C PRO C 132 -1.44 15.23 -11.59
N ASN C 133 -0.50 14.30 -11.67
CA ASN C 133 -0.08 13.72 -12.94
C ASN C 133 -0.80 12.42 -13.28
N ASN C 134 -1.97 12.20 -12.69
CA ASN C 134 -2.76 11.00 -12.94
C ASN C 134 -4.12 11.12 -12.26
N ARG C 135 -5.20 10.87 -12.98
CA ARG C 135 -6.52 10.81 -12.34
C ARG C 135 -6.69 9.48 -11.59
N ARG C 136 -6.60 9.54 -10.26
CA ARG C 136 -6.80 8.36 -9.41
C ARG C 136 -8.31 8.16 -9.16
N TYR C 137 -8.71 6.96 -8.72
CA TYR C 137 -10.13 6.69 -8.45
C TYR C 137 -10.69 7.62 -7.39
N GLU C 138 -11.84 8.20 -7.66
CA GLU C 138 -12.55 8.99 -6.67
C GLU C 138 -13.95 8.43 -6.61
N VAL C 139 -14.48 8.21 -5.41
CA VAL C 139 -15.80 7.63 -5.22
C VAL C 139 -16.81 8.44 -6.02
N PRO C 140 -17.51 7.80 -6.97
CA PRO C 140 -18.55 8.45 -7.76
C PRO C 140 -19.88 8.45 -7.03
N HIS C 141 -19.90 9.16 -5.90
CA HIS C 141 -21.11 9.27 -5.08
C HIS C 141 -22.27 9.80 -5.89
N GLN C 142 -23.48 9.50 -5.46
CA GLN C 142 -24.63 9.88 -6.26
C GLN C 142 -25.31 11.12 -5.74
N TYR C 143 -24.88 11.59 -4.58
CA TYR C 143 -25.51 12.74 -3.99
C TYR C 143 -24.53 13.86 -3.76
N VAL C 144 -23.41 13.55 -3.09
CA VAL C 144 -22.35 14.52 -2.82
C VAL C 144 -21.99 15.29 -4.08
N LYS C 145 -22.39 16.57 -4.10
CA LYS C 145 -22.21 17.44 -5.26
C LYS C 145 -20.82 18.08 -5.24
N GLU C 146 -20.24 18.30 -6.42
CA GLU C 146 -18.98 19.05 -6.55
C GLU C 146 -19.21 20.47 -6.03
N PHE C 147 -18.21 21.04 -5.36
CA PHE C 147 -18.32 22.37 -4.80
C PHE C 147 -17.37 23.32 -5.53
N THR C 148 -17.85 24.53 -5.83
CA THR C 148 -17.05 25.55 -6.52
C THR C 148 -17.21 26.95 -5.93
N GLY C 149 -18.31 27.15 -5.22
CA GLY C 149 -18.60 28.43 -4.60
C GLY C 149 -20.00 28.40 -4.01
N PRO C 150 -20.47 29.53 -3.44
CA PRO C 150 -19.68 30.76 -3.29
C PRO C 150 -18.82 30.68 -2.04
N THR C 151 -17.84 31.56 -1.96
CA THR C 151 -16.89 31.58 -0.84
C THR C 151 -17.61 31.95 0.46
N VAL C 152 -17.50 31.07 1.45
CA VAL C 152 -18.08 31.34 2.76
C VAL C 152 -17.05 32.11 3.57
N SER C 153 -17.46 33.25 4.13
CA SER C 153 -16.63 33.96 5.09
C SER C 153 -17.28 33.89 6.49
N ASP C 154 -16.45 33.99 7.53
CA ASP C 154 -16.90 33.78 8.93
C ASP C 154 -17.34 32.32 9.15
N THR C 155 -16.36 31.44 9.31
CA THR C 155 -16.61 30.01 9.54
C THR C 155 -16.29 29.72 11.01
N LEU C 156 -16.78 28.60 11.53
CA LEU C 156 -16.55 28.22 12.94
C LEU C 156 -15.19 27.55 13.15
N TYR C 157 -14.60 27.09 12.06
CA TYR C 157 -13.30 26.42 12.09
C TYR C 157 -12.16 27.33 11.62
N ASP C 158 -10.95 26.79 11.67
CA ASP C 158 -9.73 27.54 11.45
C ASP C 158 -8.60 26.59 11.06
N VAL C 159 -8.04 26.77 9.87
CA VAL C 159 -7.14 25.78 9.30
C VAL C 159 -5.69 26.29 9.22
N LYS C 160 -4.85 25.85 10.16
CA LYS C 160 -3.41 26.10 10.09
C LYS C 160 -2.72 24.95 9.37
N VAL C 161 -1.77 25.27 8.49
CA VAL C 161 -1.08 24.26 7.68
C VAL C 161 0.44 24.36 7.82
N ALA C 162 1.01 23.48 8.62
CA ALA C 162 2.47 23.43 8.81
C ALA C 162 3.22 23.12 7.51
N GLN C 163 4.48 23.58 7.46
CA GLN C 163 5.28 23.61 6.22
C GLN C 163 6.30 22.48 6.07
N ASN C 164 7.08 22.24 7.12
CA ASN C 164 8.12 21.18 7.13
C ASN C 164 8.19 20.46 8.47
N PRO C 165 7.60 19.26 8.54
CA PRO C 165 6.90 18.59 7.44
C PRO C 165 5.44 19.00 7.35
N PHE C 166 4.82 18.69 6.21
CA PHE C 166 3.41 19.00 5.99
C PHE C 166 2.52 18.43 7.08
N SER C 167 1.58 19.23 7.56
CA SER C 167 0.50 18.72 8.39
C SER C 167 -0.64 19.70 8.50
N ILE C 168 -1.86 19.18 8.49
CA ILE C 168 -3.03 20.04 8.62
C ILE C 168 -3.50 20.05 10.05
N GLN C 169 -4.15 21.14 10.42
CA GLN C 169 -4.59 21.31 11.79
C GLN C 169 -5.87 22.14 11.81
N VAL C 170 -6.96 21.52 12.26
CA VAL C 170 -8.29 22.15 12.26
C VAL C 170 -8.67 22.56 13.67
N ILE C 171 -9.03 23.85 13.84
CA ILE C 171 -9.26 24.44 15.16
C ILE C 171 -10.63 25.09 15.22
N ARG C 172 -11.33 24.87 16.34
CA ARG C 172 -12.60 25.53 16.60
C ARG C 172 -12.27 26.92 17.13
N LYS C 173 -12.50 27.97 16.35
CA LYS C 173 -12.04 29.32 16.76
C LYS C 173 -12.77 29.89 17.99
N SER C 174 -14.10 29.73 18.02
CA SER C 174 -14.87 29.94 19.24
C SER C 174 -14.02 29.90 20.53
N ASN C 175 -13.32 28.78 20.75
CA ASN C 175 -12.56 28.53 22.00
C ASN C 175 -11.11 28.07 21.81
N GLY C 176 -10.65 28.07 20.56
CA GLY C 176 -9.26 27.76 20.24
C GLY C 176 -8.81 26.31 20.39
N LYS C 177 -9.74 25.42 20.77
CA LYS C 177 -9.44 23.97 20.90
C LYS C 177 -9.15 23.33 19.55
N THR C 178 -8.01 22.63 19.44
CA THR C 178 -7.67 22.04 18.16
C THR C 178 -8.26 20.62 18.03
N LEU C 179 -8.96 20.39 16.92
CA LEU C 179 -9.79 19.21 16.74
C LEU C 179 -9.10 18.07 15.98
N PHE C 180 -8.38 18.41 14.92
CA PHE C 180 -7.87 17.43 14.00
C PHE C 180 -6.40 17.75 13.71
N ASP C 181 -5.49 16.98 14.29
CA ASP C 181 -4.07 17.32 14.25
C ASP C 181 -3.16 16.26 13.54
N THR C 182 -2.94 16.47 12.25
CA THR C 182 -2.12 15.59 11.43
C THR C 182 -0.61 15.58 11.77
N SER C 183 -0.16 16.61 12.48
CA SER C 183 1.28 16.82 12.78
C SER C 183 1.95 15.67 13.51
N ILE C 184 1.15 14.72 13.99
CA ILE C 184 1.58 13.66 14.88
C ILE C 184 2.28 12.47 14.18
N GLY C 185 2.10 12.39 12.86
CA GLY C 185 2.70 11.31 12.06
C GLY C 185 2.82 11.72 10.59
N PRO C 186 3.32 10.81 9.75
CA PRO C 186 3.64 11.16 8.37
C PRO C 186 2.39 11.20 7.52
N LEU C 187 2.53 11.67 6.29
CA LEU C 187 1.55 11.38 5.26
C LEU C 187 2.26 10.38 4.36
N VAL C 188 1.62 9.25 4.10
CA VAL C 188 2.18 8.28 3.15
C VAL C 188 1.19 8.17 1.99
N TYR C 189 1.64 8.49 0.79
CA TYR C 189 0.74 8.44 -0.36
C TYR C 189 1.44 7.61 -1.43
N SER C 190 1.13 6.33 -1.44
CA SER C 190 1.64 5.44 -2.47
C SER C 190 0.46 4.83 -3.21
N ASP C 191 0.71 4.39 -4.44
CA ASP C 191 -0.32 3.85 -5.33
C ASP C 191 -1.32 2.89 -4.65
N GLN C 192 -0.83 1.98 -3.80
CA GLN C 192 -1.71 1.06 -3.08
C GLN C 192 -1.69 1.13 -1.54
N TYR C 193 -1.00 2.11 -0.97
CA TYR C 193 -1.04 2.34 0.46
C TYR C 193 -1.13 3.84 0.75
N LEU C 194 -2.15 4.21 1.52
CA LEU C 194 -2.37 5.60 1.92
C LEU C 194 -2.44 5.67 3.43
N GLN C 195 -1.69 6.57 4.02
CA GLN C 195 -1.70 6.69 5.46
C GLN C 195 -1.71 8.15 5.94
N ILE C 196 -2.60 8.43 6.89
CA ILE C 196 -2.62 9.70 7.56
C ILE C 196 -3.15 9.50 8.96
N SER C 197 -2.60 10.21 9.95
CA SER C 197 -3.04 10.08 11.34
C SER C 197 -3.52 11.42 11.88
N ALA C 198 -4.39 11.39 12.90
CA ALA C 198 -4.91 12.61 13.51
C ALA C 198 -5.02 12.49 15.01
N ARG C 199 -4.51 13.48 15.73
CA ARG C 199 -4.73 13.57 17.18
C ARG C 199 -6.06 14.25 17.50
N LEU C 200 -6.84 13.66 18.39
CA LEU C 200 -8.14 14.19 18.74
C LEU C 200 -8.14 14.80 20.14
N PRO C 201 -9.07 15.76 20.39
CA PRO C 201 -9.06 16.51 21.64
C PRO C 201 -9.61 15.78 22.85
N SER C 202 -10.48 14.79 22.65
CA SER C 202 -11.01 14.01 23.79
C SER C 202 -10.97 12.50 23.59
N ASP C 203 -11.35 11.75 24.62
CA ASP C 203 -11.27 10.29 24.61
C ASP C 203 -12.60 9.64 24.25
N TYR C 204 -13.51 10.43 23.68
CA TYR C 204 -14.84 9.93 23.37
C TYR C 204 -15.17 9.95 21.89
N ILE C 205 -15.03 8.77 21.27
CA ILE C 205 -15.24 8.58 19.84
C ILE C 205 -16.37 7.58 19.59
N TYR C 206 -17.23 7.89 18.62
CA TYR C 206 -18.36 7.03 18.31
C TYR C 206 -18.47 6.78 16.79
N GLY C 207 -18.70 5.54 16.39
CA GLY C 207 -18.96 5.24 14.99
C GLY C 207 -18.00 4.26 14.38
N ILE C 208 -17.82 4.35 13.06
CA ILE C 208 -17.11 3.36 12.23
C ILE C 208 -17.94 2.08 12.07
N GLY C 209 -17.94 1.51 10.87
CA GLY C 209 -18.74 0.31 10.61
C GLY C 209 -18.42 -0.33 9.28
N GLU C 210 -19.02 -1.49 8.99
CA GLU C 210 -19.89 -2.21 9.91
C GLU C 210 -19.05 -3.25 10.63
N GLN C 211 -19.00 -3.18 11.95
CA GLN C 211 -18.35 -4.21 12.75
C GLN C 211 -19.19 -4.45 13.97
N VAL C 212 -18.83 -5.46 14.75
CA VAL C 212 -19.47 -5.62 16.07
C VAL C 212 -18.56 -4.91 17.06
N HIS C 213 -19.04 -3.79 17.59
CA HIS C 213 -18.26 -3.05 18.59
C HIS C 213 -18.52 -3.50 20.03
N LYS C 214 -19.73 -4.00 20.28
CA LYS C 214 -20.19 -4.38 21.62
C LYS C 214 -20.51 -3.15 22.48
N ARG C 215 -19.62 -2.17 22.44
CA ARG C 215 -19.74 -0.96 23.24
C ARG C 215 -19.82 0.22 22.30
N PHE C 216 -20.68 1.18 22.65
CA PHE C 216 -20.97 2.34 21.79
C PHE C 216 -19.80 3.29 21.76
N ARG C 217 -19.25 3.63 22.92
CA ARG C 217 -18.05 4.48 22.95
C ARG C 217 -16.81 3.60 22.85
N HIS C 218 -15.92 3.99 21.94
CA HIS C 218 -14.76 3.18 21.57
C HIS C 218 -13.72 2.90 22.65
N ASP C 219 -13.28 1.65 22.72
CA ASP C 219 -12.09 1.30 23.45
C ASP C 219 -10.93 1.91 22.66
N LEU C 220 -10.10 2.70 23.34
CA LEU C 220 -8.98 3.36 22.69
C LEU C 220 -7.70 2.53 22.74
N SER C 221 -7.78 1.33 23.33
CA SER C 221 -6.60 0.57 23.66
C SER C 221 -6.00 -0.24 22.52
N TRP C 222 -5.48 0.46 21.51
CA TRP C 222 -4.77 -0.17 20.38
C TRP C 222 -5.62 -1.16 19.58
N LYS C 223 -6.66 -0.66 18.91
CA LYS C 223 -7.64 -1.52 18.23
C LYS C 223 -7.67 -1.25 16.72
N THR C 224 -7.64 -2.30 15.89
CA THR C 224 -7.87 -2.14 14.43
C THR C 224 -9.32 -2.43 14.08
N TRP C 225 -9.85 -1.69 13.12
CA TRP C 225 -11.20 -1.90 12.59
C TRP C 225 -11.14 -1.88 11.07
N PRO C 226 -11.15 -3.07 10.45
CA PRO C 226 -11.10 -3.17 9.00
C PRO C 226 -12.43 -2.84 8.35
N ILE C 227 -12.41 -2.06 7.27
CA ILE C 227 -13.63 -1.70 6.56
C ILE C 227 -13.55 -2.18 5.12
N PHE C 228 -14.48 -3.05 4.76
CA PHE C 228 -14.56 -3.62 3.42
C PHE C 228 -15.79 -4.50 3.39
N THR C 229 -16.66 -4.20 2.44
CA THR C 229 -17.96 -4.82 2.36
C THR C 229 -17.82 -6.36 2.28
N ARG C 230 -18.56 -7.10 3.10
CA ARG C 230 -18.34 -8.55 3.27
C ARG C 230 -19.52 -9.32 3.87
N ASP C 231 -19.77 -10.51 3.33
CA ASP C 231 -20.78 -11.45 3.84
C ASP C 231 -20.15 -12.31 4.93
N GLN C 232 -20.66 -12.16 6.15
CA GLN C 232 -20.10 -12.83 7.33
C GLN C 232 -21.06 -12.79 8.52
N LEU C 233 -21.17 -13.88 9.25
CA LEU C 233 -21.96 -13.86 10.48
C LEU C 233 -21.30 -12.91 11.47
N PRO C 234 -22.05 -11.93 11.98
CA PRO C 234 -21.54 -11.08 13.07
C PRO C 234 -21.22 -11.92 14.29
N GLY C 235 -20.03 -11.74 14.85
CA GLY C 235 -19.60 -12.45 16.05
C GLY C 235 -18.76 -11.58 16.97
N ASP C 236 -18.16 -12.17 17.99
CA ASP C 236 -17.28 -11.43 18.89
C ASP C 236 -15.85 -11.27 18.36
N ASN C 237 -15.69 -10.38 17.38
CA ASN C 237 -14.38 -10.12 16.77
C ASN C 237 -14.42 -8.81 16.04
N ASN C 238 -13.33 -8.47 15.35
CA ASN C 238 -13.27 -7.23 14.59
C ASN C 238 -13.48 -7.41 13.09
N ASN C 239 -14.13 -8.49 12.68
CA ASN C 239 -14.37 -8.69 11.26
C ASN C 239 -15.12 -7.52 10.62
N ASN C 240 -14.68 -7.18 9.42
CA ASN C 240 -15.41 -6.34 8.51
C ASN C 240 -16.70 -7.03 8.10
N LEU C 241 -17.83 -6.35 8.25
CA LEU C 241 -19.10 -6.92 7.87
C LEU C 241 -19.77 -6.22 6.69
N TYR C 242 -21.09 -6.30 6.66
CA TYR C 242 -21.86 -6.02 5.48
C TYR C 242 -21.68 -4.62 4.90
N GLY C 243 -21.63 -3.60 5.77
CA GLY C 243 -21.59 -2.20 5.32
C GLY C 243 -20.20 -1.57 5.36
N HIS C 244 -20.08 -0.41 4.72
CA HIS C 244 -18.84 0.35 4.63
C HIS C 244 -19.08 1.82 5.05
N GLN C 245 -18.81 2.12 6.32
CA GLN C 245 -19.08 3.45 6.92
C GLN C 245 -17.86 3.98 7.68
N THR C 246 -17.18 4.98 7.13
CA THR C 246 -15.96 5.53 7.76
C THR C 246 -16.25 6.71 8.71
N PHE C 247 -17.52 7.09 8.83
CA PHE C 247 -17.87 8.25 9.65
C PHE C 247 -17.74 7.95 11.11
N PHE C 248 -16.99 8.79 11.81
CA PHE C 248 -17.03 8.77 13.26
C PHE C 248 -17.19 10.17 13.82
N MET C 249 -17.67 10.22 15.05
CA MET C 249 -18.05 11.44 15.69
C MET C 249 -17.34 11.47 17.04
N CYS C 250 -17.23 12.67 17.61
CA CYS C 250 -16.42 12.85 18.79
C CYS C 250 -16.88 14.07 19.57
N ILE C 251 -17.08 13.90 20.88
CA ILE C 251 -17.59 14.99 21.73
C ILE C 251 -16.45 15.63 22.54
N GLU C 252 -16.31 16.94 22.42
CA GLU C 252 -15.14 17.65 22.95
C GLU C 252 -15.22 17.93 24.44
N ASP C 253 -16.39 18.35 24.91
CA ASP C 253 -16.54 18.74 26.31
C ASP C 253 -17.99 18.78 26.76
N THR C 254 -18.16 19.17 28.02
CA THR C 254 -19.43 19.13 28.70
C THR C 254 -20.53 20.05 28.10
N SER C 255 -20.11 21.06 27.34
CA SER C 255 -21.03 22.04 26.73
C SER C 255 -21.77 21.46 25.51
N GLY C 256 -21.33 20.27 25.09
CA GLY C 256 -21.98 19.59 23.97
C GLY C 256 -21.25 19.79 22.67
N LYS C 257 -20.25 20.67 22.65
CA LYS C 257 -19.46 20.91 21.42
C LYS C 257 -18.81 19.63 20.91
N SER C 258 -19.05 19.34 19.64
CA SER C 258 -18.61 18.08 19.05
C SER C 258 -18.18 18.27 17.61
N PHE C 259 -17.50 17.27 17.06
CA PHE C 259 -17.22 17.25 15.64
C PHE C 259 -17.25 15.84 15.05
N GLY C 260 -17.17 15.76 13.73
CA GLY C 260 -17.24 14.51 13.01
C GLY C 260 -16.18 14.47 11.94
N VAL C 261 -15.72 13.27 11.61
CA VAL C 261 -14.71 13.11 10.57
C VAL C 261 -15.18 12.05 9.60
N PHE C 262 -15.34 12.43 8.34
CA PHE C 262 -15.78 11.50 7.33
C PHE C 262 -14.76 11.38 6.20
N LEU C 263 -14.33 10.15 5.92
CA LEU C 263 -13.40 9.88 4.82
C LEU C 263 -14.14 9.29 3.61
N MET C 264 -14.10 9.99 2.49
CA MET C 264 -14.83 9.55 1.30
C MET C 264 -13.91 8.68 0.44
N ASN C 265 -13.94 7.37 0.68
CA ASN C 265 -13.06 6.41 0.01
C ASN C 265 -13.67 5.03 0.16
N SER C 266 -13.73 4.28 -0.94
CA SER C 266 -14.42 2.97 -0.94
C SER C 266 -13.53 1.75 -1.10
N ASN C 267 -12.21 1.96 -0.99
CA ASN C 267 -11.23 0.86 -1.03
C ASN C 267 -11.16 0.15 0.30
N ALA C 268 -10.56 -1.04 0.33
CA ALA C 268 -10.35 -1.75 1.58
C ALA C 268 -9.44 -0.92 2.46
N MET C 269 -9.76 -0.87 3.75
CA MET C 269 -8.99 -0.07 4.69
C MET C 269 -9.04 -0.56 6.15
N GLU C 270 -8.09 -0.09 6.95
CA GLU C 270 -8.09 -0.21 8.41
C GLU C 270 -8.24 1.17 9.02
N ILE C 271 -9.06 1.30 10.05
CA ILE C 271 -8.97 2.46 10.96
C ILE C 271 -8.45 1.98 12.31
N PHE C 272 -7.28 2.48 12.69
CA PHE C 272 -6.59 2.10 13.93
C PHE C 272 -6.73 3.19 15.01
N ILE C 273 -7.20 2.81 16.19
CA ILE C 273 -7.37 3.76 17.29
C ILE C 273 -6.37 3.45 18.43
N GLN C 274 -5.65 4.47 18.89
CA GLN C 274 -4.70 4.29 19.99
C GLN C 274 -4.80 5.46 20.99
N PRO C 275 -4.31 5.25 22.23
CA PRO C 275 -4.53 6.25 23.26
C PRO C 275 -3.88 7.58 22.93
N THR C 276 -4.50 8.65 23.47
CA THR C 276 -4.15 10.09 23.33
C THR C 276 -5.40 10.93 23.07
N PRO C 277 -6.28 10.51 22.12
CA PRO C 277 -6.18 9.43 21.15
C PRO C 277 -5.72 9.89 19.77
N ILE C 278 -5.06 8.99 19.04
CA ILE C 278 -4.66 9.23 17.66
C ILE C 278 -5.28 8.16 16.77
N VAL C 279 -6.10 8.60 15.82
CA VAL C 279 -6.72 7.70 14.85
C VAL C 279 -5.90 7.68 13.57
N THR C 280 -5.76 6.51 12.95
CA THR C 280 -4.87 6.32 11.80
C THR C 280 -5.59 5.57 10.68
N TYR C 281 -5.59 6.16 9.48
CA TYR C 281 -6.23 5.53 8.33
C TYR C 281 -5.19 4.86 7.47
N ARG C 282 -5.33 3.55 7.28
CA ARG C 282 -4.48 2.84 6.34
C ARG C 282 -5.37 2.32 5.23
N VAL C 283 -5.15 2.81 4.01
CA VAL C 283 -6.07 2.52 2.90
C VAL C 283 -5.37 2.01 1.61
N THR C 284 -6.04 1.10 0.91
CA THR C 284 -5.41 0.33 -0.14
C THR C 284 -5.46 0.92 -1.52
N GLY C 285 -6.16 2.04 -1.67
CA GLY C 285 -6.21 2.77 -2.95
C GLY C 285 -7.02 4.05 -2.87
N GLY C 286 -7.36 4.60 -4.03
CA GLY C 286 -8.12 5.85 -4.06
C GLY C 286 -7.32 7.08 -3.65
N ILE C 287 -8.01 8.10 -3.15
CA ILE C 287 -7.36 9.33 -2.66
C ILE C 287 -7.76 9.55 -1.23
N LEU C 288 -7.23 10.59 -0.61
CA LEU C 288 -7.68 10.97 0.73
C LEU C 288 -8.63 12.14 0.57
N ASP C 289 -9.89 11.94 0.96
CA ASP C 289 -10.92 12.94 0.78
C ASP C 289 -11.65 13.09 2.12
N PHE C 290 -11.22 14.05 2.92
CA PHE C 290 -11.76 14.21 4.27
C PHE C 290 -12.71 15.38 4.39
N TYR C 291 -13.80 15.15 5.12
CA TYR C 291 -14.71 16.20 5.53
C TYR C 291 -14.63 16.26 7.03
N ILE C 292 -14.58 17.47 7.58
CA ILE C 292 -14.60 17.66 9.03
C ILE C 292 -15.78 18.55 9.41
N LEU C 293 -16.59 18.07 10.35
CA LEU C 293 -17.92 18.65 10.57
C LEU C 293 -18.12 19.08 12.01
N LEU C 294 -18.22 20.39 12.22
CA LEU C 294 -18.40 20.96 13.56
C LEU C 294 -19.86 21.11 13.93
N GLY C 295 -20.17 21.01 15.22
CA GLY C 295 -21.54 21.18 15.71
C GLY C 295 -21.63 21.61 17.16
N ASP C 296 -22.73 22.26 17.53
CA ASP C 296 -22.93 22.68 18.90
C ASP C 296 -23.30 21.55 19.85
N THR C 297 -23.99 20.55 19.32
CA THR C 297 -24.35 19.36 20.08
C THR C 297 -23.96 18.14 19.23
N PRO C 298 -23.92 16.94 19.85
CA PRO C 298 -23.75 15.75 19.02
C PRO C 298 -24.86 15.63 17.97
N GLU C 299 -26.11 15.88 18.38
CA GLU C 299 -27.22 15.85 17.45
C GLU C 299 -26.94 16.70 16.20
N GLN C 300 -26.31 17.85 16.40
CA GLN C 300 -26.05 18.78 15.32
C GLN C 300 -25.00 18.25 14.35
N VAL C 301 -24.03 17.50 14.87
CA VAL C 301 -22.97 16.93 14.04
C VAL C 301 -23.55 15.86 13.09
N VAL C 302 -24.35 14.96 13.65
CA VAL C 302 -25.05 13.98 12.85
C VAL C 302 -25.89 14.66 11.76
N GLN C 303 -26.54 15.76 12.09
CA GLN C 303 -27.34 16.50 11.12
C GLN C 303 -26.45 16.98 10.01
N GLN C 304 -25.28 17.47 10.40
CA GLN C 304 -24.35 18.05 9.44
C GLN C 304 -23.82 17.02 8.47
N TYR C 305 -23.63 15.80 8.99
CA TYR C 305 -23.15 14.69 8.17
C TYR C 305 -24.19 14.32 7.13
N GLN C 306 -25.45 14.23 7.56
CA GLN C 306 -26.55 13.90 6.66
C GLN C 306 -26.82 15.00 5.62
N GLN C 307 -26.65 16.25 6.02
CA GLN C 307 -26.71 17.36 5.08
C GLN C 307 -25.75 17.08 3.93
N LEU C 308 -24.49 16.79 4.23
CA LEU C 308 -23.47 16.47 3.22
C LEU C 308 -23.82 15.25 2.35
N VAL C 309 -24.19 14.15 3.01
CA VAL C 309 -24.21 12.87 2.33
C VAL C 309 -25.57 12.51 1.76
N GLY C 310 -26.63 13.09 2.33
CA GLY C 310 -27.99 12.85 1.86
C GLY C 310 -28.87 12.60 3.05
N LEU C 311 -30.06 13.21 3.08
CA LEU C 311 -31.00 12.97 4.17
C LEU C 311 -31.74 11.66 3.94
N PRO C 312 -32.11 10.95 5.03
CA PRO C 312 -32.73 9.65 4.86
C PRO C 312 -34.08 9.74 4.15
N ALA C 313 -34.48 8.67 3.48
CA ALA C 313 -35.82 8.61 2.88
C ALA C 313 -36.87 8.63 3.99
N MET C 314 -38.01 9.23 3.70
CA MET C 314 -39.14 9.15 4.61
C MET C 314 -39.82 7.81 4.34
N PRO C 315 -40.02 6.99 5.38
CA PRO C 315 -40.61 5.69 5.12
C PRO C 315 -42.11 5.78 4.89
N ALA C 316 -42.69 4.70 4.39
CA ALA C 316 -44.13 4.55 4.38
C ALA C 316 -44.57 4.19 5.80
N TYR C 317 -45.75 4.65 6.20
CA TYR C 317 -46.24 4.39 7.55
C TYR C 317 -46.19 2.89 7.83
N TRP C 318 -46.61 2.07 6.87
CA TRP C 318 -46.66 0.61 7.12
C TRP C 318 -45.29 -0.04 7.32
N ASN C 319 -44.23 0.65 6.90
CA ASN C 319 -42.86 0.19 7.17
C ASN C 319 -42.60 0.04 8.67
N LEU C 320 -43.34 0.80 9.46
CA LEU C 320 -43.09 0.84 10.88
C LEU C 320 -43.84 -0.24 11.63
N GLY C 321 -44.75 -0.91 10.92
CA GLY C 321 -45.47 -2.06 11.47
C GLY C 321 -44.56 -3.27 11.66
N PHE C 322 -44.97 -4.18 12.54
CA PHE C 322 -44.22 -5.38 12.85
C PHE C 322 -44.25 -6.36 11.67
N GLN C 323 -43.13 -7.04 11.45
CA GLN C 323 -42.99 -8.00 10.36
C GLN C 323 -42.63 -9.39 10.87
N LEU C 324 -43.28 -10.39 10.28
CA LEU C 324 -42.91 -11.80 10.53
C LEU C 324 -42.19 -12.39 9.33
N SER C 325 -41.24 -13.27 9.61
CA SER C 325 -40.37 -13.79 8.58
C SER C 325 -39.59 -15.01 9.08
N ARG C 326 -39.14 -15.85 8.15
CA ARG C 326 -38.15 -16.87 8.44
C ARG C 326 -37.56 -17.38 7.14
N TRP C 327 -36.34 -17.87 7.23
CA TRP C 327 -35.72 -18.58 6.14
C TRP C 327 -36.23 -20.02 6.12
N ASN C 328 -36.79 -20.40 4.98
CA ASN C 328 -37.33 -21.72 4.75
C ASN C 328 -38.55 -22.06 5.62
N TYR C 329 -39.73 -21.64 5.16
CA TYR C 329 -41.02 -22.09 5.69
C TYR C 329 -41.33 -23.45 5.06
N LYS C 330 -40.59 -23.77 4.00
CA LYS C 330 -40.69 -25.01 3.22
C LYS C 330 -41.87 -24.99 2.24
N SER C 331 -43.04 -24.54 2.69
CA SER C 331 -44.23 -24.53 1.82
C SER C 331 -45.26 -23.46 2.22
N LEU C 332 -46.07 -23.05 1.24
CA LEU C 332 -47.10 -22.03 1.45
C LEU C 332 -48.10 -22.38 2.56
N ASP C 333 -48.28 -23.68 2.83
CA ASP C 333 -49.20 -24.14 3.87
C ASP C 333 -48.69 -23.74 5.23
N VAL C 334 -47.36 -23.80 5.41
CA VAL C 334 -46.73 -23.48 6.68
C VAL C 334 -46.74 -21.97 6.87
N VAL C 335 -46.46 -21.23 5.80
CA VAL C 335 -46.63 -19.77 5.81
C VAL C 335 -48.05 -19.44 6.31
N LYS C 336 -49.05 -20.02 5.65
CA LYS C 336 -50.45 -19.82 6.00
C LYS C 336 -50.72 -20.11 7.47
N GLU C 337 -50.25 -21.27 7.97
CA GLU C 337 -50.49 -21.66 9.37
C GLU C 337 -49.92 -20.63 10.36
N VAL C 338 -48.74 -20.11 10.03
CA VAL C 338 -48.09 -19.09 10.86
C VAL C 338 -48.94 -17.79 10.89
N VAL C 339 -49.38 -17.35 9.70
CA VAL C 339 -50.22 -16.15 9.61
C VAL C 339 -51.46 -16.28 10.47
N ARG C 340 -52.21 -17.37 10.31
CA ARG C 340 -53.50 -17.47 10.98
C ARG C 340 -53.38 -17.66 12.49
N ARG C 341 -52.33 -18.34 12.94
CA ARG C 341 -52.16 -18.54 14.38
C ARG C 341 -51.80 -17.26 15.10
N ASN C 342 -51.16 -16.34 14.38
CA ASN C 342 -50.77 -15.06 14.93
C ASN C 342 -51.86 -14.01 14.88
N ARG C 343 -52.67 -14.03 13.82
CA ARG C 343 -53.86 -13.20 13.73
C ARG C 343 -54.78 -13.53 14.90
N GLU C 344 -54.89 -14.83 15.19
CA GLU C 344 -55.73 -15.33 16.24
C GLU C 344 -55.27 -14.94 17.65
N ALA C 345 -53.95 -14.86 17.83
CA ALA C 345 -53.39 -14.49 19.13
C ALA C 345 -53.39 -12.98 19.30
N GLY C 346 -53.92 -12.26 18.31
CA GLY C 346 -54.14 -10.82 18.40
C GLY C 346 -52.88 -9.98 18.31
N ILE C 347 -51.81 -10.58 17.79
CA ILE C 347 -50.53 -9.93 17.59
C ILE C 347 -50.64 -8.91 16.48
N PRO C 348 -50.28 -7.64 16.78
CA PRO C 348 -50.27 -6.61 15.73
C PRO C 348 -49.11 -6.87 14.78
N PHE C 349 -49.42 -7.15 13.51
CA PHE C 349 -48.37 -7.23 12.50
C PHE C 349 -48.84 -6.85 11.11
N ASP C 350 -48.07 -5.96 10.49
CA ASP C 350 -48.47 -5.38 9.22
C ASP C 350 -48.05 -6.22 8.03
N THR C 351 -46.86 -6.78 8.09
CA THR C 351 -46.28 -7.34 6.90
C THR C 351 -45.76 -8.76 7.10
N GLN C 352 -45.84 -9.56 6.05
CA GLN C 352 -45.35 -10.92 6.03
C GLN C 352 -44.23 -11.05 4.99
N VAL C 353 -43.03 -11.37 5.45
CA VAL C 353 -41.86 -11.50 4.58
C VAL C 353 -41.71 -12.97 4.19
N THR C 354 -41.07 -13.22 3.05
CA THR C 354 -40.96 -14.56 2.48
C THR C 354 -39.57 -14.74 1.86
N ASP C 355 -38.76 -15.64 2.41
CA ASP C 355 -37.36 -15.78 2.02
C ASP C 355 -37.23 -16.50 0.67
N ILE C 356 -36.01 -16.93 0.30
CA ILE C 356 -35.75 -17.55 -1.00
C ILE C 356 -36.50 -18.86 -1.28
N ASP C 357 -37.09 -19.46 -0.26
CA ASP C 357 -37.91 -20.65 -0.44
C ASP C 357 -39.20 -20.43 -1.27
N TYR C 358 -39.65 -19.18 -1.40
CA TYR C 358 -40.82 -18.86 -2.20
C TYR C 358 -40.55 -19.04 -3.69
N MET C 359 -39.28 -18.95 -4.07
CA MET C 359 -38.89 -18.97 -5.48
C MET C 359 -38.80 -20.39 -6.02
N GLU C 360 -38.78 -20.52 -7.35
CA GLU C 360 -38.55 -21.80 -7.99
C GLU C 360 -37.06 -22.08 -8.07
N ASP C 361 -36.59 -23.09 -7.33
CA ASP C 361 -35.17 -23.44 -7.24
C ASP C 361 -34.31 -22.22 -6.97
N LYS C 362 -34.78 -21.37 -6.06
CA LYS C 362 -34.08 -20.17 -5.60
C LYS C 362 -33.67 -19.20 -6.70
N LYS C 363 -34.44 -19.18 -7.80
CA LYS C 363 -34.19 -18.26 -8.92
C LYS C 363 -35.01 -16.99 -8.76
N ASP C 364 -34.36 -15.83 -8.89
CA ASP C 364 -35.03 -14.53 -8.86
C ASP C 364 -36.21 -14.45 -9.84
N PHE C 365 -37.27 -13.76 -9.43
CA PHE C 365 -38.41 -13.43 -10.31
C PHE C 365 -39.21 -14.63 -10.79
N THR C 366 -39.24 -15.69 -9.98
CA THR C 366 -40.11 -16.84 -10.23
C THR C 366 -40.80 -17.17 -8.91
N TYR C 367 -41.73 -18.10 -8.92
CA TYR C 367 -42.09 -18.75 -7.66
C TYR C 367 -42.32 -20.23 -7.83
N ASP C 368 -42.15 -20.97 -6.75
CA ASP C 368 -42.30 -22.43 -6.79
C ASP C 368 -43.77 -22.79 -7.00
N GLN C 369 -44.08 -23.21 -8.23
CA GLN C 369 -45.44 -23.54 -8.65
C GLN C 369 -46.02 -24.76 -7.91
N VAL C 370 -45.15 -25.56 -7.30
CA VAL C 370 -45.58 -26.75 -6.56
C VAL C 370 -45.83 -26.41 -5.09
N ALA C 371 -44.76 -26.24 -4.30
CA ALA C 371 -44.88 -26.09 -2.85
C ALA C 371 -45.45 -24.73 -2.42
N PHE C 372 -45.39 -23.77 -3.33
CA PHE C 372 -45.99 -22.48 -3.08
C PHE C 372 -47.09 -22.23 -4.08
N ASN C 373 -47.85 -23.28 -4.35
CA ASN C 373 -49.03 -23.16 -5.21
C ASN C 373 -50.12 -22.34 -4.52
N GLY C 374 -50.66 -21.38 -5.26
CA GLY C 374 -51.72 -20.52 -4.76
C GLY C 374 -51.23 -19.22 -4.13
N LEU C 375 -49.99 -18.85 -4.47
CA LEU C 375 -49.36 -17.64 -3.92
C LEU C 375 -50.15 -16.37 -4.16
N PRO C 376 -50.57 -16.10 -5.42
CA PRO C 376 -51.26 -14.83 -5.66
C PRO C 376 -52.60 -14.71 -4.95
N GLN C 377 -53.23 -15.85 -4.68
CA GLN C 377 -54.48 -15.90 -3.90
C GLN C 377 -54.20 -15.55 -2.45
N PHE C 378 -53.12 -16.11 -1.89
CA PHE C 378 -52.69 -15.83 -0.53
C PHE C 378 -52.30 -14.37 -0.35
N VAL C 379 -51.52 -13.83 -1.29
CA VAL C 379 -51.19 -12.40 -1.32
C VAL C 379 -52.49 -11.59 -1.23
N GLN C 380 -53.47 -11.99 -2.05
CA GLN C 380 -54.79 -11.37 -2.02
C GLN C 380 -55.43 -11.43 -0.63
N ASP C 381 -55.27 -12.55 0.07
CA ASP C 381 -55.78 -12.68 1.42
C ASP C 381 -55.10 -11.70 2.37
N LEU C 382 -53.81 -11.47 2.15
CA LEU C 382 -53.07 -10.55 2.99
C LEU C 382 -53.64 -9.15 2.81
N HIS C 383 -53.79 -8.72 1.56
CA HIS C 383 -54.39 -7.42 1.25
C HIS C 383 -55.80 -7.25 1.78
N ASP C 384 -56.57 -8.35 1.77
CA ASP C 384 -57.93 -8.35 2.29
C ASP C 384 -58.00 -8.07 3.80
N HIS C 385 -56.93 -8.36 4.52
CA HIS C 385 -56.81 -8.06 5.95
C HIS C 385 -56.07 -6.77 6.20
N GLY C 386 -55.75 -6.05 5.13
CA GLY C 386 -54.98 -4.80 5.22
C GLY C 386 -53.52 -5.03 5.55
N GLN C 387 -53.00 -6.19 5.17
CA GLN C 387 -51.60 -6.51 5.40
C GLN C 387 -50.75 -6.42 4.13
N LYS C 388 -49.44 -6.49 4.33
CA LYS C 388 -48.49 -6.27 3.25
C LYS C 388 -47.59 -7.48 3.06
N TYR C 389 -46.99 -7.55 1.88
CA TYR C 389 -46.18 -8.70 1.48
C TYR C 389 -44.84 -8.24 0.90
N VAL C 390 -43.76 -8.66 1.55
CA VAL C 390 -42.42 -8.31 1.13
C VAL C 390 -41.71 -9.56 0.64
N ILE C 391 -41.05 -9.48 -0.50
CA ILE C 391 -40.24 -10.58 -1.00
C ILE C 391 -38.75 -10.24 -0.95
N ILE C 392 -37.93 -11.27 -0.86
CA ILE C 392 -36.48 -11.12 -0.99
C ILE C 392 -36.04 -11.11 -2.48
N LEU C 393 -35.02 -10.32 -2.81
CA LEU C 393 -34.42 -10.37 -4.14
C LEU C 393 -32.92 -10.39 -4.02
N ASP C 394 -32.27 -11.33 -4.72
CA ASP C 394 -30.80 -11.41 -4.74
C ASP C 394 -30.26 -10.84 -6.04
N PRO C 395 -29.03 -10.31 -6.04
CA PRO C 395 -28.53 -9.71 -7.26
C PRO C 395 -28.13 -10.76 -8.26
N ALA C 396 -27.62 -11.89 -7.78
CA ALA C 396 -27.13 -12.96 -8.64
C ALA C 396 -28.25 -13.57 -9.50
N ILE C 397 -27.99 -13.70 -10.80
CA ILE C 397 -28.98 -14.25 -11.73
C ILE C 397 -28.47 -15.57 -12.27
N SER C 398 -29.27 -16.63 -12.14
CA SER C 398 -28.86 -17.97 -12.56
C SER C 398 -28.60 -18.11 -14.07
N ILE C 399 -27.50 -18.78 -14.44
CA ILE C 399 -27.24 -19.10 -15.86
C ILE C 399 -28.05 -20.30 -16.36
N GLY C 400 -28.70 -21.00 -15.43
CA GLY C 400 -29.46 -22.20 -15.74
C GLY C 400 -30.79 -22.01 -16.45
N ARG C 401 -31.50 -23.13 -16.61
CA ARG C 401 -32.83 -23.18 -17.25
C ARG C 401 -33.90 -23.29 -16.18
N ARG C 402 -35.13 -22.86 -16.52
CA ARG C 402 -36.27 -23.01 -15.59
C ARG C 402 -36.62 -24.47 -15.37
N ALA C 403 -37.59 -24.74 -14.50
CA ALA C 403 -37.97 -26.13 -14.11
C ALA C 403 -38.31 -27.02 -15.30
N ASN C 404 -39.45 -26.74 -15.91
CA ASN C 404 -39.89 -27.44 -17.13
C ASN C 404 -39.07 -27.13 -18.41
N GLY C 405 -37.74 -27.07 -18.27
CA GLY C 405 -36.81 -26.96 -19.40
C GLY C 405 -36.80 -25.68 -20.22
N THR C 406 -37.73 -24.76 -19.96
CA THR C 406 -37.83 -23.52 -20.74
C THR C 406 -36.69 -22.53 -20.45
N THR C 407 -36.40 -21.66 -21.42
CA THR C 407 -35.44 -20.59 -21.17
C THR C 407 -35.94 -19.74 -19.99
N TYR C 408 -34.99 -19.31 -19.17
CA TYR C 408 -35.23 -18.43 -18.02
C TYR C 408 -35.17 -16.98 -18.48
N ALA C 409 -36.34 -16.36 -18.58
CA ALA C 409 -36.51 -15.08 -19.27
C ALA C 409 -35.66 -13.94 -18.72
N THR C 410 -35.46 -13.95 -17.40
CA THR C 410 -34.65 -12.93 -16.72
C THR C 410 -33.21 -12.95 -17.20
N TYR C 411 -32.65 -14.15 -17.29
CA TYR C 411 -31.30 -14.33 -17.78
C TYR C 411 -31.20 -13.95 -19.25
N GLU C 412 -32.17 -14.39 -20.05
CA GLU C 412 -32.16 -14.13 -21.48
C GLU C 412 -32.13 -12.64 -21.78
N ARG C 413 -33.04 -11.89 -21.16
CA ARG C 413 -33.15 -10.44 -21.35
C ARG C 413 -31.89 -9.72 -20.84
N GLY C 414 -31.31 -10.25 -19.76
CA GLY C 414 -30.04 -9.74 -19.22
C GLY C 414 -28.93 -9.81 -20.26
N ASN C 415 -28.79 -10.96 -20.91
CA ASN C 415 -27.82 -11.12 -22.00
C ASN C 415 -28.05 -10.12 -23.12
N THR C 416 -29.29 -10.06 -23.62
CA THR C 416 -29.64 -9.18 -24.72
C THR C 416 -29.17 -7.77 -24.45
N GLN C 417 -29.43 -7.27 -23.24
CA GLN C 417 -29.11 -5.88 -22.93
C GLN C 417 -27.70 -5.65 -22.39
N HIS C 418 -26.94 -6.74 -22.27
CA HIS C 418 -25.54 -6.72 -21.82
C HIS C 418 -25.39 -6.07 -20.45
N VAL C 419 -26.06 -6.65 -19.48
CA VAL C 419 -26.24 -6.04 -18.18
C VAL C 419 -25.20 -6.48 -17.15
N TRP C 420 -24.41 -7.50 -17.50
CA TRP C 420 -23.57 -8.21 -16.53
C TRP C 420 -22.23 -7.54 -16.21
N ILE C 421 -21.60 -8.02 -15.14
CA ILE C 421 -20.24 -7.62 -14.75
C ILE C 421 -19.28 -8.53 -15.46
N ASN C 422 -18.29 -7.93 -16.12
CA ASN C 422 -17.33 -8.65 -16.96
C ASN C 422 -16.02 -8.94 -16.21
N GLU C 423 -15.27 -9.93 -16.70
CA GLU C 423 -13.90 -10.21 -16.26
C GLU C 423 -12.96 -9.11 -16.74
N SER C 424 -11.67 -9.25 -16.44
CA SER C 424 -10.68 -8.20 -16.72
C SER C 424 -10.55 -7.85 -18.19
N ASP C 425 -10.85 -8.81 -19.08
CA ASP C 425 -10.92 -8.52 -20.53
C ASP C 425 -12.01 -7.51 -20.90
N GLY C 426 -13.09 -7.45 -20.13
CA GLY C 426 -14.14 -6.49 -20.38
C GLY C 426 -15.15 -6.97 -21.40
N SER C 427 -15.22 -8.30 -21.58
CA SER C 427 -16.15 -8.89 -22.54
C SER C 427 -16.90 -10.06 -21.93
N THR C 428 -16.16 -11.05 -21.43
CA THR C 428 -16.74 -12.26 -20.84
C THR C 428 -17.35 -11.93 -19.49
N PRO C 429 -18.65 -12.26 -19.31
CA PRO C 429 -19.28 -12.09 -18.01
C PRO C 429 -18.66 -13.02 -16.96
N ILE C 430 -18.48 -12.51 -15.74
CA ILE C 430 -17.88 -13.29 -14.67
C ILE C 430 -18.92 -14.25 -14.08
N ILE C 431 -18.47 -15.43 -13.67
CA ILE C 431 -19.38 -16.43 -13.13
C ILE C 431 -19.02 -16.71 -11.67
N GLY C 432 -19.95 -16.40 -10.78
CA GLY C 432 -19.87 -16.75 -9.36
C GLY C 432 -20.83 -17.87 -9.04
N GLU C 433 -21.15 -18.02 -7.78
CA GLU C 433 -22.16 -18.98 -7.36
C GLU C 433 -22.87 -18.46 -6.11
N VAL C 434 -24.19 -18.39 -6.19
CA VAL C 434 -24.96 -18.09 -5.01
C VAL C 434 -26.04 -19.18 -4.84
N TRP C 435 -27.26 -18.80 -4.48
CA TRP C 435 -28.27 -19.77 -4.08
C TRP C 435 -28.70 -20.77 -5.15
N PRO C 436 -28.95 -20.32 -6.39
CA PRO C 436 -29.37 -21.29 -7.40
C PRO C 436 -28.23 -21.93 -8.21
N GLY C 437 -27.06 -22.11 -7.58
CA GLY C 437 -25.85 -22.57 -8.29
C GLY C 437 -25.17 -21.45 -9.05
N LEU C 438 -24.50 -21.78 -10.15
CA LEU C 438 -23.75 -20.80 -10.93
C LEU C 438 -24.60 -19.61 -11.37
N THR C 439 -24.00 -18.41 -11.33
CA THR C 439 -24.70 -17.15 -11.58
C THR C 439 -23.81 -16.06 -12.17
N VAL C 440 -24.46 -15.09 -12.80
CA VAL C 440 -23.81 -13.87 -13.27
C VAL C 440 -24.28 -12.68 -12.44
N TYR C 441 -23.52 -11.58 -12.49
CA TYR C 441 -23.82 -10.46 -11.61
C TYR C 441 -24.19 -9.19 -12.38
N PRO C 442 -25.34 -8.60 -12.05
CA PRO C 442 -25.78 -7.36 -12.68
C PRO C 442 -24.89 -6.21 -12.25
N ASP C 443 -24.49 -5.37 -13.20
CA ASP C 443 -23.71 -4.17 -12.90
C ASP C 443 -24.64 -3.00 -12.71
N PHE C 444 -25.14 -2.81 -11.48
CA PHE C 444 -26.16 -1.80 -11.18
C PHE C 444 -25.69 -0.34 -11.28
N THR C 445 -24.49 -0.15 -11.79
CA THR C 445 -23.93 1.17 -12.01
C THR C 445 -24.18 1.58 -13.47
N ASN C 446 -24.65 0.60 -14.24
CA ASN C 446 -24.96 0.74 -15.66
C ASN C 446 -26.40 1.22 -15.80
N PRO C 447 -26.60 2.37 -16.48
CA PRO C 447 -27.98 2.86 -16.64
C PRO C 447 -28.89 1.86 -17.37
N ASN C 448 -28.30 1.00 -18.21
CA ASN C 448 -29.06 -0.07 -18.89
C ASN C 448 -29.51 -1.15 -17.93
N CYS C 449 -28.71 -1.36 -16.91
CA CYS C 449 -28.99 -2.36 -15.92
C CYS C 449 -30.14 -1.94 -15.02
N ILE C 450 -30.14 -0.68 -14.60
CA ILE C 450 -31.22 -0.16 -13.77
C ILE C 450 -32.55 -0.31 -14.52
N ASP C 451 -32.52 -0.09 -15.84
CA ASP C 451 -33.71 -0.27 -16.71
C ASP C 451 -34.14 -1.72 -16.76
N TRP C 452 -33.20 -2.63 -17.07
CA TRP C 452 -33.45 -4.06 -17.06
C TRP C 452 -34.05 -4.53 -15.74
N TRP C 453 -33.50 -4.04 -14.63
CA TRP C 453 -33.94 -4.40 -13.28
C TRP C 453 -35.36 -3.92 -13.02
N ALA C 454 -35.59 -2.62 -13.25
CA ALA C 454 -36.90 -2.02 -13.11
C ALA C 454 -37.93 -2.82 -13.88
N ASN C 455 -37.56 -3.18 -15.10
CA ASN C 455 -38.42 -3.96 -15.96
C ASN C 455 -38.75 -5.32 -15.36
N GLU C 456 -37.76 -6.02 -14.81
CA GLU C 456 -37.93 -7.36 -14.25
C GLU C 456 -38.90 -7.37 -13.08
N CYS C 457 -38.87 -6.32 -12.27
CA CYS C 457 -39.74 -6.19 -11.09
C CYS C 457 -41.16 -5.87 -11.47
N SER C 458 -41.30 -5.21 -12.62
CA SER C 458 -42.58 -4.80 -13.15
C SER C 458 -43.31 -5.99 -13.74
N ILE C 459 -42.60 -6.77 -14.54
CA ILE C 459 -43.11 -8.01 -15.11
C ILE C 459 -43.51 -8.97 -14.01
N PHE C 460 -42.66 -9.12 -13.01
CA PHE C 460 -42.93 -10.04 -11.91
C PHE C 460 -44.10 -9.60 -11.05
N HIS C 461 -44.28 -8.28 -10.86
CA HIS C 461 -45.37 -7.76 -10.02
C HIS C 461 -46.77 -8.10 -10.57
N GLN C 462 -46.85 -8.23 -11.89
CA GLN C 462 -48.08 -8.61 -12.54
C GLN C 462 -48.45 -10.05 -12.24
N GLU C 463 -47.46 -10.86 -11.95
CA GLU C 463 -47.70 -12.26 -11.60
C GLU C 463 -47.93 -12.42 -10.09
N VAL C 464 -47.08 -11.76 -9.29
CA VAL C 464 -47.16 -11.80 -7.81
C VAL C 464 -47.17 -10.36 -7.30
N GLN C 465 -48.25 -9.98 -6.60
CA GLN C 465 -48.38 -8.58 -6.21
C GLN C 465 -47.68 -8.19 -4.91
N TYR C 466 -46.35 -8.26 -4.91
CA TYR C 466 -45.52 -7.84 -3.78
C TYR C 466 -45.75 -6.36 -3.43
N ASP C 467 -45.51 -5.99 -2.17
CA ASP C 467 -45.67 -4.61 -1.71
C ASP C 467 -44.36 -3.88 -1.48
N GLY C 468 -43.31 -4.66 -1.23
CA GLY C 468 -41.99 -4.11 -0.96
C GLY C 468 -40.90 -5.12 -1.23
N LEU C 469 -39.67 -4.63 -1.32
CA LEU C 469 -38.54 -5.49 -1.64
C LEU C 469 -37.50 -5.53 -0.55
N TRP C 470 -36.84 -6.67 -0.44
CA TRP C 470 -35.75 -6.84 0.48
C TRP C 470 -34.57 -7.32 -0.33
N ILE C 471 -33.62 -6.44 -0.61
CA ILE C 471 -32.43 -6.80 -1.37
C ILE C 471 -31.31 -7.34 -0.48
N ASP C 472 -30.95 -8.60 -0.72
CA ASP C 472 -29.98 -9.31 0.08
C ASP C 472 -28.74 -9.65 -0.76
N MET C 473 -27.74 -10.28 -0.15
CA MET C 473 -26.48 -10.67 -0.80
C MET C 473 -25.76 -9.52 -1.49
N ASN C 474 -26.10 -8.32 -1.06
CA ASN C 474 -25.65 -7.07 -1.61
C ASN C 474 -24.17 -6.83 -1.67
N GLU C 475 -23.39 -7.39 -0.74
CA GLU C 475 -21.94 -7.11 -0.62
C GLU C 475 -21.26 -7.41 -1.94
N VAL C 476 -22.05 -8.12 -2.76
CA VAL C 476 -21.64 -9.04 -3.84
C VAL C 476 -20.93 -10.19 -3.12
N SER C 477 -21.76 -11.09 -2.60
CA SER C 477 -21.32 -12.36 -2.03
C SER C 477 -21.28 -13.41 -3.14
N SER C 478 -20.28 -14.28 -3.06
CA SER C 478 -20.18 -15.47 -3.87
C SER C 478 -19.85 -16.60 -2.93
N PHE C 479 -20.42 -17.78 -3.16
CA PHE C 479 -20.09 -18.97 -2.38
C PHE C 479 -18.69 -19.50 -2.72
N ILE C 480 -18.22 -19.21 -3.94
CA ILE C 480 -16.87 -19.59 -4.32
C ILE C 480 -15.92 -18.40 -4.29
N GLN C 481 -14.65 -18.66 -4.06
CA GLN C 481 -13.66 -17.60 -3.99
C GLN C 481 -13.25 -17.11 -5.39
N GLY C 482 -13.64 -15.88 -5.70
CA GLY C 482 -13.19 -15.19 -6.89
C GLY C 482 -14.13 -15.37 -8.08
N SER C 483 -13.91 -16.44 -8.83
CA SER C 483 -14.74 -16.72 -9.96
C SER C 483 -14.77 -18.22 -10.20
N THR C 484 -15.63 -18.63 -11.14
CA THR C 484 -15.76 -20.02 -11.55
C THR C 484 -14.40 -20.61 -11.96
N LYS C 485 -13.51 -19.77 -12.48
CA LYS C 485 -12.17 -20.22 -12.89
C LYS C 485 -11.05 -19.54 -12.10
N GLY C 486 -11.34 -19.17 -10.85
CA GLY C 486 -10.34 -18.58 -9.95
C GLY C 486 -9.96 -17.13 -10.25
N CYS C 487 -8.77 -16.73 -9.81
CA CYS C 487 -8.29 -15.35 -9.96
C CYS C 487 -6.95 -15.27 -10.62
N ASN C 488 -6.75 -14.22 -11.42
CA ASN C 488 -5.42 -13.93 -11.93
C ASN C 488 -4.52 -13.48 -10.79
N VAL C 489 -3.25 -13.86 -10.84
CA VAL C 489 -2.30 -13.52 -9.77
C VAL C 489 -1.61 -12.19 -10.05
N ASN C 490 -2.12 -11.12 -9.45
CA ASN C 490 -1.62 -9.77 -9.70
C ASN C 490 -1.72 -8.86 -8.49
N LYS C 491 -1.16 -7.65 -8.62
CA LYS C 491 -1.24 -6.62 -7.56
C LYS C 491 -2.66 -6.29 -7.06
N LEU C 492 -3.67 -6.48 -7.90
CA LEU C 492 -5.03 -6.15 -7.52
C LEU C 492 -5.65 -7.24 -6.68
N ASN C 493 -5.32 -8.49 -6.97
CA ASN C 493 -5.84 -9.62 -6.19
C ASN C 493 -5.02 -9.91 -4.96
N TYR C 494 -3.72 -9.66 -5.07
CA TYR C 494 -2.79 -9.86 -3.96
C TYR C 494 -2.00 -8.56 -3.70
N PRO C 495 -2.66 -7.58 -3.06
CA PRO C 495 -2.10 -6.24 -2.89
C PRO C 495 -0.93 -6.21 -1.92
N PRO C 496 -0.05 -5.18 -2.03
CA PRO C 496 1.19 -5.11 -1.26
C PRO C 496 0.90 -5.01 0.23
N PHE C 497 -0.20 -4.35 0.59
CA PHE C 497 -0.66 -4.27 1.96
C PHE C 497 -2.12 -4.65 2.02
N THR C 498 -2.41 -5.68 2.81
CA THR C 498 -3.77 -6.11 3.05
C THR C 498 -4.14 -5.67 4.46
N PRO C 499 -5.26 -4.95 4.61
CA PRO C 499 -5.70 -4.63 5.98
C PRO C 499 -6.28 -5.87 6.65
N ASP C 500 -6.64 -5.74 7.93
CA ASP C 500 -7.06 -6.87 8.75
C ASP C 500 -8.43 -7.47 8.39
N ILE C 501 -8.77 -7.46 7.10
CA ILE C 501 -10.05 -8.05 6.65
C ILE C 501 -10.00 -9.56 6.79
N LEU C 502 -11.14 -10.15 7.15
CA LEU C 502 -11.25 -11.60 7.37
C LEU C 502 -10.60 -12.40 6.23
N ASP C 503 -9.91 -13.49 6.59
CA ASP C 503 -9.19 -14.35 5.62
C ASP C 503 -7.98 -13.68 4.94
N LYS C 504 -7.75 -12.39 5.25
CA LYS C 504 -6.67 -11.59 4.66
C LYS C 504 -6.53 -11.83 3.14
N LEU C 505 -7.69 -11.93 2.47
CA LEU C 505 -7.72 -12.32 1.08
C LEU C 505 -8.86 -11.58 0.41
N MET C 506 -8.52 -10.53 -0.32
CA MET C 506 -9.51 -9.60 -0.94
C MET C 506 -10.76 -10.26 -1.59
N TYR C 507 -10.52 -11.23 -2.47
CA TYR C 507 -11.59 -11.86 -3.22
C TYR C 507 -12.35 -12.93 -2.42
N SER C 508 -12.02 -13.11 -1.15
CA SER C 508 -12.70 -14.11 -0.32
C SER C 508 -14.20 -13.82 -0.23
N LYS C 509 -15.01 -14.82 -0.53
CA LYS C 509 -16.48 -14.79 -0.48
C LYS C 509 -17.07 -13.63 -1.30
N THR C 510 -16.38 -13.30 -2.40
CA THR C 510 -16.80 -12.26 -3.37
C THR C 510 -16.21 -12.53 -4.77
N ILE C 511 -16.15 -11.53 -5.63
CA ILE C 511 -15.64 -11.71 -6.99
C ILE C 511 -14.25 -11.11 -7.20
N CYS C 512 -13.60 -11.50 -8.30
CA CYS C 512 -12.24 -11.09 -8.60
C CYS C 512 -12.08 -9.58 -8.59
N MET C 513 -10.94 -9.13 -8.09
CA MET C 513 -10.68 -7.72 -7.88
C MET C 513 -10.41 -6.96 -9.17
N ASP C 514 -10.12 -7.70 -10.25
CA ASP C 514 -9.90 -7.09 -11.57
C ASP C 514 -11.13 -7.05 -12.48
N ALA C 515 -12.28 -7.49 -11.95
CA ALA C 515 -13.56 -7.40 -12.64
C ALA C 515 -13.92 -5.96 -12.97
N VAL C 516 -14.42 -5.74 -14.17
CA VAL C 516 -14.78 -4.42 -14.68
C VAL C 516 -16.28 -4.13 -14.48
N GLN C 517 -16.59 -2.94 -13.97
CA GLN C 517 -17.94 -2.39 -13.92
C GLN C 517 -17.91 -0.99 -14.51
N ASN C 518 -19.08 -0.42 -14.75
CA ASN C 518 -19.14 0.89 -15.34
C ASN C 518 -18.47 1.98 -14.49
N TRP C 519 -18.65 1.95 -13.16
CA TRP C 519 -17.96 2.92 -12.29
C TRP C 519 -16.46 2.65 -12.11
N GLY C 520 -16.02 1.43 -12.41
CA GLY C 520 -14.60 1.10 -12.33
C GLY C 520 -14.26 -0.35 -12.03
N LYS C 521 -13.00 -0.58 -11.65
CA LYS C 521 -12.50 -1.91 -11.30
C LYS C 521 -13.08 -2.32 -9.97
N GLN C 522 -13.29 -3.63 -9.79
CA GLN C 522 -13.77 -4.18 -8.52
C GLN C 522 -12.94 -3.73 -7.30
N TYR C 523 -11.62 -3.71 -7.46
CA TYR C 523 -10.68 -3.28 -6.43
C TYR C 523 -11.07 -1.93 -5.85
N ASP C 524 -11.73 -1.12 -6.68
CA ASP C 524 -12.10 0.24 -6.28
C ASP C 524 -13.56 0.38 -5.88
N VAL C 525 -14.46 -0.18 -6.68
CA VAL C 525 -15.90 0.01 -6.46
C VAL C 525 -16.59 -1.16 -5.74
N HIS C 526 -15.81 -2.02 -5.10
CA HIS C 526 -16.37 -3.21 -4.46
C HIS C 526 -17.40 -2.88 -3.40
N SER C 527 -17.07 -1.92 -2.53
CA SER C 527 -17.93 -1.56 -1.38
C SER C 527 -19.15 -0.76 -1.81
N LEU C 528 -19.24 -0.49 -3.12
CA LEU C 528 -20.29 0.36 -3.65
C LEU C 528 -21.42 -0.41 -4.30
N TYR C 529 -21.27 -1.73 -4.39
CA TYR C 529 -22.27 -2.58 -5.04
C TYR C 529 -23.64 -2.55 -4.36
N GLY C 530 -23.66 -2.82 -3.07
CA GLY C 530 -24.91 -2.75 -2.30
C GLY C 530 -25.59 -1.40 -2.42
N TYR C 531 -24.78 -0.35 -2.39
CA TYR C 531 -25.22 1.05 -2.54
C TYR C 531 -25.92 1.25 -3.88
N SER C 532 -25.27 0.81 -4.95
CA SER C 532 -25.80 1.01 -6.30
C SER C 532 -27.07 0.19 -6.55
N MET C 533 -27.20 -0.94 -5.86
CA MET C 533 -28.38 -1.77 -5.98
C MET C 533 -29.60 -1.15 -5.27
N ALA C 534 -29.36 -0.46 -4.15
CA ALA C 534 -30.42 0.29 -3.48
C ALA C 534 -30.97 1.41 -4.38
N ILE C 535 -30.05 2.10 -5.06
CA ILE C 535 -30.40 3.13 -6.03
C ILE C 535 -31.18 2.54 -7.19
N ALA C 536 -30.71 1.41 -7.71
CA ALA C 536 -31.40 0.69 -8.78
C ALA C 536 -32.79 0.27 -8.35
N THR C 537 -32.93 -0.23 -7.11
CA THR C 537 -34.23 -0.66 -6.62
C THR C 537 -35.14 0.52 -6.33
N GLU C 538 -34.57 1.65 -5.96
CA GLU C 538 -35.37 2.85 -5.76
C GLU C 538 -36.03 3.28 -7.08
N GLN C 539 -35.31 3.15 -8.20
CA GLN C 539 -35.88 3.35 -9.53
C GLN C 539 -36.94 2.30 -9.87
N ALA C 540 -36.61 1.03 -9.66
CA ALA C 540 -37.55 -0.07 -9.88
C ALA C 540 -38.87 0.15 -9.17
N VAL C 541 -38.80 0.70 -7.97
CA VAL C 541 -39.99 0.99 -7.19
C VAL C 541 -40.85 2.05 -7.87
N GLN C 542 -40.24 3.06 -8.48
CA GLN C 542 -41.03 4.09 -9.18
C GLN C 542 -41.77 3.55 -10.40
N LYS C 543 -41.15 2.58 -11.09
CA LYS C 543 -41.79 1.93 -12.22
C LYS C 543 -42.95 1.07 -11.72
N VAL C 544 -42.72 0.22 -10.72
CA VAL C 544 -43.75 -0.71 -10.22
C VAL C 544 -44.89 -0.03 -9.41
N PHE C 545 -44.53 0.81 -8.44
CA PHE C 545 -45.51 1.55 -7.65
C PHE C 545 -45.30 3.04 -7.93
N PRO C 546 -45.93 3.55 -9.00
CA PRO C 546 -45.68 4.93 -9.38
C PRO C 546 -46.04 5.87 -8.24
N ASN C 547 -45.10 6.77 -7.91
CA ASN C 547 -45.24 7.78 -6.86
C ASN C 547 -45.54 7.25 -5.43
N LYS C 548 -45.39 5.94 -5.22
CA LYS C 548 -45.48 5.35 -3.88
C LYS C 548 -44.10 5.18 -3.24
N ARG C 549 -44.09 4.91 -1.93
CA ARG C 549 -42.85 4.78 -1.18
C ARG C 549 -42.39 3.34 -1.09
N SER C 550 -43.36 2.44 -0.96
CA SER C 550 -43.06 1.01 -0.85
C SER C 550 -42.12 0.70 0.32
N PHE C 551 -41.20 -0.23 0.11
CA PHE C 551 -40.23 -0.64 1.13
C PHE C 551 -39.00 -1.19 0.45
N ILE C 552 -37.82 -0.74 0.86
CA ILE C 552 -36.58 -1.36 0.41
C ILE C 552 -35.66 -1.62 1.59
N LEU C 553 -35.44 -2.89 1.89
CA LEU C 553 -34.52 -3.29 2.95
C LEU C 553 -33.25 -3.88 2.36
N THR C 554 -32.10 -3.27 2.68
CA THR C 554 -30.80 -3.66 2.09
C THR C 554 -29.84 -4.21 3.15
N ARG C 555 -28.94 -5.09 2.73
CA ARG C 555 -27.93 -5.58 3.66
C ARG C 555 -26.65 -4.75 3.57
N SER C 556 -25.97 -4.78 2.42
CA SER C 556 -24.80 -3.93 2.24
C SER C 556 -25.18 -2.44 2.13
N THR C 557 -24.30 -1.59 2.66
CA THR C 557 -24.55 -0.16 2.78
C THR C 557 -23.25 0.61 2.61
N PHE C 558 -23.31 1.76 1.97
CA PHE C 558 -22.21 2.69 1.95
C PHE C 558 -22.71 4.01 2.52
N ALA C 559 -21.85 5.01 2.62
CA ALA C 559 -22.22 6.35 3.10
C ALA C 559 -23.49 6.89 2.44
N GLY C 560 -24.50 7.15 3.27
CA GLY C 560 -25.74 7.77 2.82
C GLY C 560 -26.67 6.90 2.00
N SER C 561 -26.58 5.59 2.21
CA SER C 561 -27.56 4.65 1.72
C SER C 561 -28.89 4.83 2.45
N GLY C 562 -28.87 5.61 3.54
CA GLY C 562 -30.10 5.99 4.24
C GLY C 562 -31.08 6.69 3.35
N ARG C 563 -30.58 7.38 2.34
CA ARG C 563 -31.39 8.07 1.34
C ARG C 563 -32.25 7.12 0.48
N HIS C 564 -31.82 5.88 0.36
CA HIS C 564 -32.44 4.96 -0.57
C HIS C 564 -33.12 3.77 0.09
N ALA C 565 -32.61 3.34 1.24
CA ALA C 565 -33.06 2.07 1.83
C ALA C 565 -33.08 2.00 3.35
N ALA C 566 -33.67 0.93 3.87
CA ALA C 566 -33.55 0.54 5.28
C ALA C 566 -32.50 -0.54 5.40
N HIS C 567 -31.95 -0.70 6.59
CA HIS C 567 -30.91 -1.68 6.85
C HIS C 567 -31.30 -2.44 8.07
N TRP C 568 -31.00 -3.74 8.07
CA TRP C 568 -31.08 -4.50 9.31
C TRP C 568 -29.70 -5.06 9.60
N LEU C 569 -29.43 -5.36 10.87
CA LEU C 569 -28.07 -5.67 11.32
C LEU C 569 -27.48 -7.03 10.92
N GLY C 570 -28.13 -7.72 10.00
CA GLY C 570 -27.58 -8.94 9.43
C GLY C 570 -27.91 -10.19 10.24
N ASP C 571 -27.08 -11.20 10.08
CA ASP C 571 -27.38 -12.55 10.61
C ASP C 571 -26.93 -12.78 12.05
N ASN C 572 -27.72 -12.29 13.00
CA ASN C 572 -27.36 -12.45 14.39
C ASN C 572 -27.67 -13.86 14.91
N THR C 573 -27.48 -14.06 16.21
CA THR C 573 -27.57 -15.39 16.83
C THR C 573 -28.46 -15.29 18.09
N ALA C 574 -29.33 -16.28 18.30
CA ALA C 574 -30.11 -16.37 19.53
C ALA C 574 -29.17 -16.51 20.73
N SER C 575 -28.89 -15.38 21.37
CA SER C 575 -27.81 -15.25 22.34
C SER C 575 -27.95 -13.93 23.08
N TRP C 576 -27.76 -13.93 24.40
CA TRP C 576 -27.99 -12.70 25.16
C TRP C 576 -26.96 -11.62 24.81
N GLU C 577 -25.71 -12.01 24.63
CA GLU C 577 -24.69 -11.12 24.12
C GLU C 577 -25.19 -10.34 22.90
N GLN C 578 -25.63 -11.08 21.88
CA GLN C 578 -26.01 -10.54 20.58
C GLN C 578 -27.22 -9.60 20.65
N MET C 579 -28.07 -9.83 21.65
CA MET C 579 -29.20 -8.94 21.89
C MET C 579 -28.73 -7.60 22.47
N GLU C 580 -27.80 -7.68 23.43
CA GLU C 580 -27.17 -6.51 24.02
C GLU C 580 -26.43 -5.67 22.96
N TRP C 581 -25.62 -6.34 22.14
CA TRP C 581 -24.85 -5.71 21.07
C TRP C 581 -25.68 -5.05 19.96
N SER C 582 -26.94 -5.43 19.84
CA SER C 582 -27.78 -4.90 18.79
C SER C 582 -28.12 -3.45 19.05
N ILE C 583 -28.14 -3.04 20.32
CA ILE C 583 -28.46 -1.67 20.67
C ILE C 583 -27.34 -0.77 20.20
N THR C 584 -26.12 -1.09 20.58
CA THR C 584 -25.01 -0.27 20.21
C THR C 584 -24.75 -0.32 18.71
N GLY C 585 -25.19 -1.38 18.05
CA GLY C 585 -25.14 -1.45 16.57
C GLY C 585 -26.20 -0.60 15.89
N MET C 586 -27.42 -0.64 16.43
CA MET C 586 -28.52 0.19 15.97
C MET C 586 -28.19 1.69 16.15
N LEU C 587 -27.68 2.05 17.33
CA LEU C 587 -27.26 3.44 17.60
C LEU C 587 -26.21 3.98 16.64
N GLU C 588 -25.28 3.12 16.22
CA GLU C 588 -24.27 3.52 15.27
C GLU C 588 -24.87 3.81 13.90
N PHE C 589 -25.93 3.11 13.54
CA PHE C 589 -26.55 3.35 12.24
C PHE C 589 -27.41 4.59 12.25
N SER C 590 -27.93 4.97 13.41
CA SER C 590 -28.48 6.31 13.60
C SER C 590 -27.47 7.40 13.27
N LEU C 591 -26.26 7.31 13.79
CA LEU C 591 -25.19 8.22 13.41
C LEU C 591 -24.95 8.23 11.90
N PHE C 592 -25.07 7.08 11.24
CA PHE C 592 -24.80 6.98 9.78
C PHE C 592 -25.95 7.46 8.89
N GLY C 593 -26.99 8.00 9.52
CA GLY C 593 -28.14 8.50 8.80
C GLY C 593 -29.01 7.43 8.14
N ILE C 594 -29.12 6.26 8.75
CA ILE C 594 -30.03 5.24 8.26
C ILE C 594 -30.98 4.94 9.40
N PRO C 595 -31.99 5.80 9.61
CA PRO C 595 -32.80 5.74 10.83
C PRO C 595 -33.69 4.50 10.93
N LEU C 596 -34.15 3.99 9.80
CA LEU C 596 -34.99 2.79 9.81
C LEU C 596 -34.09 1.57 9.88
N VAL C 597 -33.72 1.20 11.09
CA VAL C 597 -32.79 0.11 11.32
C VAL C 597 -33.24 -0.77 12.50
N GLY C 598 -33.03 -2.07 12.38
CA GLY C 598 -33.31 -3.00 13.46
C GLY C 598 -32.45 -4.24 13.36
N ALA C 599 -32.52 -5.07 14.39
CA ALA C 599 -31.88 -6.37 14.37
C ALA C 599 -32.97 -7.42 14.18
N ASP C 600 -32.56 -8.68 14.07
CA ASP C 600 -33.50 -9.80 13.91
C ASP C 600 -33.97 -10.31 15.25
N ILE C 601 -35.21 -9.96 15.61
CA ILE C 601 -35.75 -10.25 16.93
C ILE C 601 -35.76 -11.75 17.18
N CYS C 602 -35.21 -12.14 18.34
CA CYS C 602 -35.14 -13.53 18.87
C CYS C 602 -33.96 -14.33 18.37
N GLY C 603 -33.25 -13.82 17.38
CA GLY C 603 -32.03 -14.46 16.92
C GLY C 603 -32.20 -15.34 15.71
N PHE C 604 -31.46 -14.98 14.66
CA PHE C 604 -31.46 -15.70 13.40
C PHE C 604 -30.90 -17.11 13.61
N VAL C 605 -29.57 -17.21 13.74
CA VAL C 605 -28.89 -18.48 13.94
C VAL C 605 -29.22 -19.05 15.31
N ALA C 606 -29.34 -20.37 15.40
CA ALA C 606 -29.66 -21.11 16.63
C ALA C 606 -31.14 -21.05 17.01
N GLU C 607 -31.56 -22.02 17.82
CA GLU C 607 -32.91 -22.03 18.38
C GLU C 607 -32.96 -21.10 19.57
N THR C 608 -34.08 -20.40 19.70
CA THR C 608 -34.20 -19.40 20.74
C THR C 608 -34.82 -19.99 22.02
N THR C 609 -34.61 -19.36 23.17
CA THR C 609 -35.27 -19.72 24.43
C THR C 609 -36.64 -19.05 24.50
N GLU C 610 -37.55 -19.59 25.33
CA GLU C 610 -38.75 -18.87 25.71
C GLU C 610 -38.37 -17.55 26.40
N GLU C 611 -37.47 -17.64 27.36
CA GLU C 611 -37.03 -16.48 28.12
C GLU C 611 -36.33 -15.43 27.22
N LEU C 612 -35.37 -15.87 26.41
CA LEU C 612 -34.61 -14.95 25.57
C LEU C 612 -35.54 -14.22 24.62
N CYS C 613 -36.38 -15.00 23.94
CA CYS C 613 -37.27 -14.47 22.92
C CYS C 613 -38.39 -13.60 23.50
N ARG C 614 -38.80 -13.87 24.73
CA ARG C 614 -39.76 -13.00 25.41
C ARG C 614 -39.16 -11.62 25.63
N ARG C 615 -37.89 -11.60 26.05
CA ARG C 615 -37.17 -10.35 26.30
C ARG C 615 -36.89 -9.60 25.01
N TRP C 616 -36.35 -10.32 24.03
CA TRP C 616 -36.06 -9.73 22.74
C TRP C 616 -37.30 -9.16 22.04
N MET C 617 -38.45 -9.78 22.27
CA MET C 617 -39.70 -9.26 21.73
C MET C 617 -40.08 -7.91 22.38
N GLN C 618 -39.77 -7.78 23.67
CA GLN C 618 -40.03 -6.54 24.38
C GLN C 618 -39.11 -5.46 23.82
N LEU C 619 -37.81 -5.74 23.76
CA LEU C 619 -36.89 -4.76 23.19
C LEU C 619 -37.26 -4.47 21.75
N GLY C 620 -37.47 -5.54 20.97
CA GLY C 620 -37.75 -5.49 19.54
C GLY C 620 -38.96 -4.67 19.13
N ALA C 621 -39.94 -4.57 20.03
CA ALA C 621 -41.08 -3.70 19.83
C ALA C 621 -40.63 -2.25 19.66
N PHE C 622 -39.38 -1.94 20.02
CA PHE C 622 -38.93 -0.57 20.04
C PHE C 622 -37.73 -0.30 19.15
N TYR C 623 -37.39 -1.27 18.32
CA TYR C 623 -36.48 -1.01 17.22
C TYR C 623 -37.25 -0.12 16.24
N PRO C 624 -36.58 0.87 15.65
CA PRO C 624 -37.24 1.61 14.56
C PRO C 624 -37.80 0.67 13.48
N PHE C 625 -37.00 -0.31 13.04
CA PHE C 625 -37.46 -1.36 12.14
C PHE C 625 -37.62 -2.65 12.94
N SER C 626 -38.84 -3.16 13.01
CA SER C 626 -39.17 -4.21 13.97
C SER C 626 -39.61 -5.51 13.29
N ARG C 627 -38.70 -6.47 13.21
CA ARG C 627 -38.98 -7.74 12.53
C ARG C 627 -38.38 -8.98 13.20
N ASN C 628 -39.23 -10.01 13.39
CA ASN C 628 -38.83 -11.33 13.86
C ASN C 628 -38.46 -12.19 12.64
N HIS C 629 -37.27 -12.77 12.67
CA HIS C 629 -36.75 -13.52 11.54
C HIS C 629 -35.89 -14.68 12.03
N ASN C 630 -35.86 -15.78 11.26
CA ASN C 630 -35.21 -17.02 11.71
C ASN C 630 -34.49 -17.74 10.60
N SER C 631 -33.41 -18.43 10.94
CA SER C 631 -32.65 -19.17 9.95
C SER C 631 -33.25 -20.54 9.69
N ASP C 632 -32.80 -21.14 8.59
CA ASP C 632 -33.27 -22.45 8.12
C ASP C 632 -33.06 -23.55 9.14
N GLY C 633 -34.09 -24.38 9.34
CA GLY C 633 -33.93 -25.60 10.13
C GLY C 633 -34.26 -25.54 11.61
N TYR C 634 -34.01 -24.40 12.26
CA TYR C 634 -34.29 -24.24 13.69
C TYR C 634 -35.78 -24.08 13.91
N GLU C 635 -36.27 -24.59 15.04
CA GLU C 635 -37.69 -24.54 15.40
C GLU C 635 -38.29 -23.14 15.20
N HIS C 636 -39.58 -23.08 14.89
CA HIS C 636 -40.27 -21.79 14.75
C HIS C 636 -40.11 -20.91 15.99
N GLN C 637 -40.07 -19.59 15.77
CA GLN C 637 -39.89 -18.63 16.84
C GLN C 637 -40.76 -17.37 16.70
N ASP C 638 -41.83 -17.45 15.92
CA ASP C 638 -42.84 -16.38 15.90
C ASP C 638 -43.63 -16.43 17.22
N PRO C 639 -44.15 -15.28 17.67
CA PRO C 639 -44.75 -15.20 18.99
C PRO C 639 -45.81 -16.26 19.29
N ALA C 640 -46.75 -16.45 18.37
CA ALA C 640 -47.89 -17.33 18.60
C ALA C 640 -47.56 -18.84 18.62
N PHE C 641 -46.35 -19.19 18.20
CA PHE C 641 -45.87 -20.55 18.30
C PHE C 641 -45.56 -20.92 19.75
N PHE C 642 -45.44 -19.93 20.64
CA PHE C 642 -45.10 -20.20 22.02
C PHE C 642 -46.33 -20.48 22.87
N GLY C 643 -47.51 -20.45 22.24
CA GLY C 643 -48.77 -20.77 22.92
C GLY C 643 -49.73 -19.60 22.97
N GLN C 644 -51.01 -19.85 22.69
CA GLN C 644 -52.02 -18.79 22.64
C GLN C 644 -52.21 -18.07 23.97
N ASN C 645 -51.99 -18.77 25.08
CA ASN C 645 -52.13 -18.17 26.39
C ASN C 645 -50.80 -18.11 27.11
N SER C 646 -49.73 -18.05 26.34
CA SER C 646 -48.38 -18.01 26.91
C SER C 646 -48.06 -16.60 27.40
N LEU C 647 -47.17 -16.52 28.39
CA LEU C 647 -46.68 -15.24 28.91
C LEU C 647 -46.00 -14.44 27.81
N LEU C 648 -45.29 -15.12 26.91
CA LEU C 648 -44.63 -14.49 25.77
C LEU C 648 -45.64 -13.79 24.87
N VAL C 649 -46.76 -14.45 24.57
CA VAL C 649 -47.79 -13.83 23.73
C VAL C 649 -48.45 -12.64 24.42
N LYS C 650 -48.78 -12.78 25.71
CA LYS C 650 -49.34 -11.68 26.50
C LYS C 650 -48.41 -10.46 26.47
N SER C 651 -47.12 -10.68 26.74
CA SER C 651 -46.11 -9.62 26.78
C SER C 651 -45.93 -8.96 25.39
N SER C 652 -45.66 -9.79 24.39
CA SER C 652 -45.43 -9.31 23.03
C SER C 652 -46.61 -8.49 22.53
N ARG C 653 -47.82 -9.00 22.72
CA ARG C 653 -49.02 -8.29 22.30
C ARG C 653 -49.10 -6.92 22.98
N GLN C 654 -48.87 -6.92 24.29
CA GLN C 654 -48.92 -5.69 25.10
C GLN C 654 -47.97 -4.61 24.58
N TYR C 655 -46.73 -5.00 24.29
CA TYR C 655 -45.70 -4.05 23.87
C TYR C 655 -45.68 -3.74 22.41
N LEU C 656 -46.15 -4.66 21.57
CA LEU C 656 -46.38 -4.31 20.18
C LEU C 656 -47.54 -3.34 20.10
N THR C 657 -48.54 -3.55 20.97
CA THR C 657 -49.66 -2.62 21.06
C THR C 657 -49.22 -1.22 21.53
N ILE C 658 -48.32 -1.16 22.52
CA ILE C 658 -47.74 0.10 22.92
C ILE C 658 -47.02 0.73 21.73
N ARG C 659 -46.26 -0.08 20.98
CA ARG C 659 -45.61 0.40 19.77
C ARG C 659 -46.62 1.08 18.83
N TYR C 660 -47.64 0.32 18.42
CA TYR C 660 -48.66 0.83 17.50
C TYR C 660 -49.38 2.09 17.97
N THR C 661 -49.60 2.20 19.28
CA THR C 661 -50.18 3.40 19.86
C THR C 661 -49.27 4.60 19.65
N LEU C 662 -47.96 4.38 19.71
CA LEU C 662 -46.99 5.46 19.59
C LEU C 662 -46.59 5.79 18.16
N LEU C 663 -47.15 5.07 17.19
CA LEU C 663 -46.75 5.25 15.78
C LEU C 663 -46.81 6.70 15.20
N PRO C 664 -47.86 7.49 15.54
CA PRO C 664 -47.83 8.90 15.13
C PRO C 664 -46.56 9.62 15.61
N PHE C 665 -46.17 9.37 16.85
CA PHE C 665 -44.94 9.92 17.40
C PHE C 665 -43.69 9.47 16.62
N LEU C 666 -43.53 8.15 16.48
CA LEU C 666 -42.40 7.58 15.74
C LEU C 666 -42.31 8.18 14.34
N TYR C 667 -43.44 8.18 13.64
CA TYR C 667 -43.55 8.71 12.28
C TYR C 667 -43.17 10.19 12.22
N THR C 668 -43.54 10.96 13.24
CA THR C 668 -43.14 12.36 13.28
C THR C 668 -41.61 12.49 13.40
N LEU C 669 -40.98 11.61 14.18
CA LEU C 669 -39.53 11.62 14.30
C LEU C 669 -38.88 11.30 12.95
N PHE C 670 -39.48 10.37 12.22
CA PHE C 670 -39.01 10.03 10.89
C PHE C 670 -39.15 11.20 9.93
N TYR C 671 -40.19 12.00 10.13
CA TYR C 671 -40.37 13.24 9.37
C TYR C 671 -39.23 14.20 9.68
N LYS C 672 -38.93 14.33 10.97
CA LYS C 672 -37.86 15.20 11.40
C LYS C 672 -36.49 14.73 10.89
N ALA C 673 -36.31 13.42 10.79
CA ALA C 673 -35.11 12.82 10.22
C ALA C 673 -34.97 13.21 8.74
N HIS C 674 -36.04 12.99 7.99
CA HIS C 674 -36.06 13.25 6.56
C HIS C 674 -35.83 14.73 6.22
N VAL C 675 -36.35 15.63 7.05
CA VAL C 675 -36.28 17.08 6.78
C VAL C 675 -35.02 17.75 7.33
N PHE C 676 -34.77 17.55 8.63
CA PHE C 676 -33.63 18.19 9.33
C PHE C 676 -32.41 17.29 9.60
N GLY C 677 -32.57 15.98 9.48
CA GLY C 677 -31.46 15.03 9.67
C GLY C 677 -31.25 14.59 11.10
N GLU C 678 -32.25 14.83 11.95
CA GLU C 678 -32.25 14.34 13.33
C GLU C 678 -32.31 12.82 13.39
N THR C 679 -32.00 12.27 14.56
CA THR C 679 -31.94 10.82 14.76
C THR C 679 -33.27 10.29 15.28
N VAL C 680 -33.62 9.05 14.95
CA VAL C 680 -34.88 8.51 15.44
C VAL C 680 -34.63 7.77 16.75
N ALA C 681 -33.96 6.62 16.68
CA ALA C 681 -33.50 5.98 17.90
C ALA C 681 -32.18 6.64 18.28
N ARG C 682 -32.18 7.48 19.30
CA ARG C 682 -30.94 8.20 19.60
C ARG C 682 -30.33 7.76 20.92
N PRO C 683 -28.98 7.83 21.03
CA PRO C 683 -28.31 7.48 22.28
C PRO C 683 -28.53 8.55 23.33
N VAL C 684 -28.38 8.16 24.60
CA VAL C 684 -28.67 9.04 25.72
C VAL C 684 -27.79 10.28 25.74
N LEU C 685 -26.55 10.20 25.26
CA LEU C 685 -25.68 11.39 25.28
C LEU C 685 -26.13 12.53 24.38
N HIS C 686 -26.93 12.21 23.36
CA HIS C 686 -27.45 13.24 22.45
C HIS C 686 -28.34 14.25 23.15
N GLU C 687 -29.03 13.81 24.19
CA GLU C 687 -29.92 14.68 24.94
C GLU C 687 -29.30 15.14 26.23
N PHE C 688 -28.45 14.30 26.84
CA PHE C 688 -27.97 14.57 28.20
C PHE C 688 -26.45 14.64 28.33
N TYR C 689 -25.82 15.37 27.40
CA TYR C 689 -24.37 15.46 27.30
C TYR C 689 -23.72 16.27 28.42
N GLU C 690 -24.49 17.14 29.08
CA GLU C 690 -23.98 17.96 30.19
C GLU C 690 -23.56 17.08 31.36
N ASP C 691 -23.98 15.81 31.32
CA ASP C 691 -23.58 14.81 32.32
C ASP C 691 -22.62 13.80 31.68
N THR C 692 -21.39 13.72 32.18
CA THR C 692 -20.44 12.79 31.57
C THR C 692 -20.79 11.30 31.79
N ASN C 693 -21.80 11.02 32.60
CA ASN C 693 -22.24 9.63 32.78
C ASN C 693 -22.98 9.09 31.57
N SER C 694 -23.67 10.00 30.87
CA SER C 694 -24.39 9.66 29.64
C SER C 694 -23.45 9.28 28.49
N TRP C 695 -22.22 9.78 28.53
CA TRP C 695 -21.25 9.58 27.46
C TRP C 695 -20.89 8.13 27.16
N ILE C 696 -21.00 7.27 28.17
CA ILE C 696 -20.64 5.86 28.04
C ILE C 696 -21.86 4.93 27.99
N GLU C 697 -23.04 5.46 28.31
CA GLU C 697 -24.25 4.65 28.42
C GLU C 697 -24.77 4.15 27.07
N ASP C 698 -24.98 2.84 26.98
CA ASP C 698 -25.42 2.18 25.73
C ASP C 698 -26.21 0.90 25.94
N THR C 699 -26.84 0.77 27.09
CA THR C 699 -27.67 -0.40 27.39
C THR C 699 -29.11 0.06 27.48
N GLU C 700 -29.33 1.32 27.11
CA GLU C 700 -30.66 1.90 26.97
C GLU C 700 -30.58 3.00 25.96
N PHE C 701 -31.73 3.32 25.35
CA PHE C 701 -31.78 4.39 24.34
C PHE C 701 -33.09 5.16 24.38
N LEU C 702 -33.21 6.11 23.46
CA LEU C 702 -34.40 6.93 23.36
C LEU C 702 -35.03 6.87 21.97
N TRP C 703 -36.35 7.03 21.93
CA TRP C 703 -37.02 7.46 20.72
C TRP C 703 -37.08 8.97 20.77
N GLY C 704 -36.33 9.60 19.87
CA GLY C 704 -36.20 11.06 19.88
C GLY C 704 -35.82 11.58 21.27
N PRO C 705 -36.35 12.75 21.66
CA PRO C 705 -36.00 13.34 22.96
C PRO C 705 -36.84 12.82 24.13
N ALA C 706 -37.96 12.17 23.87
CA ALA C 706 -39.03 12.04 24.88
C ALA C 706 -39.19 10.69 25.59
N LEU C 707 -38.91 9.58 24.88
CA LEU C 707 -39.17 8.24 25.43
C LEU C 707 -37.89 7.51 25.76
N LEU C 708 -37.78 7.03 27.01
CA LEU C 708 -36.62 6.24 27.43
C LEU C 708 -36.94 4.74 27.52
N ILE C 709 -36.14 3.93 26.84
CA ILE C 709 -36.35 2.49 26.75
C ILE C 709 -35.21 1.74 27.42
N THR C 710 -35.52 1.07 28.52
CA THR C 710 -34.53 0.34 29.30
C THR C 710 -34.87 -1.16 29.31
N PRO C 711 -34.19 -1.94 28.46
CA PRO C 711 -34.46 -3.38 28.34
C PRO C 711 -33.62 -4.27 29.29
N VAL C 712 -34.14 -5.47 29.55
CA VAL C 712 -33.42 -6.51 30.27
C VAL C 712 -32.48 -7.23 29.31
N LEU C 713 -31.20 -7.34 29.69
CA LEU C 713 -30.20 -7.85 28.76
C LEU C 713 -29.33 -8.97 29.32
N LYS C 714 -29.58 -9.34 30.57
CA LYS C 714 -28.86 -10.46 31.13
C LYS C 714 -29.82 -11.63 31.40
N GLN C 715 -29.33 -12.85 31.19
CA GLN C 715 -30.12 -14.06 31.33
C GLN C 715 -30.59 -14.25 32.78
N GLY C 716 -31.85 -14.57 32.96
CA GLY C 716 -32.39 -14.82 34.31
C GLY C 716 -32.70 -13.59 35.14
N ALA C 717 -32.27 -12.42 34.66
CA ALA C 717 -32.39 -11.18 35.41
C ALA C 717 -33.83 -10.66 35.64
N ASP C 718 -34.01 -10.08 36.82
CA ASP C 718 -35.29 -9.66 37.38
C ASP C 718 -35.23 -8.14 37.54
N THR C 719 -33.99 -7.67 37.47
CA THR C 719 -33.63 -6.32 37.85
C THR C 719 -32.52 -5.86 36.90
N VAL C 720 -32.43 -4.56 36.66
CA VAL C 720 -31.39 -4.04 35.79
C VAL C 720 -30.83 -2.72 36.33
N SER C 721 -29.49 -2.63 36.39
CA SER C 721 -28.83 -1.38 36.80
C SER C 721 -28.92 -0.40 35.65
N ALA C 722 -29.70 0.66 35.86
CA ALA C 722 -29.96 1.63 34.80
C ALA C 722 -29.55 3.01 35.21
N TYR C 723 -28.94 3.75 34.29
CA TYR C 723 -28.63 5.16 34.53
C TYR C 723 -29.81 6.02 34.11
N ILE C 724 -30.50 6.61 35.08
CA ILE C 724 -31.59 7.46 34.69
C ILE C 724 -31.11 8.93 34.73
N PRO C 725 -31.23 9.64 33.59
CA PRO C 725 -30.64 10.96 33.38
C PRO C 725 -31.35 12.12 34.08
N ASP C 726 -30.82 13.33 33.84
CA ASP C 726 -31.16 14.54 34.59
C ASP C 726 -32.41 15.21 34.04
N ALA C 727 -33.54 14.56 34.26
CA ALA C 727 -34.84 15.09 33.87
C ALA C 727 -35.93 14.52 34.78
N ILE C 728 -37.17 14.93 34.54
CA ILE C 728 -38.29 14.34 35.26
C ILE C 728 -38.80 13.17 34.43
N TRP C 729 -38.95 12.00 35.06
CA TRP C 729 -39.45 10.84 34.32
C TRP C 729 -40.78 10.31 34.86
N TYR C 730 -41.61 9.83 33.95
CA TYR C 730 -42.87 9.22 34.31
C TYR C 730 -42.88 7.80 33.77
N ASP C 731 -43.42 6.87 34.55
CA ASP C 731 -43.62 5.51 34.07
C ASP C 731 -44.67 5.54 32.95
N TYR C 732 -44.34 4.94 31.81
CA TYR C 732 -45.27 5.02 30.67
C TYR C 732 -46.59 4.36 31.01
N GLU C 733 -46.53 3.15 31.58
CA GLU C 733 -47.75 2.38 31.86
C GLU C 733 -48.65 3.00 32.93
N SER C 734 -48.10 3.27 34.11
CA SER C 734 -48.89 3.88 35.19
C SER C 734 -49.09 5.40 35.03
N GLY C 735 -48.07 6.12 34.57
CA GLY C 735 -48.13 7.57 34.49
C GLY C 735 -47.55 8.26 35.73
N ALA C 736 -47.07 7.44 36.68
CA ALA C 736 -46.53 7.95 37.95
C ALA C 736 -45.15 8.60 37.79
N LYS C 737 -44.96 9.77 38.40
CA LYS C 737 -43.67 10.46 38.41
C LYS C 737 -42.67 9.64 39.23
N ARG C 738 -41.62 9.17 38.56
CA ARG C 738 -40.60 8.42 39.24
C ARG C 738 -39.75 9.36 40.13
N PRO C 739 -39.40 8.92 41.36
CA PRO C 739 -38.57 9.72 42.26
C PRO C 739 -37.08 9.62 41.93
N TRP C 740 -36.77 9.47 40.64
CA TRP C 740 -35.39 9.32 40.17
C TRP C 740 -34.97 10.51 39.32
N ARG C 741 -33.70 10.89 39.47
CA ARG C 741 -33.11 12.00 38.70
C ARG C 741 -31.59 12.01 38.80
N LYS C 742 -30.95 12.03 37.64
CA LYS C 742 -29.49 12.07 37.51
C LYS C 742 -28.78 11.13 38.48
N GLN C 743 -29.05 9.82 38.32
CA GLN C 743 -28.50 8.79 39.20
C GLN C 743 -28.65 7.41 38.56
N ARG C 744 -27.92 6.45 39.15
CA ARG C 744 -28.01 5.06 38.77
C ARG C 744 -28.98 4.39 39.73
N VAL C 745 -29.91 3.58 39.22
CA VAL C 745 -30.84 2.84 40.08
C VAL C 745 -30.92 1.35 39.73
N ASP C 746 -31.46 0.53 40.65
CA ASP C 746 -31.77 -0.89 40.35
C ASP C 746 -33.24 -1.06 39.98
N MET C 747 -33.52 -0.88 38.70
CA MET C 747 -34.89 -0.86 38.18
C MET C 747 -35.48 -2.26 38.22
N TYR C 748 -36.64 -2.40 38.88
CA TYR C 748 -37.30 -3.71 38.96
C TYR C 748 -38.17 -3.99 37.73
N LEU C 749 -37.75 -4.98 36.94
CA LEU C 749 -38.45 -5.37 35.71
C LEU C 749 -38.71 -6.89 35.68
N PRO C 750 -39.89 -7.33 36.19
CA PRO C 750 -40.25 -8.75 36.16
C PRO C 750 -40.44 -9.27 34.73
N ALA C 751 -40.79 -10.56 34.62
CA ALA C 751 -40.81 -11.31 33.36
C ALA C 751 -41.68 -10.70 32.24
N ASP C 752 -42.54 -9.74 32.59
CA ASP C 752 -43.51 -9.19 31.64
C ASP C 752 -43.39 -7.69 31.42
N LYS C 753 -42.45 -7.03 32.10
CA LYS C 753 -42.26 -5.59 31.97
C LYS C 753 -40.94 -5.23 31.28
N ILE C 754 -40.91 -4.06 30.64
CA ILE C 754 -39.68 -3.45 30.14
C ILE C 754 -39.72 -1.95 30.47
N GLY C 755 -38.57 -1.39 30.86
CA GLY C 755 -38.48 0.02 31.27
C GLY C 755 -38.89 1.02 30.21
N LEU C 756 -40.04 1.67 30.41
CA LEU C 756 -40.52 2.70 29.51
C LEU C 756 -40.85 3.95 30.29
N HIS C 757 -40.14 5.04 29.99
CA HIS C 757 -40.35 6.31 30.69
C HIS C 757 -40.47 7.49 29.75
N LEU C 758 -41.39 8.38 30.10
CA LEU C 758 -41.60 9.62 29.36
C LEU C 758 -40.91 10.71 30.09
N ARG C 759 -40.23 11.57 29.35
CA ARG C 759 -39.47 12.66 29.91
C ARG C 759 -40.34 13.90 30.01
N GLY C 760 -40.40 14.48 31.20
CA GLY C 760 -41.10 15.74 31.41
C GLY C 760 -40.67 16.83 30.45
N GLY C 761 -41.62 17.65 30.05
CA GLY C 761 -41.35 18.73 29.12
C GLY C 761 -41.81 18.44 27.69
N TYR C 762 -42.43 17.27 27.49
CA TYR C 762 -42.77 16.81 26.14
C TYR C 762 -44.20 16.38 25.93
N ILE C 763 -44.70 16.69 24.74
CA ILE C 763 -46.05 16.30 24.33
C ILE C 763 -45.90 15.38 23.14
N ILE C 764 -46.35 14.13 23.28
CA ILE C 764 -46.26 13.16 22.20
C ILE C 764 -47.64 12.76 21.71
N PRO C 765 -47.82 12.73 20.37
CA PRO C 765 -49.07 12.30 19.75
C PRO C 765 -49.20 10.79 19.62
N ILE C 766 -50.37 10.27 19.98
CA ILE C 766 -50.66 8.85 19.90
C ILE C 766 -51.94 8.58 19.11
N GLN C 767 -52.20 7.31 18.79
CA GLN C 767 -53.41 6.94 18.06
C GLN C 767 -53.85 5.54 18.44
N GLU C 768 -55.13 5.39 18.79
CA GLU C 768 -55.68 4.13 19.25
C GLU C 768 -55.33 2.96 18.35
N PRO C 769 -54.66 1.95 18.94
CA PRO C 769 -53.99 0.87 18.21
C PRO C 769 -54.96 -0.09 17.55
N ASP C 770 -54.42 -0.87 16.61
CA ASP C 770 -55.11 -1.98 16.01
C ASP C 770 -54.06 -2.99 15.61
N VAL C 771 -54.44 -4.00 14.82
CA VAL C 771 -53.50 -5.05 14.42
C VAL C 771 -52.80 -4.80 13.07
N THR C 772 -53.23 -3.78 12.35
CA THR C 772 -52.48 -3.27 11.19
C THR C 772 -52.40 -1.76 11.23
N THR C 773 -51.47 -1.16 10.51
CA THR C 773 -51.43 0.30 10.46
C THR C 773 -52.61 0.78 9.61
N THR C 774 -52.97 -0.03 8.62
CA THR C 774 -54.13 0.26 7.77
C THR C 774 -55.34 0.60 8.62
N ALA C 775 -55.66 -0.30 9.55
CA ALA C 775 -56.79 -0.16 10.45
C ALA C 775 -56.57 0.93 11.51
N SER C 776 -55.39 0.94 12.12
CA SER C 776 -55.11 1.88 13.21
C SER C 776 -55.22 3.32 12.76
N ARG C 777 -54.85 3.59 11.51
CA ARG C 777 -54.78 4.94 10.98
C ARG C 777 -56.09 5.67 10.90
N LYS C 778 -57.21 4.92 10.89
CA LYS C 778 -58.54 5.56 10.87
C LYS C 778 -59.19 5.69 12.25
N ASN C 779 -58.47 5.23 13.28
CA ASN C 779 -58.88 5.39 14.66
C ASN C 779 -58.60 6.79 15.21
N PRO C 780 -59.40 7.25 16.20
CA PRO C 780 -59.17 8.51 16.93
C PRO C 780 -57.76 8.69 17.47
N LEU C 781 -57.26 9.92 17.42
CA LEU C 781 -55.93 10.28 17.92
C LEU C 781 -55.99 10.77 19.38
N GLY C 782 -54.83 11.17 19.89
CA GLY C 782 -54.69 11.58 21.28
C GLY C 782 -53.34 12.21 21.58
N LEU C 783 -53.26 12.88 22.72
CA LEU C 783 -52.03 13.51 23.17
C LEU C 783 -51.64 13.05 24.56
N ILE C 784 -50.33 12.95 24.80
CA ILE C 784 -49.81 12.73 26.14
C ILE C 784 -48.92 13.90 26.52
N VAL C 785 -49.26 14.56 27.62
CA VAL C 785 -48.50 15.70 28.12
C VAL C 785 -47.74 15.32 29.38
N ALA C 786 -46.43 15.16 29.24
CA ALA C 786 -45.59 14.95 30.42
C ALA C 786 -45.07 16.30 30.86
N LEU C 787 -45.63 16.80 31.96
CA LEU C 787 -45.22 18.10 32.49
C LEU C 787 -43.78 18.08 33.01
N GLY C 788 -43.09 19.21 32.89
CA GLY C 788 -41.69 19.28 33.29
C GLY C 788 -41.31 20.48 34.13
N GLU C 789 -40.91 20.22 35.37
CA GLU C 789 -40.34 21.22 36.31
C GLU C 789 -41.07 22.56 36.36
N ASN C 790 -40.83 23.39 35.35
CA ASN C 790 -41.43 24.70 35.26
C ASN C 790 -42.89 24.67 34.77
N ASN C 791 -43.51 23.49 34.84
CA ASN C 791 -44.89 23.25 34.34
C ASN C 791 -45.08 23.53 32.84
N THR C 792 -44.06 23.18 32.05
CA THR C 792 -44.09 23.42 30.62
C THR C 792 -43.99 22.10 29.86
N ALA C 793 -44.39 22.13 28.59
CA ALA C 793 -44.20 21.04 27.66
C ALA C 793 -44.35 21.54 26.22
N LYS C 794 -43.61 20.90 25.32
CA LYS C 794 -43.63 21.21 23.89
C LYS C 794 -43.74 19.90 23.15
N GLY C 795 -44.27 19.97 21.93
CA GLY C 795 -44.35 18.80 21.08
C GLY C 795 -44.77 19.14 19.66
N ASP C 796 -44.59 18.19 18.74
CA ASP C 796 -45.02 18.34 17.36
C ASP C 796 -45.62 17.05 16.81
N PHE C 797 -46.27 17.17 15.65
CA PHE C 797 -47.05 16.12 15.03
C PHE C 797 -47.16 16.34 13.54
N PHE C 798 -46.81 15.33 12.77
CA PHE C 798 -46.84 15.39 11.31
C PHE C 798 -47.75 14.28 10.83
N TRP C 799 -48.60 14.59 9.86
CA TRP C 799 -49.57 13.64 9.36
C TRP C 799 -49.80 13.85 7.87
N ASP C 800 -49.69 12.75 7.12
CA ASP C 800 -50.01 12.73 5.69
C ASP C 800 -50.65 11.38 5.36
N ASP C 801 -50.72 11.02 4.09
CA ASP C 801 -51.27 9.71 3.70
C ASP C 801 -50.29 8.56 3.88
N GLY C 802 -49.07 8.85 4.29
CA GLY C 802 -48.13 7.83 4.70
C GLY C 802 -47.74 6.83 3.63
N GLU C 803 -47.71 7.27 2.38
CA GLU C 803 -47.25 6.41 1.27
C GLU C 803 -46.88 7.12 -0.02
N THR C 804 -47.45 8.30 -0.27
CA THR C 804 -47.13 9.04 -1.50
C THR C 804 -45.74 9.68 -1.36
N LYS C 805 -44.91 9.49 -2.38
CA LYS C 805 -43.47 9.76 -2.27
C LYS C 805 -43.09 11.20 -2.03
N ASP C 806 -43.84 12.13 -2.58
CA ASP C 806 -43.41 13.53 -2.57
C ASP C 806 -44.31 14.47 -1.76
N THR C 807 -44.99 13.94 -0.75
CA THR C 807 -45.88 14.75 0.09
C THR C 807 -45.21 15.96 0.75
N ILE C 808 -44.07 15.77 1.40
CA ILE C 808 -43.36 16.87 2.05
C ILE C 808 -43.04 17.97 1.04
N GLN C 809 -42.47 17.53 -0.09
CA GLN C 809 -41.97 18.40 -1.14
C GLN C 809 -43.07 19.22 -1.82
N ASN C 810 -44.31 18.71 -1.80
CA ASN C 810 -45.47 19.38 -2.41
C ASN C 810 -46.43 20.02 -1.41
N GLY C 811 -46.04 20.05 -0.14
CA GLY C 811 -46.87 20.65 0.90
C GLY C 811 -48.21 19.96 1.11
N ASN C 812 -48.23 18.64 0.95
CA ASN C 812 -49.46 17.87 1.13
C ASN C 812 -49.52 17.08 2.42
N TYR C 813 -49.56 17.80 3.53
CA TYR C 813 -49.58 17.20 4.86
C TYR C 813 -50.25 18.10 5.88
N ILE C 814 -50.35 17.63 7.11
CA ILE C 814 -50.78 18.46 8.23
C ILE C 814 -49.63 18.56 9.22
N LEU C 815 -49.38 19.75 9.74
CA LEU C 815 -48.29 19.96 10.70
C LEU C 815 -48.79 20.71 11.92
N TYR C 816 -48.51 20.15 13.09
CA TYR C 816 -48.99 20.71 14.35
C TYR C 816 -47.86 21.05 15.31
N THR C 817 -48.17 21.99 16.20
CA THR C 817 -47.33 22.42 17.31
C THR C 817 -48.18 22.32 18.57
N PHE C 818 -47.62 21.70 19.60
CA PHE C 818 -48.27 21.68 20.91
C PHE C 818 -47.47 22.46 21.95
N SER C 819 -48.18 23.08 22.89
CA SER C 819 -47.57 23.92 23.91
C SER C 819 -48.43 23.96 25.17
N VAL C 820 -47.82 23.63 26.30
CA VAL C 820 -48.50 23.71 27.59
C VAL C 820 -47.73 24.65 28.50
N SER C 821 -48.47 25.57 29.12
CA SER C 821 -48.00 26.41 30.23
C SER C 821 -49.26 27.01 30.85
N ASN C 822 -49.14 27.41 32.11
CA ASN C 822 -50.28 28.00 32.83
C ASN C 822 -51.52 27.09 32.88
N ASN C 823 -51.26 25.79 32.93
CA ASN C 823 -52.32 24.79 32.90
C ASN C 823 -53.25 24.92 31.71
N THR C 824 -52.68 25.29 30.58
CA THR C 824 -53.43 25.40 29.34
C THR C 824 -52.66 24.94 28.08
N LEU C 825 -53.28 24.05 27.33
CA LEU C 825 -52.68 23.42 26.15
C LEU C 825 -53.15 24.09 24.87
N ASP C 826 -52.19 24.46 24.01
CA ASP C 826 -52.47 25.09 22.71
C ASP C 826 -52.17 24.15 21.58
N ILE C 827 -53.17 23.93 20.74
CA ILE C 827 -53.04 23.04 19.61
C ILE C 827 -53.07 23.92 18.38
N VAL C 828 -51.90 24.13 17.78
CA VAL C 828 -51.71 25.08 16.68
C VAL C 828 -51.33 24.40 15.37
N CYS C 829 -52.24 24.49 14.40
CA CYS C 829 -52.02 23.88 13.09
C CYS C 829 -51.20 24.82 12.23
N THR C 830 -49.94 24.49 11.98
CA THR C 830 -49.04 25.38 11.24
C THR C 830 -49.11 25.20 9.72
N HIS C 831 -49.79 24.16 9.25
CA HIS C 831 -49.91 23.86 7.81
C HIS C 831 -50.93 22.74 7.62
N SER C 832 -51.78 22.86 6.60
CA SER C 832 -52.90 21.95 6.44
C SER C 832 -53.37 21.86 5.01
N SER C 833 -52.92 20.82 4.32
CA SER C 833 -53.29 20.59 2.92
C SER C 833 -53.35 19.09 2.65
N TYR C 834 -54.17 18.40 3.44
CA TYR C 834 -54.45 16.97 3.27
C TYR C 834 -55.88 16.63 3.75
N GLN C 835 -56.81 16.57 2.80
CA GLN C 835 -58.24 16.49 3.10
C GLN C 835 -58.65 15.28 3.93
N GLU C 836 -58.23 14.08 3.52
CA GLU C 836 -58.61 12.85 4.22
C GLU C 836 -58.15 12.86 5.69
N GLY C 837 -57.16 13.69 6.00
CA GLY C 837 -56.72 13.85 7.38
C GLY C 837 -57.66 14.67 8.26
N THR C 838 -58.49 15.51 7.63
CA THR C 838 -59.45 16.34 8.36
C THR C 838 -60.52 15.50 9.07
N THR C 839 -60.77 14.30 8.55
CA THR C 839 -61.76 13.39 9.16
C THR C 839 -61.32 12.83 10.52
N LEU C 840 -60.02 12.74 10.75
CA LEU C 840 -59.49 12.33 12.07
C LEU C 840 -59.54 13.45 13.12
N ALA C 841 -59.55 13.08 14.40
CA ALA C 841 -59.52 14.06 15.49
C ALA C 841 -58.84 13.52 16.73
N PHE C 842 -58.19 14.42 17.49
CA PHE C 842 -57.73 14.12 18.85
C PHE C 842 -58.97 14.03 19.71
N GLN C 843 -59.14 12.93 20.42
CA GLN C 843 -60.36 12.73 21.18
C GLN C 843 -60.04 12.44 22.64
N THR C 844 -58.76 12.58 22.97
CA THR C 844 -58.30 12.13 24.27
C THR C 844 -56.94 12.74 24.63
N VAL C 845 -56.89 13.40 25.78
CA VAL C 845 -55.70 14.12 26.24
C VAL C 845 -55.37 13.66 27.66
N LYS C 846 -54.20 13.08 27.83
CA LYS C 846 -53.80 12.58 29.14
C LYS C 846 -52.63 13.44 29.60
N ILE C 847 -52.73 13.95 30.83
CA ILE C 847 -51.73 14.86 31.39
C ILE C 847 -51.10 14.27 32.63
N LEU C 848 -49.78 14.11 32.58
CA LEU C 848 -49.04 13.48 33.66
C LEU C 848 -48.31 14.49 34.53
N GLY C 849 -48.26 14.20 35.82
CA GLY C 849 -47.52 15.04 36.78
C GLY C 849 -48.18 16.38 37.05
N LEU C 850 -49.42 16.34 37.53
CA LEU C 850 -50.10 17.55 37.92
C LEU C 850 -49.70 17.98 39.33
N THR C 851 -49.39 19.27 39.48
CA THR C 851 -49.02 19.87 40.76
C THR C 851 -50.24 20.16 41.66
N ASP C 852 -51.40 20.42 41.05
CA ASP C 852 -52.63 20.80 41.77
C ASP C 852 -53.88 20.07 41.22
N SER C 853 -54.85 19.76 42.08
CA SER C 853 -56.05 19.02 41.65
C SER C 853 -56.99 19.83 40.73
N VAL C 854 -57.86 19.13 40.01
CA VAL C 854 -58.64 19.74 38.92
C VAL C 854 -60.14 19.72 39.20
N THR C 855 -60.78 20.85 38.95
CA THR C 855 -62.21 21.03 39.20
C THR C 855 -63.00 21.09 37.90
N GLU C 856 -62.49 21.90 36.99
CA GLU C 856 -63.22 22.32 35.80
C GLU C 856 -62.28 22.12 34.60
N VAL C 857 -62.83 21.64 33.48
CA VAL C 857 -62.08 21.58 32.22
C VAL C 857 -62.85 22.41 31.18
N ARG C 858 -62.12 23.30 30.50
CA ARG C 858 -62.69 24.12 29.42
C ARG C 858 -61.96 23.99 28.09
N VAL C 859 -62.71 24.03 27.00
CA VAL C 859 -62.19 23.79 25.67
C VAL C 859 -62.70 24.86 24.73
N ALA C 860 -61.79 25.45 23.98
CA ALA C 860 -62.15 26.49 23.02
C ALA C 860 -61.57 26.16 21.66
N GLU C 861 -62.35 26.40 20.60
CA GLU C 861 -61.81 26.32 19.25
C GLU C 861 -61.39 27.70 18.76
N ASN C 862 -60.31 27.72 17.98
CA ASN C 862 -59.74 28.95 17.42
C ASN C 862 -59.47 29.97 18.52
N ASN C 863 -60.29 31.04 18.52
CA ASN C 863 -60.25 32.04 19.59
C ASN C 863 -61.65 32.34 20.15
N GLN C 864 -62.66 31.59 19.70
CA GLN C 864 -64.00 31.55 20.32
C GLN C 864 -63.88 31.30 21.87
N PRO C 865 -64.88 31.79 22.65
CA PRO C 865 -64.81 31.57 24.12
C PRO C 865 -64.91 30.09 24.54
N MET C 866 -64.33 29.78 25.70
CA MET C 866 -64.25 28.40 26.20
C MET C 866 -65.54 27.86 26.86
N ASN C 867 -66.03 26.72 26.37
CA ASN C 867 -67.14 26.03 27.02
C ASN C 867 -66.63 24.95 27.96
N ALA C 868 -67.48 24.52 28.89
CA ALA C 868 -67.12 23.46 29.83
C ALA C 868 -67.08 22.09 29.16
N HIS C 869 -66.27 21.20 29.74
CA HIS C 869 -66.17 19.83 29.27
C HIS C 869 -66.41 18.90 30.45
N SER C 870 -67.40 18.01 30.31
CA SER C 870 -67.81 17.11 31.40
C SER C 870 -66.92 15.87 31.53
N ASN C 871 -66.75 15.13 30.42
CA ASN C 871 -66.04 13.85 30.39
C ASN C 871 -64.56 14.01 30.70
N PHE C 872 -64.20 13.82 31.98
CA PHE C 872 -62.79 13.81 32.44
C PHE C 872 -62.61 13.13 33.80
N THR C 873 -61.39 12.72 34.10
CA THR C 873 -61.09 12.00 35.33
C THR C 873 -59.80 12.57 35.92
N TYR C 874 -59.83 12.81 37.22
CA TYR C 874 -58.62 13.23 37.94
C TYR C 874 -58.23 12.21 39.01
N ASP C 875 -56.98 11.76 38.96
CA ASP C 875 -56.50 10.79 39.92
C ASP C 875 -55.40 11.43 40.77
N ALA C 876 -55.75 11.73 42.01
CA ALA C 876 -54.85 12.41 42.94
C ALA C 876 -53.67 11.55 43.42
N SER C 877 -53.79 10.24 43.31
CA SER C 877 -52.69 9.35 43.71
C SER C 877 -51.52 9.54 42.75
N ASN C 878 -51.82 9.47 41.45
CA ASN C 878 -50.80 9.53 40.40
C ASN C 878 -50.61 10.92 39.84
N GLN C 879 -51.36 11.88 40.37
CA GLN C 879 -51.50 13.20 39.76
C GLN C 879 -51.67 13.17 38.21
N VAL C 880 -52.58 12.31 37.74
CA VAL C 880 -52.88 12.17 36.31
C VAL C 880 -54.27 12.72 36.02
N LEU C 881 -54.39 13.45 34.92
CA LEU C 881 -55.68 13.88 34.41
C LEU C 881 -55.88 13.30 33.03
N LEU C 882 -56.98 12.58 32.81
CA LEU C 882 -57.30 12.22 31.43
C LEU C 882 -58.64 12.77 30.98
N ILE C 883 -58.56 13.58 29.94
CA ILE C 883 -59.71 14.22 29.31
C ILE C 883 -60.22 13.33 28.16
N ALA C 884 -61.42 12.80 28.33
CA ALA C 884 -61.99 11.88 27.35
C ALA C 884 -62.97 12.58 26.42
N ASP C 885 -63.26 11.92 25.30
CA ASP C 885 -64.34 12.32 24.40
C ASP C 885 -64.27 13.80 23.97
N LEU C 886 -63.17 14.19 23.33
CA LEU C 886 -63.11 15.50 22.68
C LEU C 886 -63.32 15.38 21.17
N LYS C 887 -63.39 16.50 20.47
CA LYS C 887 -63.52 16.49 19.02
C LYS C 887 -62.62 17.55 18.38
N LEU C 888 -61.34 17.51 18.73
CA LEU C 888 -60.38 18.44 18.16
C LEU C 888 -59.95 17.93 16.79
N ASN C 889 -60.59 18.43 15.74
CA ASN C 889 -60.39 17.94 14.38
C ASN C 889 -59.12 18.46 13.72
N LEU C 890 -58.33 17.55 13.17
CA LEU C 890 -57.13 17.92 12.42
C LEU C 890 -57.45 18.95 11.35
N GLY C 891 -56.68 20.03 11.33
CA GLY C 891 -56.90 21.15 10.43
C GLY C 891 -57.13 22.46 11.18
N ARG C 892 -57.67 22.36 12.40
CA ARG C 892 -58.08 23.53 13.17
C ARG C 892 -57.36 23.70 14.52
N ASN C 893 -57.46 24.90 15.10
CA ASN C 893 -56.76 25.24 16.33
C ASN C 893 -57.67 25.11 17.53
N PHE C 894 -57.09 24.68 18.65
CA PHE C 894 -57.84 24.46 19.89
C PHE C 894 -57.02 24.81 21.14
N SER C 895 -57.75 25.08 22.22
CA SER C 895 -57.18 25.30 23.55
C SER C 895 -57.87 24.41 24.57
N VAL C 896 -57.09 23.85 25.49
CA VAL C 896 -57.65 23.06 26.57
C VAL C 896 -57.10 23.59 27.90
N GLN C 897 -57.98 23.89 28.84
CA GLN C 897 -57.61 24.41 30.15
C GLN C 897 -58.08 23.48 31.24
N TRP C 898 -57.32 23.38 32.33
CA TRP C 898 -57.77 22.58 33.46
C TRP C 898 -57.82 23.33 34.78
N LYS D 29 18.00 14.09 -29.12
CA LYS D 29 18.62 13.61 -30.38
C LYS D 29 18.10 14.31 -31.67
N CYS D 30 19.03 14.56 -32.59
CA CYS D 30 18.80 15.33 -33.82
C CYS D 30 19.16 14.56 -35.09
N PRO D 31 18.74 15.06 -36.28
CA PRO D 31 19.12 14.38 -37.53
C PRO D 31 20.65 14.31 -37.68
N ASN D 32 21.16 13.17 -38.15
CA ASN D 32 22.61 12.95 -38.27
C ASN D 32 23.29 14.00 -39.17
N VAL D 33 22.69 14.28 -40.32
CA VAL D 33 23.12 15.42 -41.14
C VAL D 33 22.96 16.76 -40.36
N LEU D 34 24.02 17.59 -40.39
CA LEU D 34 24.01 18.88 -39.69
C LEU D 34 23.04 19.85 -40.40
N ASN D 35 23.28 20.09 -41.69
CA ASN D 35 22.40 20.99 -42.47
C ASN D 35 21.16 20.26 -43.04
N ASP D 36 20.33 19.73 -42.13
CA ASP D 36 19.09 19.00 -42.45
C ASP D 36 18.03 19.82 -43.21
N PRO D 37 17.01 19.16 -43.84
CA PRO D 37 15.99 19.87 -44.65
C PRO D 37 14.84 20.45 -43.80
N VAL D 38 14.63 21.76 -43.89
CA VAL D 38 13.82 22.46 -42.89
C VAL D 38 12.32 22.26 -43.04
N ASN D 39 11.87 22.00 -44.25
CA ASN D 39 10.43 21.96 -44.50
C ASN D 39 9.74 20.70 -43.92
N VAL D 40 10.56 19.81 -43.38
CA VAL D 40 10.07 18.55 -42.84
C VAL D 40 10.09 18.56 -41.32
N ARG D 41 10.52 19.67 -40.73
CA ARG D 41 10.57 19.84 -39.26
C ARG D 41 9.15 19.98 -38.72
N ILE D 42 8.75 19.07 -37.85
CA ILE D 42 7.47 19.19 -37.20
C ILE D 42 7.67 19.87 -35.85
N ASN D 43 7.03 21.03 -35.68
CA ASN D 43 7.17 21.86 -34.49
C ASN D 43 6.83 21.14 -33.18
N CYS D 44 7.77 21.18 -32.23
CA CYS D 44 7.63 20.54 -30.93
C CYS D 44 7.13 21.53 -29.88
N ILE D 45 7.28 22.84 -30.17
CA ILE D 45 6.76 23.91 -29.31
C ILE D 45 5.80 24.78 -30.15
N PRO D 46 4.56 24.31 -30.30
CA PRO D 46 3.63 24.96 -31.20
C PRO D 46 2.75 26.05 -30.55
N GLU D 47 2.93 26.31 -29.25
CA GLU D 47 1.98 27.14 -28.51
C GLU D 47 2.62 28.31 -27.80
N GLN D 48 3.91 28.52 -28.05
CA GLN D 48 4.73 29.36 -27.21
C GLN D 48 6.00 29.67 -27.96
N PHE D 49 6.62 30.80 -27.68
CA PHE D 49 7.94 31.10 -28.24
C PHE D 49 9.00 30.05 -27.81
N PRO D 50 9.69 29.47 -28.79
CA PRO D 50 10.68 28.40 -28.59
C PRO D 50 11.81 28.83 -27.69
N THR D 51 12.11 28.01 -26.69
CA THR D 51 13.31 28.22 -25.87
C THR D 51 14.10 26.90 -25.77
N GLU D 52 15.42 27.03 -25.62
CA GLU D 52 16.30 25.86 -25.52
C GLU D 52 15.95 24.94 -24.35
N GLY D 53 15.53 25.53 -23.23
CA GLY D 53 15.20 24.80 -22.01
C GLY D 53 13.97 23.93 -22.13
N ILE D 54 12.90 24.51 -22.64
CA ILE D 54 11.65 23.78 -22.87
C ILE D 54 11.82 22.74 -24.00
N CYS D 55 12.62 23.06 -25.00
CA CYS D 55 12.97 22.06 -26.00
C CYS D 55 13.54 20.81 -25.37
N ALA D 56 14.62 20.99 -24.59
CA ALA D 56 15.30 19.92 -23.87
C ALA D 56 14.33 19.17 -22.93
N GLN D 57 13.53 19.94 -22.20
CA GLN D 57 12.57 19.38 -21.27
C GLN D 57 11.56 18.45 -21.92
N ARG D 58 11.30 18.66 -23.21
CA ARG D 58 10.38 17.84 -23.98
C ARG D 58 11.08 16.75 -24.77
N GLY D 59 12.40 16.76 -24.73
CA GLY D 59 13.19 15.75 -25.42
C GLY D 59 13.11 15.88 -26.92
N CYS D 60 13.09 17.12 -27.40
CA CYS D 60 13.12 17.38 -28.82
C CYS D 60 14.46 17.96 -29.22
N CYS D 61 14.59 18.23 -30.51
CA CYS D 61 15.82 18.68 -31.11
C CYS D 61 15.87 20.21 -31.19
N TRP D 62 16.94 20.79 -30.65
CA TRP D 62 17.11 22.23 -30.64
C TRP D 62 18.11 22.70 -31.70
N ARG D 63 17.61 23.46 -32.67
CA ARG D 63 18.44 23.93 -33.77
C ARG D 63 17.83 25.18 -34.45
N PRO D 64 18.14 26.39 -33.95
CA PRO D 64 17.49 27.65 -34.33
C PRO D 64 17.76 28.05 -35.76
N TRP D 65 17.04 29.05 -36.26
CA TRP D 65 17.05 29.35 -37.68
C TRP D 65 17.10 30.85 -38.08
N ASN D 66 17.54 31.05 -39.32
CA ASN D 66 17.45 32.27 -40.12
C ASN D 66 16.19 33.12 -39.93
N ASP D 67 15.03 32.51 -39.70
CA ASP D 67 13.74 33.23 -39.49
C ASP D 67 12.91 32.52 -38.41
N SER D 68 11.70 33.02 -38.14
CA SER D 68 10.88 32.41 -37.08
C SER D 68 9.64 31.73 -37.66
N LEU D 69 9.66 31.49 -38.97
CA LEU D 69 8.65 30.65 -39.60
C LEU D 69 9.00 29.17 -39.41
N ILE D 70 10.24 28.84 -39.72
CA ILE D 70 10.79 27.49 -39.51
C ILE D 70 10.92 27.21 -38.01
N PRO D 71 10.47 26.04 -37.58
CA PRO D 71 10.56 25.63 -36.19
C PRO D 71 11.99 25.55 -35.71
N TRP D 72 12.25 26.03 -34.49
CA TRP D 72 13.59 25.92 -33.90
C TRP D 72 13.70 24.69 -33.02
N CYS D 73 12.56 24.23 -32.51
CA CYS D 73 12.49 23.01 -31.72
C CYS D 73 11.51 22.06 -32.36
N PHE D 74 12.00 20.90 -32.79
CA PHE D 74 11.17 19.93 -33.50
C PHE D 74 11.38 18.50 -33.03
N PHE D 75 10.33 17.66 -33.05
CA PHE D 75 10.54 16.23 -32.83
C PHE D 75 11.21 15.71 -34.09
N VAL D 76 12.34 15.05 -33.96
CA VAL D 76 12.89 14.39 -35.11
C VAL D 76 12.09 13.10 -35.12
N ASP D 77 12.63 12.07 -34.50
CA ASP D 77 11.90 10.81 -34.35
C ASP D 77 11.97 10.45 -32.87
N ASN D 78 11.61 11.39 -32.01
CA ASN D 78 11.78 11.21 -30.55
C ASN D 78 10.49 10.91 -29.84
N HIS D 79 9.37 11.25 -30.45
CA HIS D 79 8.08 10.93 -29.90
C HIS D 79 7.39 10.01 -30.88
N GLY D 80 6.41 9.25 -30.38
CA GLY D 80 5.60 8.43 -31.26
C GLY D 80 5.07 7.19 -30.59
N TYR D 81 4.55 6.28 -31.41
CA TYR D 81 4.05 5.00 -30.93
C TYR D 81 4.63 3.91 -31.81
N ASN D 82 4.72 2.71 -31.24
CA ASN D 82 5.06 1.52 -31.99
C ASN D 82 3.90 0.55 -32.00
N VAL D 83 3.78 -0.21 -33.09
CA VAL D 83 2.83 -1.33 -33.14
C VAL D 83 3.49 -2.54 -32.48
N GLN D 84 2.75 -3.16 -31.56
CA GLN D 84 3.11 -4.48 -31.06
C GLN D 84 1.86 -5.34 -31.16
N ASP D 85 1.90 -6.32 -32.06
CA ASP D 85 0.72 -7.12 -32.46
C ASP D 85 -0.26 -6.31 -33.33
N MET D 86 -0.43 -6.73 -34.58
CA MET D 86 -1.52 -6.26 -35.41
C MET D 86 -2.10 -7.42 -36.18
N THR D 87 -3.43 -7.44 -36.31
CA THR D 87 -4.16 -8.53 -36.98
C THR D 87 -4.99 -8.01 -38.15
N THR D 88 -5.56 -8.93 -38.93
CA THR D 88 -6.51 -8.58 -39.99
C THR D 88 -7.92 -8.96 -39.57
N THR D 89 -8.87 -8.08 -39.84
CA THR D 89 -10.28 -8.40 -39.70
C THR D 89 -10.88 -8.45 -41.11
N SER D 90 -12.17 -8.75 -41.20
CA SER D 90 -12.87 -8.80 -42.49
C SER D 90 -12.88 -7.47 -43.20
N ILE D 91 -12.98 -6.40 -42.40
CA ILE D 91 -13.18 -5.03 -42.87
C ILE D 91 -11.86 -4.28 -43.08
N GLY D 92 -10.87 -4.57 -42.25
CA GLY D 92 -9.57 -3.93 -42.37
C GLY D 92 -8.53 -4.52 -41.45
N VAL D 93 -7.99 -3.70 -40.56
CA VAL D 93 -6.85 -4.05 -39.74
C VAL D 93 -7.01 -3.41 -38.36
N GLU D 94 -6.80 -4.21 -37.30
CA GLU D 94 -6.67 -3.69 -35.92
C GLU D 94 -5.21 -3.76 -35.51
N ALA D 95 -4.77 -2.79 -34.72
CA ALA D 95 -3.39 -2.77 -34.24
C ALA D 95 -3.29 -2.10 -32.87
N LYS D 96 -2.62 -2.77 -31.94
CA LYS D 96 -2.35 -2.21 -30.60
C LYS D 96 -1.04 -1.41 -30.64
N LEU D 97 -1.09 -0.18 -30.12
CA LEU D 97 0.03 0.75 -30.20
C LEU D 97 0.49 1.12 -28.81
N ASN D 98 1.80 1.25 -28.66
CA ASN D 98 2.42 1.64 -27.39
C ASN D 98 3.31 2.87 -27.49
N ARG D 99 3.15 3.78 -26.54
CA ARG D 99 3.90 5.03 -26.56
C ARG D 99 5.42 4.85 -26.35
N ILE D 100 6.21 5.32 -27.32
CA ILE D 100 7.66 5.38 -27.18
C ILE D 100 7.85 6.32 -26.01
N PRO D 101 8.60 5.88 -24.98
CA PRO D 101 8.49 6.56 -23.68
C PRO D 101 9.27 7.87 -23.50
N SER D 102 9.06 8.82 -24.42
CA SER D 102 9.62 10.18 -24.31
C SER D 102 8.94 11.01 -23.19
N PRO D 103 9.42 12.25 -22.91
CA PRO D 103 8.73 13.05 -21.91
C PRO D 103 7.39 13.50 -22.44
N THR D 104 6.51 13.97 -21.54
CA THR D 104 5.17 14.43 -21.92
C THR D 104 5.20 15.79 -22.62
N LEU D 105 4.16 16.07 -23.41
CA LEU D 105 3.94 17.41 -23.92
C LEU D 105 3.02 18.26 -23.02
N PHE D 106 1.74 17.89 -22.95
CA PHE D 106 0.77 18.59 -22.13
C PHE D 106 0.20 17.70 -21.05
N GLY D 107 0.90 16.62 -20.72
CA GLY D 107 0.49 15.72 -19.63
C GLY D 107 -0.65 14.78 -20.01
N ASN D 108 -0.87 13.78 -19.15
CA ASN D 108 -1.90 12.77 -19.35
C ASN D 108 -1.83 12.12 -20.71
N ASP D 109 -0.67 11.58 -21.06
CA ASP D 109 -0.56 10.77 -22.25
C ASP D 109 -1.35 9.45 -22.07
N ILE D 110 -1.66 8.78 -23.17
CA ILE D 110 -2.30 7.47 -23.12
C ILE D 110 -1.32 6.49 -23.73
N ASN D 111 -0.78 5.62 -22.89
CA ASN D 111 0.33 4.74 -23.26
C ASN D 111 -0.07 3.61 -24.19
N SER D 112 -1.32 3.17 -24.03
CA SER D 112 -1.84 2.01 -24.73
C SER D 112 -3.04 2.43 -25.59
N VAL D 113 -2.87 2.38 -26.90
CA VAL D 113 -3.83 2.96 -27.84
C VAL D 113 -4.16 1.96 -28.96
N LEU D 114 -5.37 2.02 -29.50
CA LEU D 114 -5.81 1.09 -30.53
C LEU D 114 -6.14 1.76 -31.86
N PHE D 115 -5.47 1.28 -32.92
CA PHE D 115 -5.65 1.73 -34.31
C PHE D 115 -6.56 0.77 -35.09
N THR D 116 -7.54 1.32 -35.78
CA THR D 116 -8.56 0.53 -36.48
C THR D 116 -8.78 1.05 -37.91
N THR D 117 -8.82 0.12 -38.86
CA THR D 117 -8.94 0.43 -40.27
C THR D 117 -10.27 -0.13 -40.76
N GLN D 118 -10.94 0.61 -41.63
CA GLN D 118 -12.16 0.14 -42.28
C GLN D 118 -12.12 0.47 -43.75
N ASN D 119 -12.14 -0.55 -44.59
CA ASN D 119 -12.23 -0.34 -46.03
C ASN D 119 -13.70 -0.23 -46.41
N GLN D 120 -14.26 0.96 -46.30
CA GLN D 120 -15.70 1.13 -46.36
C GLN D 120 -16.27 0.95 -47.76
N THR D 121 -15.68 1.61 -48.75
CA THR D 121 -16.15 1.48 -50.14
C THR D 121 -14.92 1.49 -51.04
N PRO D 122 -15.08 1.21 -52.35
CA PRO D 122 -13.87 1.19 -53.17
C PRO D 122 -13.21 2.58 -53.25
N ASN D 123 -13.93 3.56 -52.73
CA ASN D 123 -13.53 4.94 -52.86
C ASN D 123 -13.20 5.63 -51.57
N ARG D 124 -13.72 5.12 -50.45
CA ARG D 124 -13.34 5.72 -49.18
C ARG D 124 -12.80 4.75 -48.16
N PHE D 125 -11.63 5.13 -47.64
CA PHE D 125 -10.98 4.45 -46.55
C PHE D 125 -11.20 5.22 -45.25
N ARG D 126 -11.21 4.52 -44.12
CA ARG D 126 -11.37 5.17 -42.81
C ARG D 126 -10.47 4.53 -41.77
N PHE D 127 -9.74 5.35 -41.03
CA PHE D 127 -9.00 4.85 -39.88
C PHE D 127 -9.31 5.69 -38.66
N LYS D 128 -9.20 5.07 -37.49
CA LYS D 128 -9.42 5.77 -36.24
C LYS D 128 -8.54 5.24 -35.13
N ILE D 129 -8.20 6.11 -34.20
CA ILE D 129 -7.31 5.76 -33.10
C ILE D 129 -8.02 6.04 -31.78
N THR D 130 -8.21 5.00 -30.97
CA THR D 130 -8.99 5.13 -29.73
C THR D 130 -8.28 4.61 -28.48
N ASP D 131 -8.88 4.94 -27.33
CA ASP D 131 -8.45 4.46 -26.02
C ASP D 131 -9.24 3.20 -25.71
N PRO D 132 -8.55 2.04 -25.63
CA PRO D 132 -9.28 0.81 -25.36
C PRO D 132 -9.82 0.78 -23.94
N ASN D 133 -9.11 1.39 -23.00
CA ASN D 133 -9.46 1.30 -21.59
C ASN D 133 -10.33 2.46 -21.09
N ASN D 134 -11.06 3.08 -22.02
CA ASN D 134 -11.94 4.21 -21.71
C ASN D 134 -12.71 4.65 -22.95
N ARG D 135 -14.02 4.83 -22.83
CA ARG D 135 -14.81 5.38 -23.94
C ARG D 135 -14.62 6.89 -24.01
N ARG D 136 -13.81 7.37 -24.97
CA ARG D 136 -13.60 8.79 -25.17
C ARG D 136 -14.75 9.37 -26.00
N TYR D 137 -14.91 10.69 -26.00
CA TYR D 137 -15.99 11.33 -26.79
C TYR D 137 -15.84 11.04 -28.29
N GLU D 138 -16.94 10.64 -28.92
CA GLU D 138 -16.96 10.46 -30.36
C GLU D 138 -18.14 11.25 -30.85
N VAL D 139 -17.94 12.04 -31.89
CA VAL D 139 -19.01 12.88 -32.48
C VAL D 139 -20.25 12.02 -32.73
N PRO D 140 -21.38 12.38 -32.09
CA PRO D 140 -22.62 11.66 -32.30
C PRO D 140 -23.36 12.20 -33.53
N HIS D 141 -22.74 12.02 -34.69
CA HIS D 141 -23.30 12.47 -35.96
C HIS D 141 -24.71 11.89 -36.19
N GLN D 142 -25.52 12.60 -36.97
CA GLN D 142 -26.90 12.18 -37.12
C GLN D 142 -27.14 11.46 -38.41
N TYR D 143 -26.12 11.39 -39.25
CA TYR D 143 -26.25 10.72 -40.51
C TYR D 143 -25.22 9.62 -40.67
N VAL D 144 -23.96 9.96 -40.47
CA VAL D 144 -22.86 9.01 -40.57
C VAL D 144 -23.19 7.73 -39.80
N LYS D 145 -23.46 6.67 -40.56
CA LYS D 145 -23.87 5.36 -40.00
C LYS D 145 -22.64 4.52 -39.61
N GLU D 146 -22.79 3.69 -38.57
CA GLU D 146 -21.73 2.75 -38.19
C GLU D 146 -21.58 1.71 -39.28
N PHE D 147 -20.33 1.33 -39.54
CA PHE D 147 -20.03 0.38 -40.61
C PHE D 147 -19.57 -0.95 -40.00
N THR D 148 -20.05 -2.05 -40.57
CA THR D 148 -19.66 -3.41 -40.12
C THR D 148 -19.37 -4.37 -41.27
N GLY D 149 -19.90 -4.06 -42.45
CA GLY D 149 -19.71 -4.87 -43.66
C GLY D 149 -20.61 -4.34 -44.77
N PRO D 150 -20.64 -5.04 -45.92
CA PRO D 150 -19.83 -6.23 -46.20
C PRO D 150 -18.43 -5.81 -46.61
N THR D 151 -17.50 -6.76 -46.60
CA THR D 151 -16.12 -6.50 -46.96
C THR D 151 -16.03 -6.15 -48.46
N VAL D 152 -15.47 -4.97 -48.75
CA VAL D 152 -15.23 -4.57 -50.15
C VAL D 152 -13.89 -5.13 -50.57
N SER D 153 -13.86 -5.80 -51.72
CA SER D 153 -12.58 -6.21 -52.32
C SER D 153 -12.41 -5.49 -53.65
N ASP D 154 -11.15 -5.29 -54.05
CA ASP D 154 -10.79 -4.44 -55.20
C ASP D 154 -11.14 -2.96 -54.91
N THR D 155 -10.28 -2.31 -54.14
CA THR D 155 -10.44 -0.91 -53.78
C THR D 155 -9.41 -0.08 -54.56
N LEU D 156 -9.64 1.23 -54.68
CA LEU D 156 -8.75 2.10 -55.46
C LEU D 156 -7.52 2.54 -54.64
N TYR D 157 -7.62 2.38 -53.33
CA TYR D 157 -6.54 2.71 -52.39
C TYR D 157 -5.79 1.49 -51.87
N ASP D 158 -4.74 1.75 -51.10
CA ASP D 158 -3.80 0.74 -50.67
C ASP D 158 -3.12 1.22 -49.41
N VAL D 159 -3.28 0.48 -48.32
CA VAL D 159 -2.87 0.95 -47.00
C VAL D 159 -1.67 0.19 -46.42
N LYS D 160 -0.49 0.78 -46.52
CA LYS D 160 0.71 0.26 -45.86
C LYS D 160 0.81 0.86 -44.45
N VAL D 161 1.18 0.05 -43.47
CA VAL D 161 1.27 0.48 -42.05
C VAL D 161 2.64 0.15 -41.43
N ALA D 162 3.54 1.14 -41.40
CA ALA D 162 4.86 0.97 -40.79
C ALA D 162 4.77 0.60 -39.30
N GLN D 163 5.82 -0.07 -38.82
CA GLN D 163 5.81 -0.77 -37.53
C GLN D 163 6.53 -0.03 -36.38
N ASN D 164 7.74 0.47 -36.66
CA ASN D 164 8.56 1.21 -35.69
C ASN D 164 9.26 2.37 -36.36
N PRO D 165 8.76 3.61 -36.16
CA PRO D 165 7.55 3.90 -35.39
C PRO D 165 6.28 3.79 -36.22
N PHE D 166 5.15 3.72 -35.56
CA PHE D 166 3.87 3.60 -36.25
C PHE D 166 3.65 4.73 -37.24
N SER D 167 3.16 4.40 -38.42
CA SER D 167 2.66 5.41 -39.33
C SER D 167 1.82 4.78 -40.42
N ILE D 168 0.75 5.47 -40.81
CA ILE D 168 -0.13 4.99 -41.86
C ILE D 168 0.23 5.67 -43.18
N GLN D 169 -0.03 4.98 -44.26
CA GLN D 169 0.35 5.44 -45.57
C GLN D 169 -0.68 4.98 -46.59
N VAL D 170 -1.38 5.93 -47.21
CA VAL D 170 -2.46 5.60 -48.14
C VAL D 170 -2.02 5.87 -49.57
N ILE D 171 -2.15 4.86 -50.42
CA ILE D 171 -1.62 4.92 -51.79
C ILE D 171 -2.70 4.64 -52.83
N ARG D 172 -2.72 5.44 -53.90
CA ARG D 172 -3.60 5.19 -55.04
C ARG D 172 -2.93 4.11 -55.89
N LYS D 173 -3.50 2.90 -55.92
CA LYS D 173 -2.80 1.79 -56.58
C LYS D 173 -2.73 1.97 -58.09
N SER D 174 -3.83 2.39 -58.69
CA SER D 174 -3.83 2.83 -60.09
C SER D 174 -2.42 3.22 -60.58
N ASN D 175 -1.78 4.17 -59.89
CA ASN D 175 -0.52 4.73 -60.35
C ASN D 175 0.58 4.75 -59.28
N GLY D 176 0.28 4.19 -58.12
CA GLY D 176 1.27 4.07 -57.05
C GLY D 176 1.62 5.32 -56.26
N LYS D 177 0.99 6.45 -56.62
CA LYS D 177 1.24 7.73 -55.93
C LYS D 177 0.74 7.69 -54.49
N THR D 178 1.60 8.07 -53.54
CA THR D 178 1.18 8.03 -52.14
C THR D 178 0.53 9.36 -51.70
N LEU D 179 -0.68 9.24 -51.17
CA LEU D 179 -1.56 10.39 -50.91
C LEU D 179 -1.45 10.97 -49.49
N PHE D 180 -1.36 10.09 -48.49
CA PHE D 180 -1.48 10.51 -47.09
C PHE D 180 -0.41 9.79 -46.28
N ASP D 181 0.63 10.53 -45.89
CA ASP D 181 1.85 9.91 -45.33
C ASP D 181 2.16 10.38 -43.90
N THR D 182 1.72 9.61 -42.93
CA THR D 182 1.90 9.92 -41.50
C THR D 182 3.35 9.78 -41.01
N SER D 183 4.18 9.09 -41.77
CA SER D 183 5.56 8.75 -41.37
C SER D 183 6.41 9.96 -41.00
N ILE D 184 5.91 11.15 -41.33
CA ILE D 184 6.68 12.38 -41.30
C ILE D 184 6.85 13.00 -39.93
N GLY D 185 6.02 12.57 -38.99
CA GLY D 185 6.09 13.05 -37.62
C GLY D 185 5.45 12.06 -36.65
N PRO D 186 5.30 12.47 -35.38
CA PRO D 186 4.85 11.54 -34.35
C PRO D 186 3.32 11.39 -34.34
N LEU D 187 2.82 10.42 -33.59
CA LEU D 187 1.44 10.44 -33.19
C LEU D 187 1.51 10.87 -31.74
N VAL D 188 0.71 11.85 -31.36
CA VAL D 188 0.65 12.22 -29.95
C VAL D 188 -0.79 12.04 -29.53
N TYR D 189 -1.03 11.14 -28.59
CA TYR D 189 -2.40 10.91 -28.12
C TYR D 189 -2.41 11.08 -26.60
N SER D 190 -2.76 12.29 -26.17
CA SER D 190 -2.98 12.57 -24.76
C SER D 190 -4.42 13.05 -24.55
N ASP D 191 -4.88 12.93 -23.31
CA ASP D 191 -6.25 13.27 -22.94
C ASP D 191 -6.79 14.58 -23.51
N GLN D 192 -5.94 15.62 -23.51
CA GLN D 192 -6.35 16.92 -24.05
C GLN D 192 -5.48 17.50 -25.16
N TYR D 193 -4.57 16.69 -25.72
CA TYR D 193 -3.84 17.09 -26.91
C TYR D 193 -3.67 15.89 -27.84
N LEU D 194 -4.14 16.03 -29.07
CA LEU D 194 -4.00 15.00 -30.08
C LEU D 194 -3.24 15.58 -31.25
N GLN D 195 -2.25 14.86 -31.76
CA GLN D 195 -1.49 15.37 -32.87
C GLN D 195 -1.14 14.30 -33.87
N ILE D 196 -1.37 14.59 -35.14
CA ILE D 196 -0.97 13.73 -36.25
C ILE D 196 -0.69 14.61 -37.46
N SER D 197 0.30 14.22 -38.25
CA SER D 197 0.70 14.99 -39.43
C SER D 197 0.70 14.12 -40.69
N ALA D 198 0.53 14.73 -41.85
CA ALA D 198 0.46 13.98 -43.09
C ALA D 198 1.14 14.70 -44.23
N ARG D 199 2.01 14.00 -44.97
CA ARG D 199 2.63 14.56 -46.18
C ARG D 199 1.70 14.33 -47.36
N LEU D 200 1.49 15.37 -48.17
CA LEU D 200 0.58 15.32 -49.30
C LEU D 200 1.36 15.35 -50.61
N PRO D 201 0.78 14.80 -51.69
CA PRO D 201 1.50 14.64 -52.94
C PRO D 201 1.65 15.91 -53.79
N SER D 202 0.77 16.90 -53.63
CA SER D 202 0.89 18.13 -54.42
C SER D 202 0.72 19.41 -53.59
N ASP D 203 0.91 20.57 -54.22
CA ASP D 203 0.88 21.85 -53.52
C ASP D 203 -0.47 22.53 -53.58
N TYR D 204 -1.49 21.77 -53.96
CA TYR D 204 -2.82 22.36 -54.15
C TYR D 204 -3.87 21.78 -53.22
N ILE D 205 -4.20 22.57 -52.20
CA ILE D 205 -5.13 22.19 -51.15
C ILE D 205 -6.26 23.19 -51.10
N TYR D 206 -7.49 22.71 -50.94
CA TYR D 206 -8.66 23.57 -50.89
C TYR D 206 -9.57 23.21 -49.72
N GLY D 207 -10.04 24.21 -48.98
CA GLY D 207 -11.03 23.93 -47.94
C GLY D 207 -10.64 24.35 -46.55
N ILE D 208 -11.21 23.69 -45.55
CA ILE D 208 -11.11 24.05 -44.12
C ILE D 208 -11.93 25.30 -43.81
N GLY D 209 -12.61 25.33 -42.69
CA GLY D 209 -13.45 26.50 -42.35
C GLY D 209 -13.95 26.43 -40.94
N GLU D 210 -14.69 27.45 -40.49
CA GLU D 210 -15.00 28.65 -41.26
C GLU D 210 -14.00 29.74 -40.91
N GLN D 211 -13.23 30.18 -41.91
CA GLN D 211 -12.31 31.30 -41.73
C GLN D 211 -12.39 32.18 -42.96
N VAL D 212 -11.73 33.33 -42.93
CA VAL D 212 -11.58 34.12 -44.13
C VAL D 212 -10.25 33.74 -44.78
N HIS D 213 -10.31 33.03 -45.90
CA HIS D 213 -9.06 32.60 -46.55
C HIS D 213 -8.51 33.61 -47.54
N LYS D 214 -9.42 34.40 -48.12
CA LYS D 214 -9.11 35.41 -49.15
C LYS D 214 -8.88 34.75 -50.49
N ARG D 215 -8.10 33.69 -50.49
CA ARG D 215 -7.74 32.98 -51.70
C ARG D 215 -8.24 31.55 -51.56
N PHE D 216 -8.65 30.95 -52.68
CA PHE D 216 -9.29 29.65 -52.66
C PHE D 216 -8.28 28.56 -52.48
N ARG D 217 -7.17 28.65 -53.21
CA ARG D 217 -6.11 27.68 -53.03
C ARG D 217 -5.18 28.19 -51.94
N HIS D 218 -4.86 27.30 -51.00
CA HIS D 218 -4.17 27.63 -49.75
C HIS D 218 -2.75 28.09 -49.93
N ASP D 219 -2.40 29.10 -49.13
CA ASP D 219 -1.02 29.49 -48.96
C ASP D 219 -0.42 28.40 -48.10
N LEU D 220 0.72 27.89 -48.53
CA LEU D 220 1.34 26.79 -47.82
C LEU D 220 2.39 27.30 -46.85
N SER D 221 2.57 28.62 -46.80
CA SER D 221 3.71 29.21 -46.11
C SER D 221 3.57 29.37 -44.58
N TRP D 222 3.50 28.23 -43.87
CA TRP D 222 3.45 28.18 -42.41
C TRP D 222 2.25 28.90 -41.77
N LYS D 223 1.05 28.38 -42.02
CA LYS D 223 -0.20 29.06 -41.62
C LYS D 223 -1.01 28.19 -40.68
N THR D 224 -1.53 28.80 -39.61
CA THR D 224 -2.46 28.11 -38.69
C THR D 224 -3.90 28.51 -38.99
N TRP D 225 -4.79 27.54 -38.90
CA TRP D 225 -6.22 27.75 -39.07
C TRP D 225 -6.98 27.10 -37.92
N PRO D 226 -7.42 27.92 -36.94
CA PRO D 226 -8.14 27.40 -35.81
C PRO D 226 -9.59 27.12 -36.16
N ILE D 227 -10.09 25.98 -35.71
CA ILE D 227 -11.48 25.64 -35.92
C ILE D 227 -12.21 25.45 -34.60
N PHE D 228 -13.22 26.28 -34.37
CA PHE D 228 -14.02 26.25 -33.16
C PHE D 228 -15.14 27.26 -33.34
N THR D 229 -16.37 26.77 -33.23
CA THR D 229 -17.57 27.52 -33.57
C THR D 229 -17.60 28.84 -32.77
N ARG D 230 -17.83 29.96 -33.46
CA ARG D 230 -17.66 31.29 -32.83
C ARG D 230 -18.39 32.46 -33.51
N ASP D 231 -19.00 33.32 -32.69
CA ASP D 231 -19.58 34.56 -33.15
C ASP D 231 -18.51 35.63 -33.25
N GLN D 232 -18.28 36.11 -34.47
CA GLN D 232 -17.24 37.09 -34.73
C GLN D 232 -17.40 37.73 -36.13
N LEU D 233 -17.22 39.05 -36.24
CA LEU D 233 -17.20 39.66 -37.56
C LEU D 233 -16.05 39.09 -38.37
N PRO D 234 -16.33 38.55 -39.58
CA PRO D 234 -15.26 38.13 -40.49
C PRO D 234 -14.40 39.32 -40.88
N GLY D 235 -13.09 39.14 -40.87
CA GLY D 235 -12.16 40.23 -41.19
C GLY D 235 -10.90 39.65 -41.78
N ASP D 236 -9.89 40.50 -41.97
CA ASP D 236 -8.60 40.04 -42.51
C ASP D 236 -7.69 39.39 -41.44
N ASN D 237 -7.97 38.14 -41.09
CA ASN D 237 -7.20 37.43 -40.09
C ASN D 237 -7.50 35.96 -40.18
N ASN D 238 -6.94 35.18 -39.25
CA ASN D 238 -7.23 33.76 -39.21
C ASN D 238 -8.21 33.36 -38.09
N ASN D 239 -9.03 34.29 -37.60
CA ASN D 239 -10.01 33.93 -36.59
C ASN D 239 -10.91 32.77 -37.00
N ASN D 240 -11.18 31.89 -36.03
CA ASN D 240 -12.22 30.88 -36.13
C ASN D 240 -13.59 31.55 -36.17
N LEU D 241 -14.39 31.24 -37.17
CA LEU D 241 -15.71 31.85 -37.28
C LEU D 241 -16.86 30.89 -37.03
N TYR D 242 -17.97 31.15 -37.71
CA TYR D 242 -19.28 30.60 -37.35
C TYR D 242 -19.37 29.08 -37.45
N GLY D 243 -18.76 28.51 -38.49
CA GLY D 243 -18.86 27.09 -38.76
C GLY D 243 -17.64 26.27 -38.37
N HIS D 244 -17.83 24.95 -38.38
CA HIS D 244 -16.79 23.99 -38.03
C HIS D 244 -16.66 22.91 -39.11
N GLN D 245 -15.75 23.11 -40.06
CA GLN D 245 -15.60 22.21 -41.19
C GLN D 245 -14.14 21.84 -41.35
N THR D 246 -13.82 20.56 -41.16
CA THR D 246 -12.42 20.11 -41.23
C THR D 246 -12.05 19.55 -42.59
N PHE D 247 -13.03 19.45 -43.48
CA PHE D 247 -12.79 18.81 -44.77
C PHE D 247 -11.88 19.64 -45.67
N PHE D 248 -10.83 19.02 -46.19
CA PHE D 248 -10.12 19.65 -47.27
C PHE D 248 -9.88 18.68 -48.41
N MET D 249 -9.58 19.22 -49.56
CA MET D 249 -9.53 18.46 -50.77
C MET D 249 -8.23 18.83 -51.44
N CYS D 250 -7.76 17.97 -52.33
CA CYS D 250 -6.43 18.13 -52.90
C CYS D 250 -6.33 17.46 -54.25
N ILE D 251 -5.83 18.18 -55.25
CA ILE D 251 -5.74 17.67 -56.61
C ILE D 251 -4.33 17.22 -56.95
N GLU D 252 -4.18 15.96 -57.37
CA GLU D 252 -2.86 15.32 -57.52
C GLU D 252 -2.09 15.68 -58.78
N ASP D 253 -2.81 15.72 -59.90
CA ASP D 253 -2.18 15.97 -61.17
C ASP D 253 -3.16 16.43 -62.24
N THR D 254 -2.60 16.66 -63.43
CA THR D 254 -3.32 17.21 -64.56
C THR D 254 -4.49 16.34 -65.08
N SER D 255 -4.46 15.04 -64.76
CA SER D 255 -5.52 14.10 -65.17
C SER D 255 -6.82 14.26 -64.38
N GLY D 256 -6.78 15.07 -63.33
CA GLY D 256 -7.97 15.34 -62.53
C GLY D 256 -8.04 14.48 -61.28
N LYS D 257 -7.12 13.53 -61.14
CA LYS D 257 -7.09 12.65 -59.97
C LYS D 257 -6.89 13.46 -58.70
N SER D 258 -7.78 13.24 -57.74
CA SER D 258 -7.82 14.04 -56.53
C SER D 258 -8.17 13.18 -55.33
N PHE D 259 -7.98 13.73 -54.13
CA PHE D 259 -8.51 13.12 -52.92
C PHE D 259 -8.96 14.15 -51.88
N GLY D 260 -9.59 13.67 -50.82
CA GLY D 260 -10.09 14.53 -49.76
C GLY D 260 -9.76 13.90 -48.43
N VAL D 261 -9.67 14.72 -47.41
CA VAL D 261 -9.36 14.26 -46.05
C VAL D 261 -10.33 14.90 -45.08
N PHE D 262 -11.10 14.07 -44.39
CA PHE D 262 -12.07 14.57 -43.43
C PHE D 262 -11.84 13.99 -42.04
N LEU D 263 -11.72 14.89 -41.07
CA LEU D 263 -11.55 14.51 -39.69
C LEU D 263 -12.85 14.71 -38.92
N MET D 264 -13.39 13.63 -38.40
CA MET D 264 -14.64 13.68 -37.65
C MET D 264 -14.33 13.92 -36.17
N ASN D 265 -14.26 15.19 -35.80
CA ASN D 265 -13.97 15.60 -34.42
C ASN D 265 -14.49 17.02 -34.18
N SER D 266 -15.21 17.22 -33.08
CA SER D 266 -15.85 18.52 -32.84
C SER D 266 -15.25 19.33 -31.69
N ASN D 267 -14.07 18.94 -31.23
CA ASN D 267 -13.33 19.73 -30.25
C ASN D 267 -12.60 20.92 -30.88
N ALA D 268 -12.19 21.87 -30.05
CA ALA D 268 -11.38 22.97 -30.53
C ALA D 268 -10.10 22.38 -31.14
N MET D 269 -9.65 22.97 -32.24
CA MET D 269 -8.45 22.49 -32.92
C MET D 269 -7.75 23.53 -33.80
N GLU D 270 -6.48 23.26 -34.13
CA GLU D 270 -5.74 23.96 -35.18
C GLU D 270 -5.43 23.01 -36.32
N ILE D 271 -5.60 23.47 -37.56
CA ILE D 271 -4.96 22.80 -38.68
C ILE D 271 -3.81 23.69 -39.20
N PHE D 272 -2.61 23.14 -39.16
CA PHE D 272 -1.42 23.86 -39.53
C PHE D 272 -0.88 23.35 -40.89
N ILE D 273 -0.63 24.25 -41.83
CA ILE D 273 -0.14 23.88 -43.17
C ILE D 273 1.27 24.44 -43.37
N GLN D 274 2.19 23.61 -43.85
CA GLN D 274 3.57 24.03 -44.10
C GLN D 274 4.10 23.41 -45.37
N PRO D 275 5.16 23.99 -45.96
CA PRO D 275 5.61 23.53 -47.27
C PRO D 275 6.05 22.08 -47.30
N THR D 276 5.86 21.47 -48.47
CA THR D 276 6.19 20.06 -48.86
C THR D 276 5.02 19.48 -49.69
N PRO D 277 3.76 19.65 -49.23
CA PRO D 277 3.25 20.21 -47.99
C PRO D 277 2.90 19.15 -46.93
N ILE D 278 3.02 19.53 -45.67
CA ILE D 278 2.67 18.69 -44.55
C ILE D 278 1.60 19.40 -43.74
N VAL D 279 0.44 18.76 -43.62
CA VAL D 279 -0.66 19.29 -42.82
C VAL D 279 -0.63 18.62 -41.44
N THR D 280 -0.90 19.39 -40.39
CA THR D 280 -0.79 18.91 -39.02
C THR D 280 -2.04 19.25 -38.22
N TYR D 281 -2.63 18.25 -37.56
CA TYR D 281 -3.82 18.47 -36.77
C TYR D 281 -3.40 18.51 -35.32
N ARG D 282 -3.80 19.59 -34.63
CA ARG D 282 -3.59 19.69 -33.18
C ARG D 282 -4.97 19.88 -32.56
N VAL D 283 -5.44 18.90 -31.79
CA VAL D 283 -6.81 18.91 -31.32
C VAL D 283 -6.96 18.65 -29.82
N THR D 284 -7.92 19.34 -29.20
CA THR D 284 -7.99 19.48 -27.74
C THR D 284 -8.75 18.41 -26.99
N GLY D 285 -9.32 17.45 -27.73
CA GLY D 285 -10.04 16.33 -27.13
C GLY D 285 -10.56 15.39 -28.19
N GLY D 286 -11.48 14.50 -27.81
CA GLY D 286 -12.04 13.49 -28.71
C GLY D 286 -11.06 12.40 -29.13
N ILE D 287 -11.34 11.81 -30.30
CA ILE D 287 -10.45 10.81 -30.89
C ILE D 287 -9.97 11.27 -32.25
N LEU D 288 -9.13 10.46 -32.90
CA LEU D 288 -8.77 10.75 -34.28
C LEU D 288 -9.60 9.84 -35.15
N ASP D 289 -10.49 10.43 -35.95
CA ASP D 289 -11.37 9.67 -36.82
C ASP D 289 -11.26 10.23 -38.25
N PHE D 290 -10.42 9.60 -39.06
CA PHE D 290 -10.15 10.12 -40.39
C PHE D 290 -10.81 9.32 -41.49
N TYR D 291 -11.38 10.03 -42.47
CA TYR D 291 -11.83 9.44 -43.71
C TYR D 291 -10.96 10.00 -44.79
N ILE D 292 -10.54 9.15 -45.71
CA ILE D 292 -9.79 9.57 -46.89
C ILE D 292 -10.55 9.14 -48.14
N LEU D 293 -10.80 10.09 -49.05
CA LEU D 293 -11.75 9.88 -50.12
C LEU D 293 -11.12 10.12 -51.49
N LEU D 294 -10.98 9.05 -52.29
CA LEU D 294 -10.40 9.14 -53.63
C LEU D 294 -11.43 9.47 -54.70
N GLY D 295 -10.99 10.14 -55.76
CA GLY D 295 -11.87 10.46 -56.89
C GLY D 295 -11.12 10.66 -58.21
N ASP D 296 -11.83 10.48 -59.32
CA ASP D 296 -11.23 10.69 -60.64
C ASP D 296 -11.14 12.17 -61.02
N THR D 297 -12.03 12.98 -60.46
CA THR D 297 -12.03 14.40 -60.71
C THR D 297 -12.25 15.08 -59.36
N PRO D 298 -11.95 16.40 -59.25
CA PRO D 298 -12.30 17.07 -58.00
C PRO D 298 -13.81 16.97 -57.75
N GLU D 299 -14.62 17.08 -58.81
CA GLU D 299 -16.07 16.99 -58.66
C GLU D 299 -16.46 15.70 -57.96
N GLN D 300 -15.73 14.64 -58.26
CA GLN D 300 -16.06 13.31 -57.76
C GLN D 300 -15.74 13.20 -56.28
N VAL D 301 -14.68 13.89 -55.84
CA VAL D 301 -14.25 13.85 -54.45
C VAL D 301 -15.29 14.50 -53.57
N VAL D 302 -15.75 15.67 -53.99
CA VAL D 302 -16.82 16.40 -53.29
C VAL D 302 -18.09 15.54 -53.19
N GLN D 303 -18.38 14.81 -54.27
CA GLN D 303 -19.51 13.90 -54.29
C GLN D 303 -19.32 12.80 -53.27
N GLN D 304 -18.10 12.27 -53.20
CA GLN D 304 -17.75 11.21 -52.28
C GLN D 304 -17.87 11.65 -50.85
N TYR D 305 -17.53 12.91 -50.58
CA TYR D 305 -17.65 13.48 -49.24
C TYR D 305 -19.13 13.55 -48.83
N GLN D 306 -19.97 14.03 -49.73
CA GLN D 306 -21.39 14.20 -49.44
C GLN D 306 -22.09 12.86 -49.28
N GLN D 307 -21.63 11.86 -50.01
CA GLN D 307 -22.15 10.50 -49.88
C GLN D 307 -21.99 10.10 -48.41
N LEU D 308 -20.76 10.23 -47.88
CA LEU D 308 -20.45 9.89 -46.49
C LEU D 308 -21.26 10.70 -45.46
N VAL D 309 -21.27 12.02 -45.64
CA VAL D 309 -21.76 12.93 -44.61
C VAL D 309 -23.26 13.28 -44.72
N GLY D 310 -23.81 13.19 -45.94
CA GLY D 310 -25.22 13.49 -46.18
C GLY D 310 -25.39 14.41 -47.37
N LEU D 311 -26.33 14.08 -48.25
CA LEU D 311 -26.54 14.90 -49.44
C LEU D 311 -27.39 16.08 -49.09
N PRO D 312 -27.16 17.25 -49.73
CA PRO D 312 -27.85 18.48 -49.31
C PRO D 312 -29.36 18.39 -49.51
N ALA D 313 -30.11 19.14 -48.71
CA ALA D 313 -31.55 19.18 -48.89
C ALA D 313 -31.85 19.82 -50.23
N MET D 314 -32.90 19.36 -50.91
CA MET D 314 -33.40 20.06 -52.09
C MET D 314 -34.20 21.28 -51.61
N PRO D 315 -33.86 22.49 -52.11
CA PRO D 315 -34.56 23.67 -51.61
C PRO D 315 -35.94 23.79 -52.24
N ALA D 316 -36.78 24.66 -51.68
CA ALA D 316 -38.01 25.06 -52.33
C ALA D 316 -37.61 26.01 -53.46
N TYR D 317 -38.37 26.01 -54.55
CA TYR D 317 -38.11 26.88 -55.69
C TYR D 317 -38.03 28.34 -55.22
N TRP D 318 -38.93 28.76 -54.34
CA TRP D 318 -38.92 30.15 -53.88
C TRP D 318 -37.70 30.55 -53.06
N ASN D 319 -36.98 29.58 -52.49
CA ASN D 319 -35.70 29.83 -51.81
C ASN D 319 -34.67 30.51 -52.72
N LEU D 320 -34.78 30.28 -54.02
CA LEU D 320 -33.86 30.82 -55.00
C LEU D 320 -34.22 32.23 -55.46
N GLY D 321 -35.41 32.71 -55.10
CA GLY D 321 -35.78 34.10 -55.37
C GLY D 321 -34.99 35.08 -54.52
N PHE D 322 -34.91 36.34 -54.97
CA PHE D 322 -34.19 37.39 -54.25
C PHE D 322 -34.88 37.78 -52.94
N GLN D 323 -34.09 38.10 -51.91
CA GLN D 323 -34.64 38.46 -50.62
C GLN D 323 -34.14 39.82 -50.19
N LEU D 324 -35.03 40.60 -49.60
CA LEU D 324 -34.67 41.88 -48.99
C LEU D 324 -34.74 41.78 -47.48
N SER D 325 -33.89 42.54 -46.79
CA SER D 325 -33.76 42.39 -45.36
C SER D 325 -32.91 43.52 -44.77
N ARG D 326 -33.08 43.78 -43.47
CA ARG D 326 -32.14 44.61 -42.74
C ARG D 326 -32.37 44.44 -41.24
N TRP D 327 -31.31 44.66 -40.48
CA TRP D 327 -31.42 44.70 -39.05
C TRP D 327 -31.96 46.06 -38.70
N ASN D 328 -33.05 46.07 -37.95
CA ASN D 328 -33.68 47.27 -37.43
C ASN D 328 -34.26 48.18 -38.53
N TYR D 329 -35.47 47.84 -38.97
CA TYR D 329 -36.31 48.70 -39.81
C TYR D 329 -37.01 49.71 -38.90
N LYS D 330 -36.95 49.46 -37.59
CA LYS D 330 -37.54 50.28 -36.52
C LYS D 330 -39.07 50.10 -36.38
N SER D 331 -39.80 50.06 -37.50
CA SER D 331 -41.26 49.93 -37.48
C SER D 331 -41.85 49.34 -38.76
N LEU D 332 -43.03 48.74 -38.65
CA LEU D 332 -43.72 48.11 -39.77
C LEU D 332 -44.00 49.06 -40.92
N ASP D 333 -44.14 50.35 -40.63
CA ASP D 333 -44.36 51.37 -41.66
C ASP D 333 -43.16 51.51 -42.58
N VAL D 334 -41.95 51.45 -42.00
CA VAL D 334 -40.71 51.52 -42.77
C VAL D 334 -40.54 50.24 -43.60
N VAL D 335 -40.85 49.08 -43.01
CA VAL D 335 -40.87 47.82 -43.75
C VAL D 335 -41.78 47.94 -44.98
N LYS D 336 -43.00 48.43 -44.75
CA LYS D 336 -43.99 48.65 -45.82
C LYS D 336 -43.47 49.57 -46.93
N GLU D 337 -42.90 50.72 -46.54
CA GLU D 337 -42.34 51.68 -47.52
C GLU D 337 -41.27 51.03 -48.40
N VAL D 338 -40.43 50.19 -47.78
CA VAL D 338 -39.39 49.49 -48.50
C VAL D 338 -39.99 48.54 -49.51
N VAL D 339 -40.98 47.75 -49.07
CA VAL D 339 -41.63 46.81 -49.97
C VAL D 339 -42.24 47.52 -51.18
N ARG D 340 -43.01 48.58 -50.93
CA ARG D 340 -43.74 49.19 -52.05
C ARG D 340 -42.87 49.95 -53.02
N ARG D 341 -41.78 50.56 -52.53
CA ARG D 341 -40.87 51.29 -53.43
C ARG D 341 -40.08 50.35 -54.35
N ASN D 342 -39.89 49.11 -53.91
CA ASN D 342 -39.19 48.09 -54.69
C ASN D 342 -40.06 47.35 -55.67
N ARG D 343 -41.32 47.11 -55.30
CA ARG D 343 -42.32 46.56 -56.23
C ARG D 343 -42.52 47.52 -57.38
N GLU D 344 -42.56 48.81 -57.07
CA GLU D 344 -42.74 49.86 -58.05
C GLU D 344 -41.57 49.98 -59.02
N ALA D 345 -40.35 49.75 -58.54
CA ALA D 345 -39.15 49.83 -59.38
C ALA D 345 -38.96 48.58 -60.22
N GLY D 346 -39.87 47.62 -60.07
CA GLY D 346 -39.89 46.41 -60.90
C GLY D 346 -38.82 45.39 -60.55
N ILE D 347 -38.26 45.52 -59.36
CA ILE D 347 -37.23 44.61 -58.85
C ILE D 347 -37.85 43.26 -58.54
N PRO D 348 -37.33 42.17 -59.15
CA PRO D 348 -37.80 40.82 -58.83
C PRO D 348 -37.37 40.40 -57.42
N PHE D 349 -38.32 40.21 -56.52
CA PHE D 349 -37.99 39.67 -55.21
C PHE D 349 -39.09 38.87 -54.58
N ASP D 350 -38.76 37.65 -54.17
CA ASP D 350 -39.73 36.70 -53.68
C ASP D 350 -40.05 36.87 -52.21
N THR D 351 -39.05 37.16 -51.40
CA THR D 351 -39.22 37.09 -49.96
C THR D 351 -38.75 38.33 -49.23
N GLN D 352 -39.41 38.63 -48.12
CA GLN D 352 -39.06 39.74 -47.25
C GLN D 352 -38.67 39.20 -45.87
N VAL D 353 -37.42 39.41 -45.47
CA VAL D 353 -36.96 38.94 -44.17
C VAL D 353 -37.11 40.06 -43.14
N THR D 354 -37.20 39.70 -41.87
CA THR D 354 -37.49 40.67 -40.82
C THR D 354 -36.68 40.32 -39.56
N ASP D 355 -35.79 41.23 -39.15
CA ASP D 355 -34.83 40.93 -38.08
C ASP D 355 -35.46 40.99 -36.69
N ILE D 356 -34.66 40.97 -35.63
CA ILE D 356 -35.16 40.92 -34.26
C ILE D 356 -36.03 42.11 -33.84
N ASP D 357 -36.04 43.16 -34.65
CA ASP D 357 -36.88 44.32 -34.36
C ASP D 357 -38.40 44.04 -34.51
N TYR D 358 -38.77 42.98 -35.23
CA TYR D 358 -40.16 42.56 -35.34
C TYR D 358 -40.74 42.05 -34.01
N MET D 359 -39.88 41.55 -33.15
CA MET D 359 -40.29 40.94 -31.89
C MET D 359 -40.57 41.98 -30.81
N GLU D 360 -41.26 41.55 -29.75
CA GLU D 360 -41.50 42.40 -28.59
C GLU D 360 -40.29 42.30 -27.66
N ASP D 361 -39.58 43.42 -27.49
CA ASP D 361 -38.36 43.49 -26.68
C ASP D 361 -37.39 42.35 -27.03
N LYS D 362 -37.30 42.05 -28.33
CA LYS D 362 -36.38 41.04 -28.86
C LYS D 362 -36.56 39.63 -28.26
N LYS D 363 -37.79 39.32 -27.84
CA LYS D 363 -38.16 37.99 -27.31
C LYS D 363 -38.67 37.06 -28.41
N ASP D 364 -38.11 35.86 -28.48
CA ASP D 364 -38.56 34.83 -29.44
C ASP D 364 -40.05 34.59 -29.35
N PHE D 365 -40.68 34.35 -30.50
CA PHE D 365 -42.10 33.95 -30.57
C PHE D 365 -43.14 34.98 -30.09
N THR D 366 -42.82 36.27 -30.23
CA THR D 366 -43.73 37.36 -29.92
C THR D 366 -43.61 38.32 -31.08
N TYR D 367 -44.47 39.32 -31.16
CA TYR D 367 -44.18 40.47 -32.01
C TYR D 367 -44.56 41.79 -31.38
N ASP D 368 -43.86 42.86 -31.74
CA ASP D 368 -44.08 44.15 -31.11
C ASP D 368 -45.45 44.66 -31.51
N GLN D 369 -46.39 44.59 -30.56
CA GLN D 369 -47.79 44.99 -30.77
C GLN D 369 -47.95 46.49 -31.03
N VAL D 370 -46.92 47.27 -30.69
CA VAL D 370 -46.96 48.72 -30.92
C VAL D 370 -46.39 49.08 -32.29
N ALA D 371 -45.06 49.06 -32.43
CA ALA D 371 -44.42 49.55 -33.65
C ALA D 371 -44.59 48.61 -34.86
N PHE D 372 -44.88 47.35 -34.59
CA PHE D 372 -45.21 46.39 -35.64
C PHE D 372 -46.68 45.99 -35.55
N ASN D 373 -47.52 46.98 -35.28
CA ASN D 373 -48.95 46.81 -35.28
C ASN D 373 -49.45 46.55 -36.70
N GLY D 374 -50.22 45.48 -36.87
CA GLY D 374 -50.79 45.16 -38.18
C GLY D 374 -50.00 44.13 -38.96
N LEU D 375 -49.10 43.41 -38.27
CA LEU D 375 -48.20 42.48 -38.93
C LEU D 375 -48.94 41.39 -39.71
N PRO D 376 -49.92 40.72 -39.08
CA PRO D 376 -50.54 39.61 -39.81
C PRO D 376 -51.31 40.05 -41.06
N GLN D 377 -51.76 41.31 -41.08
CA GLN D 377 -52.42 41.88 -42.23
C GLN D 377 -51.40 42.10 -43.34
N PHE D 378 -50.23 42.59 -42.96
CA PHE D 378 -49.09 42.83 -43.88
C PHE D 378 -48.57 41.52 -44.45
N VAL D 379 -48.34 40.52 -43.61
CA VAL D 379 -48.01 39.17 -44.08
C VAL D 379 -49.03 38.73 -45.14
N GLN D 380 -50.31 38.94 -44.86
CA GLN D 380 -51.38 38.65 -45.81
C GLN D 380 -51.19 39.40 -47.13
N ASP D 381 -50.80 40.68 -47.06
CA ASP D 381 -50.48 41.46 -48.27
C ASP D 381 -49.33 40.81 -49.07
N LEU D 382 -48.33 40.30 -48.36
CA LEU D 382 -47.21 39.66 -49.03
C LEU D 382 -47.72 38.46 -49.81
N HIS D 383 -48.50 37.62 -49.15
CA HIS D 383 -49.05 36.43 -49.80
C HIS D 383 -49.95 36.77 -50.99
N ASP D 384 -50.70 37.87 -50.88
CA ASP D 384 -51.58 38.33 -51.96
C ASP D 384 -50.80 38.68 -53.23
N HIS D 385 -49.53 39.08 -53.09
CA HIS D 385 -48.64 39.35 -54.22
C HIS D 385 -47.77 38.16 -54.60
N GLY D 386 -48.04 37.03 -53.96
CA GLY D 386 -47.30 35.80 -54.21
C GLY D 386 -45.90 35.85 -53.64
N GLN D 387 -45.72 36.60 -52.55
CA GLN D 387 -44.43 36.72 -51.92
C GLN D 387 -44.38 35.97 -50.62
N LYS D 388 -43.20 35.88 -50.05
CA LYS D 388 -42.98 35.07 -48.87
C LYS D 388 -42.42 35.88 -47.72
N TYR D 389 -42.50 35.33 -46.52
CA TYR D 389 -42.10 36.03 -45.32
C TYR D 389 -41.23 35.14 -44.44
N VAL D 390 -40.01 35.59 -44.18
CA VAL D 390 -39.07 34.86 -43.33
C VAL D 390 -38.79 35.65 -42.03
N ILE D 391 -38.86 34.95 -40.90
CA ILE D 391 -38.54 35.55 -39.61
C ILE D 391 -37.25 34.97 -39.03
N ILE D 392 -36.54 35.76 -38.24
CA ILE D 392 -35.37 35.30 -37.52
C ILE D 392 -35.81 34.61 -36.23
N LEU D 393 -35.09 33.58 -35.81
CA LEU D 393 -35.27 32.96 -34.50
C LEU D 393 -33.93 32.75 -33.81
N ASP D 394 -33.80 33.20 -32.57
CA ASP D 394 -32.58 32.98 -31.79
C ASP D 394 -32.81 31.82 -30.83
N PRO D 395 -31.72 31.11 -30.44
CA PRO D 395 -31.91 29.98 -29.55
C PRO D 395 -32.19 30.46 -28.12
N ALA D 396 -31.54 31.54 -27.70
CA ALA D 396 -31.68 32.02 -26.35
C ALA D 396 -33.13 32.40 -26.00
N ILE D 397 -33.59 31.99 -24.84
CA ILE D 397 -34.95 32.28 -24.41
C ILE D 397 -34.89 33.14 -23.17
N SER D 398 -35.55 34.29 -23.18
CA SER D 398 -35.52 35.23 -22.05
C SER D 398 -36.13 34.69 -20.74
N ILE D 399 -35.44 34.88 -19.62
CA ILE D 399 -36.00 34.54 -18.30
C ILE D 399 -37.03 35.56 -17.82
N GLY D 400 -37.12 36.69 -18.51
CA GLY D 400 -38.01 37.79 -18.12
C GLY D 400 -39.51 37.60 -18.36
N ARG D 401 -40.26 38.65 -18.06
CA ARG D 401 -41.71 38.70 -18.24
C ARG D 401 -42.04 39.46 -19.51
N ARG D 402 -43.19 39.14 -20.13
CA ARG D 402 -43.69 39.88 -21.29
C ARG D 402 -44.02 41.35 -20.91
N ALA D 403 -44.41 42.13 -21.92
CA ALA D 403 -44.55 43.60 -21.78
C ALA D 403 -45.51 43.97 -20.66
N ASN D 404 -46.78 43.70 -20.86
CA ASN D 404 -47.76 44.03 -19.84
C ASN D 404 -47.79 43.08 -18.64
N GLY D 405 -46.59 42.78 -18.12
CA GLY D 405 -46.39 41.99 -16.91
C GLY D 405 -46.72 40.50 -16.92
N THR D 406 -47.29 40.01 -18.01
CA THR D 406 -47.77 38.62 -18.08
C THR D 406 -46.64 37.57 -18.19
N THR D 407 -46.91 36.35 -17.72
CA THR D 407 -45.96 35.25 -17.90
C THR D 407 -45.65 35.08 -19.39
N TYR D 408 -44.38 34.88 -19.69
CA TYR D 408 -43.88 34.61 -21.04
C TYR D 408 -43.99 33.12 -21.28
N ALA D 409 -44.97 32.76 -22.09
CA ALA D 409 -45.40 31.38 -22.26
C ALA D 409 -44.31 30.42 -22.72
N THR D 410 -43.45 30.91 -23.61
CA THR D 410 -42.35 30.11 -24.17
C THR D 410 -41.40 29.66 -23.08
N TYR D 411 -41.04 30.60 -22.20
CA TYR D 411 -40.15 30.32 -21.07
C TYR D 411 -40.81 29.36 -20.09
N GLU D 412 -42.09 29.61 -19.79
CA GLU D 412 -42.82 28.81 -18.83
C GLU D 412 -42.88 27.34 -19.28
N ARG D 413 -43.30 27.12 -20.53
CA ARG D 413 -43.36 25.76 -21.10
C ARG D 413 -41.99 25.08 -21.14
N GLY D 414 -40.95 25.89 -21.39
CA GLY D 414 -39.58 25.43 -21.39
C GLY D 414 -39.22 24.84 -20.05
N ASN D 415 -39.53 25.57 -18.98
CA ASN D 415 -39.27 25.09 -17.65
C ASN D 415 -39.98 23.78 -17.39
N THR D 416 -41.29 23.74 -17.70
CA THR D 416 -42.13 22.58 -17.42
C THR D 416 -41.54 21.30 -18.03
N GLN D 417 -41.07 21.38 -19.26
CA GLN D 417 -40.55 20.19 -19.93
C GLN D 417 -39.06 19.96 -19.73
N HIS D 418 -38.41 20.84 -18.96
CA HIS D 418 -36.96 20.74 -18.61
C HIS D 418 -36.06 20.70 -19.84
N VAL D 419 -36.14 21.76 -20.62
CA VAL D 419 -35.58 21.78 -21.97
C VAL D 419 -34.19 22.41 -22.01
N TRP D 420 -33.77 23.02 -20.90
CA TRP D 420 -32.59 23.88 -20.89
C TRP D 420 -31.25 23.16 -20.76
N ILE D 421 -30.16 23.88 -21.02
CA ILE D 421 -28.79 23.42 -20.78
C ILE D 421 -28.41 23.74 -19.35
N ASN D 422 -27.93 22.72 -18.63
CA ASN D 422 -27.59 22.85 -17.21
C ASN D 422 -26.11 23.19 -16.99
N GLU D 423 -25.80 23.73 -15.81
CA GLU D 423 -24.42 23.91 -15.35
C GLU D 423 -23.79 22.55 -15.05
N SER D 424 -22.55 22.55 -14.55
CA SER D 424 -21.82 21.32 -14.31
C SER D 424 -22.47 20.37 -13.29
N ASP D 425 -23.26 20.91 -12.36
CA ASP D 425 -24.04 20.08 -11.45
C ASP D 425 -25.09 19.23 -12.17
N GLY D 426 -25.60 19.71 -13.29
CA GLY D 426 -26.57 18.96 -14.08
C GLY D 426 -28.00 19.17 -13.62
N SER D 427 -28.25 20.29 -12.93
CA SER D 427 -29.58 20.59 -12.39
C SER D 427 -29.97 22.02 -12.69
N THR D 428 -29.14 22.95 -12.23
CA THR D 428 -29.39 24.38 -12.42
C THR D 428 -29.16 24.76 -13.88
N PRO D 429 -30.18 25.37 -14.52
CA PRO D 429 -30.01 25.90 -15.88
C PRO D 429 -28.98 27.05 -15.94
N ILE D 430 -28.12 27.05 -16.95
CA ILE D 430 -27.08 28.09 -17.10
C ILE D 430 -27.71 29.37 -17.65
N ILE D 431 -27.19 30.51 -17.22
CA ILE D 431 -27.75 31.79 -17.63
C ILE D 431 -26.71 32.59 -18.39
N GLY D 432 -26.99 32.85 -19.65
CA GLY D 432 -26.16 33.69 -20.51
C GLY D 432 -26.88 35.01 -20.72
N GLU D 433 -26.52 35.71 -21.79
CA GLU D 433 -27.19 36.95 -22.14
C GLU D 433 -27.10 37.14 -23.63
N VAL D 434 -28.24 37.35 -24.28
CA VAL D 434 -28.25 37.68 -25.69
C VAL D 434 -29.11 38.91 -25.85
N TRP D 435 -29.91 38.96 -26.91
CA TRP D 435 -30.63 40.18 -27.27
C TRP D 435 -31.64 40.74 -26.25
N PRO D 436 -32.48 39.87 -25.65
CA PRO D 436 -33.41 40.39 -24.65
C PRO D 436 -32.88 40.39 -23.21
N GLY D 437 -31.58 40.59 -23.02
CA GLY D 437 -31.00 40.49 -21.68
C GLY D 437 -30.80 39.03 -21.27
N LEU D 438 -30.80 38.76 -19.97
CA LEU D 438 -30.54 37.41 -19.45
C LEU D 438 -31.43 36.35 -20.10
N THR D 439 -30.83 35.19 -20.38
CA THR D 439 -31.48 34.10 -21.11
C THR D 439 -30.97 32.72 -20.71
N VAL D 440 -31.79 31.69 -20.96
CA VAL D 440 -31.38 30.30 -20.83
C VAL D 440 -31.24 29.68 -22.22
N TYR D 441 -30.58 28.53 -22.30
CA TYR D 441 -30.32 27.93 -23.63
C TYR D 441 -30.97 26.57 -23.81
N PRO D 442 -31.71 26.39 -24.91
CA PRO D 442 -32.33 25.14 -25.23
C PRO D 442 -31.29 24.11 -25.65
N ASP D 443 -31.39 22.90 -25.13
CA ASP D 443 -30.50 21.78 -25.46
C ASP D 443 -31.11 20.98 -26.58
N PHE D 444 -30.89 21.43 -27.82
CA PHE D 444 -31.54 20.85 -29.00
C PHE D 444 -31.08 19.43 -29.35
N THR D 445 -30.32 18.84 -28.44
CA THR D 445 -29.90 17.44 -28.58
C THR D 445 -30.86 16.53 -27.78
N ASN D 446 -31.71 17.17 -27.00
CA ASN D 446 -32.72 16.51 -26.18
C ASN D 446 -34.00 16.32 -27.00
N PRO D 447 -34.45 15.05 -27.14
CA PRO D 447 -35.67 14.81 -27.93
C PRO D 447 -36.92 15.55 -27.40
N ASN D 448 -36.94 15.88 -26.10
CA ASN D 448 -37.99 16.69 -25.51
C ASN D 448 -37.93 18.14 -25.96
N CYS D 449 -36.70 18.58 -26.22
CA CYS D 449 -36.44 19.95 -26.64
C CYS D 449 -36.92 20.18 -28.06
N ILE D 450 -36.62 19.22 -28.96
CA ILE D 450 -37.08 19.30 -30.34
C ILE D 450 -38.61 19.37 -30.38
N ASP D 451 -39.27 18.66 -29.45
CA ASP D 451 -40.73 18.71 -29.33
C ASP D 451 -41.20 20.08 -28.87
N TRP D 452 -40.66 20.54 -27.75
CA TRP D 452 -40.94 21.88 -27.24
C TRP D 452 -40.78 22.96 -28.34
N TRP D 453 -39.69 22.86 -29.10
CA TRP D 453 -39.34 23.81 -30.16
C TRP D 453 -40.38 23.76 -31.27
N ALA D 454 -40.61 22.56 -31.80
CA ALA D 454 -41.61 22.32 -32.83
C ALA D 454 -42.96 22.91 -32.43
N ASN D 455 -43.33 22.65 -31.18
CA ASN D 455 -44.54 23.17 -30.61
C ASN D 455 -44.59 24.71 -30.62
N GLU D 456 -43.51 25.35 -30.18
CA GLU D 456 -43.43 26.82 -30.10
C GLU D 456 -43.67 27.51 -31.45
N CYS D 457 -43.12 26.91 -32.51
CA CYS D 457 -43.23 27.43 -33.87
C CYS D 457 -44.62 27.27 -34.46
N SER D 458 -45.30 26.23 -33.99
CA SER D 458 -46.63 25.89 -34.44
C SER D 458 -47.63 26.86 -33.82
N ILE D 459 -47.49 27.08 -32.51
CA ILE D 459 -48.28 28.06 -31.78
C ILE D 459 -48.08 29.46 -32.37
N PHE D 460 -46.83 29.82 -32.61
CA PHE D 460 -46.54 31.13 -33.17
C PHE D 460 -47.07 31.29 -34.59
N HIS D 461 -47.04 30.22 -35.38
CA HIS D 461 -47.47 30.32 -36.78
C HIS D 461 -48.94 30.66 -36.92
N GLN D 462 -49.73 30.27 -35.93
CA GLN D 462 -51.15 30.60 -35.91
C GLN D 462 -51.39 32.09 -35.67
N GLU D 463 -50.45 32.75 -35.01
CA GLU D 463 -50.54 34.18 -34.77
C GLU D 463 -49.94 34.96 -35.94
N VAL D 464 -48.75 34.55 -36.38
CA VAL D 464 -48.04 35.19 -37.50
C VAL D 464 -47.68 34.12 -38.53
N GLN D 465 -48.20 34.24 -39.74
CA GLN D 465 -48.05 33.19 -40.76
C GLN D 465 -46.73 33.25 -41.55
N TYR D 466 -45.61 33.04 -40.85
CA TYR D 466 -44.29 33.01 -41.46
C TYR D 466 -44.18 31.89 -42.50
N ASP D 467 -43.29 32.03 -43.47
CA ASP D 467 -43.11 31.00 -44.50
C ASP D 467 -41.85 30.19 -44.33
N GLY D 468 -40.87 30.77 -43.64
CA GLY D 468 -39.58 30.14 -43.44
C GLY D 468 -38.86 30.73 -42.26
N LEU D 469 -37.84 30.03 -41.78
CA LEU D 469 -37.13 30.46 -40.59
C LEU D 469 -35.64 30.73 -40.86
N TRP D 470 -35.09 31.66 -40.10
CA TRP D 470 -33.69 31.96 -40.17
C TRP D 470 -33.14 31.84 -38.77
N ILE D 471 -32.42 30.76 -38.50
CA ILE D 471 -31.90 30.54 -37.16
C ILE D 471 -30.51 31.16 -37.03
N ASP D 472 -30.39 32.11 -36.10
CA ASP D 472 -29.19 32.90 -35.90
C ASP D 472 -28.60 32.64 -34.52
N MET D 473 -27.45 33.24 -34.20
CA MET D 473 -26.79 33.07 -32.89
C MET D 473 -26.50 31.60 -32.52
N ASN D 474 -26.46 30.77 -33.54
CA ASN D 474 -26.26 29.33 -33.47
C ASN D 474 -25.02 28.79 -32.83
N GLU D 475 -23.91 29.51 -32.97
CA GLU D 475 -22.63 29.09 -32.39
C GLU D 475 -22.80 28.70 -30.91
N VAL D 476 -23.94 29.15 -30.37
CA VAL D 476 -24.23 29.47 -28.96
C VAL D 476 -23.34 30.65 -28.60
N SER D 477 -23.81 31.83 -29.01
CA SER D 477 -23.21 33.11 -28.67
C SER D 477 -23.80 33.58 -27.35
N SER D 478 -22.97 34.20 -26.53
CA SER D 478 -23.40 34.88 -25.30
C SER D 478 -22.70 36.22 -25.27
N PHE D 479 -23.41 37.28 -24.88
CA PHE D 479 -22.80 38.60 -24.75
C PHE D 479 -21.84 38.66 -23.55
N ILE D 480 -22.06 37.81 -22.57
CA ILE D 480 -21.15 37.74 -21.43
C ILE D 480 -20.25 36.50 -21.50
N GLN D 481 -19.08 36.58 -20.89
CA GLN D 481 -18.12 35.48 -20.94
C GLN D 481 -18.48 34.35 -19.97
N GLY D 482 -18.88 33.22 -20.54
CA GLY D 482 -19.15 32.02 -19.75
C GLY D 482 -20.57 31.91 -19.24
N SER D 483 -20.84 32.53 -18.10
CA SER D 483 -22.15 32.48 -17.49
C SER D 483 -22.40 33.71 -16.65
N THR D 484 -23.65 33.86 -16.23
CA THR D 484 -24.07 34.95 -15.38
C THR D 484 -23.19 35.06 -14.12
N LYS D 485 -22.65 33.93 -13.66
CA LYS D 485 -21.77 33.88 -12.49
C LYS D 485 -20.36 33.35 -12.82
N GLY D 486 -19.90 33.64 -14.04
CA GLY D 486 -18.54 33.27 -14.49
C GLY D 486 -18.29 31.80 -14.74
N CYS D 487 -17.02 31.40 -14.64
CA CYS D 487 -16.62 30.01 -14.88
C CYS D 487 -15.84 29.41 -13.75
N ASN D 488 -16.04 28.11 -13.50
CA ASN D 488 -15.17 27.38 -12.60
C ASN D 488 -13.77 27.27 -13.23
N VAL D 489 -12.72 27.37 -12.42
CA VAL D 489 -11.35 27.33 -12.92
C VAL D 489 -10.81 25.92 -12.99
N ASN D 490 -10.90 25.29 -14.16
CA ASN D 490 -10.52 23.88 -14.29
C ASN D 490 -9.89 23.55 -15.63
N LYS D 491 -9.44 22.30 -15.78
CA LYS D 491 -8.85 21.82 -17.03
C LYS D 491 -9.75 22.03 -18.28
N LEU D 492 -11.08 22.03 -18.09
CA LEU D 492 -12.01 22.17 -19.21
C LEU D 492 -12.14 23.61 -19.64
N ASN D 493 -12.07 24.52 -18.68
CA ASN D 493 -12.17 25.94 -19.02
C ASN D 493 -10.84 26.56 -19.39
N TYR D 494 -9.77 26.04 -18.80
CA TYR D 494 -8.43 26.52 -19.08
C TYR D 494 -7.52 25.33 -19.43
N PRO D 495 -7.70 24.80 -20.66
CA PRO D 495 -7.05 23.57 -21.09
C PRO D 495 -5.53 23.71 -21.23
N PRO D 496 -4.80 22.57 -21.19
CA PRO D 496 -3.34 22.58 -21.18
C PRO D 496 -2.78 23.16 -22.47
N PHE D 497 -3.51 22.95 -23.56
CA PHE D 497 -3.16 23.50 -24.86
C PHE D 497 -4.37 24.15 -25.48
N THR D 498 -4.25 25.44 -25.76
CA THR D 498 -5.29 26.22 -26.41
C THR D 498 -4.84 26.50 -27.82
N PRO D 499 -5.64 26.11 -28.82
CA PRO D 499 -5.26 26.45 -30.18
C PRO D 499 -5.44 27.95 -30.40
N ASP D 500 -5.05 28.44 -31.58
CA ASP D 500 -5.06 29.87 -31.90
C ASP D 500 -6.46 30.49 -32.09
N ILE D 501 -7.44 30.06 -31.30
CA ILE D 501 -8.78 30.63 -31.33
C ILE D 501 -8.74 32.02 -30.76
N LEU D 502 -9.57 32.91 -31.32
CA LEU D 502 -9.68 34.30 -30.87
C LEU D 502 -9.80 34.43 -29.34
N ASP D 503 -9.06 35.39 -28.78
CA ASP D 503 -9.01 35.65 -27.33
C ASP D 503 -8.28 34.57 -26.53
N LYS D 504 -7.90 33.48 -27.21
CA LYS D 504 -7.24 32.32 -26.60
C LYS D 504 -7.93 31.86 -25.30
N LEU D 505 -9.26 31.89 -25.32
CA LEU D 505 -10.07 31.66 -24.13
C LEU D 505 -11.35 30.97 -24.57
N MET D 506 -11.41 29.66 -24.30
CA MET D 506 -12.50 28.78 -24.77
C MET D 506 -13.92 29.34 -24.61
N TYR D 507 -14.26 29.79 -23.40
CA TYR D 507 -15.60 30.29 -23.10
C TYR D 507 -15.89 31.73 -23.55
N SER D 508 -14.94 32.36 -24.23
CA SER D 508 -15.14 33.73 -24.74
C SER D 508 -16.30 33.77 -25.73
N LYS D 509 -17.20 34.72 -25.51
CA LYS D 509 -18.44 34.93 -26.32
C LYS D 509 -19.33 33.67 -26.48
N THR D 510 -19.32 32.81 -25.46
CA THR D 510 -20.12 31.59 -25.42
C THR D 510 -20.38 31.15 -23.96
N ILE D 511 -20.68 29.87 -23.74
CA ILE D 511 -21.00 29.39 -22.40
C ILE D 511 -19.93 28.49 -21.82
N CYS D 512 -19.95 28.32 -20.51
CA CYS D 512 -18.95 27.55 -19.78
C CYS D 512 -18.73 26.16 -20.36
N MET D 513 -17.46 25.75 -20.42
CA MET D 513 -17.06 24.51 -21.06
C MET D 513 -17.46 23.25 -20.30
N ASP D 514 -17.87 23.41 -19.03
CA ASP D 514 -18.33 22.27 -18.23
C ASP D 514 -19.83 22.16 -18.17
N ALA D 515 -20.55 22.98 -18.94
CA ALA D 515 -21.99 22.86 -19.08
C ALA D 515 -22.40 21.49 -19.67
N VAL D 516 -23.46 20.89 -19.13
CA VAL D 516 -23.93 19.57 -19.55
C VAL D 516 -25.10 19.65 -20.54
N GLN D 517 -25.00 18.87 -21.61
CA GLN D 517 -26.09 18.66 -22.56
C GLN D 517 -26.28 17.17 -22.78
N ASN D 518 -27.38 16.80 -23.40
CA ASN D 518 -27.65 15.40 -23.62
C ASN D 518 -26.55 14.66 -24.40
N TRP D 519 -25.97 15.27 -25.44
CA TRP D 519 -24.89 14.59 -26.18
C TRP D 519 -23.55 14.62 -25.47
N GLY D 520 -23.43 15.49 -24.46
CA GLY D 520 -22.19 15.60 -23.67
C GLY D 520 -21.85 16.95 -23.06
N LYS D 521 -20.60 17.08 -22.61
CA LYS D 521 -20.11 18.31 -21.99
C LYS D 521 -19.92 19.33 -23.10
N GLN D 522 -20.09 20.62 -22.76
CA GLN D 522 -19.80 21.71 -23.70
C GLN D 522 -18.44 21.60 -24.39
N TYR D 523 -17.39 21.35 -23.61
CA TYR D 523 -16.04 21.17 -24.12
C TYR D 523 -16.00 20.25 -25.34
N ASP D 524 -16.92 19.30 -25.39
CA ASP D 524 -16.95 18.32 -26.48
C ASP D 524 -17.98 18.66 -27.57
N VAL D 525 -19.19 19.03 -27.16
CA VAL D 525 -20.25 19.22 -28.14
C VAL D 525 -20.51 20.69 -28.50
N HIS D 526 -19.55 21.56 -28.21
CA HIS D 526 -19.75 22.98 -28.45
C HIS D 526 -20.02 23.31 -29.91
N SER D 527 -19.20 22.77 -30.81
CA SER D 527 -19.35 23.07 -32.24
C SER D 527 -20.57 22.42 -32.89
N LEU D 528 -21.30 21.63 -32.11
CA LEU D 528 -22.42 20.86 -32.63
C LEU D 528 -23.76 21.53 -32.34
N TYR D 529 -23.74 22.64 -31.61
CA TYR D 529 -24.98 23.31 -31.24
C TYR D 529 -25.76 23.81 -32.45
N GLY D 530 -25.10 24.58 -33.32
CA GLY D 530 -25.76 25.08 -34.53
C GLY D 530 -26.31 23.97 -35.41
N TYR D 531 -25.56 22.87 -35.49
CA TYR D 531 -25.94 21.66 -36.20
C TYR D 531 -27.21 21.07 -35.65
N SER D 532 -27.27 20.89 -34.33
CA SER D 532 -28.43 20.28 -33.70
C SER D 532 -29.68 21.16 -33.76
N MET D 533 -29.51 22.48 -33.81
CA MET D 533 -30.61 23.39 -33.97
C MET D 533 -31.20 23.36 -35.38
N ALA D 534 -30.37 23.13 -36.39
CA ALA D 534 -30.85 22.95 -37.76
C ALA D 534 -31.72 21.70 -37.83
N ILE D 535 -31.27 20.63 -37.20
CA ILE D 535 -32.03 19.39 -37.14
C ILE D 535 -33.36 19.60 -36.40
N ALA D 536 -33.32 20.32 -35.28
CA ALA D 536 -34.52 20.64 -34.52
C ALA D 536 -35.50 21.46 -35.36
N THR D 537 -34.99 22.43 -36.11
CA THR D 537 -35.85 23.27 -36.93
C THR D 537 -36.38 22.51 -38.14
N GLU D 538 -35.63 21.53 -38.64
CA GLU D 538 -36.14 20.70 -39.72
C GLU D 538 -37.36 19.89 -39.28
N GLN D 539 -37.34 19.40 -38.03
CA GLN D 539 -38.54 18.80 -37.39
C GLN D 539 -39.65 19.82 -37.20
N ALA D 540 -39.33 20.98 -36.64
CA ALA D 540 -40.32 22.04 -36.44
C ALA D 540 -41.05 22.38 -37.72
N VAL D 541 -40.32 22.36 -38.82
CA VAL D 541 -40.89 22.64 -40.13
C VAL D 541 -41.93 21.59 -40.51
N GLN D 542 -41.66 20.32 -40.27
CA GLN D 542 -42.63 19.26 -40.56
C GLN D 542 -43.93 19.37 -39.75
N LYS D 543 -43.86 19.81 -38.50
CA LYS D 543 -45.07 20.11 -37.72
C LYS D 543 -45.80 21.31 -38.33
N VAL D 544 -45.10 22.42 -38.57
CA VAL D 544 -45.77 23.67 -39.03
C VAL D 544 -46.27 23.65 -40.48
N PHE D 545 -45.43 23.17 -41.39
CA PHE D 545 -45.79 23.05 -42.80
C PHE D 545 -45.66 21.58 -43.14
N PRO D 546 -46.71 20.79 -42.90
CA PRO D 546 -46.61 19.34 -43.11
C PRO D 546 -46.24 19.05 -44.56
N ASN D 547 -45.22 18.20 -44.73
CA ASN D 547 -44.73 17.76 -46.04
C ASN D 547 -44.20 18.86 -47.00
N LYS D 548 -44.10 20.08 -46.52
CA LYS D 548 -43.50 21.18 -47.28
C LYS D 548 -42.00 21.30 -47.00
N ARG D 549 -41.30 22.06 -47.84
CA ARG D 549 -39.85 22.28 -47.73
C ARG D 549 -39.50 23.51 -46.92
N SER D 550 -40.32 24.56 -47.06
CA SER D 550 -40.10 25.85 -46.38
C SER D 550 -38.68 26.39 -46.62
N PHE D 551 -38.10 27.01 -45.60
CA PHE D 551 -36.76 27.59 -45.68
C PHE D 551 -36.11 27.57 -44.30
N ILE D 552 -34.87 27.09 -44.22
CA ILE D 552 -34.09 27.22 -42.98
C ILE D 552 -32.70 27.74 -43.28
N LEU D 553 -32.43 28.97 -42.85
CA LEU D 553 -31.12 29.58 -43.01
C LEU D 553 -30.40 29.60 -41.65
N THR D 554 -29.24 28.94 -41.58
CA THR D 554 -28.47 28.83 -40.33
C THR D 554 -27.15 29.59 -40.38
N ARG D 555 -26.67 30.05 -39.24
CA ARG D 555 -25.33 30.64 -39.17
C ARG D 555 -24.25 29.61 -38.84
N SER D 556 -24.30 29.02 -37.65
CA SER D 556 -23.35 27.98 -37.30
C SER D 556 -23.65 26.69 -38.07
N THR D 557 -22.59 25.95 -38.38
CA THR D 557 -22.64 24.79 -39.25
C THR D 557 -21.58 23.78 -38.80
N PHE D 558 -21.90 22.50 -38.92
CA PHE D 558 -20.93 21.43 -38.75
C PHE D 558 -20.99 20.61 -40.02
N ALA D 559 -20.16 19.57 -40.09
CA ALA D 559 -20.09 18.68 -41.23
C ALA D 559 -21.47 18.13 -41.65
N GLY D 560 -21.87 18.45 -42.87
CA GLY D 560 -23.12 17.96 -43.46
C GLY D 560 -24.39 18.59 -42.92
N SER D 561 -24.27 19.85 -42.48
CA SER D 561 -25.44 20.66 -42.15
C SER D 561 -26.15 21.02 -43.43
N GLY D 562 -25.51 20.72 -44.56
CA GLY D 562 -26.11 20.93 -45.88
C GLY D 562 -27.41 20.16 -46.00
N ARG D 563 -27.47 19.02 -45.32
CA ARG D 563 -28.66 18.17 -45.28
C ARG D 563 -29.88 18.84 -44.65
N HIS D 564 -29.65 19.83 -43.81
CA HIS D 564 -30.72 20.41 -43.01
C HIS D 564 -31.00 21.88 -43.26
N ALA D 565 -30.00 22.65 -43.66
CA ALA D 565 -30.17 24.09 -43.78
C ALA D 565 -29.34 24.75 -44.87
N ALA D 566 -29.64 26.03 -45.07
CA ALA D 566 -28.86 26.92 -45.93
C ALA D 566 -27.98 27.75 -45.02
N HIS D 567 -26.87 28.24 -45.58
CA HIS D 567 -25.93 29.03 -44.82
C HIS D 567 -25.64 30.30 -45.56
N TRP D 568 -25.48 31.41 -44.84
CA TRP D 568 -24.90 32.62 -45.41
C TRP D 568 -23.61 32.97 -44.67
N LEU D 569 -22.73 33.70 -45.34
CA LEU D 569 -21.35 33.88 -44.86
C LEU D 569 -21.16 34.81 -43.65
N GLY D 570 -22.26 35.20 -43.03
CA GLY D 570 -22.21 35.97 -41.79
C GLY D 570 -22.10 37.46 -42.02
N ASP D 571 -21.54 38.13 -41.02
CA ASP D 571 -21.58 39.59 -40.92
C ASP D 571 -20.45 40.27 -41.66
N ASN D 572 -20.56 40.35 -42.98
CA ASN D 572 -19.55 41.05 -43.76
C ASN D 572 -19.61 42.57 -43.66
N THR D 573 -18.78 43.25 -44.45
CA THR D 573 -18.61 44.70 -44.36
C THR D 573 -18.66 45.32 -45.76
N ALA D 574 -19.31 46.48 -45.89
CA ALA D 574 -19.36 47.21 -47.16
C ALA D 574 -17.95 47.62 -47.53
N SER D 575 -17.31 46.82 -48.38
CA SER D 575 -15.87 46.88 -48.62
C SER D 575 -15.53 46.04 -49.84
N TRP D 576 -14.67 46.53 -50.71
CA TRP D 576 -14.38 45.80 -51.95
C TRP D 576 -13.64 44.50 -51.67
N GLU D 577 -12.71 44.53 -50.72
CA GLU D 577 -12.06 43.31 -50.22
C GLU D 577 -13.08 42.22 -49.91
N GLN D 578 -14.02 42.55 -49.04
CA GLN D 578 -15.01 41.62 -48.52
C GLN D 578 -15.92 41.07 -49.61
N MET D 579 -16.11 41.83 -50.69
CA MET D 579 -16.88 41.34 -51.82
C MET D 579 -16.10 40.27 -52.61
N GLU D 580 -14.81 40.53 -52.78
CA GLU D 580 -13.91 39.60 -53.47
C GLU D 580 -13.77 38.31 -52.67
N TRP D 581 -13.65 38.43 -51.35
CA TRP D 581 -13.49 37.30 -50.45
C TRP D 581 -14.73 36.41 -50.33
N SER D 582 -15.88 36.94 -50.72
CA SER D 582 -17.11 36.19 -50.61
C SER D 582 -17.16 35.08 -51.62
N ILE D 583 -16.48 35.24 -52.76
CA ILE D 583 -16.47 34.21 -53.80
C ILE D 583 -15.75 32.98 -53.31
N THR D 584 -14.53 33.20 -52.83
CA THR D 584 -13.73 32.09 -52.34
C THR D 584 -14.32 31.45 -51.06
N GLY D 585 -15.10 32.22 -50.31
CA GLY D 585 -15.85 31.68 -49.17
C GLY D 585 -17.05 30.86 -49.59
N MET D 586 -17.78 31.35 -50.59
CA MET D 586 -18.90 30.64 -51.17
C MET D 586 -18.43 29.33 -51.80
N LEU D 587 -17.32 29.36 -52.55
CA LEU D 587 -16.80 28.16 -53.21
C LEU D 587 -16.38 27.07 -52.22
N GLU D 588 -15.88 27.48 -51.07
CA GLU D 588 -15.51 26.54 -50.04
C GLU D 588 -16.73 25.81 -49.47
N PHE D 589 -17.84 26.53 -49.34
CA PHE D 589 -19.02 25.91 -48.82
C PHE D 589 -19.65 24.97 -49.82
N SER D 590 -19.39 25.22 -51.10
CA SER D 590 -19.74 24.26 -52.15
C SER D 590 -19.03 22.93 -51.91
N LEU D 591 -17.74 22.98 -51.59
CA LEU D 591 -17.00 21.78 -51.21
C LEU D 591 -17.57 21.13 -49.97
N PHE D 592 -18.08 21.93 -49.01
CA PHE D 592 -18.65 21.36 -47.78
C PHE D 592 -20.07 20.79 -47.91
N GLY D 593 -20.59 20.76 -49.14
CA GLY D 593 -21.92 20.25 -49.42
C GLY D 593 -23.06 21.07 -48.84
N ILE D 594 -22.89 22.39 -48.84
CA ILE D 594 -23.96 23.29 -48.46
C ILE D 594 -24.18 24.20 -49.66
N PRO D 595 -24.90 23.70 -50.70
CA PRO D 595 -24.95 24.41 -51.99
C PRO D 595 -25.73 25.73 -51.98
N LEU D 596 -26.73 25.84 -51.10
CA LEU D 596 -27.51 27.05 -51.00
C LEU D 596 -26.79 28.03 -50.06
N VAL D 597 -25.89 28.80 -50.63
CA VAL D 597 -25.02 29.66 -49.84
C VAL D 597 -24.81 30.97 -50.57
N GLY D 598 -24.72 32.05 -49.79
CA GLY D 598 -24.42 33.38 -50.33
C GLY D 598 -23.85 34.28 -49.26
N ALA D 599 -23.45 35.48 -49.65
CA ALA D 599 -22.99 36.50 -48.71
C ALA D 599 -24.07 37.53 -48.59
N ASP D 600 -23.87 38.52 -47.73
CA ASP D 600 -24.81 39.64 -47.65
C ASP D 600 -24.51 40.73 -48.69
N ILE D 601 -25.35 40.80 -49.72
CA ILE D 601 -25.15 41.73 -50.83
C ILE D 601 -25.11 43.21 -50.37
N CYS D 602 -24.07 43.92 -50.79
CA CYS D 602 -23.84 45.35 -50.50
C CYS D 602 -23.14 45.62 -49.19
N GLY D 603 -23.09 44.63 -48.31
CA GLY D 603 -22.35 44.76 -47.09
C GLY D 603 -23.18 45.10 -45.88
N PHE D 604 -23.13 44.20 -44.91
CA PHE D 604 -23.78 44.33 -43.61
C PHE D 604 -23.25 45.56 -42.86
N VAL D 605 -22.08 45.44 -42.23
CA VAL D 605 -21.46 46.52 -41.48
C VAL D 605 -21.04 47.64 -42.42
N ALA D 606 -21.19 48.88 -41.96
CA ALA D 606 -20.85 50.12 -42.71
C ALA D 606 -21.90 50.51 -43.74
N GLU D 607 -21.88 51.80 -44.12
CA GLU D 607 -22.73 52.32 -45.20
C GLU D 607 -22.05 51.97 -46.51
N THR D 608 -22.87 51.60 -47.49
CA THR D 608 -22.34 51.15 -48.78
C THR D 608 -22.24 52.31 -49.76
N THR D 609 -21.45 52.15 -50.82
CA THR D 609 -21.35 53.13 -51.89
C THR D 609 -22.40 52.84 -52.95
N GLU D 610 -22.76 53.84 -53.75
CA GLU D 610 -23.54 53.59 -54.95
C GLU D 610 -22.75 52.63 -55.82
N GLU D 611 -21.48 52.94 -56.04
CA GLU D 611 -20.65 52.12 -56.92
C GLU D 611 -20.49 50.70 -56.41
N LEU D 612 -20.12 50.56 -55.14
CA LEU D 612 -19.87 49.24 -54.56
C LEU D 612 -21.14 48.40 -54.64
N CYS D 613 -22.24 48.97 -54.21
CA CYS D 613 -23.50 48.24 -54.14
C CYS D 613 -24.08 47.89 -55.52
N ARG D 614 -23.79 48.72 -56.51
CA ARG D 614 -24.20 48.41 -57.88
C ARG D 614 -23.48 47.16 -58.35
N ARG D 615 -22.19 47.06 -58.04
CA ARG D 615 -21.37 45.92 -58.46
C ARG D 615 -21.74 44.69 -57.69
N TRP D 616 -21.92 44.85 -56.38
CA TRP D 616 -22.31 43.73 -55.53
C TRP D 616 -23.69 43.18 -55.89
N MET D 617 -24.58 44.04 -56.36
CA MET D 617 -25.89 43.61 -56.82
C MET D 617 -25.79 42.76 -58.07
N GLN D 618 -24.85 43.10 -58.94
CA GLN D 618 -24.58 42.32 -60.15
C GLN D 618 -24.03 40.94 -59.77
N LEU D 619 -23.02 40.91 -58.91
CA LEU D 619 -22.46 39.65 -58.45
C LEU D 619 -23.53 38.86 -57.70
N GLY D 620 -24.14 39.50 -56.70
CA GLY D 620 -25.14 38.89 -55.84
C GLY D 620 -26.31 38.23 -56.57
N ALA D 621 -26.65 38.76 -57.75
CA ALA D 621 -27.68 38.14 -58.57
C ALA D 621 -27.30 36.67 -58.88
N PHE D 622 -26.04 36.31 -58.65
CA PHE D 622 -25.56 35.00 -59.06
C PHE D 622 -24.99 34.18 -57.93
N TYR D 623 -25.23 34.62 -56.69
CA TYR D 623 -25.04 33.76 -55.53
C TYR D 623 -26.16 32.73 -55.54
N PRO D 624 -25.84 31.46 -55.26
CA PRO D 624 -26.94 30.52 -55.15
C PRO D 624 -28.04 31.04 -54.20
N PHE D 625 -27.66 31.56 -53.03
CA PHE D 625 -28.61 32.22 -52.13
C PHE D 625 -28.38 33.72 -52.18
N SER D 626 -29.40 34.44 -52.65
CA SER D 626 -29.22 35.83 -53.04
C SER D 626 -30.02 36.78 -52.18
N ARG D 627 -29.36 37.45 -51.23
CA ARG D 627 -30.06 38.36 -50.31
C ARG D 627 -29.30 39.65 -49.96
N ASN D 628 -29.97 40.78 -50.10
CA ASN D 628 -29.46 42.05 -49.61
C ASN D 628 -29.87 42.26 -48.15
N HIS D 629 -28.90 42.56 -47.29
CA HIS D 629 -29.10 42.64 -45.84
C HIS D 629 -28.16 43.70 -45.26
N ASN D 630 -28.58 44.38 -44.20
CA ASN D 630 -27.87 45.54 -43.69
C ASN D 630 -27.89 45.59 -42.18
N SER D 631 -26.84 46.12 -41.58
CA SER D 631 -26.76 46.25 -40.13
C SER D 631 -27.51 47.49 -39.60
N ASP D 632 -27.77 47.48 -38.30
CA ASP D 632 -28.49 48.54 -37.59
C ASP D 632 -27.82 49.92 -37.74
N GLY D 633 -28.62 50.95 -38.00
CA GLY D 633 -28.14 52.31 -37.96
C GLY D 633 -27.68 52.92 -39.28
N TYR D 634 -27.04 52.12 -40.13
CA TYR D 634 -26.53 52.62 -41.41
C TYR D 634 -27.63 52.85 -42.42
N GLU D 635 -27.45 53.84 -43.29
CA GLU D 635 -28.46 54.20 -44.29
C GLU D 635 -28.99 52.99 -45.06
N HIS D 636 -30.24 53.06 -45.51
CA HIS D 636 -30.84 51.99 -46.31
C HIS D 636 -30.01 51.67 -47.53
N GLN D 637 -30.00 50.40 -47.92
CA GLN D 637 -29.22 49.95 -49.08
C GLN D 637 -29.93 48.95 -49.98
N ASP D 638 -31.26 48.93 -49.92
CA ASP D 638 -32.06 48.16 -50.88
C ASP D 638 -32.04 48.89 -52.21
N PRO D 639 -32.18 48.15 -53.32
CA PRO D 639 -31.98 48.73 -54.66
C PRO D 639 -32.76 50.03 -54.93
N ALA D 640 -34.06 50.00 -54.65
CA ALA D 640 -34.96 51.10 -54.97
C ALA D 640 -34.75 52.37 -54.12
N PHE D 641 -33.95 52.27 -53.07
CA PHE D 641 -33.60 53.44 -52.28
C PHE D 641 -32.61 54.32 -53.05
N PHE D 642 -31.96 53.78 -54.07
CA PHE D 642 -30.96 54.52 -54.81
C PHE D 642 -31.56 55.38 -55.92
N GLY D 643 -32.89 55.31 -56.07
CA GLY D 643 -33.62 56.12 -57.03
C GLY D 643 -34.31 55.27 -58.08
N GLN D 644 -35.56 55.61 -58.39
CA GLN D 644 -36.38 54.84 -59.35
C GLN D 644 -35.81 54.76 -60.77
N ASN D 645 -35.08 55.80 -61.18
CA ASN D 645 -34.42 55.83 -62.49
C ASN D 645 -32.91 55.82 -62.39
N SER D 646 -32.40 55.28 -61.28
CA SER D 646 -30.96 55.19 -61.05
C SER D 646 -30.35 54.06 -61.87
N LEU D 647 -29.06 54.22 -62.17
CA LEU D 647 -28.29 53.21 -62.90
C LEU D 647 -28.22 51.88 -62.13
N LEU D 648 -28.20 51.99 -60.80
CA LEU D 648 -28.20 50.84 -59.90
C LEU D 648 -29.49 50.04 -60.06
N VAL D 649 -30.63 50.73 -60.11
CA VAL D 649 -31.91 50.05 -60.27
C VAL D 649 -32.03 49.42 -61.65
N LYS D 650 -31.60 50.14 -62.69
CA LYS D 650 -31.59 49.59 -64.05
C LYS D 650 -30.77 48.29 -64.11
N SER D 651 -29.55 48.35 -63.57
CA SER D 651 -28.63 47.22 -63.58
C SER D 651 -29.14 46.03 -62.76
N SER D 652 -29.50 46.31 -61.51
CA SER D 652 -30.03 45.29 -60.60
C SER D 652 -31.27 44.60 -61.17
N ARG D 653 -32.19 45.38 -61.72
CA ARG D 653 -33.36 44.80 -62.34
C ARG D 653 -32.95 43.88 -63.49
N GLN D 654 -32.07 44.36 -64.35
CA GLN D 654 -31.65 43.61 -65.52
C GLN D 654 -31.05 42.25 -65.16
N TYR D 655 -30.23 42.22 -64.11
CA TYR D 655 -29.49 41.01 -63.72
C TYR D 655 -30.24 40.08 -62.81
N LEU D 656 -31.13 40.63 -61.98
CA LEU D 656 -32.07 39.82 -61.22
C LEU D 656 -33.05 39.19 -62.21
N THR D 657 -33.43 39.92 -63.23
CA THR D 657 -34.22 39.35 -64.32
C THR D 657 -33.51 38.20 -65.03
N ILE D 658 -32.22 38.36 -65.35
CA ILE D 658 -31.46 37.27 -65.91
C ILE D 658 -31.46 36.08 -64.94
N ARG D 659 -31.22 36.35 -63.65
CA ARG D 659 -31.29 35.30 -62.66
C ARG D 659 -32.60 34.53 -62.79
N TYR D 660 -33.73 35.22 -62.63
CA TYR D 660 -35.05 34.57 -62.65
C TYR D 660 -35.27 33.76 -63.92
N THR D 661 -34.82 34.26 -65.06
CA THR D 661 -34.93 33.54 -66.33
C THR D 661 -34.22 32.19 -66.25
N LEU D 662 -33.11 32.16 -65.50
CA LEU D 662 -32.24 31.00 -65.43
C LEU D 662 -32.63 30.04 -64.32
N LEU D 663 -33.66 30.39 -63.54
CA LEU D 663 -34.06 29.58 -62.39
C LEU D 663 -34.33 28.07 -62.67
N PRO D 664 -35.00 27.73 -63.80
CA PRO D 664 -35.12 26.30 -64.13
C PRO D 664 -33.76 25.58 -64.16
N PHE D 665 -32.78 26.22 -64.77
CA PHE D 665 -31.42 25.70 -64.84
C PHE D 665 -30.84 25.54 -63.43
N LEU D 666 -30.87 26.62 -62.63
CA LEU D 666 -30.31 26.62 -61.28
C LEU D 666 -30.95 25.50 -60.46
N TYR D 667 -32.27 25.45 -60.52
CA TYR D 667 -33.05 24.46 -59.80
C TYR D 667 -32.66 23.04 -60.20
N THR D 668 -32.36 22.83 -61.47
CA THR D 668 -31.93 21.52 -61.95
C THR D 668 -30.60 21.16 -61.33
N LEU D 669 -29.71 22.15 -61.18
CA LEU D 669 -28.41 21.90 -60.56
C LEU D 669 -28.58 21.51 -59.10
N PHE D 670 -29.54 22.14 -58.44
CA PHE D 670 -29.87 21.80 -57.08
C PHE D 670 -30.43 20.39 -56.99
N TYR D 671 -31.16 19.97 -58.01
CA TYR D 671 -31.64 18.59 -58.07
C TYR D 671 -30.46 17.64 -58.14
N LYS D 672 -29.51 17.98 -59.00
CA LYS D 672 -28.34 17.15 -59.17
C LYS D 672 -27.50 17.10 -57.90
N ALA D 673 -27.49 18.21 -57.16
CA ALA D 673 -26.78 18.29 -55.89
C ALA D 673 -27.38 17.31 -54.91
N HIS D 674 -28.70 17.38 -54.78
CA HIS D 674 -29.48 16.59 -53.82
C HIS D 674 -29.41 15.09 -54.12
N VAL D 675 -29.32 14.74 -55.39
CA VAL D 675 -29.32 13.33 -55.79
C VAL D 675 -27.92 12.74 -55.86
N PHE D 676 -27.03 13.39 -56.63
CA PHE D 676 -25.65 12.88 -56.87
C PHE D 676 -24.54 13.55 -56.07
N GLY D 677 -24.84 14.67 -55.43
CA GLY D 677 -23.86 15.39 -54.63
C GLY D 677 -22.97 16.35 -55.41
N GLU D 678 -23.36 16.67 -56.65
CA GLU D 678 -22.67 17.68 -57.45
C GLU D 678 -22.75 19.08 -56.83
N THR D 679 -21.89 19.98 -57.31
CA THR D 679 -21.83 21.34 -56.79
C THR D 679 -22.74 22.24 -57.63
N VAL D 680 -23.32 23.25 -56.99
CA VAL D 680 -24.14 24.23 -57.72
C VAL D 680 -23.25 25.38 -58.19
N ALA D 681 -22.82 26.26 -57.28
CA ALA D 681 -21.76 27.21 -57.65
C ALA D 681 -20.43 26.47 -57.59
N ARG D 682 -19.83 26.17 -58.74
CA ARG D 682 -18.57 25.45 -58.70
C ARG D 682 -17.37 26.29 -59.15
N PRO D 683 -16.19 26.02 -58.58
CA PRO D 683 -14.97 26.70 -59.02
C PRO D 683 -14.51 26.21 -60.39
N VAL D 684 -13.78 27.07 -61.08
CA VAL D 684 -13.34 26.78 -62.44
C VAL D 684 -12.46 25.52 -62.57
N LEU D 685 -11.74 25.11 -61.52
CA LEU D 685 -10.88 23.94 -61.67
C LEU D 685 -11.65 22.63 -61.73
N HIS D 686 -12.90 22.65 -61.25
CA HIS D 686 -13.76 21.47 -61.29
C HIS D 686 -14.08 21.02 -62.71
N GLU D 687 -14.18 21.97 -63.63
CA GLU D 687 -14.43 21.65 -65.02
C GLU D 687 -13.18 21.70 -65.89
N PHE D 688 -12.20 22.51 -65.50
CA PHE D 688 -11.05 22.73 -66.38
C PHE D 688 -9.70 22.41 -65.72
N TYR D 689 -9.65 21.28 -65.03
CA TYR D 689 -8.45 20.82 -64.32
C TYR D 689 -7.26 20.39 -65.19
N GLU D 690 -7.51 20.05 -66.45
CA GLU D 690 -6.43 19.71 -67.40
C GLU D 690 -5.50 20.90 -67.66
N ASP D 691 -5.93 22.09 -67.27
CA ASP D 691 -5.14 23.32 -67.36
C ASP D 691 -4.74 23.80 -65.96
N THR D 692 -3.45 23.84 -65.66
CA THR D 692 -3.00 24.25 -64.31
C THR D 692 -3.25 25.73 -63.99
N ASN D 693 -3.73 26.49 -64.97
CA ASN D 693 -4.08 27.88 -64.71
C ASN D 693 -5.39 27.97 -63.98
N SER D 694 -6.24 26.98 -64.17
CA SER D 694 -7.53 26.94 -63.49
C SER D 694 -7.40 26.63 -62.00
N TRP D 695 -6.30 25.99 -61.62
CA TRP D 695 -6.07 25.55 -60.24
C TRP D 695 -6.06 26.68 -59.21
N ILE D 696 -5.66 27.87 -59.62
CA ILE D 696 -5.51 28.99 -58.69
C ILE D 696 -6.64 29.99 -58.83
N GLU D 697 -7.42 29.89 -59.90
CA GLU D 697 -8.42 30.92 -60.24
C GLU D 697 -9.60 30.95 -59.29
N ASP D 698 -9.90 32.12 -58.74
CA ASP D 698 -10.98 32.27 -57.75
C ASP D 698 -11.59 33.68 -57.69
N THR D 699 -11.53 34.40 -58.80
CA THR D 699 -12.19 35.70 -58.92
C THR D 699 -13.32 35.59 -59.92
N GLU D 700 -13.63 34.36 -60.30
CA GLU D 700 -14.78 34.03 -61.14
C GLU D 700 -15.19 32.60 -60.85
N PHE D 701 -16.46 32.28 -61.10
CA PHE D 701 -16.97 30.93 -60.86
C PHE D 701 -17.99 30.55 -61.89
N LEU D 702 -18.50 29.33 -61.75
CA LEU D 702 -19.53 28.79 -62.63
C LEU D 702 -20.80 28.40 -61.88
N TRP D 703 -21.94 28.49 -62.57
CA TRP D 703 -23.12 27.74 -62.20
C TRP D 703 -23.02 26.44 -62.97
N GLY D 704 -22.85 25.35 -62.24
CA GLY D 704 -22.65 24.04 -62.83
C GLY D 704 -21.55 24.05 -63.88
N PRO D 705 -21.72 23.26 -64.95
CA PRO D 705 -20.72 23.21 -66.02
C PRO D 705 -20.84 24.31 -67.06
N ALA D 706 -21.97 25.01 -67.14
CA ALA D 706 -22.33 25.77 -68.35
C ALA D 706 -22.20 27.31 -68.35
N LEU D 707 -22.41 27.94 -67.20
CA LEU D 707 -22.40 29.40 -67.14
C LEU D 707 -21.19 29.95 -66.38
N LEU D 708 -20.44 30.87 -67.02
CA LEU D 708 -19.28 31.50 -66.40
C LEU D 708 -19.58 32.94 -65.96
N ILE D 709 -19.31 33.24 -64.69
CA ILE D 709 -19.63 34.53 -64.08
C ILE D 709 -18.36 35.26 -63.66
N THR D 710 -18.08 36.37 -64.32
CA THR D 710 -16.85 37.12 -64.09
C THR D 710 -17.23 38.52 -63.62
N PRO D 711 -17.16 38.76 -62.29
CA PRO D 711 -17.52 40.04 -61.68
C PRO D 711 -16.37 41.06 -61.61
N VAL D 712 -16.73 42.34 -61.50
CA VAL D 712 -15.80 43.43 -61.22
C VAL D 712 -15.60 43.52 -59.70
N LEU D 713 -14.35 43.54 -59.27
CA LEU D 713 -14.05 43.39 -57.86
C LEU D 713 -13.06 44.40 -57.35
N LYS D 714 -12.64 45.31 -58.22
CA LYS D 714 -11.78 46.41 -57.78
C LYS D 714 -12.51 47.75 -57.93
N GLN D 715 -12.29 48.65 -56.98
CA GLN D 715 -12.97 49.93 -56.97
C GLN D 715 -12.60 50.77 -58.18
N GLY D 716 -13.58 51.40 -58.81
CA GLY D 716 -13.35 52.27 -59.96
C GLY D 716 -13.11 51.58 -61.28
N ALA D 717 -12.95 50.25 -61.24
CA ALA D 717 -12.55 49.47 -62.41
C ALA D 717 -13.58 49.35 -63.54
N ASP D 718 -13.05 49.41 -64.75
CA ASP D 718 -13.82 49.51 -66.00
C ASP D 718 -13.57 48.25 -66.76
N THR D 719 -12.54 47.54 -66.31
CA THR D 719 -11.94 46.42 -67.01
C THR D 719 -11.50 45.40 -65.95
N VAL D 720 -11.46 44.12 -66.32
CA VAL D 720 -11.02 43.07 -65.41
C VAL D 720 -10.18 42.02 -66.13
N SER D 721 -9.03 41.69 -65.55
CA SER D 721 -8.20 40.62 -66.08
C SER D 721 -8.83 39.30 -65.70
N ALA D 722 -9.28 38.57 -66.72
CA ALA D 722 -10.01 37.33 -66.50
C ALA D 722 -9.37 36.18 -67.23
N TYR D 723 -9.32 35.03 -66.58
CA TYR D 723 -8.82 33.83 -67.22
C TYR D 723 -9.99 33.13 -67.87
N ILE D 724 -10.03 33.11 -69.19
CA ILE D 724 -11.11 32.40 -69.86
C ILE D 724 -10.60 31.01 -70.30
N PRO D 725 -11.24 29.93 -69.83
CA PRO D 725 -10.76 28.57 -69.95
C PRO D 725 -10.86 27.94 -71.34
N ASP D 726 -10.46 26.68 -71.43
CA ASP D 726 -10.34 25.99 -72.71
C ASP D 726 -11.68 25.42 -73.22
N ALA D 727 -12.55 26.31 -73.67
CA ALA D 727 -13.81 25.89 -74.28
C ALA D 727 -14.28 26.99 -75.22
N ILE D 728 -15.44 26.78 -75.85
CA ILE D 728 -16.05 27.81 -76.67
C ILE D 728 -16.98 28.62 -75.79
N TRP D 729 -16.85 29.95 -75.82
CA TRP D 729 -17.72 30.79 -75.00
C TRP D 729 -18.56 31.75 -75.83
N TYR D 730 -19.79 31.96 -75.36
CA TYR D 730 -20.72 32.88 -75.98
C TYR D 730 -21.11 33.93 -74.96
N ASP D 731 -21.20 35.18 -75.38
CA ASP D 731 -21.71 36.23 -74.50
C ASP D 731 -23.16 35.92 -74.20
N TYR D 732 -23.54 35.97 -72.93
CA TYR D 732 -24.91 35.60 -72.61
C TYR D 732 -25.90 36.60 -73.20
N GLU D 733 -25.62 37.89 -73.04
CA GLU D 733 -26.52 38.91 -73.55
C GLU D 733 -26.69 38.97 -75.08
N SER D 734 -25.58 39.10 -75.81
CA SER D 734 -25.65 39.18 -77.27
C SER D 734 -25.80 37.82 -77.95
N GLY D 735 -25.15 36.78 -77.41
CA GLY D 735 -25.16 35.45 -78.01
C GLY D 735 -23.98 35.22 -78.94
N ALA D 736 -23.10 36.23 -79.03
CA ALA D 736 -21.95 36.19 -79.93
C ALA D 736 -20.82 35.29 -79.42
N LYS D 737 -20.26 34.47 -80.31
CA LYS D 737 -19.12 33.59 -79.97
C LYS D 737 -17.89 34.46 -79.69
N ARG D 738 -17.39 34.43 -78.47
CA ARG D 738 -16.19 35.20 -78.15
C ARG D 738 -14.96 34.55 -78.77
N PRO D 739 -14.03 35.37 -79.31
CA PRO D 739 -12.80 34.88 -79.94
C PRO D 739 -11.72 34.52 -78.90
N TRP D 740 -12.15 34.06 -77.73
CA TRP D 740 -11.26 33.76 -76.63
C TRP D 740 -11.26 32.28 -76.33
N ARG D 741 -10.11 31.75 -75.90
CA ARG D 741 -9.98 30.34 -75.57
C ARG D 741 -8.65 30.05 -74.91
N LYS D 742 -8.70 29.45 -73.72
CA LYS D 742 -7.52 29.08 -72.92
C LYS D 742 -6.48 30.17 -72.87
N GLN D 743 -6.87 31.32 -72.31
CA GLN D 743 -6.00 32.48 -72.23
C GLN D 743 -6.53 33.50 -71.22
N ARG D 744 -5.67 34.42 -70.81
CA ARG D 744 -6.06 35.54 -69.96
C ARG D 744 -6.40 36.74 -70.84
N VAL D 745 -7.50 37.43 -70.56
CA VAL D 745 -7.88 38.61 -71.36
C VAL D 745 -8.26 39.82 -70.50
N ASP D 746 -8.24 41.00 -71.09
CA ASP D 746 -8.76 42.18 -70.40
C ASP D 746 -10.20 42.45 -70.81
N MET D 747 -11.12 41.83 -70.07
CA MET D 747 -12.54 41.89 -70.36
C MET D 747 -13.11 43.28 -70.03
N TYR D 748 -13.77 43.90 -71.00
CA TYR D 748 -14.36 45.23 -70.81
C TYR D 748 -15.77 45.13 -70.21
N LEU D 749 -15.92 45.61 -68.98
CA LEU D 749 -17.18 45.57 -68.27
C LEU D 749 -17.52 46.93 -67.70
N PRO D 750 -18.23 47.79 -68.46
CA PRO D 750 -18.63 49.13 -67.99
C PRO D 750 -19.57 49.10 -66.78
N ALA D 751 -20.01 50.27 -66.35
CA ALA D 751 -20.75 50.43 -65.09
C ALA D 751 -22.02 49.57 -64.95
N ASP D 752 -22.49 49.00 -66.05
CA ASP D 752 -23.78 48.33 -66.07
C ASP D 752 -23.73 46.85 -66.47
N LYS D 753 -22.54 46.36 -66.81
CA LYS D 753 -22.35 44.99 -67.27
C LYS D 753 -21.55 44.14 -66.27
N ILE D 754 -21.77 42.83 -66.33
CA ILE D 754 -20.96 41.85 -65.60
C ILE D 754 -20.76 40.66 -66.54
N GLY D 755 -19.58 40.06 -66.49
CA GLY D 755 -19.22 39.02 -67.45
C GLY D 755 -20.05 37.78 -67.29
N LEU D 756 -20.86 37.48 -68.30
CA LEU D 756 -21.67 36.26 -68.31
C LEU D 756 -21.43 35.55 -69.62
N HIS D 757 -20.94 34.31 -69.54
CA HIS D 757 -20.68 33.51 -70.74
C HIS D 757 -21.24 32.10 -70.65
N LEU D 758 -21.78 31.63 -71.78
CA LEU D 758 -22.26 30.27 -71.91
C LEU D 758 -21.24 29.41 -72.61
N ARG D 759 -21.04 28.22 -72.08
CA ARG D 759 -20.03 27.32 -72.58
C ARG D 759 -20.61 26.42 -73.64
N GLY D 760 -20.00 26.44 -74.81
CA GLY D 760 -20.40 25.56 -75.89
C GLY D 760 -20.49 24.12 -75.46
N GLY D 761 -21.45 23.39 -76.03
CA GLY D 761 -21.67 21.99 -75.73
C GLY D 761 -22.77 21.76 -74.72
N TYR D 762 -23.48 22.82 -74.34
CA TYR D 762 -24.53 22.76 -73.31
C TYR D 762 -25.88 23.32 -73.69
N ILE D 763 -26.91 22.66 -73.20
CA ILE D 763 -28.29 23.09 -73.37
C ILE D 763 -28.84 23.41 -71.99
N ILE D 764 -29.17 24.69 -71.77
CA ILE D 764 -29.75 25.09 -70.49
C ILE D 764 -31.22 25.51 -70.62
N PRO D 765 -32.09 25.01 -69.72
CA PRO D 765 -33.50 25.37 -69.68
C PRO D 765 -33.80 26.68 -68.94
N ILE D 766 -34.61 27.52 -69.57
CA ILE D 766 -34.98 28.81 -69.01
C ILE D 766 -36.50 28.95 -68.99
N GLN D 767 -36.99 30.03 -68.37
CA GLN D 767 -38.42 30.29 -68.27
C GLN D 767 -38.67 31.77 -68.13
N GLU D 768 -39.59 32.30 -68.93
CA GLU D 768 -39.89 33.74 -68.96
C GLU D 768 -40.12 34.34 -67.59
N PRO D 769 -39.31 35.35 -67.23
CA PRO D 769 -39.20 35.88 -65.86
C PRO D 769 -40.42 36.66 -65.41
N ASP D 770 -40.52 36.86 -64.10
CA ASP D 770 -41.50 37.75 -63.54
C ASP D 770 -40.90 38.25 -62.24
N VAL D 771 -41.68 38.94 -61.41
CA VAL D 771 -41.14 39.52 -60.19
C VAL D 771 -41.25 38.63 -58.96
N THR D 772 -41.88 37.47 -59.12
CA THR D 772 -41.88 36.40 -58.10
C THR D 772 -41.70 35.06 -58.78
N THR D 773 -41.25 34.06 -58.05
CA THR D 773 -41.17 32.72 -58.63
C THR D 773 -42.58 32.16 -58.78
N THR D 774 -43.48 32.52 -57.85
CA THR D 774 -44.89 32.15 -57.95
C THR D 774 -45.42 32.46 -59.35
N ALA D 775 -45.30 33.74 -59.75
CA ALA D 775 -45.76 34.19 -61.06
C ALA D 775 -44.94 33.58 -62.21
N SER D 776 -43.61 33.56 -62.06
CA SER D 776 -42.75 33.12 -63.14
C SER D 776 -42.97 31.67 -63.54
N ARG D 777 -43.36 30.86 -62.57
CA ARG D 777 -43.48 29.40 -62.75
C ARG D 777 -44.60 28.97 -63.67
N LYS D 778 -45.59 29.84 -63.88
CA LYS D 778 -46.66 29.54 -64.82
C LYS D 778 -46.47 30.15 -66.22
N ASN D 779 -45.38 30.88 -66.42
CA ASN D 779 -44.96 31.36 -67.73
C ASN D 779 -44.35 30.25 -68.61
N PRO D 780 -44.43 30.42 -69.95
CA PRO D 780 -43.78 29.55 -70.94
C PRO D 780 -42.29 29.31 -70.69
N LEU D 781 -41.83 28.10 -70.98
CA LEU D 781 -40.42 27.73 -70.86
C LEU D 781 -39.64 27.95 -72.16
N GLY D 782 -38.35 27.62 -72.14
CA GLY D 782 -37.48 27.76 -73.31
C GLY D 782 -36.17 27.04 -73.15
N LEU D 783 -35.44 26.91 -74.26
CA LEU D 783 -34.12 26.27 -74.25
C LEU D 783 -33.05 27.17 -74.86
N ILE D 784 -31.84 27.12 -74.32
CA ILE D 784 -30.69 27.75 -74.98
C ILE D 784 -29.68 26.67 -75.35
N VAL D 785 -29.33 26.63 -76.63
CA VAL D 785 -28.38 25.66 -77.14
C VAL D 785 -27.09 26.36 -77.52
N ALA D 786 -26.08 26.23 -76.67
CA ALA D 786 -24.74 26.69 -77.01
C ALA D 786 -23.97 25.58 -77.72
N LEU D 787 -23.80 25.70 -79.03
CA LEU D 787 -23.13 24.68 -79.82
C LEU D 787 -21.64 24.63 -79.48
N GLY D 788 -21.05 23.45 -79.57
CA GLY D 788 -19.65 23.27 -79.19
C GLY D 788 -18.80 22.45 -80.13
N GLU D 789 -17.83 23.12 -80.75
CA GLU D 789 -16.77 22.51 -81.60
C GLU D 789 -17.27 21.50 -82.61
N ASN D 790 -17.53 20.28 -82.13
CA ASN D 790 -18.04 19.19 -82.96
C ASN D 790 -19.54 19.31 -83.30
N ASN D 791 -20.13 20.50 -83.11
CA ASN D 791 -21.57 20.77 -83.32
C ASN D 791 -22.52 19.97 -82.43
N THR D 792 -22.10 19.73 -81.18
CA THR D 792 -22.86 18.95 -80.23
C THR D 792 -23.28 19.81 -79.06
N ALA D 793 -24.32 19.35 -78.35
CA ALA D 793 -24.73 19.89 -77.07
C ALA D 793 -25.59 18.89 -76.28
N LYS D 794 -25.43 18.90 -74.96
CA LYS D 794 -26.18 18.05 -74.05
C LYS D 794 -26.76 18.95 -72.97
N GLY D 795 -27.86 18.52 -72.38
CA GLY D 795 -28.44 19.23 -71.24
C GLY D 795 -29.52 18.42 -70.57
N ASP D 796 -29.95 18.87 -69.39
CA ASP D 796 -31.06 18.24 -68.70
C ASP D 796 -31.90 19.28 -67.95
N PHE D 797 -33.02 18.81 -67.42
CA PHE D 797 -34.07 19.66 -66.87
C PHE D 797 -34.94 18.83 -65.93
N PHE D 798 -35.13 19.36 -64.72
CA PHE D 798 -35.94 18.70 -63.72
C PHE D 798 -37.04 19.67 -63.32
N TRP D 799 -38.26 19.17 -63.21
CA TRP D 799 -39.40 20.00 -62.87
C TRP D 799 -40.38 19.26 -61.94
N ASP D 800 -40.77 19.93 -60.87
CA ASP D 800 -41.77 19.43 -59.94
C ASP D 800 -42.54 20.62 -59.39
N ASP D 801 -43.31 20.43 -58.32
CA ASP D 801 -44.08 21.54 -57.75
C ASP D 801 -43.24 22.46 -56.87
N GLY D 802 -41.97 22.11 -56.70
CA GLY D 802 -41.01 23.01 -56.06
C GLY D 802 -41.31 23.40 -54.63
N GLU D 803 -41.92 22.48 -53.88
CA GLU D 803 -42.19 22.70 -52.46
C GLU D 803 -42.51 21.46 -51.65
N THR D 804 -43.06 20.42 -52.28
CA THR D 804 -43.38 19.18 -51.55
C THR D 804 -42.09 18.44 -51.24
N LYS D 805 -41.93 18.06 -49.97
CA LYS D 805 -40.65 17.58 -49.44
C LYS D 805 -40.09 16.28 -50.06
N ASP D 806 -40.96 15.36 -50.44
CA ASP D 806 -40.51 14.04 -50.86
C ASP D 806 -40.77 13.69 -52.34
N THR D 807 -40.85 14.70 -53.21
CA THR D 807 -41.13 14.50 -54.64
C THR D 807 -40.14 13.59 -55.38
N ILE D 808 -38.84 13.79 -55.17
CA ILE D 808 -37.80 12.93 -55.79
C ILE D 808 -38.00 11.48 -55.35
N GLN D 809 -38.13 11.30 -54.04
CA GLN D 809 -38.27 10.00 -53.39
C GLN D 809 -39.52 9.20 -53.84
N ASN D 810 -40.58 9.90 -54.25
CA ASN D 810 -41.84 9.27 -54.66
C ASN D 810 -42.06 9.25 -56.17
N GLY D 811 -41.05 9.66 -56.92
CA GLY D 811 -41.16 9.77 -58.39
C GLY D 811 -42.22 10.73 -58.88
N ASN D 812 -42.41 11.87 -58.21
CA ASN D 812 -43.42 12.86 -58.60
C ASN D 812 -42.84 14.11 -59.24
N TYR D 813 -42.23 13.91 -60.40
CA TYR D 813 -41.57 14.99 -61.11
C TYR D 813 -41.53 14.71 -62.60
N ILE D 814 -41.03 15.69 -63.35
CA ILE D 814 -40.72 15.51 -64.78
C ILE D 814 -39.21 15.63 -64.98
N LEU D 815 -38.65 14.73 -65.79
CA LEU D 815 -37.21 14.70 -66.06
C LEU D 815 -36.93 14.60 -67.56
N TYR D 816 -36.11 15.53 -68.04
CA TYR D 816 -35.80 15.67 -69.46
C TYR D 816 -34.32 15.57 -69.77
N THR D 817 -34.04 15.12 -70.99
CA THR D 817 -32.72 15.03 -71.57
C THR D 817 -32.76 15.74 -72.90
N PHE D 818 -31.79 16.63 -73.11
CA PHE D 818 -31.66 17.32 -74.39
C PHE D 818 -30.38 16.90 -75.09
N SER D 819 -30.44 16.88 -76.41
CA SER D 819 -29.34 16.42 -77.23
C SER D 819 -29.39 17.08 -78.61
N VAL D 820 -28.28 17.68 -79.00
CA VAL D 820 -28.18 18.27 -80.32
C VAL D 820 -26.99 17.67 -81.05
N SER D 821 -27.24 17.28 -82.30
CA SER D 821 -26.21 16.88 -83.26
C SER D 821 -26.88 16.86 -84.61
N ASN D 822 -26.10 16.97 -85.67
CA ASN D 822 -26.63 16.95 -87.03
C ASN D 822 -27.66 18.01 -87.30
N ASN D 823 -27.50 19.16 -86.65
CA ASN D 823 -28.47 20.25 -86.66
C ASN D 823 -29.90 19.87 -86.28
N THR D 824 -30.01 18.94 -85.32
CA THR D 824 -31.31 18.50 -84.86
C THR D 824 -31.34 18.25 -83.33
N LEU D 825 -32.30 18.87 -82.66
CA LEU D 825 -32.46 18.81 -81.20
C LEU D 825 -33.49 17.78 -80.77
N ASP D 826 -33.13 16.94 -79.81
CA ASP D 826 -34.01 15.89 -79.31
C ASP D 826 -34.41 16.18 -77.90
N ILE D 827 -35.71 16.24 -77.67
CA ILE D 827 -36.24 16.53 -76.35
C ILE D 827 -36.89 15.27 -75.86
N VAL D 828 -36.24 14.60 -74.91
CA VAL D 828 -36.63 13.26 -74.48
C VAL D 828 -37.06 13.27 -73.03
N CYS D 829 -38.31 12.90 -72.79
CA CYS D 829 -38.83 12.87 -71.45
C CYS D 829 -38.53 11.52 -70.83
N THR D 830 -37.65 11.48 -69.85
CA THR D 830 -37.22 10.20 -69.26
C THR D 830 -38.07 9.76 -68.06
N HIS D 831 -38.94 10.64 -67.57
CA HIS D 831 -39.85 10.36 -66.45
C HIS D 831 -40.89 11.47 -66.33
N SER D 832 -42.15 11.08 -66.11
CA SER D 832 -43.25 12.05 -66.10
C SER D 832 -44.39 11.61 -65.20
N SER D 833 -44.49 12.22 -64.03
CA SER D 833 -45.54 11.91 -63.07
C SER D 833 -45.87 13.14 -62.22
N TYR D 834 -46.14 14.25 -62.91
CA TYR D 834 -46.53 15.50 -62.27
C TYR D 834 -47.51 16.28 -63.19
N GLN D 835 -48.81 16.12 -62.92
CA GLN D 835 -49.87 16.60 -63.80
C GLN D 835 -49.86 18.10 -64.08
N GLU D 836 -49.79 18.93 -63.04
CA GLU D 836 -49.81 20.41 -63.22
C GLU D 836 -48.63 20.90 -64.09
N GLY D 837 -47.58 20.09 -64.19
CA GLY D 837 -46.46 20.40 -65.04
C GLY D 837 -46.76 20.25 -66.52
N THR D 838 -47.74 19.43 -66.85
CA THR D 838 -48.10 19.15 -68.24
C THR D 838 -48.68 20.38 -68.93
N THR D 839 -49.23 21.29 -68.14
CA THR D 839 -49.78 22.54 -68.66
C THR D 839 -48.73 23.52 -69.20
N LEU D 840 -47.50 23.41 -68.73
CA LEU D 840 -46.39 24.24 -69.24
C LEU D 840 -45.80 23.65 -70.52
N ALA D 841 -45.13 24.51 -71.29
CA ALA D 841 -44.47 24.06 -72.52
C ALA D 841 -43.26 24.92 -72.85
N PHE D 842 -42.27 24.32 -73.52
CA PHE D 842 -41.19 25.06 -74.16
C PHE D 842 -41.79 25.73 -75.39
N GLN D 843 -41.66 27.04 -75.49
CA GLN D 843 -42.28 27.76 -76.59
C GLN D 843 -41.27 28.60 -77.35
N THR D 844 -39.98 28.35 -77.06
CA THR D 844 -38.92 29.18 -77.57
C THR D 844 -37.55 28.48 -77.44
N VAL D 845 -36.84 28.38 -78.55
CA VAL D 845 -35.55 27.72 -78.60
C VAL D 845 -34.54 28.64 -79.29
N LYS D 846 -33.52 29.06 -78.55
CA LYS D 846 -32.48 29.91 -79.10
C LYS D 846 -31.18 29.09 -79.24
N ILE D 847 -30.60 29.14 -80.44
CA ILE D 847 -29.42 28.35 -80.78
C ILE D 847 -28.27 29.28 -81.12
N LEU D 848 -27.19 29.18 -80.32
CA LEU D 848 -26.01 30.03 -80.50
C LEU D 848 -24.89 29.32 -81.26
N GLY D 849 -24.14 30.10 -82.03
CA GLY D 849 -22.97 29.60 -82.77
C GLY D 849 -23.29 28.67 -83.90
N LEU D 850 -24.05 29.16 -84.87
CA LEU D 850 -24.38 28.37 -86.04
C LEU D 850 -23.28 28.46 -87.08
N THR D 851 -22.88 27.30 -87.60
CA THR D 851 -21.83 27.24 -88.61
C THR D 851 -22.36 27.60 -90.01
N ASP D 852 -23.64 27.31 -90.28
CA ASP D 852 -24.27 27.50 -91.61
C ASP D 852 -25.66 28.12 -91.48
N SER D 853 -26.07 28.91 -92.49
CA SER D 853 -27.35 29.63 -92.43
C SER D 853 -28.58 28.74 -92.61
N VAL D 854 -29.73 29.23 -92.16
CA VAL D 854 -30.93 28.41 -92.01
C VAL D 854 -32.04 28.85 -92.94
N THR D 855 -32.66 27.89 -93.61
CA THR D 855 -33.71 28.14 -94.60
C THR D 855 -35.08 27.68 -94.06
N GLU D 856 -35.10 26.50 -93.47
CA GLU D 856 -36.31 25.78 -93.13
C GLU D 856 -36.15 25.30 -91.69
N VAL D 857 -37.24 25.38 -90.93
CA VAL D 857 -37.28 24.76 -89.59
C VAL D 857 -38.42 23.74 -89.58
N ARG D 858 -38.14 22.54 -89.08
CA ARG D 858 -39.15 21.49 -88.97
C ARG D 858 -39.26 20.92 -87.55
N VAL D 859 -40.47 20.54 -87.17
CA VAL D 859 -40.77 20.09 -85.81
C VAL D 859 -41.63 18.85 -85.84
N ALA D 860 -41.20 17.83 -85.12
CA ALA D 860 -41.96 16.59 -85.03
C ALA D 860 -42.21 16.24 -83.57
N GLU D 861 -43.41 15.73 -83.27
CA GLU D 861 -43.67 15.14 -81.97
C GLU D 861 -43.46 13.63 -82.05
N ASN D 862 -42.93 13.10 -80.96
CA ASN D 862 -42.67 11.66 -80.83
C ASN D 862 -41.86 11.13 -81.99
N ASN D 863 -42.49 10.34 -82.84
CA ASN D 863 -41.83 9.87 -84.06
C ASN D 863 -42.69 10.09 -85.31
N GLN D 864 -43.81 10.84 -85.14
CA GLN D 864 -44.57 11.39 -86.27
C GLN D 864 -43.65 12.12 -87.24
N PRO D 865 -44.06 12.23 -88.52
CA PRO D 865 -43.28 13.03 -89.49
C PRO D 865 -43.26 14.54 -89.17
N MET D 866 -42.20 15.21 -89.62
CA MET D 866 -41.96 16.59 -89.26
C MET D 866 -42.70 17.57 -90.14
N ASN D 867 -43.41 18.51 -89.50
CA ASN D 867 -44.05 19.62 -90.22
C ASN D 867 -43.20 20.87 -90.17
N ALA D 868 -43.42 21.77 -91.13
CA ALA D 868 -42.70 23.03 -91.19
C ALA D 868 -43.10 23.95 -90.04
N HIS D 869 -42.17 24.82 -89.66
CA HIS D 869 -42.40 25.86 -88.65
C HIS D 869 -42.05 27.24 -89.23
N SER D 870 -43.01 28.17 -89.17
CA SER D 870 -42.84 29.49 -89.79
C SER D 870 -42.11 30.48 -88.90
N ASN D 871 -42.58 30.64 -87.67
CA ASN D 871 -42.06 31.63 -86.74
C ASN D 871 -40.63 31.33 -86.33
N PHE D 872 -39.65 31.94 -87.00
CA PHE D 872 -38.23 31.86 -86.63
C PHE D 872 -37.42 33.00 -87.24
N THR D 873 -36.26 33.27 -86.64
CA THR D 873 -35.39 34.34 -87.11
C THR D 873 -33.94 33.84 -87.16
N TYR D 874 -33.25 34.14 -88.26
CA TYR D 874 -31.84 33.84 -88.37
C TYR D 874 -31.00 35.11 -88.50
N ASP D 875 -30.02 35.25 -87.63
CA ASP D 875 -29.14 36.43 -87.65
C ASP D 875 -27.73 36.01 -88.03
N ALA D 876 -27.35 36.31 -89.27
CA ALA D 876 -26.06 35.92 -89.81
C ALA D 876 -24.84 36.66 -89.20
N SER D 877 -25.06 37.81 -88.58
CA SER D 877 -23.96 38.53 -87.91
C SER D 877 -23.48 37.74 -86.70
N ASN D 878 -24.43 37.33 -85.85
CA ASN D 878 -24.12 36.65 -84.59
C ASN D 878 -24.18 35.16 -84.70
N GLN D 879 -24.57 34.66 -85.88
CA GLN D 879 -24.83 33.24 -86.09
C GLN D 879 -25.82 32.67 -85.04
N VAL D 880 -26.88 33.44 -84.76
CA VAL D 880 -27.90 33.05 -83.81
C VAL D 880 -29.21 32.70 -84.52
N LEU D 881 -29.86 31.63 -84.08
CA LEU D 881 -31.19 31.29 -84.56
C LEU D 881 -32.13 31.30 -83.38
N LEU D 882 -33.22 32.05 -83.43
CA LEU D 882 -34.25 31.85 -82.42
C LEU D 882 -35.61 31.44 -82.99
N ILE D 883 -36.08 30.28 -82.52
CA ILE D 883 -37.30 29.65 -82.96
C ILE D 883 -38.38 30.02 -81.96
N ALA D 884 -39.35 30.81 -82.41
CA ALA D 884 -40.40 31.34 -81.55
C ALA D 884 -41.69 30.53 -81.67
N ASP D 885 -42.58 30.71 -80.69
CA ASP D 885 -43.95 30.22 -80.79
C ASP D 885 -44.04 28.70 -81.09
N LEU D 886 -43.43 27.89 -80.24
CA LEU D 886 -43.63 26.44 -80.31
C LEU D 886 -44.62 26.00 -79.23
N LYS D 887 -45.00 24.71 -79.26
CA LYS D 887 -45.87 24.13 -78.24
C LYS D 887 -45.38 22.75 -77.79
N LEU D 888 -44.12 22.69 -77.39
CA LEU D 888 -43.54 21.45 -76.93
C LEU D 888 -43.93 21.29 -75.48
N ASN D 889 -44.98 20.50 -75.25
CA ASN D 889 -45.56 20.32 -73.92
C ASN D 889 -44.83 19.31 -73.05
N LEU D 890 -44.51 19.75 -71.83
CA LEU D 890 -43.85 18.92 -70.83
C LEU D 890 -44.64 17.62 -70.64
N GLY D 891 -43.93 16.50 -70.80
CA GLY D 891 -44.54 15.18 -70.70
C GLY D 891 -44.27 14.36 -71.93
N ARG D 892 -44.11 15.03 -73.07
CA ARG D 892 -43.96 14.35 -74.37
C ARG D 892 -42.62 14.60 -75.07
N ASN D 893 -42.34 13.81 -76.11
CA ASN D 893 -41.07 13.90 -76.82
C ASN D 893 -41.18 14.71 -78.10
N PHE D 894 -40.10 15.43 -78.44
CA PHE D 894 -40.07 16.28 -79.61
C PHE D 894 -38.71 16.33 -80.30
N SER D 895 -38.72 16.66 -81.60
CA SER D 895 -37.52 16.91 -82.40
C SER D 895 -37.62 18.25 -83.08
N VAL D 896 -36.52 19.00 -83.13
CA VAL D 896 -36.48 20.26 -83.87
C VAL D 896 -35.26 20.24 -84.80
N GLN D 897 -35.49 20.52 -86.07
CA GLN D 897 -34.46 20.53 -87.11
C GLN D 897 -34.32 21.90 -87.71
N TRP D 898 -33.12 22.28 -88.13
CA TRP D 898 -32.95 23.57 -88.82
C TRP D 898 -32.26 23.49 -90.18
C1 NAG E . 34.34 -13.92 -16.92
C2 NAG E . 33.31 -12.79 -16.83
C3 NAG E . 31.97 -13.24 -16.22
C4 NAG E . 31.47 -14.58 -16.79
C5 NAG E . 32.65 -15.56 -16.64
C6 NAG E . 32.38 -17.00 -17.03
C7 NAG E . 34.31 -10.60 -16.51
C8 NAG E . 34.20 -9.41 -15.59
N2 NAG E . 33.87 -11.74 -16.01
O3 NAG E . 31.01 -12.22 -16.38
O4 NAG E . 30.36 -15.06 -16.02
O5 NAG E . 33.74 -15.10 -17.41
O6 NAG E . 32.95 -17.20 -18.31
O7 NAG E . 34.77 -10.50 -17.65
C1 NAG E . 29.02 -14.77 -16.44
C2 NAG E . 28.31 -16.10 -16.72
C3 NAG E . 26.78 -16.11 -16.56
C4 NAG E . 26.19 -15.17 -15.50
C5 NAG E . 26.97 -13.85 -15.45
C6 NAG E . 26.61 -13.07 -14.18
C7 NAG E . 29.09 -17.84 -18.30
C8 NAG E . 28.88 -18.32 -19.72
N2 NAG E . 28.70 -16.59 -18.04
O3 NAG E . 26.44 -17.39 -16.09
O4 NAG E . 24.79 -15.01 -15.73
O5 NAG E . 28.37 -14.06 -15.40
O6 NAG E . 27.35 -13.58 -13.09
O7 NAG E . 29.61 -18.61 -17.49
C1 NAG F . 40.61 36.81 34.12
C2 NAG F . 39.12 37.18 33.97
C3 NAG F . 38.92 38.55 33.34
C4 NAG F . 39.78 39.66 33.93
C5 NAG F . 41.14 39.20 34.48
C6 NAG F . 41.45 40.02 35.74
C7 NAG F . 37.05 35.92 33.49
C8 NAG F . 36.17 35.47 32.35
N2 NAG F . 38.32 36.23 33.19
O3 NAG F . 37.57 38.95 33.45
O4 NAG F . 39.92 40.63 32.90
O5 NAG F . 41.22 37.83 34.87
O6 NAG F . 42.54 40.93 35.49
O7 NAG F . 36.57 35.97 34.63
C1 NAG F . 39.57 41.95 33.37
C2 NAG F . 40.50 42.97 32.75
C3 NAG F . 40.14 44.40 33.19
C4 NAG F . 38.65 44.70 33.20
C5 NAG F . 37.93 43.52 33.84
C6 NAG F . 36.41 43.67 33.82
C7 NAG F . 42.95 42.90 32.49
C8 NAG F . 44.09 43.47 33.29
N2 NAG F . 41.85 42.66 33.19
O3 NAG F . 40.80 45.32 32.34
O4 NAG F . 38.47 45.89 33.95
O5 NAG F . 38.24 42.34 33.14
O6 NAG F . 35.82 42.45 34.22
O7 NAG F . 43.04 42.66 31.27
C1 BMA F . 38.15 47.05 33.15
C2 BMA F . 38.01 48.27 34.07
C3 BMA F . 37.83 49.61 33.36
C4 BMA F . 38.83 49.74 32.21
C5 BMA F . 38.77 48.47 31.36
C6 BMA F . 39.59 48.46 30.07
O2 BMA F . 39.21 48.34 34.81
O3 BMA F . 38.04 50.73 34.24
O4 BMA F . 38.55 50.96 31.48
O5 BMA F . 39.13 47.34 32.15
O6 BMA F . 38.74 47.76 29.14
C1 MAN F . 36.87 51.50 34.62
C2 MAN F . 36.40 52.55 33.58
C3 MAN F . 37.27 53.79 33.52
C4 MAN F . 37.92 54.18 34.86
C5 MAN F . 38.16 53.02 35.84
C6 MAN F . 38.41 53.47 37.28
O2 MAN F . 35.09 53.03 33.86
O3 MAN F . 36.41 54.81 33.03
O4 MAN F . 39.18 54.73 34.56
O5 MAN F . 37.05 52.15 35.86
O6 MAN F . 38.48 52.35 38.14
C1 MAN F . 39.33 47.23 27.91
C2 MAN F . 38.32 46.23 27.33
C3 MAN F . 38.33 44.92 28.13
C4 MAN F . 39.76 44.37 28.26
C5 MAN F . 40.67 45.47 28.84
C6 MAN F . 42.12 45.07 29.06
O2 MAN F . 38.59 45.94 25.98
O3 MAN F . 37.48 43.98 27.52
O4 MAN F . 39.77 43.21 29.06
O5 MAN F . 40.63 46.63 28.00
O6 MAN F . 42.78 45.18 27.83
C1 NAG G . -19.23 -6.62 -20.87
C2 NAG G . -19.34 -5.11 -20.89
C3 NAG G . -20.44 -4.63 -21.85
C4 NAG G . -20.38 -5.37 -23.22
C5 NAG G . -20.29 -6.87 -22.93
C6 NAG G . -20.24 -7.78 -24.15
C7 NAG G . -18.95 -3.71 -18.98
C8 NAG G . -19.77 -2.53 -18.53
N2 NAG G . -19.65 -4.67 -19.55
O3 NAG G . -20.34 -3.23 -21.96
O4 NAG G . -21.52 -5.11 -24.03
O5 NAG G . -19.13 -7.15 -22.18
O6 NAG G . -19.96 -9.07 -23.64
O7 NAG G . -17.72 -3.76 -18.81
C1 NAG G . -21.29 -3.99 -24.93
C2 NAG G . -22.05 -4.12 -26.25
C3 NAG G . -22.62 -2.73 -26.60
C4 NAG G . -23.58 -2.28 -25.49
C5 NAG G . -22.79 -2.12 -24.20
C6 NAG G . -23.58 -2.64 -23.00
C7 NAG G . -20.85 -5.85 -27.50
C8 NAG G . -19.66 -6.13 -28.39
N2 NAG G . -21.17 -4.57 -27.29
O3 NAG G . -23.21 -2.74 -27.88
O4 NAG G . -24.24 -1.06 -25.79
O5 NAG G . -21.49 -2.72 -24.30
O6 NAG G . -22.96 -2.27 -21.78
O7 NAG G . -21.47 -6.79 -27.00
C1 NAG H . -46.97 32.29 33.76
C2 NAG H . -47.62 33.38 32.91
C3 NAG H . -47.21 34.73 33.42
C4 NAG H . -47.26 34.83 34.95
C5 NAG H . -47.57 33.55 35.77
C6 NAG H . -48.90 33.64 36.56
C7 NAG H . -48.21 33.45 30.53
C8 NAG H . -48.31 32.41 29.44
N2 NAG H . -47.30 33.24 31.50
O3 NAG H . -48.07 35.70 32.84
O4 NAG H . -46.01 35.33 35.36
O5 NAG H . -47.56 32.31 35.05
O6 NAG H . -48.98 34.75 37.44
O7 NAG H . -48.95 34.43 30.51
C1 NAG H . -46.20 36.55 36.09
C2 NAG H . -45.09 36.61 37.14
C3 NAG H . -44.74 38.00 37.68
C4 NAG H . -45.25 39.23 36.88
C5 NAG H . -46.45 38.90 35.97
C6 NAG H . -46.70 40.01 34.96
C7 NAG H . -44.79 34.64 38.57
C8 NAG H . -45.39 33.84 39.70
N2 NAG H . -45.47 35.74 38.24
O3 NAG H . -43.33 38.03 37.74
O4 NAG H . -45.62 40.25 37.78
O5 NAG H . -46.19 37.70 35.26
O6 NAG H . -47.85 39.76 34.18
O7 NAG H . -43.74 34.30 38.01
C1 BMA H . -44.59 41.25 37.97
C2 BMA H . -45.15 42.34 38.87
C3 BMA H . -44.14 43.45 39.18
C4 BMA H . -42.71 42.99 39.44
C5 BMA H . -42.34 41.63 38.83
C6 BMA H . -41.44 40.83 39.78
O2 BMA H . -45.59 41.77 40.11
O3 BMA H . -44.56 44.11 40.38
O4 BMA H . -41.84 44.06 39.01
O5 BMA H . -43.44 40.75 38.62
O6 BMA H . -40.19 40.43 39.18
C1 MAN H . -45.18 45.39 40.10
C2 MAN H . -44.17 46.52 40.17
C3 MAN H . -43.60 46.55 41.58
C4 MAN H . -44.68 46.57 42.67
C5 MAN H . -45.85 45.64 42.37
C6 MAN H . -47.09 46.00 43.17
O2 MAN H . -44.81 47.73 39.80
O3 MAN H . -42.74 47.66 41.73
O4 MAN H . -44.06 46.19 43.87
O5 MAN H . -46.22 45.67 41.00
O6 MAN H . -48.13 46.32 42.25
C1 MAN H . -40.32 39.61 37.99
C2 MAN H . -39.52 38.30 38.21
C3 MAN H . -39.04 37.58 36.94
C4 MAN H . -39.11 38.34 35.60
C5 MAN H . -39.95 39.64 35.56
C6 MAN H . -41.36 39.41 35.03
O2 MAN H . -40.29 37.42 39.00
O3 MAN H . -39.70 36.34 36.79
O4 MAN H . -37.80 38.62 35.15
O5 MAN H . -39.95 40.34 36.82
O6 MAN H . -41.32 38.97 33.70
C1 NAG I . 78.12 25.21 -18.27
C2 NAG I . 79.27 25.65 -17.38
C3 NAG I . 78.93 27.03 -16.82
C4 NAG I . 78.71 28.02 -17.97
C5 NAG I . 77.59 27.49 -18.88
C6 NAG I . 77.34 28.35 -20.12
C7 NAG I . 80.76 24.15 -16.08
C8 NAG I . 80.81 23.00 -15.11
N2 NAG I . 79.54 24.67 -16.33
O3 NAG I . 80.02 27.35 -16.01
O4 NAG I . 78.42 29.34 -17.51
O5 NAG I . 77.90 26.18 -19.29
O6 NAG I . 78.26 28.13 -21.18
O7 NAG I . 81.82 24.52 -16.60
C1 NAG J . -9.64 -23.27 -5.51
C2 NAG J . -11.13 -23.65 -5.54
C3 NAG J . -11.25 -25.11 -5.97
C4 NAG J . -10.43 -25.51 -7.21
C5 NAG J . -9.04 -24.82 -7.38
C6 NAG J . -8.70 -24.68 -8.89
C7 NAG J . -12.51 -22.52 -3.70
C8 NAG J . -12.44 -22.37 -2.20
N2 NAG J . -11.74 -23.51 -4.21
O3 NAG J . -12.62 -25.31 -6.25
O4 NAG J . -10.35 -26.93 -7.32
O5 NAG J . -8.94 -23.55 -6.72
O6 NAG J . -7.49 -23.98 -9.21
O7 NAG J . -13.26 -21.77 -4.32
C1 NAG K . 8.82 -1.16 30.96
C2 NAG K . 9.71 0.10 30.89
C3 NAG K . 9.53 0.94 32.17
C4 NAG K . 8.08 0.84 32.70
C5 NAG K . 7.78 -0.61 33.13
C6 NAG K . 6.30 -0.96 33.14
C7 NAG K . 12.15 0.63 30.52
C8 NAG K . 12.42 1.23 29.17
N2 NAG K . 11.12 -0.23 30.61
O3 NAG K . 9.94 2.26 31.91
O4 NAG K . 7.82 1.72 33.79
O5 NAG K . 8.50 -1.53 32.31
O6 NAG K . 6.12 -2.33 32.81
O7 NAG K . 12.89 0.92 31.47
C1 NAG L . 20.27 30.31 -43.57
C2 NAG L . 20.96 29.13 -44.33
C3 NAG L . 21.52 29.54 -45.73
C4 NAG L . 20.63 30.55 -46.47
C5 NAG L . 20.30 31.72 -45.55
C6 NAG L . 19.40 32.79 -46.17
C7 NAG L . 23.24 28.19 -43.23
C8 NAG L . 24.31 29.07 -43.86
N2 NAG L . 21.88 28.33 -43.46
O3 NAG L . 21.79 28.49 -46.64
O4 NAG L . 21.28 30.96 -47.65
O5 NAG L . 19.59 31.16 -44.49
O6 NAG L . 19.21 33.88 -45.27
O7 NAG L . 23.67 27.30 -42.46
C1 NAG M . -31.18 19.68 -16.43
C2 NAG M . -31.00 18.24 -16.88
C3 NAG M . -32.32 17.44 -16.90
C4 NAG M . -33.22 17.69 -15.68
C5 NAG M . -33.33 19.20 -15.52
C6 NAG M . -34.17 19.58 -14.33
C7 NAG M . -29.19 17.74 -18.46
C8 NAG M . -29.08 16.91 -19.70
N2 NAG M . -30.39 18.27 -18.20
O3 NAG M . -32.03 16.07 -16.97
O4 NAG M . -34.49 17.03 -15.77
O5 NAG M . -32.04 19.73 -15.30
O6 NAG M . -33.50 20.76 -13.75
O7 NAG M . -28.21 17.90 -17.73
#